data_8YAD
#
_entry.id   8YAD
#
_cell.length_a   1.00
_cell.length_b   1.00
_cell.length_c   1.00
_cell.angle_alpha   90.00
_cell.angle_beta   90.00
_cell.angle_gamma   90.00
#
_symmetry.space_group_name_H-M   'P 1'
#
loop_
_entity.id
_entity.type
_entity.pdbx_description
1 polymer Spatacsin
2 polymer 'Zinc finger FYVE domain-containing protein 26'
#
loop_
_entity_poly.entity_id
_entity_poly.type
_entity_poly.pdbx_seq_one_letter_code
_entity_poly.pdbx_strand_id
1 'polypeptide(L)'
;MAAEEGVASAASAGGSWGTAAMGRVLPMLLVPVPAEAMGQLGSRAQLRTQPEALGSLTAAGSLQVLSLTPGSRGGGRCCL
EGPFWHFLWEDSRNSSTPTEKPKLLALGENYELLIYEFNLKDGRCDATILYSCSREALQKLIDDQDISISLLSLRILSFH
NNTSLLFINKCVILHIIFPERDAAIRVLNCFTLPLPAQAVDMIIDTQLCRGILFVLSSLGWIYIFDVVDGTYVAHVDLAL
HKEDMCNEQQQEPAKISSFTSLKVSQDLDVAVIVSSSNSAVALNLNLYFRQHPGHLLCERILEDLPIQGPKGVDEDDPVN
SAYNMKLAKFSFQIDRSWKAQLSSLNETIKNSKLEVSCCAPWFQDILHLESPESGNHSTSVQSWAFIPQDIMHGQYNVLQ
KDHAKTSDPGRSWKIMHISEQEEPIELKCVSVTGFTALFTWEVERMGYTITLWDLETQGMQCFSLGTKCIPVDSSGDQQL
CFVLTENGLSLILFGLTQEEFLNRLMIHGSASTVDTLCHLNGWGRCSIPIHALEAGIENRQLDTVNFFLKSKENLFNPSS
KSSVSDQFDHLSSHLYLRNVEELIPALDLLCSAIRESYSEPQSKHFSEQLLNLTLSFLNNQIKELFIHTEELDEHLQKGV
NILTSYINELRTFMIKFPWKLTDAIDEYDVHENVPKVKESNIWKKLSFEEVIASAILNNKIPEAQTFFRIDSHSAQKLEE
LIGIGLNLVFDNLKKNNIKEASELLKNMGFDVKGQLLKICFYTTNKNIRDFLVEILKEKNYFSEKEKRTIDFVHQVEKLY
LGHFQENMQIQSFPRYWIKEQDFFKHKSVLDSFLKYDCKDEFNKQDHRIVLNWALWWDQLTQESILLPRISPEEYKSYSP
EALWRYLTARHDWLNIILWIGEFQTQHSYASLQQNKWPLLTVDVINQNTSCNNYMRNEILDKLARNGVFLASELEDFECF
LLRLSRIGGVIQDTLPVQNYKTKEGWDFHSQFILYCLEHSLQHLLYVYLDCYKLSPENCPFLEKKELHEAHPWFEFLVQC
RQVASNLTDPKLIFQASLANAQILIPTNQASVSSMLLEGHTLLALATTMYSPGGVSQVVQNEENENCLKKVDPQLLKMAL
TPYPKLKTALFPQCTPPSVLPSDITIYHLIQSLSPFDPSRLFGWQSANTLAIGDAWSHLPHFSSPDLVNKYAIVERLNFA
YYLHNGRPSFAFGTFLVQELIKSKTPKQLIQQVGNEAYVIGLSSFHIPSIGAACVCFLELLGLDSLKLRVDMKVANIILS
YKCRNEDAQYSFIRESVAEKLSKLADGEKTTTEELLVLLEEGTWNSIQQQEIKRLSSESSSQWALVVQFCRLHNMKLSIS
YLRECAKANDWLQFIIHSQLHNYHPAEVKSLIQYFSPVIQDHLRLAFENLPSVPTSKMDSDQVCNKCPQELQGSKQEMTD
LFEILLQCSEEPDSWHWLLVEAVKQQAPILSVLASCLQGASAISCLCVWIITSVEDNVATEAMGHIQDSTEDHTWNLEDL
SVIWRTLLTRQKSKTLIRGFQLFFKDSPLLLVMEMYELCMFFRNYKEAEAKLLEFQKSLETLNTAATKVHPVIPAMWLED
QVCFLLKLMLQQCKTQYELGKLLQLFVEREHLFSDGPDVKKLCILCQILKDTSIAINHTIITSYSIENLQHECRSILERL
QTDGQFALARRVAELAELPVDNLVIKEITQEMQTLKHIEQWSLKQARIDFWKKCHENFKKNSISSKAASSFFSTQAHVAC
EHPTGWSSMEERHLLLTLAGHWLAQEDVVPLDKLEELEKQIWLCRITQHTLGRNQEETEPRFSRQISTSGELSFDSLASE
FSFSKLAALNTSKYLELNSLPSKETCENRLDWKEQESLNFLIGRLLDDGCVHEASRVCRYFHFYNPDVALVLHCRALASG
EASMEDLHPEIHALLQSAELLEEEAPDIPLRRVHSTSSLDSQKFVTVPSSNEVVTNLEVLTSKCLHGKNYCRQVLCLYDL
AKELGCSYTDVAAQDGEAMLRKILASQQPDRCKRAQAFISTQGLKPDTVAELVAEEVTRELLTSSQGTGHKQMFNPTEES
QTFLQLTTLCQDRTLVGMKLLDKISSVPHGELSCTTELLILAHHCFTLTCHMEGIIRVLQAAHMLTDNHLAPSEEYGLVV
RLLTGIGRYNEMTYIFDLLHKKHYFEVLMRKKLDPSGTLKTALLDYIKRCRPGDSEKHNMIALCFSMCREIGENHEAAAR
IQLKLIESQPWEDSLKDGHQLKQLLLKALTLMLDAAESYAKDSCVRQAQHCQRLTKLITLQIHFLNTGQNTMLINLGRHK
LMDCILALPRFYQASIVAEAYDFVPDWAEILYQQVILKGDFNYLEEFKQQRLLKSSIFEEISKKYKQHQPTDMVMENLKK
LLTYCEDVYLYYKLAYEHKFYEIVNVLLKDPQTGCCLKDMLAG
;
B
2 'polypeptide(L)'
;MNHPFGKEEAASQKQLFGFFCECLRRGEWELAQACVPQLQEGQGDIPKRVEDILQALVVCPNLLRCGQDINPQRVAWVWL
LVLEKWLAREKKLLPVVFRRKLEFLLLSEDLQGDIPENILEELYETLTQGAVGHVPDGNPRRESWTPRLSSEAVSVLWDL
LRQSPQPAQALLELLLEEDDGTGLCHWPLQNALVDLIRKALRALQGPDSVPPGVVDAIYGALRTLRCPAEPLGVELHLLC
EELLEACRTEGSPLREERLLSCLLHKASRGLLSLYGHTYAEKVTEKPPRATASGKVSPDHLDPERAMLALFSNPNPAEAW
KVAYFYCLSNNKHFLEQILVTALTLLKEEDFPNLGCLLDREFRPLSCLLVLLGWTHCQSLESAKRLLQTLHRTQGPGCDE
LLRDACDGLWAHLEVLEWCIQQSSNPIPKRDLLYHLHGGDSHSVLYTLHHLTNLPALREEDVLKLLQKVPAKDPQQEPDA
VDAPVPEHLSQCQNLTLYQGFCAMKYAIYALCVNSHQHSQCQDCKDSLSEDLASATEPANDSLSSPGAANLFSTYLARCQ
QYLCSIPDSLCLELLENIFSLLLITSADLHPEPHLPEDYAEDDDIEGKSPSGLRSPSESPQHIAHPERKSERGSLGVPKT
LAYTMPSHVKAEPKDSYPGPHRHSFLDLKHFTSGISGFLADEFAIGAFLRLLQEQLDEISSRSPPEKPKQESQSCSGSRD
GLQSRLHRLSKVVSEAQWRHKVVTSNHRSEEQPSRRYQPATRHPSLRRGRRTRRSQADGRDRGSNPSLESTSSELSTSTS
EGSLSAMSGRNELHSRLHPHPQSSLIPMMFSPPESLLASCILRGNFAEAHQVLFTFNLKSSPSSGELMFMERYQEVIQEL
AQVEHKIENQNSDAGSSTIRRTGSGRSTLQAIGSAAAAGMVFYSISDVTDKLLNTSGDPIPMLQEDFWISTALVEPTAPL
REVLEDLSPPAMAAFDLACSQCQLWKTCKQLLETAERRLNSSLERRGRRIDHVLLNADGIRGFPVVLQQISKSLNYLLMS
ASQTKSESVEEKGGGPPRCSITELLQMCWPSLSEDCVASHTTLSQQLDQVLQSLREALELPEPRTPPLSSLVEQAAQKAP
EAEAHPVQIQTQLLQKNLGKQTPSGSRQMDYLGTFFSYCSTLAAVLLQSLSSEPDHVEVKVGNPFVLLQQSSSQLVSHLL
FERQVPPERLAALLAQENLSLSVPQVIVSCCCEPLALCSSRQSQQTSSLLTRLGTLAQLHASHCLDDLPLSTPSSPRTTE
NPTLERKPYSSPRDSSLPALTSSALAFLKSRSKLLATVACLGASPRLKVSKPSLSWKELRGRREVPLAAEQVARECERLL
EQFPLFEAFLLAAWEPLRGSLQQGQSLAVNLCGWASLSTVLLGLHSPIALDVLSEAFEESLVARDWSRALQLTEVYGRDV
DDLSSIKDAVLSCAVACDKEGWQYLFPVKDASLRSRLALQFVDRWPLESCLEILAYCISDTAVQEGLKCELQRKLAELQV
YQKILGLQSPPVWCDWQTLRSCCVEDPSTVMNMILEAQEYELCEEWGCLYPIPREHLISLHQKHLLHLLERRDHDKALQL
LRRIPDPTMCLEVTEQSLDQHTSLATSHFLANYLTTHFYGQLTAVRHREIQALYVGSKILLTLPEQHRASYSHLSSNPLF
MLEQLLMNMKVDWATVAVQTLQQLLVGQEIGFTMDEVDSLLSRYAEKALDFPYPQREKRSDSVIHLQEIVHQAADPETLP
RSPSAEFSPAAPPGISSIHSPSLRERSFPPTQPSQEFVPPATPPARHQWVPDETESICMVCCREHFTMFNRRHHCRRCGR
LVCSSCSTKKMVVEGCRENPARVCDQCYSYCNKDVPEEPSEKPEALDSSKNESPPYSFVVRVPKADEVEWILDLKEEENE
LVRSEFYYEQAPSASLCIAILNLHRDSIACGHQLIEHCCRLSKGLTNPEVDAGLLTDIMKQLLFSAKMMFVKAGQSQDLA
LCDSYISKVDVLNILVAAAYRHVPSLDQILQPAAVTRLRNQLLEAEYYQLGVEVSTKTGLDTTGAWHAWGMACLKAGNLT
AAREKFSRCLKPPFDLNQLNHGSRLVQDVVEYLESTVRPFVSLQDDDYFATLRELEATLRTQSLSLAVIPEGKIMNNTYY
QECLFYLHNYSTNLAIISFYVRHSCLREALLHLLNKESPPEVFIEGIFQPSYKSGKLHTLENLLESIDPTLESWGKYLIA
ACQHLQKKNYYHILYELQQFMKDQVRAAMTCIRFFSHKAKSYTELGEKLSWLLKAKDHLKIYLQETSRSSGRKKTTFFRK
KMTAADVSRHMNTLQLQMEVTRFLHRCESAGTSQITTLPLPTLFGNNHMKMDVACKVMLGGKNVEDGFGIAFRVLQDFQL
DAAMTYCRAARQLVEKEKYSEIQQLLKCVSESGMAAKSDGDTILLNCLEAFKRIPPQELEGLIQAIHNDDNKVRAYLICC
KLRSAYLIAVKQEHSRATALVQQVQQAAKSSGDAVVQDICAQWLLTSHPRGAHGPGSRK
;
C
#
# COMPACT_ATOMS: atom_id res chain seq x y z
N CYS A 931 28.48 135.48 102.46
CA CYS A 931 27.85 135.74 101.17
C CYS A 931 26.77 134.71 100.87
N ASN A 932 26.66 134.31 99.61
CA ASN A 932 25.69 133.31 99.20
C ASN A 932 26.30 131.91 99.35
N ASN A 933 25.64 130.89 98.83
CA ASN A 933 26.01 129.49 99.08
C ASN A 933 27.12 129.00 98.15
N TYR A 934 26.94 129.16 96.84
CA TYR A 934 27.99 128.77 95.91
C TYR A 934 29.25 129.59 96.12
N MET A 935 29.09 130.90 96.33
CA MET A 935 30.22 131.73 96.69
C MET A 935 30.93 131.19 97.92
N ARG A 936 30.17 130.71 98.91
CA ARG A 936 30.77 130.12 100.10
C ARG A 936 31.55 128.86 99.75
N ASN A 937 30.95 127.95 98.97
CA ASN A 937 31.63 126.71 98.65
C ASN A 937 32.96 126.98 97.97
N GLU A 938 32.95 127.79 96.91
CA GLU A 938 34.21 128.06 96.23
C GLU A 938 35.13 129.00 97.00
N ILE A 939 34.62 129.75 97.96
CA ILE A 939 35.47 130.70 98.68
C ILE A 939 36.16 130.04 99.85
N LEU A 940 35.42 129.28 100.65
CA LEU A 940 36.08 128.37 101.55
C LEU A 940 36.98 127.43 100.78
N ASP A 941 36.62 127.12 99.52
CA ASP A 941 37.51 126.35 98.68
C ASP A 941 38.81 127.10 98.45
N LYS A 942 38.72 128.40 98.25
CA LYS A 942 39.92 129.22 98.29
C LYS A 942 40.64 129.04 99.63
N LEU A 943 39.88 129.14 100.71
CA LEU A 943 40.45 129.04 102.04
C LEU A 943 41.22 127.75 102.21
N ALA A 944 40.80 126.70 101.51
CA ALA A 944 41.26 125.34 101.78
C ALA A 944 42.27 124.81 100.76
N ARG A 945 42.23 125.27 99.50
CA ARG A 945 43.19 124.78 98.53
C ARG A 945 44.60 125.11 98.94
N ASN A 946 44.75 126.07 99.86
CA ASN A 946 46.01 126.42 100.49
C ASN A 946 46.05 126.11 101.98
N GLY A 947 44.91 126.12 102.68
CA GLY A 947 44.90 125.66 104.06
C GLY A 947 44.44 126.57 105.19
N VAL A 948 43.36 127.34 105.00
CA VAL A 948 42.87 128.14 106.11
C VAL A 948 42.32 127.17 107.15
N PHE A 949 43.09 126.93 108.21
CA PHE A 949 42.78 125.87 109.16
C PHE A 949 41.63 126.30 110.05
N LEU A 950 40.42 126.21 109.53
CA LEU A 950 39.21 126.39 110.32
C LEU A 950 38.46 125.08 110.34
N ALA A 951 38.20 124.55 111.54
CA ALA A 951 37.67 123.20 111.68
C ALA A 951 36.14 123.14 111.67
N SER A 952 35.47 124.30 111.64
CA SER A 952 34.01 124.32 111.69
C SER A 952 33.41 123.52 110.53
N GLU A 953 33.92 123.74 109.32
CA GLU A 953 33.47 122.95 108.19
C GLU A 953 33.81 121.48 108.38
N LEU A 954 35.02 121.19 108.85
CA LEU A 954 35.46 119.81 109.03
C LEU A 954 34.54 119.06 109.98
N GLU A 955 33.90 119.78 110.90
CA GLU A 955 32.79 119.19 111.62
C GLU A 955 31.51 119.25 110.80
N ASP A 956 31.35 120.30 110.00
CA ASP A 956 30.08 120.59 109.34
C ASP A 956 29.80 119.53 108.29
N PHE A 957 28.86 118.64 108.59
CA PHE A 957 28.69 117.41 107.83
C PHE A 957 28.63 117.68 106.33
N GLU A 958 27.79 118.63 105.91
CA GLU A 958 27.81 119.01 104.51
C GLU A 958 29.14 119.61 104.11
N CYS A 959 29.63 120.58 104.90
CA CYS A 959 30.90 121.20 104.59
C CYS A 959 32.06 120.24 104.80
N PHE A 960 31.98 119.37 105.81
CA PHE A 960 33.05 118.40 106.04
C PHE A 960 33.17 117.42 104.89
N LEU A 961 32.02 116.85 104.46
CA LEU A 961 32.04 115.94 103.33
C LEU A 961 32.50 116.63 102.07
N LEU A 962 32.05 117.87 101.85
CA LEU A 962 32.53 118.65 100.70
C LEU A 962 34.05 118.79 100.74
N ARG A 963 34.59 119.20 101.89
CA ARG A 963 36.01 119.44 102.01
C ARG A 963 36.82 118.18 101.77
N LEU A 964 36.46 117.08 102.44
CA LEU A 964 37.21 115.85 102.23
C LEU A 964 37.04 115.37 100.81
N SER A 965 35.83 114.91 100.46
CA SER A 965 35.71 114.10 99.26
C SER A 965 35.44 114.94 98.01
N ARG A 966 34.75 116.08 98.15
CA ARG A 966 34.26 116.79 96.97
C ARG A 966 35.40 117.28 96.08
N ILE A 967 36.63 117.31 96.58
CA ILE A 967 37.79 117.52 95.72
C ILE A 967 38.12 116.28 94.91
N GLY A 968 37.30 115.24 94.98
CA GLY A 968 37.56 113.99 94.31
C GLY A 968 37.99 112.92 95.30
N GLY A 969 37.35 112.88 96.45
CA GLY A 969 37.83 112.07 97.55
C GLY A 969 38.62 112.90 98.54
N VAL A 970 38.80 112.32 99.73
CA VAL A 970 39.38 113.03 100.87
C VAL A 970 40.90 113.20 100.75
N ILE A 971 41.50 112.77 99.64
CA ILE A 971 42.96 112.74 99.49
C ILE A 971 43.36 113.36 98.15
N GLN A 972 44.67 113.37 97.90
CA GLN A 972 45.25 113.93 96.67
C GLN A 972 46.61 113.26 96.42
N ASP A 973 47.38 113.80 95.47
CA ASP A 973 48.60 113.13 95.00
C ASP A 973 49.78 113.40 95.91
N THR A 974 50.23 114.68 95.97
CA THR A 974 51.16 115.19 96.97
C THR A 974 50.56 116.53 97.39
N LEU A 975 49.68 116.48 98.37
CA LEU A 975 48.64 117.49 98.48
C LEU A 975 49.17 118.74 99.17
N PRO A 976 48.35 119.79 99.25
CA PRO A 976 48.73 121.02 99.94
C PRO A 976 48.53 120.95 101.46
N VAL A 977 48.37 119.73 101.97
CA VAL A 977 48.06 119.52 103.38
C VAL A 977 49.12 118.63 104.02
N GLN A 978 50.35 118.73 103.56
CA GLN A 978 51.37 117.96 104.25
C GLN A 978 51.65 118.47 105.65
N ASN A 979 50.84 119.47 106.01
CA ASN A 979 50.96 120.26 107.22
C ASN A 979 49.67 120.19 108.01
N TYR A 980 49.19 118.97 108.26
CA TYR A 980 47.94 118.78 108.96
C TYR A 980 48.13 117.74 110.05
N LYS A 981 47.30 117.83 111.09
CA LYS A 981 47.42 116.95 112.25
C LYS A 981 46.17 117.10 113.10
N THR A 982 46.21 116.52 114.29
CA THR A 982 45.14 116.63 115.27
C THR A 982 45.71 116.46 116.68
N LYS A 983 44.83 116.58 117.66
CA LYS A 983 45.19 116.25 119.03
C LYS A 983 44.90 114.79 119.27
N GLU A 984 43.71 114.33 118.85
CA GLU A 984 43.31 112.95 119.05
C GLU A 984 44.19 111.96 118.31
N GLY A 985 44.38 112.12 117.00
CA GLY A 985 45.25 111.24 116.24
C GLY A 985 44.69 110.64 114.96
N TRP A 986 43.51 111.11 114.51
CA TRP A 986 42.94 110.61 113.28
C TRP A 986 43.32 111.50 112.09
N ASP A 987 43.08 110.99 110.88
CA ASP A 987 43.40 111.70 109.65
C ASP A 987 42.26 111.57 108.66
N PHE A 988 42.13 112.56 107.77
CA PHE A 988 41.11 112.49 106.74
C PHE A 988 41.28 111.26 105.87
N HIS A 989 42.49 110.68 105.83
CA HIS A 989 42.72 109.38 105.22
C HIS A 989 42.51 108.23 106.20
N SER A 990 42.97 108.39 107.44
CA SER A 990 42.56 107.47 108.48
C SER A 990 41.04 107.44 108.57
N GLN A 991 40.44 108.61 108.70
CA GLN A 991 38.99 108.69 108.72
C GLN A 991 38.40 108.27 107.38
N PHE A 992 39.15 108.40 106.28
CA PHE A 992 38.63 107.98 104.99
C PHE A 992 38.45 106.46 104.93
N ILE A 993 39.48 105.73 105.35
CA ILE A 993 39.36 104.27 105.43
C ILE A 993 38.29 103.87 106.43
N LEU A 994 38.23 104.58 107.58
CA LEU A 994 37.23 104.25 108.59
C LEU A 994 35.82 104.47 108.06
N TYR A 995 35.60 105.52 107.27
CA TYR A 995 34.28 105.79 106.73
C TYR A 995 33.94 104.85 105.58
N CYS A 996 34.95 104.42 104.81
CA CYS A 996 34.71 103.37 103.83
C CYS A 996 34.26 102.09 104.54
N LEU A 997 34.80 101.83 105.72
CA LEU A 997 34.24 100.79 106.58
C LEU A 997 32.83 101.16 107.01
N GLU A 998 32.60 102.43 107.34
CA GLU A 998 31.24 102.90 107.61
C GLU A 998 30.38 102.85 106.36
N HIS A 999 31.01 102.79 105.18
CA HIS A 999 30.32 102.43 103.95
C HIS A 999 30.44 100.94 103.64
N SER A 1000 31.23 100.21 104.42
CA SER A 1000 31.37 98.75 104.31
C SER A 1000 31.82 98.35 102.90
N LEU A 1001 33.03 98.81 102.57
CA LEU A 1001 33.62 98.61 101.25
C LEU A 1001 34.73 97.57 101.34
N GLN A 1002 34.78 96.67 100.35
CA GLN A 1002 35.84 95.67 100.26
C GLN A 1002 36.69 95.85 99.01
N HIS A 1003 36.08 95.85 97.82
CA HIS A 1003 36.85 96.03 96.59
C HIS A 1003 37.01 97.51 96.26
N LEU A 1004 36.03 98.34 96.57
CA LEU A 1004 36.26 99.78 96.49
C LEU A 1004 37.28 100.20 97.54
N LEU A 1005 37.18 99.66 98.75
CA LEU A 1005 38.21 99.91 99.76
C LEU A 1005 39.54 99.33 99.31
N TYR A 1006 39.51 98.25 98.52
CA TYR A 1006 40.74 97.70 97.96
C TYR A 1006 41.37 98.63 96.93
N VAL A 1007 40.53 99.29 96.12
CA VAL A 1007 41.03 100.29 95.18
C VAL A 1007 41.67 101.45 95.94
N TYR A 1008 41.02 101.91 97.00
CA TYR A 1008 41.62 102.96 97.83
C TYR A 1008 42.92 102.48 98.47
N LEU A 1009 42.95 101.22 98.89
CA LEU A 1009 44.15 100.65 99.50
C LEU A 1009 45.30 100.59 98.50
N ASP A 1010 45.01 100.23 97.26
CA ASP A 1010 46.02 100.29 96.20
C ASP A 1010 46.47 101.72 95.95
N CYS A 1011 45.55 102.68 96.02
CA CYS A 1011 45.95 104.08 95.97
C CYS A 1011 46.90 104.43 97.10
N TYR A 1012 46.74 103.79 98.25
CA TYR A 1012 47.77 103.80 99.27
C TYR A 1012 48.72 102.60 99.15
N LYS A 1013 48.45 101.69 98.21
CA LYS A 1013 49.27 100.51 97.96
C LYS A 1013 49.42 99.67 99.23
N LEU A 1014 48.28 99.14 99.67
CA LEU A 1014 48.22 98.50 100.98
C LEU A 1014 48.76 97.08 100.94
N SER A 1015 48.97 96.51 102.13
CA SER A 1015 49.68 95.26 102.30
C SER A 1015 49.08 94.40 103.40
N PRO A 1016 49.63 93.21 103.63
CA PRO A 1016 49.06 92.33 104.66
C PRO A 1016 49.05 92.91 106.05
N GLU A 1017 50.13 93.60 106.46
CA GLU A 1017 50.21 94.18 107.79
C GLU A 1017 50.92 95.52 107.82
N ASN A 1018 51.15 96.15 106.67
CA ASN A 1018 51.85 97.42 106.64
C ASN A 1018 51.13 98.49 107.45
N CYS A 1019 49.82 98.34 107.64
CA CYS A 1019 49.02 99.29 108.40
C CYS A 1019 48.61 98.61 109.70
N PRO A 1020 49.29 98.94 110.81
CA PRO A 1020 48.95 98.31 112.09
C PRO A 1020 47.54 98.61 112.58
N PHE A 1021 46.90 99.67 112.08
CA PHE A 1021 45.60 100.09 112.60
C PHE A 1021 44.43 99.42 111.91
N LEU A 1022 44.65 98.56 110.92
CA LEU A 1022 43.58 97.90 110.19
C LEU A 1022 43.35 96.46 110.62
N GLU A 1023 43.90 96.04 111.77
CA GLU A 1023 43.82 94.67 112.23
C GLU A 1023 43.09 94.56 113.57
N LYS A 1024 41.94 95.24 113.68
CA LYS A 1024 41.13 95.18 114.89
C LYS A 1024 40.32 93.88 114.87
N LYS A 1025 40.81 92.88 115.61
CA LYS A 1025 40.16 91.57 115.61
C LYS A 1025 38.68 91.68 115.92
N GLU A 1026 38.34 92.49 116.92
CA GLU A 1026 36.94 92.77 117.20
C GLU A 1026 36.25 93.31 115.96
N LEU A 1027 36.83 94.35 115.34
CA LEU A 1027 36.25 94.86 114.12
C LEU A 1027 36.41 93.88 112.95
N HIS A 1028 37.49 93.10 112.96
CA HIS A 1028 37.74 92.18 111.85
C HIS A 1028 36.64 91.14 111.73
N GLU A 1029 36.34 90.45 112.82
CA GLU A 1029 35.20 89.56 112.80
C GLU A 1029 33.91 90.35 112.67
N ALA A 1030 33.75 91.40 113.50
CA ALA A 1030 32.52 92.18 113.52
C ALA A 1030 32.28 92.85 112.18
N HIS A 1031 33.31 93.42 111.60
CA HIS A 1031 33.16 93.79 110.21
C HIS A 1031 33.83 92.65 109.46
N PRO A 1032 33.15 91.52 109.32
CA PRO A 1032 33.76 90.39 108.63
C PRO A 1032 34.15 90.73 107.20
N TRP A 1033 33.43 91.64 106.56
CA TRP A 1033 33.81 92.10 105.23
C TRP A 1033 35.17 92.78 105.26
N PHE A 1034 35.44 93.60 106.28
CA PHE A 1034 36.72 94.28 106.38
C PHE A 1034 37.87 93.29 106.57
N GLU A 1035 37.68 92.28 107.42
CA GLU A 1035 38.69 91.25 107.60
C GLU A 1035 38.91 90.48 106.30
N PHE A 1036 37.83 90.22 105.56
CA PHE A 1036 37.96 89.56 104.27
C PHE A 1036 38.81 90.40 103.31
N LEU A 1037 38.58 91.72 103.28
CA LEU A 1037 39.37 92.58 102.41
C LEU A 1037 40.85 92.63 102.83
N VAL A 1038 41.10 92.68 104.14
CA VAL A 1038 42.49 92.72 104.62
C VAL A 1038 43.21 91.43 104.26
N GLN A 1039 42.56 90.29 104.49
CA GLN A 1039 43.14 89.02 104.09
C GLN A 1039 43.29 88.94 102.57
N CYS A 1040 42.40 89.60 101.83
CA CYS A 1040 42.53 89.65 100.38
C CYS A 1040 43.81 90.38 99.98
N ARG A 1041 44.11 91.50 100.64
CA ARG A 1041 45.38 92.18 100.36
C ARG A 1041 46.56 91.29 100.71
N GLN A 1042 46.51 90.64 101.87
CA GLN A 1042 47.61 89.78 102.31
C GLN A 1042 47.86 88.65 101.32
N VAL A 1043 46.80 88.02 100.82
CA VAL A 1043 46.96 86.82 99.99
C VAL A 1043 47.00 87.12 98.51
N ALA A 1044 46.52 88.29 98.08
CA ALA A 1044 46.82 88.74 96.74
C ALA A 1044 48.27 89.16 96.65
N SER A 1045 48.86 89.59 97.77
CA SER A 1045 50.31 89.65 97.85
C SER A 1045 50.93 88.27 97.77
N ASN A 1046 50.35 87.29 98.48
CA ASN A 1046 50.84 85.91 98.43
C ASN A 1046 49.71 84.98 98.90
N LEU A 1047 49.12 84.26 97.95
CA LEU A 1047 48.13 83.24 98.28
C LEU A 1047 48.69 81.83 98.23
N THR A 1048 49.85 81.63 97.61
CA THR A 1048 50.44 80.30 97.52
C THR A 1048 50.89 79.75 98.87
N ASP A 1049 51.32 80.62 99.78
CA ASP A 1049 51.84 80.17 101.07
C ASP A 1049 50.73 79.55 101.90
N PRO A 1050 50.97 78.44 102.59
CA PRO A 1050 49.95 77.93 103.51
C PRO A 1050 49.59 78.93 104.59
N LYS A 1051 50.50 79.82 104.98
CA LYS A 1051 50.24 80.75 106.07
C LYS A 1051 49.28 81.86 105.65
N LEU A 1052 49.65 82.64 104.64
CA LEU A 1052 48.79 83.73 104.19
C LEU A 1052 47.48 83.20 103.62
N ILE A 1053 47.55 82.11 102.85
CA ILE A 1053 46.34 81.51 102.31
C ILE A 1053 45.44 80.99 103.43
N PHE A 1054 46.05 80.40 104.47
CA PHE A 1054 45.25 79.92 105.60
C PHE A 1054 44.58 81.07 106.32
N GLN A 1055 45.30 82.19 106.48
CA GLN A 1055 44.68 83.37 107.07
C GLN A 1055 43.51 83.86 106.23
N ALA A 1056 43.68 83.90 104.90
CA ALA A 1056 42.61 84.33 104.02
C ALA A 1056 41.41 83.38 104.11
N SER A 1057 41.66 82.08 104.16
CA SER A 1057 40.58 81.11 104.27
C SER A 1057 39.84 81.25 105.59
N LEU A 1058 40.57 81.48 106.69
CA LEU A 1058 39.93 81.70 107.98
C LEU A 1058 39.06 82.96 107.96
N ALA A 1059 39.57 84.03 107.35
CA ALA A 1059 38.77 85.25 107.22
C ALA A 1059 37.52 85.01 106.38
N ASN A 1060 37.65 84.24 105.30
CA ASN A 1060 36.50 83.92 104.47
C ASN A 1060 35.47 83.10 105.25
N ALA A 1061 35.94 82.15 106.06
CA ALA A 1061 35.02 81.37 106.89
C ALA A 1061 34.31 82.25 107.92
N GLN A 1062 35.04 83.19 108.52
CA GLN A 1062 34.42 84.10 109.48
C GLN A 1062 33.37 84.97 108.79
N ILE A 1063 33.67 85.44 107.58
CA ILE A 1063 32.72 86.28 106.86
C ILE A 1063 31.49 85.47 106.45
N LEU A 1064 31.69 84.26 105.92
CA LEU A 1064 30.58 83.46 105.43
C LEU A 1064 29.84 82.78 106.59
N ILE A 1065 30.54 81.95 107.35
CA ILE A 1065 29.95 81.32 108.52
C ILE A 1065 29.84 82.38 109.61
N PRO A 1066 28.63 82.67 110.11
CA PRO A 1066 28.46 83.73 111.10
C PRO A 1066 28.88 83.34 112.51
N THR A 1067 29.49 82.18 112.70
CA THR A 1067 29.85 81.76 114.04
C THR A 1067 30.89 82.70 114.63
N ASN A 1068 30.77 82.95 115.94
CA ASN A 1068 31.81 83.71 116.64
C ASN A 1068 33.17 83.05 116.48
N GLN A 1069 33.20 81.72 116.47
CA GLN A 1069 34.37 80.95 116.07
C GLN A 1069 33.98 80.17 114.81
N ALA A 1070 34.11 80.84 113.67
CA ALA A 1070 33.74 80.26 112.38
C ALA A 1070 35.00 79.82 111.65
N SER A 1071 35.05 78.55 111.28
CA SER A 1071 36.22 77.99 110.63
C SER A 1071 35.81 76.67 109.97
N VAL A 1072 36.81 75.86 109.63
CA VAL A 1072 36.54 74.53 109.12
C VAL A 1072 35.66 73.75 110.09
N SER A 1073 35.87 73.95 111.40
CA SER A 1073 35.10 73.23 112.40
C SER A 1073 33.62 73.61 112.37
N SER A 1074 33.32 74.89 112.06
CA SER A 1074 31.93 75.33 112.05
C SER A 1074 31.11 74.54 111.04
N MET A 1075 31.65 74.32 109.85
CA MET A 1075 30.97 73.50 108.86
C MET A 1075 31.11 72.01 109.17
N LEU A 1076 32.23 71.61 109.77
CA LEU A 1076 32.47 70.20 110.05
C LEU A 1076 31.44 69.65 111.03
N LEU A 1077 31.39 70.20 112.24
CA LEU A 1077 30.44 69.72 113.25
C LEU A 1077 29.03 69.74 112.72
N GLU A 1078 28.71 70.71 111.86
CA GLU A 1078 27.41 70.81 111.22
C GLU A 1078 27.23 69.80 110.10
N GLY A 1079 28.28 69.09 109.70
CA GLY A 1079 28.21 68.10 108.66
C GLY A 1079 28.95 68.48 107.40
N HIS A 1080 29.06 69.78 107.11
CA HIS A 1080 29.70 70.24 105.88
C HIS A 1080 31.22 70.06 106.02
N THR A 1081 31.61 68.79 106.05
CA THR A 1081 33.03 68.44 106.12
C THR A 1081 33.78 68.81 104.85
N LEU A 1082 33.08 69.15 103.76
CA LEU A 1082 33.75 69.54 102.53
C LEU A 1082 34.57 70.82 102.73
N LEU A 1083 33.93 71.87 103.25
CA LEU A 1083 34.66 73.09 103.59
C LEU A 1083 35.68 72.84 104.68
N ALA A 1084 35.40 71.89 105.58
CA ALA A 1084 36.36 71.57 106.63
C ALA A 1084 37.67 71.05 106.05
N LEU A 1085 37.59 70.06 105.15
CA LEU A 1085 38.79 69.54 104.51
C LEU A 1085 39.46 70.60 103.64
N ALA A 1086 38.65 71.41 102.93
CA ALA A 1086 39.23 72.46 102.09
C ALA A 1086 40.05 73.44 102.92
N THR A 1087 39.56 73.81 104.10
CA THR A 1087 40.33 74.71 104.96
C THR A 1087 41.51 74.00 105.64
N THR A 1088 41.37 72.70 105.92
CA THR A 1088 42.42 71.98 106.64
C THR A 1088 43.52 71.43 105.75
N MET A 1089 43.41 71.58 104.43
CA MET A 1089 44.45 71.04 103.54
C MET A 1089 45.81 71.68 103.80
N TYR A 1090 45.85 73.00 103.97
CA TYR A 1090 47.10 73.75 104.11
C TYR A 1090 47.04 74.70 105.31
N SER A 1091 46.62 74.17 106.46
CA SER A 1091 46.46 74.99 107.66
C SER A 1091 47.30 74.47 108.83
N PRO A 1092 47.28 75.16 109.97
CA PRO A 1092 48.08 74.74 111.12
C PRO A 1092 47.71 73.33 111.58
N GLY A 1093 48.70 72.61 112.08
CA GLY A 1093 48.50 71.24 112.47
C GLY A 1093 48.53 70.32 111.27
N GLY A 1094 47.46 70.32 110.48
CA GLY A 1094 47.39 69.50 109.29
C GLY A 1094 46.54 68.27 109.45
N VAL A 1095 46.18 67.69 108.31
CA VAL A 1095 45.22 66.58 108.28
C VAL A 1095 45.82 65.33 108.91
N SER A 1096 47.03 64.95 108.50
CA SER A 1096 47.66 63.78 109.08
C SER A 1096 47.96 64.02 110.57
N GLN A 1097 48.31 65.25 110.92
CA GLN A 1097 48.53 65.58 112.33
C GLN A 1097 47.27 65.35 113.13
N VAL A 1098 46.13 65.84 112.64
CA VAL A 1098 44.86 65.58 113.30
C VAL A 1098 44.59 64.09 113.35
N VAL A 1099 44.96 63.37 112.30
CA VAL A 1099 44.81 61.92 112.30
C VAL A 1099 45.58 61.30 113.45
N GLN A 1100 46.74 61.84 113.76
CA GLN A 1100 47.56 61.34 114.87
C GLN A 1100 47.43 62.18 116.13
N ASN A 1101 47.78 63.47 116.06
CA ASN A 1101 47.91 64.30 117.24
C ASN A 1101 46.77 65.31 117.32
N GLU A 1102 46.12 65.38 118.48
CA GLU A 1102 45.06 66.34 118.74
C GLU A 1102 45.44 67.34 119.82
N GLU A 1103 46.73 67.50 120.11
CA GLU A 1103 47.22 68.38 121.16
C GLU A 1103 47.65 69.75 120.64
N ASN A 1104 47.41 70.04 119.37
CA ASN A 1104 47.77 71.33 118.81
C ASN A 1104 46.97 72.43 119.49
N GLU A 1105 47.66 73.28 120.25
CA GLU A 1105 46.99 74.34 121.02
C GLU A 1105 46.30 75.36 120.14
N ASN A 1106 46.60 75.38 118.84
CA ASN A 1106 45.90 76.25 117.90
C ASN A 1106 44.42 75.87 117.86
N CYS A 1107 43.56 76.76 118.36
CA CYS A 1107 42.14 76.46 118.45
C CYS A 1107 41.50 76.24 117.09
N LEU A 1108 42.10 76.77 116.02
CA LEU A 1108 41.57 76.58 114.67
C LEU A 1108 41.85 75.20 114.11
N LYS A 1109 42.64 74.37 114.79
CA LYS A 1109 42.99 73.04 114.33
C LYS A 1109 42.19 71.93 115.02
N LYS A 1110 41.01 72.26 115.55
CA LYS A 1110 40.15 71.30 116.23
C LYS A 1110 38.70 71.51 115.83
N VAL A 1111 37.88 70.48 116.05
CA VAL A 1111 36.47 70.49 115.67
C VAL A 1111 35.67 69.70 116.71
N ASP A 1112 34.35 69.92 116.73
CA ASP A 1112 33.46 69.15 117.58
C ASP A 1112 33.37 67.72 117.06
N PRO A 1113 33.73 66.71 117.85
CA PRO A 1113 34.01 65.39 117.28
C PRO A 1113 32.79 64.60 116.83
N GLN A 1114 31.78 64.47 117.70
CA GLN A 1114 30.64 63.63 117.35
C GLN A 1114 29.75 64.32 116.34
N LEU A 1115 29.54 65.63 116.49
CA LEU A 1115 28.69 66.37 115.57
C LEU A 1115 29.18 66.22 114.15
N LEU A 1116 30.46 66.49 113.91
CA LEU A 1116 31.03 66.27 112.59
C LEU A 1116 31.03 64.79 112.21
N LYS A 1117 31.34 63.91 113.16
CA LYS A 1117 31.54 62.50 112.83
C LYS A 1117 30.25 61.87 112.32
N MET A 1118 29.22 61.82 113.17
CA MET A 1118 27.92 61.38 112.69
C MET A 1118 27.42 62.29 111.58
N ALA A 1119 27.86 63.55 111.57
CA ALA A 1119 27.53 64.48 110.50
C ALA A 1119 28.42 64.32 109.29
N LEU A 1120 29.40 63.41 109.34
CA LEU A 1120 30.19 63.03 108.18
C LEU A 1120 29.66 61.75 107.55
N THR A 1121 28.34 61.55 107.63
CA THR A 1121 27.75 60.31 107.13
C THR A 1121 28.02 60.08 105.65
N PRO A 1122 27.93 61.06 104.77
CA PRO A 1122 28.12 60.79 103.34
C PRO A 1122 29.59 60.67 102.95
N TYR A 1123 30.45 60.38 103.93
CA TYR A 1123 31.89 60.27 103.71
C TYR A 1123 32.41 58.96 104.29
N PRO A 1124 32.02 57.82 103.70
CA PRO A 1124 32.60 56.54 104.14
C PRO A 1124 34.04 56.38 103.68
N LYS A 1125 34.27 56.57 102.37
CA LYS A 1125 35.61 56.45 101.82
C LYS A 1125 36.54 57.50 102.42
N LEU A 1126 36.05 58.73 102.57
CA LEU A 1126 36.88 59.79 103.15
C LEU A 1126 37.25 59.45 104.60
N LYS A 1127 36.28 58.94 105.37
CA LYS A 1127 36.56 58.57 106.76
C LYS A 1127 37.58 57.45 106.83
N THR A 1128 37.46 56.45 105.95
CA THR A 1128 38.41 55.35 105.93
C THR A 1128 39.81 55.84 105.57
N ALA A 1129 39.91 56.76 104.61
CA ALA A 1129 41.22 57.20 104.15
C ALA A 1129 41.89 58.13 105.16
N LEU A 1130 41.12 59.03 105.78
CA LEU A 1130 41.71 60.07 106.61
C LEU A 1130 42.34 59.50 107.88
N PHE A 1131 41.59 58.66 108.59
CA PHE A 1131 42.03 58.16 109.90
C PHE A 1131 42.10 56.64 109.88
N PRO A 1132 43.26 56.05 110.17
CA PRO A 1132 43.33 54.58 110.26
C PRO A 1132 42.43 54.05 111.36
N GLN A 1133 41.80 52.90 111.10
CA GLN A 1133 40.89 52.29 112.07
C GLN A 1133 41.70 51.65 113.19
N CYS A 1134 41.46 52.11 114.42
CA CYS A 1134 42.22 51.63 115.58
C CYS A 1134 41.60 50.34 116.10
N THR A 1135 41.65 49.31 115.26
CA THR A 1135 41.18 47.99 115.63
C THR A 1135 42.24 47.26 116.44
N PRO A 1136 41.85 46.26 117.22
CA PRO A 1136 42.82 45.50 118.02
C PRO A 1136 43.59 44.54 117.15
N PRO A 1137 44.45 43.70 117.75
CA PRO A 1137 45.24 42.75 116.96
C PRO A 1137 44.41 41.62 116.35
N SER A 1138 43.13 41.53 116.66
CA SER A 1138 42.29 40.49 116.09
C SER A 1138 42.12 40.68 114.58
N VAL A 1139 41.90 39.57 113.89
CA VAL A 1139 41.81 39.59 112.43
C VAL A 1139 40.55 40.33 112.00
N LEU A 1140 40.66 41.10 110.93
CA LEU A 1140 39.53 41.82 110.35
C LEU A 1140 38.70 40.85 109.50
N PRO A 1141 37.64 41.34 108.87
CA PRO A 1141 36.76 40.45 108.10
C PRO A 1141 37.51 39.75 106.96
N SER A 1142 37.33 38.44 106.87
CA SER A 1142 37.91 37.59 105.83
C SER A 1142 36.76 37.06 104.99
N ASP A 1143 36.49 37.72 103.87
CA ASP A 1143 35.27 37.51 103.11
C ASP A 1143 35.30 36.25 102.25
N ILE A 1144 36.28 35.38 102.41
CA ILE A 1144 36.34 34.11 101.67
C ILE A 1144 36.47 32.97 102.66
N THR A 1145 35.73 31.90 102.41
CA THR A 1145 35.75 30.72 103.25
C THR A 1145 36.45 29.58 102.50
N ILE A 1146 36.91 28.59 103.28
CA ILE A 1146 37.68 27.49 102.69
C ILE A 1146 36.80 26.70 101.73
N TYR A 1147 35.62 26.29 102.19
CA TYR A 1147 34.66 25.72 101.27
C TYR A 1147 34.33 26.72 100.16
N HIS A 1148 34.26 28.01 100.50
CA HIS A 1148 33.85 29.01 99.52
C HIS A 1148 34.90 29.17 98.43
N LEU A 1149 36.11 29.58 98.81
CA LEU A 1149 37.16 29.72 97.80
C LEU A 1149 37.41 28.40 97.09
N ILE A 1150 37.18 27.28 97.78
CA ILE A 1150 37.31 25.97 97.15
C ILE A 1150 36.25 25.79 96.08
N GLN A 1151 35.06 26.36 96.30
CA GLN A 1151 33.95 26.18 95.37
C GLN A 1151 34.27 26.72 93.98
N SER A 1152 35.29 27.58 93.86
CA SER A 1152 35.76 27.97 92.54
C SER A 1152 36.19 26.77 91.70
N LEU A 1153 36.39 25.61 92.31
CA LEU A 1153 36.64 24.35 91.61
C LEU A 1153 35.37 23.52 91.44
N SER A 1154 34.22 24.18 91.28
CA SER A 1154 32.89 23.63 91.00
C SER A 1154 32.50 22.54 92.01
N PRO A 1155 32.60 21.23 91.75
CA PRO A 1155 32.11 20.28 92.79
C PRO A 1155 32.96 20.30 94.03
N PHE A 1156 34.15 20.91 93.98
CA PHE A 1156 35.02 21.00 95.14
C PHE A 1156 34.63 22.18 96.03
N ASP A 1157 33.35 22.27 96.38
CA ASP A 1157 32.92 23.19 97.43
C ASP A 1157 32.85 22.39 98.72
N PRO A 1158 33.64 22.72 99.75
CA PRO A 1158 33.74 21.83 100.90
C PRO A 1158 32.54 21.88 101.84
N SER A 1159 31.42 22.42 101.37
CA SER A 1159 30.20 22.43 102.16
C SER A 1159 29.55 21.05 102.26
N ARG A 1160 29.75 20.18 101.25
CA ARG A 1160 29.09 18.88 101.24
C ARG A 1160 29.53 18.00 102.40
N LEU A 1161 30.61 18.36 103.07
CA LEU A 1161 31.12 17.63 104.22
C LEU A 1161 31.83 18.65 105.12
N PHE A 1162 32.61 18.14 106.07
CA PHE A 1162 33.44 18.99 106.93
C PHE A 1162 32.61 20.07 107.62
N GLY A 1163 31.44 19.69 108.10
CA GLY A 1163 30.59 20.64 108.78
C GLY A 1163 31.12 21.09 110.12
N TRP A 1164 32.03 20.31 110.71
CA TRP A 1164 32.64 20.70 111.98
C TRP A 1164 33.64 21.84 111.85
N GLN A 1165 34.00 22.24 110.62
CA GLN A 1165 34.95 23.33 110.40
C GLN A 1165 34.22 24.55 109.88
N SER A 1166 34.27 25.64 110.65
CA SER A 1166 33.58 26.87 110.25
C SER A 1166 34.30 27.59 109.12
N ALA A 1167 35.63 27.50 109.05
CA ALA A 1167 36.37 28.18 108.00
C ALA A 1167 35.92 27.73 106.63
N ASN A 1168 35.55 26.44 106.51
CA ASN A 1168 34.96 25.93 105.28
C ASN A 1168 33.48 26.30 105.23
N THR A 1169 33.23 27.60 105.34
CA THR A 1169 31.87 28.13 105.35
C THR A 1169 31.34 28.29 103.93
N ALA A 1175 26.99 17.73 104.12
CA ALA A 1175 27.47 18.48 105.29
C ALA A 1175 27.67 17.56 106.49
N TRP A 1176 28.93 17.22 106.78
CA TRP A 1176 29.27 16.36 107.92
C TRP A 1176 29.59 17.25 109.11
N SER A 1177 28.52 17.73 109.76
CA SER A 1177 28.69 18.64 110.89
C SER A 1177 29.36 17.93 112.08
N HIS A 1178 28.81 16.79 112.49
CA HIS A 1178 29.39 16.03 113.59
C HIS A 1178 30.74 15.48 113.18
N LEU A 1179 31.68 15.50 114.13
CA LEU A 1179 32.96 14.88 113.84
C LEU A 1179 32.73 13.39 113.66
N PRO A 1180 32.72 12.91 112.43
CA PRO A 1180 32.40 11.50 112.18
C PRO A 1180 33.65 10.62 112.24
N HIS A 1181 33.42 9.31 112.21
CA HIS A 1181 34.49 8.33 112.28
C HIS A 1181 34.06 7.09 111.51
N PHE A 1182 34.61 5.93 111.89
CA PHE A 1182 34.17 4.68 111.30
C PHE A 1182 32.72 4.35 111.59
N SER A 1183 32.01 5.18 112.35
CA SER A 1183 30.61 4.94 112.73
C SER A 1183 29.82 6.26 112.84
N SER A 1184 29.85 7.07 111.80
CA SER A 1184 29.07 8.31 111.79
C SER A 1184 27.57 8.00 111.88
N PRO A 1185 26.85 8.52 112.88
CA PRO A 1185 25.48 8.01 113.13
C PRO A 1185 24.58 8.05 111.91
N ASP A 1186 24.49 9.20 111.23
CA ASP A 1186 23.71 9.25 110.00
C ASP A 1186 24.31 8.34 108.94
N LEU A 1187 25.63 8.38 108.77
CA LEU A 1187 26.27 7.46 107.85
C LEU A 1187 26.10 6.02 108.33
N VAL A 1188 26.15 5.80 109.64
CA VAL A 1188 25.98 4.43 110.17
C VAL A 1188 24.63 3.88 109.78
N ASN A 1189 23.58 4.70 109.91
CA ASN A 1189 22.28 4.30 109.39
C ASN A 1189 22.35 4.10 107.88
N LYS A 1190 23.05 4.99 107.18
CA LYS A 1190 23.18 4.87 105.74
C LYS A 1190 23.83 3.56 105.33
N TYR A 1191 24.57 2.92 106.24
CA TYR A 1191 25.28 1.69 105.91
C TYR A 1191 25.21 0.64 107.03
N ALA A 1192 24.17 0.65 107.85
CA ALA A 1192 24.04 -0.40 108.87
C ALA A 1192 23.65 -1.70 108.19
N ILE A 1193 24.60 -2.62 108.06
CA ILE A 1193 24.38 -3.91 107.40
C ILE A 1193 24.93 -4.98 108.33
N VAL A 1194 24.05 -5.59 109.13
CA VAL A 1194 24.44 -6.60 110.11
C VAL A 1194 24.20 -7.99 109.54
N GLU A 1195 24.80 -9.00 110.17
CA GLU A 1195 24.67 -10.39 109.74
C GLU A 1195 24.71 -11.30 110.96
N ARG A 1196 23.99 -12.42 110.87
CA ARG A 1196 23.98 -13.45 111.90
C ARG A 1196 24.74 -14.67 111.42
N LEU A 1197 25.22 -15.49 112.36
CA LEU A 1197 25.95 -16.69 112.00
C LEU A 1197 24.99 -17.70 111.35
N ASN A 1198 24.87 -17.65 110.03
CA ASN A 1198 23.95 -18.52 109.34
C ASN A 1198 24.45 -19.95 109.37
N PHE A 1199 23.53 -20.89 109.12
CA PHE A 1199 23.82 -22.31 109.31
C PHE A 1199 24.98 -22.75 108.45
N ALA A 1200 25.28 -22.01 107.39
CA ALA A 1200 26.43 -22.32 106.56
C ALA A 1200 27.70 -22.41 107.38
N TYR A 1201 27.77 -21.68 108.50
CA TYR A 1201 28.95 -21.78 109.35
C TYR A 1201 29.17 -23.21 109.81
N TYR A 1202 28.14 -23.80 110.42
CA TYR A 1202 28.27 -25.16 110.93
C TYR A 1202 28.39 -26.17 109.80
N LEU A 1203 27.50 -26.07 108.82
CA LEU A 1203 27.53 -27.06 107.76
C LEU A 1203 28.86 -27.03 107.05
N HIS A 1204 29.28 -25.85 106.57
CA HIS A 1204 30.52 -25.72 105.82
C HIS A 1204 31.68 -26.21 106.64
N ASN A 1205 31.72 -25.86 107.92
CA ASN A 1205 32.64 -26.54 108.81
C ASN A 1205 32.30 -28.02 108.89
N GLY A 1206 31.02 -28.34 109.09
CA GLY A 1206 30.64 -29.70 109.39
C GLY A 1206 30.33 -29.95 110.85
N ARG A 1207 29.32 -29.25 111.38
CA ARG A 1207 28.93 -29.44 112.79
C ARG A 1207 27.52 -29.98 112.92
N PRO A 1208 27.29 -31.26 112.59
CA PRO A 1208 25.94 -31.70 112.24
C PRO A 1208 24.87 -31.45 113.27
N SER A 1209 24.99 -32.10 114.43
CA SER A 1209 23.90 -32.01 115.38
C SER A 1209 23.76 -30.58 115.87
N PHE A 1210 24.90 -29.95 116.18
CA PHE A 1210 24.88 -28.53 116.45
C PHE A 1210 24.33 -27.74 115.28
N ALA A 1211 24.62 -28.18 114.05
CA ALA A 1211 24.08 -27.45 112.90
C ALA A 1211 22.57 -27.40 112.93
N PHE A 1212 21.95 -28.57 113.04
CA PHE A 1212 20.49 -28.62 113.07
C PHE A 1212 19.95 -27.87 114.28
N GLY A 1213 20.58 -28.07 115.44
CA GLY A 1213 20.06 -27.48 116.67
C GLY A 1213 20.11 -25.97 116.66
N THR A 1214 21.25 -25.40 116.27
CA THR A 1214 21.34 -23.96 116.18
C THR A 1214 20.41 -23.44 115.10
N PHE A 1215 20.27 -24.19 114.01
CA PHE A 1215 19.34 -23.79 112.96
C PHE A 1215 17.94 -23.67 113.52
N LEU A 1216 17.53 -24.66 114.31
CA LEU A 1216 16.21 -24.61 114.93
C LEU A 1216 16.12 -23.45 115.92
N VAL A 1217 17.17 -23.26 116.72
CA VAL A 1217 17.16 -22.20 117.71
C VAL A 1217 16.92 -20.86 117.06
N GLN A 1218 17.63 -20.61 115.96
CA GLN A 1218 17.47 -19.34 115.29
C GLN A 1218 16.18 -19.25 114.49
N GLU A 1219 15.78 -20.34 113.83
CA GLU A 1219 14.85 -20.25 112.72
C GLU A 1219 13.53 -20.95 112.98
N LEU A 1220 13.54 -22.09 113.65
CA LEU A 1220 12.32 -22.88 113.82
C LEU A 1220 11.21 -22.01 114.40
N ILE A 1221 11.48 -21.33 115.50
CA ILE A 1221 10.53 -20.35 116.00
C ILE A 1221 10.37 -19.23 114.99
N LYS A 1222 11.48 -18.73 114.45
CA LYS A 1222 11.43 -17.65 113.49
C LYS A 1222 10.75 -18.04 112.19
N SER A 1223 10.58 -19.33 111.94
CA SER A 1223 9.97 -19.80 110.69
C SER A 1223 8.47 -19.56 110.75
N LYS A 1224 8.07 -18.32 110.44
CA LYS A 1224 6.66 -18.02 110.34
C LYS A 1224 5.98 -18.80 109.21
N THR A 1225 6.76 -19.36 108.28
CA THR A 1225 6.25 -20.16 107.17
C THR A 1225 6.99 -21.49 107.22
N PRO A 1226 6.62 -22.37 108.16
CA PRO A 1226 7.42 -23.60 108.37
C PRO A 1226 7.58 -24.45 107.13
N LYS A 1227 6.53 -24.63 106.33
CA LYS A 1227 6.67 -25.39 105.10
C LYS A 1227 7.57 -24.67 104.11
N GLN A 1228 7.31 -23.38 103.89
CA GLN A 1228 8.11 -22.60 102.95
C GLN A 1228 9.55 -22.48 103.41
N LEU A 1229 9.75 -22.18 104.69
CA LEU A 1229 11.11 -22.06 105.22
C LEU A 1229 11.84 -23.40 105.14
N ILE A 1230 11.14 -24.50 105.42
CA ILE A 1230 11.76 -25.82 105.34
C ILE A 1230 12.19 -26.12 103.91
N GLN A 1231 11.33 -25.81 102.95
CA GLN A 1231 11.70 -26.03 101.55
C GLN A 1231 12.90 -25.17 101.16
N GLN A 1232 12.93 -23.91 101.60
CA GLN A 1232 14.06 -23.05 101.28
C GLN A 1232 15.34 -23.62 101.87
N VAL A 1233 15.29 -24.05 103.12
CA VAL A 1233 16.47 -24.62 103.77
C VAL A 1233 16.92 -25.87 103.04
N GLY A 1234 15.98 -26.68 102.58
CA GLY A 1234 16.35 -27.85 101.80
C GLY A 1234 17.05 -27.48 100.51
N ASN A 1235 16.54 -26.45 99.83
CA ASN A 1235 17.20 -26.00 98.61
C ASN A 1235 18.62 -25.56 98.90
N GLU A 1236 18.79 -24.83 100.00
CA GLU A 1236 20.13 -24.40 100.39
C GLU A 1236 21.01 -25.62 100.69
N ALA A 1237 20.45 -26.62 101.36
CA ALA A 1237 21.23 -27.81 101.71
C ALA A 1237 21.68 -28.53 100.48
N TYR A 1238 20.79 -28.67 99.49
CA TYR A 1238 21.15 -29.31 98.25
C TYR A 1238 22.24 -28.54 97.52
N VAL A 1239 22.14 -27.20 97.50
CA VAL A 1239 23.17 -26.39 96.88
C VAL A 1239 24.52 -26.63 97.56
N ILE A 1240 24.51 -26.56 98.89
CA ILE A 1240 25.75 -26.73 99.66
C ILE A 1240 26.35 -28.09 99.35
N GLY A 1241 25.54 -29.14 99.40
CA GLY A 1241 26.07 -30.46 99.14
C GLY A 1241 26.67 -30.58 97.75
N LEU A 1242 25.93 -30.12 96.75
CA LEU A 1242 26.44 -30.22 95.38
C LEU A 1242 27.74 -29.47 95.25
N SER A 1243 27.96 -28.47 96.09
CA SER A 1243 29.16 -27.67 95.96
C SER A 1243 30.45 -28.45 96.20
N SER A 1244 30.41 -29.61 96.85
CA SER A 1244 31.62 -30.20 97.41
C SER A 1244 31.75 -31.68 97.08
N PHE A 1245 31.58 -32.04 95.80
CA PHE A 1245 31.52 -33.45 95.42
C PHE A 1245 32.72 -34.25 95.94
N HIS A 1246 33.94 -33.77 95.66
CA HIS A 1246 35.12 -34.56 96.00
C HIS A 1246 35.25 -34.72 97.51
N ILE A 1247 35.17 -33.60 98.24
CA ILE A 1247 35.50 -33.62 99.66
C ILE A 1247 34.59 -34.59 100.38
N PRO A 1248 35.11 -35.46 101.26
CA PRO A 1248 34.20 -36.39 101.95
C PRO A 1248 33.38 -35.72 103.03
N SER A 1249 34.03 -34.92 103.87
CA SER A 1249 33.37 -34.43 105.08
C SER A 1249 32.15 -33.62 104.74
N ILE A 1250 32.24 -32.77 103.71
CA ILE A 1250 31.11 -31.95 103.35
C ILE A 1250 29.93 -32.82 102.93
N GLY A 1251 30.21 -33.90 102.20
CA GLY A 1251 29.13 -34.78 101.77
C GLY A 1251 28.45 -35.45 102.95
N ALA A 1252 29.25 -35.95 103.90
CA ALA A 1252 28.64 -36.57 105.07
C ALA A 1252 27.78 -35.58 105.83
N ALA A 1253 28.26 -34.36 105.99
CA ALA A 1253 27.48 -33.34 106.67
C ALA A 1253 26.18 -33.09 105.93
N CYS A 1254 26.25 -33.05 104.60
CA CYS A 1254 25.04 -32.81 103.84
C CYS A 1254 24.02 -33.89 104.09
N VAL A 1255 24.47 -35.15 104.12
CA VAL A 1255 23.54 -36.25 104.33
C VAL A 1255 22.88 -36.12 105.69
N CYS A 1256 23.69 -35.87 106.72
CA CYS A 1256 23.14 -35.79 108.07
C CYS A 1256 22.14 -34.65 108.19
N PHE A 1257 22.45 -33.50 107.61
CA PHE A 1257 21.56 -32.35 107.73
C PHE A 1257 20.27 -32.59 106.97
N LEU A 1258 20.34 -33.27 105.84
CA LEU A 1258 19.12 -33.63 105.14
C LEU A 1258 18.28 -34.58 105.97
N GLU A 1259 18.91 -35.56 106.59
CA GLU A 1259 18.17 -36.52 107.41
C GLU A 1259 17.50 -35.83 108.58
N LEU A 1260 18.25 -34.96 109.26
CA LEU A 1260 17.67 -34.22 110.38
C LEU A 1260 16.63 -33.22 109.91
N LEU A 1261 16.71 -32.80 108.64
CA LEU A 1261 15.72 -31.88 108.12
C LEU A 1261 14.33 -32.52 108.13
N GLY A 1262 14.22 -33.72 107.57
CA GLY A 1262 12.95 -34.40 107.49
C GLY A 1262 12.48 -34.63 106.07
N LEU A 1263 13.43 -34.79 105.14
CA LEU A 1263 13.09 -34.96 103.73
C LEU A 1263 13.76 -36.20 103.14
N ASP A 1264 13.73 -36.32 101.82
CA ASP A 1264 14.32 -37.46 101.15
C ASP A 1264 15.84 -37.43 101.23
N SER A 1265 16.44 -38.62 101.19
CA SER A 1265 17.88 -38.81 101.30
C SER A 1265 18.39 -39.60 100.13
N LEU A 1266 17.94 -39.22 98.92
CA LEU A 1266 18.36 -39.92 97.73
C LEU A 1266 18.82 -38.98 96.63
N LYS A 1267 18.32 -37.73 96.62
CA LYS A 1267 18.77 -36.80 95.59
C LYS A 1267 20.24 -36.45 95.80
N LEU A 1268 20.60 -36.05 97.01
CA LEU A 1268 21.98 -35.70 97.27
C LEU A 1268 22.90 -36.89 97.13
N ARG A 1269 22.46 -38.05 97.62
CA ARG A 1269 23.29 -39.24 97.49
C ARG A 1269 23.48 -39.64 96.03
N VAL A 1270 22.42 -39.48 95.22
CA VAL A 1270 22.54 -39.78 93.80
C VAL A 1270 23.54 -38.83 93.15
N ASP A 1271 23.44 -37.55 93.46
CA ASP A 1271 24.39 -36.59 92.92
C ASP A 1271 25.81 -36.97 93.29
N MET A 1272 26.02 -37.32 94.56
CA MET A 1272 27.35 -37.65 95.03
C MET A 1272 27.88 -38.89 94.32
N LYS A 1273 27.07 -39.94 94.23
CA LYS A 1273 27.54 -41.16 93.59
C LYS A 1273 27.84 -40.92 92.13
N VAL A 1274 27.02 -40.11 91.46
CA VAL A 1274 27.23 -39.85 90.03
C VAL A 1274 28.55 -39.11 89.83
N ALA A 1275 28.75 -38.03 90.56
CA ALA A 1275 29.99 -37.27 90.39
C ALA A 1275 31.19 -38.12 90.73
N ASN A 1276 31.10 -38.94 91.77
CA ASN A 1276 32.23 -39.78 92.15
C ASN A 1276 32.53 -40.81 91.07
N ILE A 1277 31.51 -41.47 90.54
CA ILE A 1277 31.76 -42.48 89.53
C ILE A 1277 32.23 -41.85 88.22
N ILE A 1278 31.96 -40.57 88.02
CA ILE A 1278 32.44 -39.90 86.81
C ILE A 1278 33.92 -39.62 86.85
N LEU A 1279 34.61 -39.99 87.93
CA LEU A 1279 36.03 -39.69 88.04
C LEU A 1279 36.84 -40.43 86.99
N SER A 1280 36.77 -41.77 87.02
CA SER A 1280 37.66 -42.63 86.24
C SER A 1280 37.82 -42.20 84.79
N TYR A 1281 36.75 -42.24 83.99
CA TYR A 1281 36.91 -41.82 82.60
C TYR A 1281 36.68 -40.33 82.45
N LYS A 1282 37.30 -39.57 83.34
CA LYS A 1282 37.59 -38.15 83.16
C LYS A 1282 38.95 -37.79 83.69
N CYS A 1283 39.56 -38.64 84.52
CA CYS A 1283 40.87 -38.42 85.10
C CYS A 1283 41.89 -39.44 84.62
N ARG A 1284 41.57 -40.74 84.71
CA ARG A 1284 42.47 -41.78 84.22
C ARG A 1284 42.40 -41.92 82.70
N ASN A 1285 41.67 -41.05 82.03
CA ASN A 1285 41.60 -41.01 80.57
C ASN A 1285 41.99 -39.67 79.98
N GLU A 1286 41.82 -38.59 80.73
CA GLU A 1286 42.16 -37.25 80.27
C GLU A 1286 43.25 -36.65 81.16
N ASP A 1287 44.20 -35.96 80.54
CA ASP A 1287 45.33 -35.36 81.25
C ASP A 1287 45.03 -33.89 81.50
N ALA A 1288 44.71 -33.56 82.75
CA ALA A 1288 44.48 -32.18 83.15
C ALA A 1288 44.59 -32.08 84.66
N GLN A 1289 44.79 -30.87 85.14
CA GLN A 1289 44.79 -30.63 86.57
C GLN A 1289 43.40 -30.90 87.13
N TYR A 1290 43.34 -31.63 88.25
CA TYR A 1290 42.06 -32.04 88.80
C TYR A 1290 41.19 -30.86 89.20
N SER A 1291 41.78 -29.68 89.46
CA SER A 1291 41.00 -28.55 89.92
C SER A 1291 40.18 -27.93 88.79
N PHE A 1292 40.77 -27.81 87.60
CA PHE A 1292 39.99 -27.35 86.46
C PHE A 1292 38.86 -28.31 86.16
N ILE A 1293 39.13 -29.61 86.23
CA ILE A 1293 38.09 -30.61 86.06
C ILE A 1293 37.01 -30.40 87.10
N ARG A 1294 37.41 -30.11 88.34
CA ARG A 1294 36.43 -29.88 89.40
C ARG A 1294 35.55 -28.68 89.09
N GLU A 1295 36.17 -27.60 88.61
CA GLU A 1295 35.39 -26.40 88.27
C GLU A 1295 34.42 -26.70 87.13
N SER A 1296 34.89 -27.43 86.12
CA SER A 1296 34.02 -27.77 85.00
C SER A 1296 32.86 -28.63 85.47
N VAL A 1297 33.14 -29.61 86.33
CA VAL A 1297 32.11 -30.50 86.83
C VAL A 1297 31.10 -29.72 87.65
N ALA A 1298 31.57 -28.79 88.48
CA ALA A 1298 30.66 -27.98 89.28
C ALA A 1298 29.76 -27.12 88.39
N GLU A 1299 30.33 -26.54 87.34
CA GLU A 1299 29.53 -25.76 86.41
C GLU A 1299 28.46 -26.64 85.76
N LYS A 1300 28.86 -27.84 85.31
CA LYS A 1300 27.89 -28.75 84.72
C LYS A 1300 26.84 -29.16 85.74
N LEU A 1301 27.24 -29.30 87.00
CA LEU A 1301 26.30 -29.72 88.03
C LEU A 1301 25.26 -28.66 88.29
N SER A 1302 25.70 -27.40 88.40
CA SER A 1302 24.74 -26.32 88.53
C SER A 1302 23.85 -26.24 87.31
N LYS A 1303 24.41 -26.52 86.13
CA LYS A 1303 23.59 -26.54 84.92
C LYS A 1303 22.51 -27.60 85.01
N LEU A 1304 22.88 -28.80 85.49
CA LEU A 1304 21.89 -29.87 85.67
C LEU A 1304 20.83 -29.46 86.68
N ALA A 1305 21.24 -28.79 87.75
CA ALA A 1305 20.29 -28.28 88.74
C ALA A 1305 19.25 -27.39 88.09
N ASP A 1306 19.63 -26.68 87.04
CA ASP A 1306 18.67 -25.90 86.27
C ASP A 1306 17.74 -26.76 85.44
N GLY A 1307 17.84 -28.08 85.53
CA GLY A 1307 17.02 -28.94 84.71
C GLY A 1307 17.34 -28.87 83.24
N GLU A 1308 18.64 -28.85 82.89
CA GLU A 1308 19.06 -28.83 81.50
C GLU A 1308 18.97 -30.24 80.96
N LYS A 1309 17.87 -30.54 80.27
CA LYS A 1309 17.63 -31.89 79.81
C LYS A 1309 18.73 -32.38 78.87
N THR A 1310 19.17 -31.52 77.96
CA THR A 1310 20.26 -31.90 77.07
C THR A 1310 21.54 -32.15 77.86
N THR A 1311 21.87 -31.24 78.77
CA THR A 1311 23.04 -31.45 79.61
C THR A 1311 22.86 -32.69 80.47
N THR A 1312 21.64 -32.91 80.95
CA THR A 1312 21.38 -34.12 81.70
C THR A 1312 21.71 -35.35 80.87
N GLU A 1313 21.27 -35.35 79.61
CA GLU A 1313 21.53 -36.49 78.73
C GLU A 1313 23.02 -36.68 78.53
N GLU A 1314 23.75 -35.59 78.32
CA GLU A 1314 25.19 -35.70 78.15
C GLU A 1314 25.84 -36.29 79.40
N LEU A 1315 25.43 -35.80 80.57
CA LEU A 1315 26.00 -36.27 81.82
C LEU A 1315 25.75 -37.76 82.00
N LEU A 1316 24.53 -38.20 81.74
CA LEU A 1316 24.22 -39.62 81.85
C LEU A 1316 25.01 -40.43 80.84
N VAL A 1317 25.20 -39.88 79.63
CA VAL A 1317 25.95 -40.58 78.62
C VAL A 1317 27.38 -40.82 79.10
N LEU A 1318 28.00 -39.77 79.63
CA LEU A 1318 29.33 -39.92 80.18
C LEU A 1318 29.32 -40.92 81.33
N LEU A 1319 28.25 -40.91 82.13
CA LEU A 1319 28.15 -41.85 83.22
C LEU A 1319 28.19 -43.27 82.71
N GLU A 1320 27.46 -43.53 81.63
CA GLU A 1320 27.48 -44.85 81.02
C GLU A 1320 28.88 -45.20 80.54
N GLU A 1321 29.55 -44.25 79.88
CA GLU A 1321 30.86 -44.54 79.33
C GLU A 1321 31.85 -44.88 80.44
N GLY A 1322 31.94 -44.02 81.43
CA GLY A 1322 32.83 -44.27 82.55
C GLY A 1322 32.45 -45.53 83.30
N THR A 1323 31.15 -45.80 83.41
CA THR A 1323 30.73 -47.02 84.08
C THR A 1323 31.25 -48.23 83.33
N TRP A 1324 31.20 -48.18 82.00
CA TRP A 1324 31.73 -49.28 81.21
C TRP A 1324 33.20 -49.44 81.44
N ASN A 1325 33.93 -48.32 81.48
CA ASN A 1325 35.36 -48.39 81.75
C ASN A 1325 35.62 -49.05 83.08
N SER A 1326 34.89 -48.62 84.12
CA SER A 1326 35.10 -49.15 85.46
C SER A 1326 34.78 -50.63 85.51
N ILE A 1327 33.69 -51.03 84.86
CA ILE A 1327 33.33 -52.43 84.81
C ILE A 1327 34.46 -53.23 84.21
N GLN A 1328 35.03 -52.74 83.11
CA GLN A 1328 36.15 -53.43 82.49
C GLN A 1328 37.33 -53.52 83.44
N GLN A 1329 37.55 -52.47 84.22
CA GLN A 1329 38.72 -52.42 85.09
C GLN A 1329 38.71 -53.56 86.09
N GLN A 1330 37.55 -53.89 86.64
CA GLN A 1330 37.47 -54.89 87.71
C GLN A 1330 37.90 -56.25 87.20
N GLU A 1331 38.05 -56.38 85.89
CA GLU A 1331 38.47 -57.63 85.25
C GLU A 1331 37.47 -58.76 85.56
N ILE A 1332 36.27 -58.59 85.04
CA ILE A 1332 35.21 -59.59 85.10
C ILE A 1332 34.46 -59.59 83.78
N LYS A 1333 33.58 -60.58 83.60
CA LYS A 1333 32.72 -60.60 82.43
C LYS A 1333 31.85 -59.34 82.41
N ARG A 1334 31.74 -58.74 81.23
CA ARG A 1334 31.10 -57.43 81.12
C ARG A 1334 29.62 -57.51 81.45
N LEU A 1335 29.06 -58.72 81.50
CA LEU A 1335 27.63 -58.90 81.76
C LEU A 1335 27.41 -60.12 82.66
N SER A 1336 28.06 -60.15 83.83
CA SER A 1336 27.80 -61.16 84.85
C SER A 1336 26.80 -60.60 85.87
N SER A 1337 26.68 -61.27 87.02
CA SER A 1337 25.71 -60.83 88.04
C SER A 1337 26.19 -59.56 88.73
N GLU A 1338 27.42 -59.57 89.25
CA GLU A 1338 27.95 -58.37 89.88
C GLU A 1338 27.98 -57.22 88.89
N SER A 1339 28.01 -57.53 87.60
CA SER A 1339 27.91 -56.49 86.60
C SER A 1339 26.63 -55.69 86.78
N SER A 1340 25.49 -56.38 86.83
CA SER A 1340 24.25 -55.68 87.06
C SER A 1340 24.24 -55.05 88.44
N SER A 1341 24.93 -55.68 89.38
CA SER A 1341 24.97 -55.15 90.74
C SER A 1341 25.57 -53.75 90.74
N GLN A 1342 26.67 -53.57 90.02
CA GLN A 1342 27.22 -52.22 89.89
C GLN A 1342 26.37 -51.36 88.97
N TRP A 1343 25.69 -52.00 88.02
CA TRP A 1343 24.96 -51.26 87.00
C TRP A 1343 23.66 -50.69 87.49
N ALA A 1344 23.19 -51.13 88.65
CA ALA A 1344 21.93 -50.63 89.15
C ALA A 1344 21.90 -49.11 89.14
N LEU A 1345 23.01 -48.49 89.52
CA LEU A 1345 23.03 -47.04 89.59
C LEU A 1345 22.67 -46.42 88.26
N VAL A 1346 22.88 -47.15 87.16
CA VAL A 1346 22.54 -46.62 85.84
C VAL A 1346 21.06 -46.30 85.77
N VAL A 1347 20.24 -47.25 86.17
CA VAL A 1347 18.80 -46.98 86.21
C VAL A 1347 18.50 -45.99 87.29
N GLN A 1348 19.21 -46.10 88.42
CA GLN A 1348 18.91 -45.29 89.58
C GLN A 1348 18.95 -43.81 89.23
N PHE A 1349 20.03 -43.40 88.57
CA PHE A 1349 20.17 -41.99 88.22
C PHE A 1349 19.06 -41.56 87.27
N CYS A 1350 18.87 -42.30 86.18
CA CYS A 1350 17.94 -41.86 85.14
C CYS A 1350 16.56 -41.68 85.71
N ARG A 1351 16.10 -42.64 86.50
CA ARG A 1351 14.80 -42.51 87.13
C ARG A 1351 14.80 -41.34 88.10
N LEU A 1352 15.85 -41.22 88.91
CA LEU A 1352 15.86 -40.20 89.95
C LEU A 1352 15.76 -38.81 89.36
N HIS A 1353 16.25 -38.62 88.15
CA HIS A 1353 16.24 -37.30 87.52
C HIS A 1353 15.13 -37.18 86.48
N ASN A 1354 14.17 -38.09 86.50
CA ASN A 1354 13.03 -38.04 85.59
C ASN A 1354 13.48 -37.94 84.13
N MET A 1355 14.37 -38.84 83.74
CA MET A 1355 14.84 -38.96 82.37
C MET A 1355 14.47 -40.34 81.83
N LYS A 1356 14.30 -40.43 80.52
CA LYS A 1356 13.85 -41.67 79.88
C LYS A 1356 14.80 -42.81 80.17
N LEU A 1357 14.26 -43.94 80.62
CA LEU A 1357 15.11 -45.05 81.02
C LEU A 1357 15.99 -45.47 79.86
N SER A 1358 17.29 -45.27 80.00
CA SER A 1358 18.22 -45.52 78.90
C SER A 1358 18.46 -47.01 78.74
N ILE A 1359 18.58 -47.45 77.50
CA ILE A 1359 18.77 -48.86 77.21
C ILE A 1359 20.24 -49.21 77.38
N SER A 1360 20.65 -49.50 78.62
CA SER A 1360 22.08 -49.62 78.89
C SER A 1360 22.63 -51.02 78.60
N TYR A 1361 22.23 -52.00 79.40
CA TYR A 1361 22.79 -53.35 79.31
C TYR A 1361 21.85 -54.32 78.62
N LEU A 1362 20.59 -53.94 78.43
CA LEU A 1362 19.68 -54.77 77.66
C LEU A 1362 20.29 -55.09 76.31
N ARG A 1363 20.76 -54.07 75.59
CA ARG A 1363 21.40 -54.31 74.30
C ARG A 1363 22.70 -55.09 74.47
N GLU A 1364 23.50 -54.69 75.46
CA GLU A 1364 24.80 -55.32 75.64
C GLU A 1364 24.66 -56.82 75.85
N CYS A 1365 23.52 -57.25 76.38
CA CYS A 1365 23.20 -58.68 76.42
C CYS A 1365 22.47 -59.13 75.17
N ALA A 1366 21.82 -58.22 74.47
CA ALA A 1366 21.04 -58.60 73.31
C ALA A 1366 21.94 -59.08 72.19
N LYS A 1367 23.06 -58.40 71.96
CA LYS A 1367 23.95 -58.81 70.88
C LYS A 1367 24.61 -60.15 71.17
N ALA A 1368 24.69 -60.55 72.44
CA ALA A 1368 25.47 -61.70 72.82
C ALA A 1368 24.66 -62.98 72.91
N ASN A 1369 23.36 -62.91 72.64
CA ASN A 1369 22.49 -64.08 72.65
C ASN A 1369 22.50 -64.77 74.02
N ASP A 1370 22.02 -64.02 75.03
CA ASP A 1370 21.85 -64.51 76.40
C ASP A 1370 20.46 -64.12 76.87
N TRP A 1371 19.48 -65.03 76.74
CA TRP A 1371 18.09 -64.68 77.05
C TRP A 1371 17.90 -64.50 78.55
N LEU A 1372 18.42 -65.43 79.34
CA LEU A 1372 18.27 -65.29 80.77
C LEU A 1372 19.23 -64.24 81.27
N GLN A 1373 19.31 -63.15 80.55
CA GLN A 1373 19.55 -61.86 81.14
C GLN A 1373 18.55 -60.84 80.64
N PHE A 1374 18.10 -60.94 79.39
CA PHE A 1374 17.05 -60.09 78.87
C PHE A 1374 15.68 -60.42 79.44
N ILE A 1375 15.56 -61.51 80.17
CA ILE A 1375 14.32 -61.72 80.91
C ILE A 1375 14.47 -61.02 82.25
N ILE A 1376 15.39 -61.52 83.08
CA ILE A 1376 15.51 -61.05 84.46
C ILE A 1376 15.73 -59.55 84.48
N HIS A 1377 16.87 -59.11 83.92
CA HIS A 1377 17.21 -57.71 84.05
C HIS A 1377 16.22 -56.83 83.32
N SER A 1378 15.46 -57.40 82.40
CA SER A 1378 14.30 -56.66 81.93
C SER A 1378 13.32 -56.48 83.06
N GLN A 1379 13.15 -57.52 83.87
CA GLN A 1379 12.09 -57.48 84.87
C GLN A 1379 12.43 -56.52 86.01
N LEU A 1380 13.49 -56.80 86.76
CA LEU A 1380 13.57 -56.14 88.05
C LEU A 1380 14.04 -54.71 87.94
N HIS A 1381 13.51 -54.00 86.98
CA HIS A 1381 13.48 -52.56 87.07
C HIS A 1381 12.22 -52.03 86.41
N ASN A 1382 11.31 -52.92 85.99
CA ASN A 1382 10.09 -52.53 85.29
C ASN A 1382 10.40 -51.86 83.95
N TYR A 1383 11.05 -52.61 83.07
CA TYR A 1383 11.28 -52.12 81.72
C TYR A 1383 9.98 -52.03 80.94
N HIS A 1384 9.63 -50.80 80.55
CA HIS A 1384 8.33 -50.51 79.94
C HIS A 1384 8.15 -51.36 78.68
N PRO A 1385 6.95 -51.86 78.41
CA PRO A 1385 6.83 -52.95 77.43
C PRO A 1385 7.20 -52.57 76.03
N ALA A 1386 7.22 -51.27 75.69
CA ALA A 1386 7.64 -50.88 74.36
C ALA A 1386 9.11 -51.18 74.13
N GLU A 1387 9.94 -50.88 75.11
CA GLU A 1387 11.38 -50.95 74.90
C GLU A 1387 11.87 -52.37 74.70
N VAL A 1388 11.36 -53.33 75.49
CA VAL A 1388 11.90 -54.69 75.39
C VAL A 1388 11.63 -55.26 74.00
N LYS A 1389 10.38 -55.14 73.54
CA LYS A 1389 10.06 -55.61 72.19
C LYS A 1389 10.87 -54.85 71.14
N SER A 1390 10.96 -53.52 71.28
CA SER A 1390 11.65 -52.74 70.27
C SER A 1390 13.11 -53.14 70.15
N LEU A 1391 13.77 -53.39 71.27
CA LEU A 1391 15.15 -53.84 71.23
C LEU A 1391 15.29 -55.33 71.01
N ILE A 1392 14.18 -56.07 70.93
CA ILE A 1392 14.29 -57.51 70.71
C ILE A 1392 14.95 -57.84 69.39
N GLN A 1393 14.93 -56.93 68.44
CA GLN A 1393 15.44 -57.21 67.09
C GLN A 1393 16.94 -57.06 67.01
N TYR A 1394 17.68 -57.73 67.88
CA TYR A 1394 19.14 -57.76 67.80
C TYR A 1394 19.72 -59.15 68.01
N PHE A 1395 18.90 -60.16 68.28
CA PHE A 1395 19.47 -61.39 68.83
C PHE A 1395 20.08 -62.28 67.76
N SER A 1396 19.25 -62.84 66.88
CA SER A 1396 19.68 -63.99 66.13
C SER A 1396 18.59 -64.42 65.14
N PRO A 1397 18.87 -65.34 64.24
CA PRO A 1397 17.77 -66.02 63.54
C PRO A 1397 16.93 -66.84 64.49
N VAL A 1398 17.57 -67.76 65.20
CA VAL A 1398 16.91 -68.57 66.21
C VAL A 1398 16.81 -67.72 67.46
N ILE A 1399 16.08 -68.18 68.47
CA ILE A 1399 15.74 -67.46 69.70
C ILE A 1399 15.37 -66.01 69.38
N GLN A 1400 14.77 -65.80 68.23
CA GLN A 1400 14.17 -64.54 67.89
C GLN A 1400 12.70 -64.68 67.51
N ASP A 1401 12.37 -65.69 66.72
CA ASP A 1401 10.99 -66.01 66.44
C ASP A 1401 10.30 -66.66 67.64
N HIS A 1402 11.05 -67.40 68.46
CA HIS A 1402 10.52 -67.92 69.71
C HIS A 1402 10.36 -66.84 70.77
N LEU A 1403 10.66 -65.61 70.43
CA LEU A 1403 10.60 -64.53 71.41
C LEU A 1403 9.66 -63.42 70.97
N ARG A 1404 9.64 -63.10 69.69
CA ARG A 1404 8.72 -62.06 69.23
C ARG A 1404 7.30 -62.52 69.42
N LEU A 1405 7.04 -63.79 69.15
CA LEU A 1405 5.73 -64.36 69.45
C LEU A 1405 5.60 -64.73 70.91
N ALA A 1406 6.72 -64.81 71.64
CA ALA A 1406 6.70 -65.28 73.02
C ALA A 1406 5.70 -64.45 73.81
N PHE A 1407 5.81 -63.15 73.70
CA PHE A 1407 4.90 -62.24 74.38
C PHE A 1407 4.38 -61.19 73.43
N GLU A 1408 3.79 -61.66 72.34
CA GLU A 1408 3.10 -60.71 71.48
C GLU A 1408 1.97 -60.00 72.21
N ASN A 1409 1.41 -60.62 73.26
CA ASN A 1409 0.26 -60.06 73.96
C ASN A 1409 0.67 -59.52 75.33
N MET A 1438 3.18 -57.21 54.61
CA MET A 1438 4.08 -58.30 54.27
C MET A 1438 4.61 -58.17 52.85
N THR A 1439 5.52 -59.06 52.46
CA THR A 1439 6.13 -59.06 51.14
C THR A 1439 6.29 -60.47 50.60
N ASP A 1440 5.22 -61.24 50.54
CA ASP A 1440 5.29 -62.60 49.99
C ASP A 1440 3.90 -63.05 49.62
N LEU A 1441 3.66 -63.31 48.34
CA LEU A 1441 2.31 -63.60 47.87
C LEU A 1441 1.71 -64.82 48.55
N PHE A 1442 2.54 -65.76 48.99
CA PHE A 1442 1.95 -66.84 49.77
C PHE A 1442 1.53 -66.37 51.15
N GLU A 1443 1.93 -65.16 51.56
CA GLU A 1443 1.55 -64.61 52.85
C GLU A 1443 0.47 -63.55 52.74
N ILE A 1444 0.57 -62.64 51.77
CA ILE A 1444 -0.40 -61.58 51.64
C ILE A 1444 -1.78 -62.12 51.37
N LEU A 1445 -1.87 -63.31 50.78
CA LEU A 1445 -3.16 -63.91 50.52
C LEU A 1445 -3.56 -64.92 51.58
N LEU A 1446 -2.58 -65.55 52.22
CA LEU A 1446 -2.87 -66.42 53.36
C LEU A 1446 -3.48 -65.63 54.51
N GLN A 1447 -2.93 -64.46 54.79
CA GLN A 1447 -3.47 -63.55 55.79
C GLN A 1447 -4.49 -62.58 55.20
N CYS A 1448 -5.10 -62.94 54.07
CA CYS A 1448 -6.23 -62.21 53.53
C CYS A 1448 -7.54 -62.92 53.79
N SER A 1449 -7.52 -64.00 54.56
CA SER A 1449 -8.75 -64.59 55.09
C SER A 1449 -9.07 -64.06 56.49
N GLU A 1450 -9.10 -62.73 56.65
CA GLU A 1450 -9.28 -62.16 57.98
C GLU A 1450 -10.07 -60.84 57.98
N GLU A 1451 -10.18 -60.21 56.82
CA GLU A 1451 -10.76 -58.87 56.67
C GLU A 1451 -12.27 -58.89 56.92
N PRO A 1452 -12.98 -57.78 56.62
CA PRO A 1452 -14.43 -57.88 56.49
C PRO A 1452 -14.87 -59.06 55.64
N ASP A 1453 -14.64 -59.04 54.32
CA ASP A 1453 -14.70 -60.32 53.63
C ASP A 1453 -13.38 -60.64 52.93
N SER A 1454 -13.10 -59.97 51.81
CA SER A 1454 -11.75 -59.83 51.31
C SER A 1454 -11.58 -58.54 50.52
N TRP A 1455 -12.67 -58.10 49.91
CA TRP A 1455 -12.61 -57.27 48.73
C TRP A 1455 -12.04 -55.96 48.97
N HIS A 1456 -11.44 -55.70 50.13
CA HIS A 1456 -10.78 -54.43 50.35
C HIS A 1456 -9.39 -54.54 50.94
N TRP A 1457 -9.08 -55.57 51.71
CA TRP A 1457 -7.71 -55.65 52.21
C TRP A 1457 -6.71 -55.85 51.08
N LEU A 1458 -7.00 -56.76 50.16
CA LEU A 1458 -6.08 -56.99 49.04
C LEU A 1458 -5.94 -55.75 48.20
N LEU A 1459 -7.05 -55.09 47.87
CA LEU A 1459 -6.98 -53.91 47.03
C LEU A 1459 -6.25 -52.76 47.73
N VAL A 1460 -6.50 -52.56 49.03
CA VAL A 1460 -5.83 -51.49 49.74
C VAL A 1460 -4.35 -51.78 49.82
N GLU A 1461 -3.97 -53.05 49.97
CA GLU A 1461 -2.56 -53.39 50.03
C GLU A 1461 -1.89 -53.31 48.66
N ALA A 1462 -2.65 -53.52 47.59
CA ALA A 1462 -2.05 -53.55 46.27
C ALA A 1462 -2.04 -52.19 45.59
N VAL A 1463 -2.91 -51.28 45.98
CA VAL A 1463 -2.82 -49.94 45.42
C VAL A 1463 -1.58 -49.24 45.94
N LYS A 1464 -1.23 -49.48 47.20
CA LYS A 1464 -0.11 -48.77 47.83
C LYS A 1464 1.19 -49.13 47.14
N GLN A 1465 1.59 -50.39 47.21
CA GLN A 1465 2.76 -50.83 46.47
C GLN A 1465 2.34 -51.16 45.05
N GLN A 1466 3.02 -50.57 44.07
CA GLN A 1466 2.62 -50.78 42.69
C GLN A 1466 2.82 -52.23 42.28
N ALA A 1467 1.73 -52.99 42.23
CA ALA A 1467 1.73 -54.37 41.82
C ALA A 1467 0.49 -54.62 40.96
N PRO A 1468 0.42 -55.72 40.24
CA PRO A 1468 -0.75 -55.93 39.38
C PRO A 1468 -1.01 -57.40 39.12
N ILE A 1469 -0.53 -58.28 40.00
CA ILE A 1469 -0.86 -59.69 39.90
C ILE A 1469 -1.60 -60.08 41.15
N LEU A 1470 -2.00 -59.08 41.93
CA LEU A 1470 -2.87 -59.20 43.09
C LEU A 1470 -4.31 -58.83 42.78
N SER A 1471 -4.52 -57.81 41.96
CA SER A 1471 -5.88 -57.39 41.66
C SER A 1471 -6.64 -58.48 40.94
N VAL A 1472 -5.96 -59.26 40.12
CA VAL A 1472 -6.64 -60.32 39.39
C VAL A 1472 -7.14 -61.39 40.35
N LEU A 1473 -6.33 -61.75 41.35
CA LEU A 1473 -6.84 -62.65 42.38
C LEU A 1473 -7.94 -61.98 43.17
N ALA A 1474 -7.83 -60.67 43.37
CA ALA A 1474 -8.82 -59.96 44.17
C ALA A 1474 -10.19 -60.08 43.54
N SER A 1475 -10.27 -59.89 42.23
CA SER A 1475 -11.53 -60.09 41.52
C SER A 1475 -11.73 -61.55 41.13
N CYS A 1476 -11.53 -62.44 42.08
CA CYS A 1476 -11.84 -63.84 41.91
C CYS A 1476 -12.44 -64.47 43.14
N LEU A 1477 -12.32 -63.84 44.30
CA LEU A 1477 -12.96 -64.30 45.52
C LEU A 1477 -14.43 -63.91 45.54
N GLN A 1478 -15.21 -64.63 46.34
CA GLN A 1478 -16.67 -64.46 46.36
C GLN A 1478 -17.02 -63.09 46.93
N GLY A 1479 -17.50 -62.19 46.08
CA GLY A 1479 -17.90 -60.87 46.52
C GLY A 1479 -16.94 -59.74 46.24
N ALA A 1480 -16.52 -59.59 44.98
CA ALA A 1480 -15.74 -58.44 44.54
C ALA A 1480 -16.41 -57.85 43.31
N SER A 1481 -16.60 -56.53 43.31
CA SER A 1481 -17.30 -55.88 42.22
C SER A 1481 -16.44 -55.91 40.96
N ALA A 1482 -16.86 -56.70 39.98
CA ALA A 1482 -16.04 -56.90 38.79
C ALA A 1482 -15.78 -55.59 38.06
N ILE A 1483 -16.61 -54.59 38.26
CA ILE A 1483 -16.45 -53.32 37.58
C ILE A 1483 -15.66 -52.39 38.47
N SER A 1484 -15.13 -52.92 39.56
CA SER A 1484 -14.29 -52.14 40.46
C SER A 1484 -12.81 -52.43 40.25
N CYS A 1485 -12.42 -53.70 40.39
CA CYS A 1485 -11.02 -54.08 40.30
C CYS A 1485 -10.34 -53.54 39.06
N LEU A 1486 -11.11 -53.16 38.04
CA LEU A 1486 -10.52 -52.60 36.83
C LEU A 1486 -9.85 -51.28 37.12
N CYS A 1487 -10.45 -50.47 38.00
CA CYS A 1487 -9.79 -49.24 38.38
C CYS A 1487 -8.45 -49.53 39.04
N VAL A 1488 -8.40 -50.57 39.88
CA VAL A 1488 -7.18 -50.89 40.60
C VAL A 1488 -6.10 -51.35 39.64
N TRP A 1489 -6.44 -52.24 38.72
CA TRP A 1489 -5.46 -52.69 37.73
C TRP A 1489 -4.95 -51.51 36.91
N ILE A 1490 -5.86 -50.80 36.24
CA ILE A 1490 -5.43 -49.77 35.30
C ILE A 1490 -4.76 -48.60 36.00
N ILE A 1491 -4.97 -48.43 37.32
CA ILE A 1491 -4.27 -47.37 38.05
C ILE A 1491 -3.00 -47.87 38.70
N THR A 1492 -2.80 -49.17 38.79
CA THR A 1492 -1.61 -49.73 39.41
C THR A 1492 -0.82 -50.57 38.42
N SER A 1493 -0.94 -50.28 37.13
CA SER A 1493 -0.04 -50.87 36.15
C SER A 1493 0.35 -49.85 35.10
N VAL A 1494 0.72 -48.64 35.51
CA VAL A 1494 1.22 -47.61 34.63
C VAL A 1494 2.44 -46.96 35.27
N GLU A 1495 2.91 -45.88 34.68
CA GLU A 1495 4.09 -45.20 35.20
C GLU A 1495 3.72 -44.37 36.43
N ASP A 1496 4.72 -43.72 37.02
CA ASP A 1496 4.47 -43.02 38.27
C ASP A 1496 3.59 -41.81 38.05
N ASN A 1497 4.03 -40.86 37.22
CA ASN A 1497 3.28 -39.62 37.02
C ASN A 1497 1.89 -39.90 36.49
N VAL A 1498 1.74 -40.90 35.62
CA VAL A 1498 0.41 -41.26 35.12
C VAL A 1498 -0.45 -41.81 36.26
N ALA A 1499 0.13 -42.63 37.12
CA ALA A 1499 -0.65 -43.18 38.22
C ALA A 1499 -1.04 -42.11 39.23
N THR A 1500 -0.21 -41.07 39.35
CA THR A 1500 -0.45 -40.02 40.35
C THR A 1500 -1.44 -38.99 39.84
N GLU A 1501 -1.11 -38.31 38.75
CA GLU A 1501 -1.92 -37.20 38.28
C GLU A 1501 -3.35 -37.61 37.98
N ALA A 1502 -3.59 -38.90 37.74
CA ALA A 1502 -4.95 -39.36 37.55
C ALA A 1502 -5.71 -39.46 38.87
N MET A 1503 -5.01 -39.52 40.00
CA MET A 1503 -5.68 -39.73 41.26
C MET A 1503 -6.38 -38.47 41.78
N GLY A 1504 -6.22 -37.33 41.10
CA GLY A 1504 -6.82 -36.10 41.57
C GLY A 1504 -8.32 -36.15 41.75
N HIS A 1505 -9.00 -37.04 41.01
CA HIS A 1505 -10.45 -37.15 41.15
C HIS A 1505 -10.87 -37.61 42.53
N ILE A 1506 -10.00 -38.28 43.27
CA ILE A 1506 -10.38 -38.82 44.57
C ILE A 1506 -10.50 -37.69 45.58
N GLN A 1507 -11.34 -37.93 46.60
CA GLN A 1507 -11.53 -36.98 47.70
C GLN A 1507 -11.15 -37.59 49.05
N ASP A 1508 -11.60 -38.81 49.32
CA ASP A 1508 -11.38 -39.46 50.61
C ASP A 1508 -9.95 -40.01 50.67
N SER A 1509 -9.68 -40.82 51.68
CA SER A 1509 -8.36 -41.41 51.84
C SER A 1509 -8.27 -42.71 51.06
N THR A 1510 -7.14 -43.41 51.22
CA THR A 1510 -6.86 -44.58 50.40
C THR A 1510 -7.84 -45.72 50.71
N GLU A 1511 -8.07 -46.00 51.99
CA GLU A 1511 -8.85 -47.15 52.40
C GLU A 1511 -10.34 -46.84 52.49
N ASP A 1512 -10.77 -45.64 52.12
CA ASP A 1512 -12.17 -45.24 52.21
C ASP A 1512 -12.62 -44.58 50.90
N HIS A 1513 -12.25 -45.20 49.78
CA HIS A 1513 -12.62 -44.67 48.46
C HIS A 1513 -13.19 -45.77 47.60
N THR A 1514 -14.30 -46.36 48.03
CA THR A 1514 -14.96 -47.40 47.24
C THR A 1514 -15.21 -46.91 45.82
N TRP A 1515 -14.61 -47.60 44.85
CA TRP A 1515 -14.72 -47.22 43.45
C TRP A 1515 -16.12 -47.50 42.92
N ASN A 1516 -16.50 -46.76 41.88
CA ASN A 1516 -17.79 -46.97 41.26
C ASN A 1516 -17.66 -46.80 39.76
N LEU A 1517 -18.78 -46.71 39.05
CA LEU A 1517 -18.77 -46.55 37.61
C LEU A 1517 -18.50 -45.12 37.20
N GLU A 1518 -17.93 -44.32 38.09
CA GLU A 1518 -17.60 -42.94 37.78
C GLU A 1518 -16.11 -42.66 37.78
N ASP A 1519 -15.34 -43.26 38.68
CA ASP A 1519 -13.90 -43.04 38.68
C ASP A 1519 -13.24 -43.56 37.41
N LEU A 1520 -13.78 -44.65 36.83
CA LEU A 1520 -13.25 -45.15 35.56
C LEU A 1520 -13.32 -44.09 34.48
N SER A 1521 -14.26 -43.15 34.60
CA SER A 1521 -14.37 -42.10 33.58
C SER A 1521 -13.12 -41.23 33.57
N VAL A 1522 -12.73 -40.71 34.73
CA VAL A 1522 -11.54 -39.88 34.76
C VAL A 1522 -10.30 -40.74 34.47
N ILE A 1523 -10.28 -42.00 34.90
CA ILE A 1523 -9.14 -42.87 34.58
C ILE A 1523 -9.00 -43.04 33.07
N TRP A 1524 -10.12 -43.34 32.41
CA TRP A 1524 -10.16 -43.51 30.96
C TRP A 1524 -9.65 -42.26 30.26
N ARG A 1525 -10.19 -41.10 30.65
CA ARG A 1525 -9.81 -39.86 29.98
C ARG A 1525 -8.34 -39.56 30.20
N THR A 1526 -7.86 -39.71 31.43
CA THR A 1526 -6.48 -39.40 31.71
C THR A 1526 -5.56 -40.32 30.94
N LEU A 1527 -5.89 -41.61 30.85
CA LEU A 1527 -5.04 -42.53 30.13
C LEU A 1527 -5.00 -42.21 28.64
N LEU A 1528 -6.17 -41.95 28.03
CA LEU A 1528 -6.16 -41.67 26.60
C LEU A 1528 -5.41 -40.39 26.30
N THR A 1529 -5.69 -39.32 27.06
CA THR A 1529 -4.87 -38.14 26.91
C THR A 1529 -3.45 -38.49 27.31
N ARG A 1530 -2.48 -37.86 26.65
CA ARG A 1530 -1.09 -38.30 26.72
C ARG A 1530 -1.01 -39.79 26.37
N GLN A 1531 -0.93 -40.05 25.07
CA GLN A 1531 -1.20 -41.34 24.44
C GLN A 1531 -0.63 -42.52 25.22
N LYS A 1532 -1.53 -43.37 25.71
CA LYS A 1532 -1.15 -44.67 26.26
C LYS A 1532 -2.41 -45.54 26.23
N SER A 1533 -2.59 -46.28 25.15
CA SER A 1533 -3.83 -47.03 24.95
C SER A 1533 -3.64 -48.53 24.98
N LYS A 1534 -2.43 -49.01 24.79
CA LYS A 1534 -2.20 -50.45 24.79
C LYS A 1534 -2.30 -51.03 26.13
N THR A 1535 -2.67 -50.21 27.12
CA THR A 1535 -3.00 -50.67 28.47
C THR A 1535 -4.49 -50.91 28.65
N LEU A 1536 -5.33 -49.95 28.24
CA LEU A 1536 -6.76 -50.18 28.31
C LEU A 1536 -7.18 -51.28 27.34
N ILE A 1537 -6.66 -51.23 26.12
CA ILE A 1537 -7.05 -52.16 25.08
C ILE A 1537 -6.62 -53.55 25.51
N ARG A 1538 -5.92 -53.59 26.62
CA ARG A 1538 -5.34 -54.80 27.19
C ARG A 1538 -6.06 -55.26 28.44
N GLY A 1539 -6.46 -54.34 29.30
CA GLY A 1539 -7.22 -54.71 30.48
C GLY A 1539 -8.62 -55.17 30.15
N PHE A 1540 -9.26 -54.53 29.18
CA PHE A 1540 -10.66 -54.84 28.94
C PHE A 1540 -10.85 -56.26 28.45
N GLN A 1541 -9.78 -57.06 28.41
CA GLN A 1541 -9.88 -58.47 28.04
C GLN A 1541 -9.85 -59.41 29.23
N LEU A 1542 -8.93 -59.20 30.17
CA LEU A 1542 -9.07 -59.85 31.46
C LEU A 1542 -10.43 -59.56 32.05
N PHE A 1543 -10.77 -58.28 32.15
CA PHE A 1543 -12.01 -57.85 32.82
C PHE A 1543 -13.13 -57.89 31.79
N PHE A 1544 -14.22 -57.16 32.07
CA PHE A 1544 -15.42 -57.19 31.26
C PHE A 1544 -15.09 -57.31 29.78
N LYS A 1545 -15.56 -58.40 29.16
CA LYS A 1545 -15.10 -58.94 27.89
C LYS A 1545 -15.68 -58.20 26.70
N ASP A 1546 -15.74 -58.90 25.57
CA ASP A 1546 -15.97 -58.36 24.22
C ASP A 1546 -17.10 -57.34 24.10
N SER A 1547 -17.88 -57.13 25.16
CA SER A 1547 -18.87 -56.06 25.21
C SER A 1547 -18.37 -54.81 24.51
N PRO A 1548 -19.23 -54.11 23.78
CA PRO A 1548 -18.77 -53.27 22.66
C PRO A 1548 -17.70 -52.20 22.94
N LEU A 1549 -17.57 -51.71 24.17
CA LEU A 1549 -16.58 -50.67 24.42
C LEU A 1549 -15.20 -51.12 23.99
N LEU A 1550 -14.95 -52.43 24.05
CA LEU A 1550 -13.67 -52.97 23.62
C LEU A 1550 -13.40 -52.66 22.17
N LEU A 1551 -14.40 -52.84 21.30
CA LEU A 1551 -14.20 -52.52 19.90
C LEU A 1551 -14.16 -51.03 19.66
N VAL A 1552 -14.97 -50.28 20.42
CA VAL A 1552 -14.96 -48.83 20.28
C VAL A 1552 -13.58 -48.27 20.58
N MET A 1553 -12.81 -48.96 21.43
CA MET A 1553 -11.40 -48.62 21.65
C MET A 1553 -10.46 -49.36 20.73
N GLU A 1554 -10.86 -50.51 20.20
CA GLU A 1554 -9.99 -51.27 19.31
C GLU A 1554 -9.80 -50.58 17.99
N MET A 1555 -10.80 -49.81 17.57
CA MET A 1555 -10.59 -48.92 16.44
C MET A 1555 -9.37 -48.04 16.65
N TYR A 1556 -9.13 -47.63 17.89
CA TYR A 1556 -8.12 -46.63 18.18
C TYR A 1556 -6.71 -47.16 18.07
N GLU A 1557 -6.54 -48.46 17.89
CA GLU A 1557 -5.19 -48.95 17.62
C GLU A 1557 -4.92 -48.99 16.13
N LEU A 1558 -5.88 -49.48 15.35
CA LEU A 1558 -5.76 -49.46 13.90
C LEU A 1558 -5.81 -48.06 13.33
N CYS A 1559 -6.25 -47.08 14.11
CA CYS A 1559 -6.19 -45.70 13.68
C CYS A 1559 -5.43 -44.90 14.73
N MET A 1560 -4.71 -43.89 14.27
CA MET A 1560 -3.91 -43.00 15.11
C MET A 1560 -2.73 -43.70 15.75
N PHE A 1561 -2.62 -45.02 15.62
CA PHE A 1561 -1.34 -45.68 15.90
C PHE A 1561 -0.84 -46.45 14.70
N PHE A 1562 -1.66 -47.33 14.15
CA PHE A 1562 -1.19 -48.40 13.27
C PHE A 1562 -1.50 -48.17 11.80
N ARG A 1563 -2.58 -47.44 11.49
CA ARG A 1563 -2.82 -46.83 10.18
C ARG A 1563 -2.89 -47.87 9.06
N ASN A 1564 -3.98 -48.63 9.10
CA ASN A 1564 -4.41 -49.52 8.02
C ASN A 1564 -5.89 -49.32 7.76
N TYR A 1565 -6.29 -48.07 7.57
CA TYR A 1565 -7.65 -47.56 7.67
C TYR A 1565 -8.74 -48.44 7.08
N LYS A 1566 -8.38 -49.24 6.07
CA LYS A 1566 -9.37 -50.11 5.43
C LYS A 1566 -9.99 -51.08 6.44
N GLU A 1567 -9.20 -51.58 7.39
CA GLU A 1567 -9.77 -52.40 8.44
C GLU A 1567 -10.55 -51.57 9.44
N ALA A 1568 -10.19 -50.30 9.62
CA ALA A 1568 -10.91 -49.45 10.55
C ALA A 1568 -12.35 -49.29 10.09
N GLU A 1569 -12.55 -49.03 8.80
CA GLU A 1569 -13.91 -48.94 8.29
C GLU A 1569 -14.67 -50.24 8.48
N ALA A 1570 -13.99 -51.38 8.41
CA ALA A 1570 -14.63 -52.68 8.56
C ALA A 1570 -15.03 -52.98 9.99
N LYS A 1571 -14.29 -52.48 10.96
CA LYS A 1571 -14.65 -52.74 12.35
C LYS A 1571 -15.61 -51.72 12.94
N LEU A 1572 -15.59 -50.47 12.48
CA LEU A 1572 -16.54 -49.53 13.04
C LEU A 1572 -17.98 -49.94 12.74
N LEU A 1573 -18.23 -50.43 11.52
CA LEU A 1573 -19.57 -50.88 11.19
C LEU A 1573 -19.97 -52.09 12.02
N GLU A 1574 -19.01 -52.98 12.30
CA GLU A 1574 -19.30 -54.10 13.19
C GLU A 1574 -19.69 -53.61 14.57
N PHE A 1575 -19.04 -52.54 15.03
CA PHE A 1575 -19.42 -51.94 16.30
C PHE A 1575 -20.86 -51.45 16.27
N GLN A 1576 -21.23 -50.75 15.19
CA GLN A 1576 -22.61 -50.26 15.08
C GLN A 1576 -23.60 -51.40 15.07
N LYS A 1577 -23.29 -52.45 14.30
CA LYS A 1577 -24.19 -53.58 14.22
C LYS A 1577 -24.36 -54.25 15.57
N SER A 1578 -23.27 -54.40 16.32
CA SER A 1578 -23.39 -55.03 17.63
C SER A 1578 -24.14 -54.15 18.61
N LEU A 1579 -23.92 -52.83 18.57
CA LEU A 1579 -24.66 -51.95 19.46
C LEU A 1579 -26.15 -52.03 19.18
N GLU A 1580 -26.53 -52.16 17.92
CA GLU A 1580 -27.95 -52.32 17.61
C GLU A 1580 -28.46 -53.69 18.02
N THR A 1581 -27.71 -54.74 17.71
CA THR A 1581 -28.19 -56.10 17.92
C THR A 1581 -28.34 -56.42 19.40
N LEU A 1582 -27.32 -56.15 20.20
CA LEU A 1582 -27.40 -56.46 21.62
C LEU A 1582 -28.47 -55.65 22.32
N ASN A 1583 -28.93 -54.54 21.73
CA ASN A 1583 -30.04 -53.80 22.31
C ASN A 1583 -31.36 -54.53 22.21
N THR A 1584 -31.43 -55.61 21.42
CA THR A 1584 -32.65 -56.40 21.29
C THR A 1584 -32.79 -57.38 22.44
N HIS A 1590 -29.42 -57.31 32.91
CA HIS A 1590 -28.79 -56.00 33.03
C HIS A 1590 -27.28 -56.10 32.90
N PRO A 1591 -26.68 -55.23 32.08
CA PRO A 1591 -25.22 -55.26 31.91
C PRO A 1591 -24.50 -54.80 33.16
N VAL A 1592 -23.18 -54.69 33.09
CA VAL A 1592 -22.38 -54.23 34.21
C VAL A 1592 -21.57 -52.98 33.88
N ILE A 1593 -21.80 -52.38 32.72
CA ILE A 1593 -21.15 -51.11 32.41
C ILE A 1593 -22.25 -50.10 32.13
N PRO A 1594 -23.34 -50.11 32.91
CA PRO A 1594 -24.34 -49.03 32.85
C PRO A 1594 -24.83 -48.68 31.47
N ALA A 1595 -25.32 -49.68 30.73
CA ALA A 1595 -26.10 -49.50 29.51
C ALA A 1595 -25.72 -48.26 28.73
N MET A 1596 -26.24 -47.09 29.14
CA MET A 1596 -26.02 -45.85 28.43
C MET A 1596 -24.63 -45.29 28.63
N TRP A 1597 -23.82 -45.89 29.51
CA TRP A 1597 -22.49 -45.36 29.76
C TRP A 1597 -21.63 -45.39 28.51
N LEU A 1598 -21.81 -46.38 27.65
CA LEU A 1598 -21.10 -46.44 26.39
C LEU A 1598 -21.34 -45.14 25.65
N GLU A 1599 -22.59 -44.91 25.24
CA GLU A 1599 -22.93 -43.73 24.45
C GLU A 1599 -22.57 -42.45 25.21
N ASP A 1600 -22.50 -42.52 26.52
CA ASP A 1600 -22.01 -41.38 27.28
C ASP A 1600 -20.56 -41.09 26.94
N GLN A 1601 -19.72 -42.13 26.84
CA GLN A 1601 -18.28 -41.89 26.82
C GLN A 1601 -17.60 -42.11 25.47
N VAL A 1602 -18.26 -42.75 24.52
CA VAL A 1602 -17.64 -42.93 23.20
C VAL A 1602 -17.38 -41.58 22.56
N CYS A 1603 -18.24 -40.61 22.84
CA CYS A 1603 -18.14 -39.28 22.24
C CYS A 1603 -16.90 -38.56 22.74
N PHE A 1604 -16.17 -39.16 23.67
CA PHE A 1604 -14.89 -38.59 24.05
C PHE A 1604 -13.73 -39.22 23.32
N LEU A 1605 -13.74 -40.55 23.16
CA LEU A 1605 -12.74 -41.19 22.30
C LEU A 1605 -12.78 -40.60 20.91
N LEU A 1606 -13.96 -40.19 20.44
CA LEU A 1606 -14.04 -39.66 19.09
C LEU A 1606 -13.28 -38.35 18.96
N LYS A 1607 -13.68 -37.33 19.72
CA LYS A 1607 -12.98 -36.06 19.62
C LYS A 1607 -11.53 -36.16 20.09
N LEU A 1608 -11.19 -37.20 20.85
CA LEU A 1608 -9.79 -37.41 21.20
C LEU A 1608 -9.01 -37.96 20.02
N MET A 1609 -9.58 -38.92 19.30
CA MET A 1609 -8.94 -39.43 18.09
C MET A 1609 -8.81 -38.34 17.05
N LEU A 1610 -9.69 -37.34 17.09
CA LEU A 1610 -9.67 -36.29 16.07
C LEU A 1610 -8.75 -35.13 16.44
N GLN A 1611 -8.92 -34.55 17.63
CA GLN A 1611 -8.16 -33.37 17.98
C GLN A 1611 -6.67 -33.64 18.01
N GLN A 1612 -6.27 -34.84 18.39
CA GLN A 1612 -4.88 -35.10 18.72
C GLN A 1612 -4.00 -35.33 17.50
N CYS A 1613 -4.60 -35.57 16.34
CA CYS A 1613 -3.79 -35.90 15.17
C CYS A 1613 -2.89 -34.73 14.79
N LYS A 1614 -1.70 -35.03 14.31
CA LYS A 1614 -0.69 -34.01 14.04
C LYS A 1614 -0.62 -33.62 12.57
N THR A 1615 -0.31 -34.58 11.69
CA THR A 1615 -0.15 -34.28 10.28
C THR A 1615 -1.47 -33.83 9.66
N GLN A 1616 -1.42 -32.77 8.85
CA GLN A 1616 -2.64 -32.20 8.30
C GLN A 1616 -3.30 -33.16 7.32
N TYR A 1617 -2.51 -33.75 6.42
CA TYR A 1617 -3.07 -34.76 5.55
C TYR A 1617 -3.46 -36.02 6.30
N GLU A 1618 -2.91 -36.22 7.50
CA GLU A 1618 -3.37 -37.34 8.30
C GLU A 1618 -4.82 -37.17 8.69
N LEU A 1619 -5.28 -35.92 8.78
CA LEU A 1619 -6.66 -35.67 9.20
C LEU A 1619 -7.65 -36.18 8.17
N GLY A 1620 -7.35 -35.95 6.90
CA GLY A 1620 -8.33 -36.17 5.86
C GLY A 1620 -8.85 -37.59 5.83
N LYS A 1621 -7.99 -38.56 6.12
CA LYS A 1621 -8.44 -39.93 6.02
C LYS A 1621 -9.47 -40.26 7.08
N LEU A 1622 -9.26 -39.82 8.32
CA LEU A 1622 -10.27 -40.05 9.36
C LEU A 1622 -11.55 -39.29 9.05
N LEU A 1623 -11.40 -38.04 8.60
CA LEU A 1623 -12.59 -37.22 8.37
C LEU A 1623 -13.42 -37.80 7.25
N GLN A 1624 -12.79 -38.50 6.31
CA GLN A 1624 -13.53 -39.17 5.26
C GLN A 1624 -14.01 -40.55 5.69
N LEU A 1625 -13.29 -41.22 6.59
CA LEU A 1625 -13.77 -42.48 7.12
C LEU A 1625 -15.12 -42.30 7.76
N PHE A 1626 -15.27 -41.24 8.54
CA PHE A 1626 -16.52 -41.05 9.28
C PHE A 1626 -17.69 -40.86 8.32
N VAL A 1627 -17.72 -39.72 7.64
CA VAL A 1627 -18.66 -39.41 6.56
C VAL A 1627 -20.06 -39.96 6.82
N GLU A 1628 -20.30 -41.19 6.38
CA GLU A 1628 -21.65 -41.74 6.41
C GLU A 1628 -22.18 -41.85 7.83
N ARG A 1629 -21.39 -42.42 8.73
CA ARG A 1629 -21.83 -42.63 10.12
C ARG A 1629 -21.73 -41.31 10.87
N GLU A 1630 -22.61 -40.38 10.50
CA GLU A 1630 -22.59 -39.03 11.06
C GLU A 1630 -23.51 -38.86 12.25
N HIS A 1631 -24.27 -39.89 12.62
CA HIS A 1631 -25.20 -39.77 13.74
C HIS A 1631 -24.49 -39.45 15.04
N LEU A 1632 -23.20 -39.72 15.11
CA LEU A 1632 -22.41 -39.51 16.31
C LEU A 1632 -21.82 -38.10 16.30
N PHE A 1633 -20.86 -37.84 17.18
CA PHE A 1633 -20.30 -36.51 17.40
C PHE A 1633 -21.41 -35.54 17.78
N SER A 1634 -22.02 -35.81 18.94
CA SER A 1634 -23.15 -35.03 19.41
C SER A 1634 -22.80 -33.55 19.46
N ASP A 1635 -21.71 -33.21 20.14
CA ASP A 1635 -21.16 -31.86 20.12
C ASP A 1635 -19.97 -31.74 19.20
N GLY A 1636 -19.69 -32.78 18.39
CA GLY A 1636 -18.53 -32.80 17.55
C GLY A 1636 -18.64 -31.81 16.41
N PRO A 1637 -17.51 -31.51 15.77
CA PRO A 1637 -17.54 -30.56 14.66
C PRO A 1637 -18.38 -31.09 13.51
N ASP A 1638 -18.97 -30.17 12.74
CA ASP A 1638 -19.82 -30.55 11.62
C ASP A 1638 -19.02 -31.35 10.60
N VAL A 1639 -19.34 -32.64 10.48
CA VAL A 1639 -18.52 -33.55 9.67
C VAL A 1639 -18.57 -33.14 8.20
N LYS A 1640 -19.75 -32.81 7.69
CA LYS A 1640 -19.92 -32.60 6.26
C LYS A 1640 -19.00 -31.51 5.73
N LYS A 1641 -19.19 -30.28 6.20
CA LYS A 1641 -18.37 -29.19 5.71
C LYS A 1641 -16.90 -29.44 6.00
N LEU A 1642 -16.59 -30.12 7.09
CA LEU A 1642 -15.20 -30.39 7.41
C LEU A 1642 -14.56 -31.27 6.35
N CYS A 1643 -15.21 -32.39 6.03
CA CYS A 1643 -14.64 -33.26 5.02
C CYS A 1643 -14.61 -32.58 3.67
N ILE A 1644 -15.56 -31.68 3.42
CA ILE A 1644 -15.56 -30.95 2.17
C ILE A 1644 -14.31 -30.09 2.06
N LEU A 1645 -14.02 -29.33 3.11
CA LEU A 1645 -12.80 -28.53 3.12
C LEU A 1645 -11.58 -29.42 3.00
N CYS A 1646 -11.60 -30.58 3.64
CA CYS A 1646 -10.47 -31.49 3.59
C CYS A 1646 -10.18 -31.90 2.16
N GLN A 1647 -11.19 -32.42 1.47
CA GLN A 1647 -11.00 -32.79 0.07
C GLN A 1647 -10.64 -31.57 -0.77
N ILE A 1648 -11.08 -30.39 -0.35
CA ILE A 1648 -10.86 -29.17 -1.12
C ILE A 1648 -9.40 -28.76 -1.15
N LEU A 1649 -8.57 -29.36 -0.32
CA LEU A 1649 -7.13 -29.11 -0.36
C LEU A 1649 -6.38 -30.44 -0.46
N LYS A 1650 -7.03 -31.44 -1.06
CA LYS A 1650 -6.50 -32.81 -1.04
C LYS A 1650 -5.08 -32.91 -1.55
N ASP A 1651 -4.51 -31.84 -2.11
CA ASP A 1651 -3.11 -31.87 -2.49
C ASP A 1651 -2.41 -30.54 -2.25
N THR A 1652 -3.06 -29.60 -1.57
CA THR A 1652 -2.46 -28.29 -1.35
C THR A 1652 -1.45 -28.36 -0.21
N SER A 1653 -0.59 -27.35 -0.16
CA SER A 1653 0.44 -27.29 0.87
C SER A 1653 -0.06 -26.69 2.18
N ILE A 1654 -1.25 -26.08 2.18
CA ILE A 1654 -1.77 -25.44 3.37
C ILE A 1654 -2.12 -26.50 4.39
N ALA A 1655 -2.44 -26.09 5.62
CA ALA A 1655 -2.86 -26.99 6.66
C ALA A 1655 -3.98 -26.34 7.46
N ILE A 1656 -4.84 -27.18 8.03
CA ILE A 1656 -5.94 -26.68 8.85
C ILE A 1656 -5.36 -26.11 10.14
N ASN A 1657 -6.19 -25.45 10.95
CA ASN A 1657 -5.72 -24.78 12.15
C ASN A 1657 -6.19 -25.41 13.45
N HIS A 1658 -7.11 -26.37 13.39
CA HIS A 1658 -7.66 -27.09 14.55
C HIS A 1658 -8.54 -26.19 15.39
N THR A 1659 -8.53 -24.88 15.10
CA THR A 1659 -9.39 -23.95 15.82
C THR A 1659 -10.85 -24.23 15.48
N ILE A 1660 -11.14 -24.50 14.21
CA ILE A 1660 -12.48 -24.96 13.85
C ILE A 1660 -12.71 -26.35 14.38
N ILE A 1661 -11.65 -27.15 14.50
CA ILE A 1661 -11.80 -28.54 14.90
C ILE A 1661 -12.33 -28.64 16.32
N THR A 1662 -11.70 -27.92 17.24
CA THR A 1662 -12.10 -28.00 18.64
C THR A 1662 -13.45 -27.32 18.86
N SER A 1663 -13.64 -26.14 18.29
CA SER A 1663 -14.85 -25.35 18.48
C SER A 1663 -15.33 -24.87 17.12
N TYR A 1664 -16.22 -25.63 16.49
CA TYR A 1664 -16.75 -25.29 15.18
C TYR A 1664 -18.03 -24.49 15.34
N SER A 1665 -18.14 -23.38 14.61
CA SER A 1665 -19.31 -22.52 14.68
C SER A 1665 -19.68 -22.06 13.28
N ILE A 1666 -20.94 -21.65 13.15
CA ILE A 1666 -21.44 -21.17 11.87
C ILE A 1666 -20.65 -19.95 11.41
N GLU A 1667 -20.25 -19.11 12.35
CA GLU A 1667 -19.49 -17.89 12.03
C GLU A 1667 -18.00 -18.02 12.25
N ASN A 1668 -17.58 -18.85 13.21
CA ASN A 1668 -16.15 -19.04 13.44
C ASN A 1668 -15.49 -19.65 12.22
N LEU A 1669 -16.22 -20.51 11.50
CA LEU A 1669 -15.67 -21.09 10.29
C LEU A 1669 -15.21 -20.00 9.33
N GLN A 1670 -16.03 -18.97 9.14
CA GLN A 1670 -15.66 -17.86 8.25
C GLN A 1670 -14.58 -16.99 8.87
N HIS A 1671 -14.71 -16.71 10.17
CA HIS A 1671 -13.70 -15.91 10.86
C HIS A 1671 -12.32 -16.54 10.73
N GLU A 1672 -12.28 -17.86 10.56
CA GLU A 1672 -11.02 -18.56 10.30
C GLU A 1672 -10.69 -18.59 8.82
N CYS A 1673 -11.63 -19.05 8.00
CA CYS A 1673 -11.36 -19.33 6.61
C CYS A 1673 -11.05 -18.08 5.80
N ARG A 1674 -11.33 -16.89 6.33
CA ARG A 1674 -10.90 -15.68 5.62
C ARG A 1674 -9.39 -15.71 5.40
N SER A 1675 -8.64 -16.12 6.43
CA SER A 1675 -7.20 -16.25 6.30
C SER A 1675 -6.84 -17.33 5.28
N ILE A 1676 -7.58 -18.44 5.27
CA ILE A 1676 -7.29 -19.51 4.31
C ILE A 1676 -7.48 -19.00 2.89
N LEU A 1677 -8.55 -18.25 2.67
CA LEU A 1677 -8.80 -17.68 1.35
C LEU A 1677 -7.69 -16.71 0.95
N GLU A 1678 -7.27 -15.86 1.88
CA GLU A 1678 -6.17 -14.95 1.57
C GLU A 1678 -4.90 -15.72 1.23
N ARG A 1679 -4.63 -16.79 1.98
CA ARG A 1679 -3.44 -17.60 1.73
C ARG A 1679 -3.48 -18.23 0.35
N LEU A 1680 -4.64 -18.76 -0.03
CA LEU A 1680 -4.80 -19.28 -1.38
C LEU A 1680 -4.61 -18.17 -2.41
N GLN A 1681 -5.11 -16.97 -2.10
CA GLN A 1681 -5.02 -15.85 -3.03
C GLN A 1681 -3.57 -15.44 -3.27
N THR A 1682 -2.73 -15.50 -2.24
CA THR A 1682 -1.34 -15.12 -2.39
C THR A 1682 -0.63 -15.99 -3.41
N ASP A 1683 -0.85 -17.31 -3.34
CA ASP A 1683 -0.11 -18.23 -4.19
C ASP A 1683 -0.55 -18.17 -5.64
N GLY A 1684 -1.79 -17.79 -5.91
CA GLY A 1684 -2.31 -17.73 -7.25
C GLY A 1684 -3.10 -18.95 -7.69
N GLN A 1685 -3.03 -20.05 -6.96
CA GLN A 1685 -3.78 -21.24 -7.35
C GLN A 1685 -5.27 -20.99 -7.15
N PHE A 1686 -5.80 -19.99 -7.85
CA PHE A 1686 -7.12 -19.47 -7.53
C PHE A 1686 -8.24 -20.47 -7.82
N ALA A 1687 -7.95 -21.55 -8.55
CA ALA A 1687 -9.02 -22.43 -8.99
C ALA A 1687 -9.75 -23.06 -7.82
N LEU A 1688 -8.99 -23.68 -6.90
CA LEU A 1688 -9.63 -24.30 -5.75
C LEU A 1688 -10.24 -23.28 -4.82
N ALA A 1689 -9.84 -22.01 -4.95
CA ALA A 1689 -10.35 -21.00 -4.03
C ALA A 1689 -11.85 -20.86 -4.16
N ARG A 1690 -12.37 -20.96 -5.37
CA ARG A 1690 -13.81 -20.86 -5.57
C ARG A 1690 -14.53 -21.95 -4.79
N ARG A 1691 -14.08 -23.19 -4.95
CA ARG A 1691 -14.71 -24.29 -4.23
C ARG A 1691 -14.60 -24.08 -2.73
N VAL A 1692 -13.45 -23.60 -2.26
CA VAL A 1692 -13.27 -23.40 -0.83
C VAL A 1692 -14.27 -22.38 -0.30
N ALA A 1693 -14.22 -21.17 -0.83
CA ALA A 1693 -15.12 -20.12 -0.38
C ALA A 1693 -16.58 -20.50 -0.61
N GLU A 1694 -16.85 -21.43 -1.53
CA GLU A 1694 -18.23 -21.85 -1.76
C GLU A 1694 -18.82 -22.47 -0.50
N LEU A 1695 -18.06 -23.34 0.16
CA LEU A 1695 -18.58 -23.99 1.35
C LEU A 1695 -18.96 -22.96 2.41
N ALA A 1696 -18.14 -21.93 2.56
CA ALA A 1696 -18.41 -20.91 3.56
C ALA A 1696 -19.64 -20.07 3.23
N GLU A 1697 -20.13 -20.14 1.99
CA GLU A 1697 -21.22 -19.28 1.55
C GLU A 1697 -20.88 -17.81 1.79
N LEU A 1698 -19.66 -17.44 1.49
CA LEU A 1698 -19.18 -16.07 1.61
C LEU A 1698 -19.23 -15.36 0.27
N PRO A 1699 -19.09 -14.03 0.27
CA PRO A 1699 -19.21 -13.28 -0.99
C PRO A 1699 -18.08 -13.61 -1.94
N VAL A 1700 -18.44 -14.16 -3.12
CA VAL A 1700 -17.45 -14.61 -4.09
C VAL A 1700 -16.88 -13.48 -4.92
N ASP A 1701 -17.18 -12.22 -4.57
CA ASP A 1701 -16.92 -11.11 -5.47
C ASP A 1701 -15.44 -10.94 -5.76
N ASN A 1702 -14.69 -10.43 -4.78
CA ASN A 1702 -13.38 -9.87 -5.06
C ASN A 1702 -12.41 -10.89 -5.63
N LEU A 1703 -12.71 -12.18 -5.49
CA LEU A 1703 -11.78 -13.20 -5.96
C LEU A 1703 -11.54 -13.09 -7.47
N VAL A 1704 -12.62 -12.90 -8.23
CA VAL A 1704 -12.47 -12.80 -9.67
C VAL A 1704 -11.64 -11.57 -10.03
N ILE A 1705 -11.95 -10.44 -9.38
CA ILE A 1705 -11.22 -9.21 -9.65
C ILE A 1705 -9.75 -9.41 -9.36
N LYS A 1706 -9.45 -10.13 -8.28
CA LYS A 1706 -8.05 -10.36 -7.93
C LYS A 1706 -7.38 -11.22 -8.98
N GLU A 1707 -8.06 -12.26 -9.45
CA GLU A 1707 -7.48 -13.06 -10.53
C GLU A 1707 -7.23 -12.19 -11.76
N ILE A 1708 -8.13 -11.24 -12.02
CA ILE A 1708 -7.99 -10.35 -13.17
C ILE A 1708 -6.75 -9.48 -13.01
N THR A 1709 -6.58 -8.91 -11.82
CA THR A 1709 -5.40 -8.10 -11.56
C THR A 1709 -4.14 -8.93 -11.70
N GLN A 1710 -4.18 -10.19 -11.25
CA GLN A 1710 -3.03 -11.06 -11.40
C GLN A 1710 -2.68 -11.27 -12.86
N GLU A 1711 -3.69 -11.50 -13.69
CA GLU A 1711 -3.46 -11.61 -15.12
C GLU A 1711 -2.88 -10.32 -15.68
N MET A 1712 -3.38 -9.17 -15.21
CA MET A 1712 -2.92 -7.89 -15.72
C MET A 1712 -1.44 -7.68 -15.41
N GLN A 1713 -1.04 -7.97 -14.18
CA GLN A 1713 0.37 -7.87 -13.82
C GLN A 1713 1.20 -8.88 -14.61
N THR A 1714 0.63 -10.06 -14.87
CA THR A 1714 1.33 -11.03 -15.69
C THR A 1714 1.59 -10.47 -17.09
N LEU A 1715 0.59 -9.82 -17.67
CA LEU A 1715 0.73 -9.25 -19.00
C LEU A 1715 1.74 -8.11 -19.00
N LYS A 1716 1.69 -7.25 -17.99
CA LYS A 1716 2.67 -6.17 -17.90
C LYS A 1716 4.07 -6.72 -17.77
N HIS A 1717 4.23 -7.83 -17.04
CA HIS A 1717 5.53 -8.51 -17.00
C HIS A 1717 5.93 -8.97 -18.39
N ILE A 1718 4.99 -9.55 -19.14
CA ILE A 1718 5.23 -9.82 -20.56
C ILE A 1718 5.16 -8.55 -21.39
N GLU A 1719 4.77 -7.43 -20.79
CA GLU A 1719 4.70 -6.13 -21.45
C GLU A 1719 3.78 -6.16 -22.67
N GLN A 1720 2.76 -7.01 -22.65
CA GLN A 1720 1.87 -7.12 -23.79
C GLN A 1720 0.88 -5.97 -23.90
N TRP A 1721 0.74 -5.14 -22.85
CA TRP A 1721 -0.23 -4.06 -22.91
C TRP A 1721 0.10 -3.06 -24.01
N SER A 1722 1.37 -2.97 -24.40
CA SER A 1722 1.75 -2.07 -25.49
C SER A 1722 1.20 -2.57 -26.82
N LEU A 1723 1.38 -3.85 -27.12
CA LEU A 1723 0.85 -4.42 -28.35
C LEU A 1723 -0.67 -4.36 -28.31
N LYS A 1724 -1.27 -3.74 -29.33
CA LYS A 1724 -2.70 -3.52 -29.31
C LYS A 1724 -3.48 -4.83 -29.31
N GLN A 1725 -3.01 -5.82 -30.07
CA GLN A 1725 -3.79 -7.05 -30.26
C GLN A 1725 -4.00 -7.77 -28.94
N ALA A 1726 -2.93 -8.01 -28.20
CA ALA A 1726 -3.08 -8.64 -26.91
C ALA A 1726 -3.93 -7.79 -25.98
N ARG A 1727 -3.80 -6.47 -26.05
CA ARG A 1727 -4.56 -5.60 -25.17
C ARG A 1727 -6.06 -5.79 -25.40
N ILE A 1728 -6.46 -5.76 -26.66
CA ILE A 1728 -7.87 -5.96 -26.99
C ILE A 1728 -8.31 -7.35 -26.57
N ASP A 1729 -7.48 -8.36 -26.85
CA ASP A 1729 -7.85 -9.72 -26.50
C ASP A 1729 -8.08 -9.84 -25.00
N PHE A 1730 -7.23 -9.20 -24.21
CA PHE A 1730 -7.39 -9.27 -22.76
C PHE A 1730 -8.64 -8.54 -22.31
N TRP A 1731 -8.85 -7.32 -22.82
CA TRP A 1731 -10.03 -6.58 -22.42
C TRP A 1731 -11.30 -7.30 -22.85
N LYS A 1732 -11.22 -8.16 -23.85
CA LYS A 1732 -12.40 -8.90 -24.29
C LYS A 1732 -12.60 -10.16 -23.46
N LYS A 1733 -11.54 -10.94 -23.28
CA LYS A 1733 -11.62 -12.10 -22.41
C LYS A 1733 -12.04 -11.70 -21.01
N CYS A 1734 -11.79 -10.45 -20.62
CA CYS A 1734 -12.30 -9.94 -19.36
C CYS A 1734 -13.81 -10.15 -19.26
N HIS A 1735 -14.56 -9.53 -20.17
CA HIS A 1735 -16.01 -9.71 -20.15
C HIS A 1735 -16.38 -11.16 -20.41
N GLU A 1736 -15.61 -11.84 -21.26
CA GLU A 1736 -15.91 -13.23 -21.58
C GLU A 1736 -15.96 -14.08 -20.32
N ASN A 1737 -14.90 -14.01 -19.51
CA ASN A 1737 -14.87 -14.74 -18.26
C ASN A 1737 -15.88 -14.19 -17.28
N PHE A 1738 -16.05 -12.86 -17.24
CA PHE A 1738 -16.96 -12.26 -16.29
C PHE A 1738 -18.37 -12.79 -16.48
N LYS A 1739 -18.75 -13.11 -17.71
CA LYS A 1739 -20.01 -13.79 -17.94
C LYS A 1739 -20.02 -15.14 -17.24
N LYS A 1740 -18.92 -15.88 -17.31
CA LYS A 1740 -18.86 -17.21 -16.71
C LYS A 1740 -18.99 -17.17 -15.19
N ASN A 1741 -18.83 -16.00 -14.58
CA ASN A 1741 -18.95 -15.88 -13.13
C ASN A 1741 -20.24 -15.23 -12.68
N SER A 1742 -20.96 -14.55 -13.58
CA SER A 1742 -22.25 -13.94 -13.26
C SER A 1742 -22.16 -13.04 -12.04
N ILE A 1743 -21.09 -12.26 -11.97
CA ILE A 1743 -20.91 -11.37 -10.83
C ILE A 1743 -22.00 -10.31 -10.82
N SER A 1744 -22.14 -9.65 -9.68
CA SER A 1744 -23.09 -8.55 -9.57
C SER A 1744 -22.66 -7.42 -10.49
N SER A 1745 -23.67 -6.68 -10.97
CA SER A 1745 -23.39 -5.63 -11.95
C SER A 1745 -22.43 -4.58 -11.40
N LYS A 1746 -22.70 -4.09 -10.18
CA LYS A 1746 -21.95 -2.96 -9.66
C LYS A 1746 -20.47 -3.27 -9.56
N ALA A 1747 -20.13 -4.51 -9.15
CA ALA A 1747 -18.73 -4.88 -9.06
C ALA A 1747 -18.05 -4.79 -10.42
N ALA A 1748 -18.72 -5.27 -11.46
CA ALA A 1748 -18.16 -5.16 -12.80
C ALA A 1748 -18.05 -3.71 -13.23
N SER A 1749 -19.06 -2.91 -12.91
CA SER A 1749 -19.01 -1.50 -13.24
C SER A 1749 -17.79 -0.86 -12.64
N SER A 1750 -17.52 -1.17 -11.38
CA SER A 1750 -16.32 -0.63 -10.73
C SER A 1750 -15.06 -1.17 -11.40
N PHE A 1751 -15.01 -2.47 -11.66
CA PHE A 1751 -13.82 -3.07 -12.26
C PHE A 1751 -13.50 -2.40 -13.57
N PHE A 1752 -14.53 -2.02 -14.32
CA PHE A 1752 -14.31 -1.28 -15.55
C PHE A 1752 -13.88 0.15 -15.24
N SER A 1753 -14.73 0.89 -14.55
CA SER A 1753 -14.53 2.32 -14.39
C SER A 1753 -13.18 2.64 -13.78
N THR A 1754 -12.64 1.75 -12.95
CA THR A 1754 -11.32 1.99 -12.36
C THR A 1754 -10.26 2.03 -13.44
N GLN A 1755 -10.19 1.00 -14.28
CA GLN A 1755 -9.25 1.03 -15.38
C GLN A 1755 -9.57 2.14 -16.36
N ALA A 1756 -10.86 2.50 -16.45
CA ALA A 1756 -11.28 3.57 -17.35
C ALA A 1756 -10.64 4.89 -16.93
N HIS A 1757 -10.81 5.26 -15.67
CA HIS A 1757 -10.13 6.44 -15.15
C HIS A 1757 -8.62 6.28 -15.26
N VAL A 1758 -8.12 5.06 -15.08
CA VAL A 1758 -6.71 4.80 -15.30
C VAL A 1758 -6.36 5.02 -16.76
N ALA A 1759 -7.24 4.61 -17.66
CA ALA A 1759 -7.04 4.84 -19.09
C ALA A 1759 -7.19 6.32 -19.43
N SER A 1767 -4.41 5.16 -29.71
CA SER A 1767 -5.41 4.18 -29.32
C SER A 1767 -5.94 4.47 -27.92
N SER A 1768 -5.29 5.42 -27.23
CA SER A 1768 -5.73 5.78 -25.89
C SER A 1768 -7.17 6.28 -25.90
N MET A 1769 -7.48 7.15 -26.85
CA MET A 1769 -8.89 7.52 -27.06
C MET A 1769 -9.68 6.32 -27.53
N GLU A 1770 -9.12 5.52 -28.43
CA GLU A 1770 -9.82 4.33 -28.91
C GLU A 1770 -10.04 3.34 -27.77
N GLU A 1771 -9.02 3.09 -26.97
CA GLU A 1771 -9.18 2.19 -25.83
C GLU A 1771 -10.19 2.74 -24.84
N ARG A 1772 -10.17 4.05 -24.63
CA ARG A 1772 -11.14 4.67 -23.74
C ARG A 1772 -12.55 4.45 -24.27
N HIS A 1773 -12.75 4.61 -25.56
CA HIS A 1773 -14.05 4.34 -26.15
C HIS A 1773 -14.43 2.88 -25.95
N LEU A 1774 -13.48 1.98 -26.13
CA LEU A 1774 -13.75 0.55 -25.98
C LEU A 1774 -14.24 0.25 -24.58
N LEU A 1775 -13.50 0.71 -23.57
CA LEU A 1775 -13.92 0.47 -22.20
C LEU A 1775 -15.24 1.16 -21.90
N LEU A 1776 -15.41 2.37 -22.40
CA LEU A 1776 -16.63 3.12 -22.12
C LEU A 1776 -17.84 2.38 -22.65
N THR A 1777 -17.73 1.88 -23.88
CA THR A 1777 -18.82 1.08 -24.44
C THR A 1777 -18.96 -0.23 -23.69
N LEU A 1778 -17.85 -0.79 -23.22
CA LEU A 1778 -17.91 -2.03 -22.46
C LEU A 1778 -18.70 -1.85 -21.18
N ALA A 1779 -18.62 -0.66 -20.58
CA ALA A 1779 -19.29 -0.41 -19.31
C ALA A 1779 -20.79 -0.65 -19.44
N GLY A 1780 -21.41 -0.02 -20.43
CA GLY A 1780 -22.83 -0.20 -20.62
C GLY A 1780 -23.23 -1.63 -20.91
N HIS A 1781 -22.32 -2.40 -21.52
CA HIS A 1781 -22.65 -3.78 -21.88
C HIS A 1781 -23.07 -4.55 -20.65
N TRP A 1782 -22.30 -4.44 -19.57
CA TRP A 1782 -22.73 -5.03 -18.33
C TRP A 1782 -23.86 -4.22 -17.70
N LEU A 1783 -23.73 -2.89 -17.74
CA LEU A 1783 -24.64 -2.03 -16.99
C LEU A 1783 -26.10 -2.29 -17.38
N ALA A 1784 -26.33 -2.68 -18.63
CA ALA A 1784 -27.69 -2.96 -19.06
C ALA A 1784 -28.25 -4.20 -18.37
N GLN A 1785 -27.39 -5.16 -18.06
CA GLN A 1785 -27.87 -6.40 -17.45
C GLN A 1785 -28.55 -6.14 -16.11
N GLU A 1786 -28.22 -5.04 -15.45
CA GLU A 1786 -28.82 -4.75 -14.15
C GLU A 1786 -30.32 -4.54 -14.29
N ASP A 1787 -31.05 -4.92 -13.23
CA ASP A 1787 -32.51 -4.86 -13.28
C ASP A 1787 -33.02 -3.43 -13.27
N VAL A 1788 -32.51 -2.61 -12.34
CA VAL A 1788 -32.96 -1.23 -12.24
C VAL A 1788 -31.82 -0.31 -12.68
N VAL A 1789 -31.81 0.04 -13.96
CA VAL A 1789 -30.69 0.78 -14.53
C VAL A 1789 -30.73 2.22 -14.01
N PRO A 1790 -29.68 2.67 -13.35
CA PRO A 1790 -29.63 4.09 -12.99
C PRO A 1790 -29.41 4.93 -14.24
N LEU A 1791 -30.49 5.17 -14.97
CA LEU A 1791 -30.39 5.79 -16.29
C LEU A 1791 -29.57 7.07 -16.24
N ASP A 1792 -29.75 7.88 -15.20
CA ASP A 1792 -28.96 9.10 -15.08
C ASP A 1792 -27.48 8.78 -14.90
N LYS A 1793 -27.16 7.72 -14.16
CA LYS A 1793 -25.75 7.38 -13.96
C LYS A 1793 -25.07 7.05 -15.27
N LEU A 1794 -25.73 6.28 -16.13
CA LEU A 1794 -25.19 6.00 -17.44
C LEU A 1794 -25.35 7.15 -18.40
N GLU A 1795 -26.14 8.16 -18.05
CA GLU A 1795 -26.23 9.34 -18.91
C GLU A 1795 -24.87 10.01 -19.05
N GLU A 1796 -24.16 10.15 -17.94
CA GLU A 1796 -22.79 10.65 -18.01
C GLU A 1796 -21.92 9.73 -18.85
N LEU A 1797 -22.17 8.41 -18.78
CA LEU A 1797 -21.39 7.47 -19.56
C LEU A 1797 -21.59 7.70 -21.05
N GLU A 1798 -22.84 7.89 -21.46
CA GLU A 1798 -23.13 8.15 -22.86
C GLU A 1798 -22.52 9.49 -23.28
N LYS A 1799 -22.63 10.50 -22.43
CA LYS A 1799 -22.02 11.79 -22.73
C LYS A 1799 -20.53 11.64 -22.94
N GLN A 1800 -19.88 10.88 -22.07
CA GLN A 1800 -18.45 10.65 -22.19
C GLN A 1800 -18.12 9.88 -23.45
N ILE A 1801 -18.95 8.91 -23.81
CA ILE A 1801 -18.70 8.13 -25.02
C ILE A 1801 -18.75 9.03 -26.25
N TRP A 1802 -19.78 9.86 -26.32
CA TRP A 1802 -19.91 10.79 -27.45
C TRP A 1802 -18.74 11.78 -27.46
N LEU A 1803 -18.36 12.28 -26.28
CA LEU A 1803 -17.25 13.20 -26.21
C LEU A 1803 -15.95 12.55 -26.67
N CYS A 1804 -15.76 11.29 -26.32
CA CYS A 1804 -14.58 10.56 -26.78
C CYS A 1804 -14.61 10.41 -28.29
N ARG A 1805 -15.79 10.14 -28.85
CA ARG A 1805 -15.91 10.10 -30.31
C ARG A 1805 -15.49 11.43 -30.91
N ILE A 1806 -15.95 12.53 -30.32
CA ILE A 1806 -15.64 13.86 -30.84
C ILE A 1806 -14.15 14.14 -30.72
N THR A 1807 -13.53 13.74 -29.60
CA THR A 1807 -12.10 13.95 -29.42
C THR A 1807 -11.30 13.14 -30.42
N GLN A 1808 -11.73 11.91 -30.69
CA GLN A 1808 -11.08 11.10 -31.70
C GLN A 1808 -11.18 11.77 -33.06
N HIS A 1809 -12.35 12.31 -33.39
CA HIS A 1809 -12.50 13.03 -34.65
C HIS A 1809 -11.57 14.25 -34.68
N THR A 1810 -11.48 14.97 -33.57
CA THR A 1810 -10.63 16.16 -33.53
C THR A 1810 -9.17 15.80 -33.73
N LEU A 1811 -8.71 14.73 -33.09
CA LEU A 1811 -7.33 14.29 -33.26
C LEU A 1811 -7.10 13.61 -34.60
N GLY A 1812 -8.16 13.24 -35.31
CA GLY A 1812 -8.03 12.58 -36.60
C GLY A 1812 -7.23 13.36 -37.62
N SER A 1833 -13.21 -7.18 -34.33
CA SER A 1833 -12.42 -5.97 -34.34
C SER A 1833 -12.88 -4.99 -33.25
N PHE A 1834 -12.10 -3.92 -33.06
CA PHE A 1834 -12.30 -3.03 -31.92
C PHE A 1834 -13.71 -2.44 -31.92
N ASP A 1835 -13.96 -1.48 -32.82
CA ASP A 1835 -15.30 -0.93 -32.93
C ASP A 1835 -16.31 -2.02 -33.25
N SER A 1836 -15.85 -3.10 -33.88
CA SER A 1836 -16.74 -4.21 -34.16
C SER A 1836 -17.27 -4.83 -32.87
N LEU A 1837 -16.37 -5.18 -31.96
CA LEU A 1837 -16.84 -5.71 -30.67
C LEU A 1837 -17.62 -4.66 -29.92
N ALA A 1838 -17.21 -3.40 -30.03
CA ALA A 1838 -17.92 -2.33 -29.34
C ALA A 1838 -19.38 -2.31 -29.73
N SER A 1839 -19.65 -2.26 -31.04
CA SER A 1839 -21.01 -2.39 -31.51
C SER A 1839 -21.61 -3.71 -31.07
N GLU A 1840 -20.79 -4.77 -31.01
CA GLU A 1840 -21.28 -6.08 -30.63
C GLU A 1840 -21.83 -6.09 -29.22
N PHE A 1841 -21.42 -5.15 -28.38
CA PHE A 1841 -22.05 -4.99 -27.08
C PHE A 1841 -22.58 -3.57 -26.87
N SER A 1842 -22.67 -2.78 -27.93
CA SER A 1842 -23.09 -1.40 -27.80
C SER A 1842 -24.57 -1.29 -27.47
N PHE A 1843 -24.90 -0.31 -26.62
CA PHE A 1843 -26.29 0.04 -26.35
C PHE A 1843 -26.58 1.48 -26.72
N SER A 1844 -25.90 2.00 -27.75
CA SER A 1844 -26.21 3.33 -28.24
C SER A 1844 -27.69 3.45 -28.55
N LYS A 1845 -28.29 2.37 -29.04
CA LYS A 1845 -29.73 2.29 -29.22
C LYS A 1845 -30.42 1.75 -27.99
N LEU A 1846 -29.93 2.06 -26.79
CA LEU A 1846 -30.60 1.61 -25.58
C LEU A 1846 -32.05 2.06 -25.62
N ALA A 1847 -32.95 1.13 -25.34
CA ALA A 1847 -34.38 1.36 -25.55
C ALA A 1847 -34.87 2.53 -24.74
N ALA A 1848 -34.88 2.40 -23.42
CA ALA A 1848 -35.35 3.48 -22.56
C ALA A 1848 -34.55 4.75 -22.77
N LEU A 1849 -33.31 4.63 -23.23
CA LEU A 1849 -32.54 5.82 -23.58
C LEU A 1849 -33.21 6.57 -24.72
N ASN A 1850 -33.94 5.86 -25.57
CA ASN A 1850 -34.64 6.48 -26.69
C ASN A 1850 -36.09 6.83 -26.33
N THR A 1851 -36.28 7.52 -25.22
CA THR A 1851 -37.63 7.81 -24.75
C THR A 1851 -38.29 8.86 -25.64
N SER A 1852 -39.63 8.82 -25.66
CA SER A 1852 -40.41 9.80 -26.42
C SER A 1852 -40.26 11.20 -25.84
N LYS A 1853 -40.23 11.31 -24.52
CA LYS A 1853 -40.06 12.62 -23.89
C LYS A 1853 -38.72 13.24 -24.24
N TYR A 1854 -37.77 12.45 -24.75
CA TYR A 1854 -36.56 13.02 -25.31
C TYR A 1854 -36.86 13.85 -26.55
N LEU A 1855 -38.08 13.74 -27.10
CA LEU A 1855 -38.54 14.57 -28.21
C LEU A 1855 -39.65 15.53 -27.78
N GLU A 1856 -39.53 16.12 -26.60
CA GLU A 1856 -40.56 16.99 -26.06
C GLU A 1856 -40.59 18.32 -26.82
N LEU A 1857 -41.50 19.20 -26.39
CA LEU A 1857 -41.71 20.46 -27.08
C LEU A 1857 -40.44 21.30 -27.10
N ASN A 1858 -39.73 21.35 -25.98
CA ASN A 1858 -38.45 22.05 -25.90
C ASN A 1858 -37.29 21.08 -25.74
N SER A 1859 -37.38 19.90 -26.37
CA SER A 1859 -36.37 18.87 -26.17
C SER A 1859 -34.99 19.38 -26.53
N LEU A 1860 -34.91 20.35 -27.41
CA LEU A 1860 -33.55 20.83 -27.58
C LEU A 1860 -33.39 22.19 -26.91
N PRO A 1861 -32.17 22.52 -26.47
CA PRO A 1861 -31.90 23.88 -26.00
C PRO A 1861 -32.13 24.87 -27.13
N SER A 1862 -32.65 26.04 -26.77
CA SER A 1862 -32.98 27.04 -27.78
C SER A 1862 -31.71 27.53 -28.47
N LYS A 1863 -31.93 28.34 -29.51
CA LYS A 1863 -30.79 28.94 -30.22
C LYS A 1863 -29.99 29.85 -29.29
N GLU A 1864 -30.68 30.67 -28.50
CA GLU A 1864 -29.99 31.47 -27.49
C GLU A 1864 -29.36 30.59 -26.42
N THR A 1865 -29.81 29.34 -26.29
CA THR A 1865 -29.19 28.38 -25.40
C THR A 1865 -27.97 27.71 -26.00
N CYS A 1866 -27.30 28.40 -26.93
CA CYS A 1866 -26.05 27.92 -27.51
C CYS A 1866 -24.93 28.21 -26.52
N GLU A 1867 -24.70 27.27 -25.60
CA GLU A 1867 -23.65 27.42 -24.60
C GLU A 1867 -22.28 27.40 -25.28
N ASN A 1868 -21.40 28.31 -24.87
CA ASN A 1868 -20.07 28.44 -25.48
C ASN A 1868 -19.07 27.53 -24.77
N ARG A 1869 -19.41 26.25 -24.70
CA ARG A 1869 -18.53 25.24 -24.14
C ARG A 1869 -17.75 24.48 -25.20
N LEU A 1870 -17.95 24.80 -26.47
CA LEU A 1870 -17.33 24.09 -27.57
C LEU A 1870 -15.98 24.69 -27.93
N ASP A 1871 -15.23 23.96 -28.74
CA ASP A 1871 -13.91 24.36 -29.20
C ASP A 1871 -13.98 24.88 -30.64
N TRP A 1872 -12.82 25.11 -31.24
CA TRP A 1872 -12.78 25.67 -32.59
C TRP A 1872 -13.33 24.69 -33.62
N LYS A 1873 -12.84 23.45 -33.61
CA LYS A 1873 -13.26 22.44 -34.57
C LYS A 1873 -14.10 21.33 -33.94
N GLU A 1874 -14.31 21.39 -32.63
CA GLU A 1874 -15.11 20.35 -31.97
C GLU A 1874 -16.54 20.36 -32.49
N GLN A 1875 -17.19 21.52 -32.46
CA GLN A 1875 -18.56 21.60 -32.97
C GLN A 1875 -18.60 21.29 -34.46
N GLU A 1876 -17.54 21.61 -35.18
CA GLU A 1876 -17.50 21.32 -36.61
C GLU A 1876 -17.51 19.82 -36.87
N SER A 1877 -16.61 19.09 -36.22
CA SER A 1877 -16.64 17.64 -36.36
C SER A 1877 -17.94 17.09 -35.80
N LEU A 1878 -18.51 17.75 -34.80
CA LEU A 1878 -19.79 17.32 -34.24
C LEU A 1878 -20.89 17.40 -35.29
N ASN A 1879 -20.92 18.50 -36.03
CA ASN A 1879 -21.86 18.60 -37.15
C ASN A 1879 -21.52 17.58 -38.23
N PHE A 1880 -20.24 17.29 -38.43
CA PHE A 1880 -19.86 16.29 -39.42
C PHE A 1880 -20.47 14.95 -39.10
N LEU A 1881 -20.29 14.47 -37.88
CA LEU A 1881 -20.91 13.23 -37.46
C LEU A 1881 -22.42 13.34 -37.44
N ILE A 1882 -22.95 14.48 -36.99
CA ILE A 1882 -24.39 14.68 -36.94
C ILE A 1882 -24.98 14.58 -38.32
N GLY A 1883 -24.16 14.85 -39.35
CA GLY A 1883 -24.62 14.63 -40.70
C GLY A 1883 -24.92 13.17 -40.97
N ARG A 1884 -24.02 12.28 -40.54
CA ARG A 1884 -24.31 10.86 -40.65
C ARG A 1884 -25.47 10.49 -39.75
N LEU A 1885 -25.61 11.18 -38.61
CA LEU A 1885 -26.71 10.92 -37.70
C LEU A 1885 -28.04 11.19 -38.39
N LEU A 1886 -28.18 12.36 -38.98
CA LEU A 1886 -29.38 12.67 -39.76
C LEU A 1886 -29.50 11.72 -40.94
N ASP A 1887 -28.37 11.30 -41.49
CA ASP A 1887 -28.38 10.19 -42.42
C ASP A 1887 -28.74 8.90 -41.71
N ASP A 1888 -28.23 8.71 -40.47
CA ASP A 1888 -28.62 7.54 -39.70
C ASP A 1888 -30.11 7.56 -39.40
N GLY A 1889 -30.64 8.71 -39.01
CA GLY A 1889 -32.06 8.86 -38.81
C GLY A 1889 -32.58 8.44 -37.46
N CYS A 1890 -31.72 8.15 -36.50
CA CYS A 1890 -32.18 7.81 -35.16
C CYS A 1890 -32.74 9.08 -34.52
N VAL A 1891 -34.06 9.21 -34.54
CA VAL A 1891 -34.69 10.46 -34.09
C VAL A 1891 -34.44 10.68 -32.61
N HIS A 1892 -34.69 9.66 -31.78
CA HIS A 1892 -34.56 9.82 -30.35
C HIS A 1892 -33.10 10.03 -29.94
N GLU A 1893 -32.18 9.28 -30.56
CA GLU A 1893 -30.79 9.30 -30.12
C GLU A 1893 -30.15 10.67 -30.33
N ALA A 1894 -30.44 11.31 -31.46
CA ALA A 1894 -29.86 12.63 -31.71
C ALA A 1894 -30.32 13.62 -30.65
N SER A 1895 -31.61 13.61 -30.33
CA SER A 1895 -32.12 14.51 -29.31
C SER A 1895 -31.49 14.23 -27.96
N ARG A 1896 -31.30 12.95 -27.63
CA ARG A 1896 -30.63 12.61 -26.39
C ARG A 1896 -29.21 13.17 -26.37
N VAL A 1897 -28.49 13.05 -27.49
CA VAL A 1897 -27.13 13.57 -27.55
C VAL A 1897 -27.14 15.08 -27.36
N CYS A 1898 -28.08 15.76 -28.02
CA CYS A 1898 -28.16 17.21 -27.92
C CYS A 1898 -28.45 17.64 -26.50
N ARG A 1899 -29.42 16.99 -25.86
CA ARG A 1899 -29.68 17.27 -24.46
C ARG A 1899 -28.43 17.04 -23.63
N TYR A 1900 -27.70 15.97 -23.91
CA TYR A 1900 -26.44 15.73 -23.22
C TYR A 1900 -25.39 16.76 -23.61
N PHE A 1901 -25.19 16.98 -24.90
CA PHE A 1901 -24.11 17.83 -25.35
C PHE A 1901 -24.45 19.31 -25.30
N HIS A 1902 -25.72 19.67 -25.33
CA HIS A 1902 -26.16 21.07 -25.34
C HIS A 1902 -25.50 21.83 -26.48
N PHE A 1903 -25.82 21.39 -27.70
CA PHE A 1903 -25.33 22.00 -28.92
C PHE A 1903 -26.51 22.48 -29.75
N TYR A 1904 -26.45 23.72 -30.22
CA TYR A 1904 -27.56 24.37 -30.91
C TYR A 1904 -27.34 24.40 -32.42
N ASN A 1905 -27.33 23.22 -33.04
CA ASN A 1905 -27.32 23.19 -34.50
C ASN A 1905 -28.72 23.52 -34.98
N PRO A 1906 -28.92 24.68 -35.61
CA PRO A 1906 -30.27 25.02 -36.09
C PRO A 1906 -30.83 23.97 -37.03
N ASP A 1907 -29.95 23.23 -37.70
CA ASP A 1907 -30.41 22.04 -38.42
C ASP A 1907 -31.20 21.15 -37.48
N VAL A 1908 -30.63 20.86 -36.33
CA VAL A 1908 -31.37 20.09 -35.34
C VAL A 1908 -32.60 20.87 -34.89
N ALA A 1909 -32.54 22.20 -34.91
CA ALA A 1909 -33.70 22.96 -34.47
C ALA A 1909 -34.90 22.70 -35.38
N LEU A 1910 -34.69 22.81 -36.69
CA LEU A 1910 -35.75 22.46 -37.61
C LEU A 1910 -36.08 20.98 -37.50
N VAL A 1911 -35.09 20.16 -37.16
CA VAL A 1911 -35.34 18.72 -37.06
C VAL A 1911 -36.35 18.44 -35.97
N LEU A 1912 -36.14 19.07 -34.81
CA LEU A 1912 -37.09 18.93 -33.71
C LEU A 1912 -38.41 19.59 -34.05
N HIS A 1913 -38.36 20.66 -34.85
CA HIS A 1913 -39.60 21.25 -35.34
C HIS A 1913 -40.43 20.21 -36.09
N CYS A 1914 -39.80 19.55 -37.05
CA CYS A 1914 -40.50 18.61 -37.93
C CYS A 1914 -40.88 17.31 -37.25
N ARG A 1915 -40.06 16.83 -36.32
CA ARG A 1915 -40.33 15.53 -35.71
C ARG A 1915 -41.70 15.49 -35.06
N ALA A 1916 -42.07 16.58 -34.38
CA ALA A 1916 -43.40 16.72 -33.80
C ALA A 1916 -44.38 17.39 -34.76
N LEU A 1917 -43.89 18.22 -35.68
CA LEU A 1917 -44.78 18.79 -36.68
C LEU A 1917 -45.42 17.70 -37.52
N ALA A 1918 -44.81 16.52 -37.55
CA ALA A 1918 -45.46 15.38 -38.17
C ALA A 1918 -46.88 15.20 -37.65
N SER A 1919 -47.09 15.44 -36.36
CA SER A 1919 -48.42 15.54 -35.81
C SER A 1919 -48.92 16.97 -35.78
N GLY A 1920 -48.07 17.94 -36.04
CA GLY A 1920 -48.48 19.33 -35.93
C GLY A 1920 -48.96 19.68 -34.54
N GLU A 1921 -48.31 19.13 -33.52
CA GLU A 1921 -48.79 19.21 -32.13
C GLU A 1921 -48.71 20.62 -31.55
N ALA A 1922 -48.04 21.55 -32.22
CA ALA A 1922 -47.91 22.91 -31.73
C ALA A 1922 -48.37 23.89 -32.80
N SER A 1923 -48.87 25.04 -32.35
CA SER A 1923 -49.30 26.07 -33.27
C SER A 1923 -48.11 26.66 -34.01
N MET A 1924 -48.35 27.07 -35.25
CA MET A 1924 -47.26 27.59 -36.08
C MET A 1924 -46.64 28.82 -35.45
N GLU A 1925 -47.46 29.73 -34.93
CA GLU A 1925 -46.91 30.87 -34.20
C GLU A 1925 -46.22 30.44 -32.92
N ASP A 1926 -46.62 29.30 -32.36
CA ASP A 1926 -46.09 28.86 -31.07
C ASP A 1926 -44.67 28.33 -31.15
N LEU A 1927 -44.12 28.15 -32.34
CA LEU A 1927 -42.79 27.58 -32.48
C LEU A 1927 -41.73 28.63 -32.16
N HIS A 1928 -40.47 28.25 -32.33
CA HIS A 1928 -39.36 29.10 -31.93
C HIS A 1928 -39.28 30.35 -32.80
N PRO A 1929 -38.59 31.39 -32.33
CA PRO A 1929 -38.51 32.62 -33.13
C PRO A 1929 -37.97 32.39 -34.52
N GLU A 1930 -37.01 31.48 -34.68
CA GLU A 1930 -36.58 31.03 -35.99
C GLU A 1930 -37.44 29.89 -36.53
N ILE A 1931 -38.28 29.29 -35.69
CA ILE A 1931 -39.09 28.16 -36.13
C ILE A 1931 -40.57 28.48 -36.22
N HIS A 1932 -41.01 29.61 -35.66
CA HIS A 1932 -42.42 29.99 -35.79
C HIS A 1932 -42.77 30.41 -37.20
N ALA A 1933 -41.78 30.70 -38.03
CA ALA A 1933 -42.02 31.14 -39.40
C ALA A 1933 -41.56 30.09 -40.40
N GLU A 1972 -53.80 22.87 -45.83
CA GLU A 1972 -52.40 23.06 -46.20
C GLU A 1972 -51.49 22.18 -45.36
N VAL A 1973 -51.56 20.87 -45.59
CA VAL A 1973 -50.71 19.93 -44.87
C VAL A 1973 -49.25 20.12 -45.28
N VAL A 1974 -49.01 20.39 -46.56
CA VAL A 1974 -47.66 20.45 -47.09
C VAL A 1974 -47.03 21.81 -46.79
N THR A 1975 -47.81 22.70 -46.17
CA THR A 1975 -47.23 23.97 -45.74
C THR A 1975 -46.00 23.73 -44.89
N ASN A 1976 -46.08 22.76 -43.98
CA ASN A 1976 -44.91 22.41 -43.16
C ASN A 1976 -43.88 21.62 -43.96
N LEU A 1977 -44.34 20.74 -44.86
CA LEU A 1977 -43.42 19.92 -45.65
C LEU A 1977 -42.59 20.75 -46.62
N GLU A 1978 -42.95 22.01 -46.83
CA GLU A 1978 -42.21 22.86 -47.75
C GLU A 1978 -42.00 24.31 -47.30
N VAL A 1979 -42.31 24.67 -46.05
CA VAL A 1979 -42.05 26.04 -45.62
C VAL A 1979 -40.54 26.33 -45.64
N LEU A 1980 -39.74 25.40 -45.13
CA LEU A 1980 -38.28 25.52 -45.20
C LEU A 1980 -37.66 24.17 -45.51
N THR A 1981 -38.34 23.34 -46.30
CA THR A 1981 -37.88 21.97 -46.54
C THR A 1981 -36.46 21.95 -47.06
N SER A 1982 -36.16 22.79 -48.04
CA SER A 1982 -34.81 22.82 -48.60
C SER A 1982 -33.80 23.43 -47.64
N LYS A 1983 -34.26 24.14 -46.62
CA LYS A 1983 -33.32 24.78 -45.71
C LYS A 1983 -32.43 23.77 -45.01
N CYS A 1984 -32.85 22.51 -44.96
CA CYS A 1984 -32.02 21.47 -44.36
C CYS A 1984 -30.83 21.17 -45.25
N LEU A 1985 -29.71 21.85 -45.01
CA LEU A 1985 -28.52 21.63 -45.82
C LEU A 1985 -28.08 20.17 -45.75
N HIS A 1986 -28.14 19.59 -44.58
CA HIS A 1986 -28.00 18.15 -44.39
C HIS A 1986 -29.34 17.59 -43.92
N GLY A 1987 -29.40 16.27 -43.82
CA GLY A 1987 -30.58 15.63 -43.26
C GLY A 1987 -31.86 15.90 -44.01
N LYS A 1988 -31.78 16.21 -45.30
CA LYS A 1988 -32.99 16.44 -46.07
C LYS A 1988 -33.90 15.22 -46.11
N ASN A 1989 -33.33 14.02 -45.95
CA ASN A 1989 -34.15 12.81 -45.94
C ASN A 1989 -35.18 12.86 -44.84
N TYR A 1990 -34.89 13.57 -43.75
CA TYR A 1990 -35.88 13.74 -42.70
C TYR A 1990 -37.11 14.45 -43.23
N CYS A 1991 -36.92 15.60 -43.90
CA CYS A 1991 -38.05 16.31 -44.46
C CYS A 1991 -38.70 15.50 -45.56
N ARG A 1992 -37.92 14.66 -46.25
CA ARG A 1992 -38.49 13.79 -47.28
C ARG A 1992 -39.48 12.79 -46.68
N GLN A 1993 -39.05 12.08 -45.65
CA GLN A 1993 -39.97 11.19 -44.96
C GLN A 1993 -41.11 11.97 -44.32
N VAL A 1994 -40.85 13.21 -43.92
CA VAL A 1994 -41.90 14.05 -43.32
C VAL A 1994 -43.00 14.30 -44.33
N LEU A 1995 -42.63 14.75 -45.52
CA LEU A 1995 -43.61 14.93 -46.58
C LEU A 1995 -44.26 13.61 -46.96
N CYS A 1996 -43.52 12.51 -46.92
CA CYS A 1996 -44.10 11.21 -47.24
C CYS A 1996 -45.23 10.88 -46.28
N LEU A 1997 -44.99 11.07 -44.99
CA LEU A 1997 -46.03 10.85 -43.99
C LEU A 1997 -47.17 11.82 -44.20
N TYR A 1998 -46.87 13.08 -44.54
CA TYR A 1998 -47.93 14.06 -44.74
C TYR A 1998 -48.87 13.62 -45.85
N ASP A 1999 -48.29 13.22 -46.99
CA ASP A 1999 -49.11 12.76 -48.11
C ASP A 1999 -49.87 11.49 -47.76
N LEU A 2000 -49.22 10.56 -47.07
CA LEU A 2000 -49.89 9.33 -46.68
C LEU A 2000 -51.08 9.61 -45.79
N ALA A 2001 -50.90 10.48 -44.80
CA ALA A 2001 -51.98 10.81 -43.88
C ALA A 2001 -53.12 11.51 -44.62
N LYS A 2002 -52.77 12.47 -45.48
CA LYS A 2002 -53.81 13.16 -46.23
C LYS A 2002 -54.59 12.21 -47.11
N GLU A 2003 -53.93 11.18 -47.63
CA GLU A 2003 -54.60 10.25 -48.56
C GLU A 2003 -55.45 9.24 -47.81
N LEU A 2004 -54.83 8.45 -46.94
CA LEU A 2004 -55.57 7.37 -46.27
C LEU A 2004 -56.65 7.93 -45.35
N GLY A 2005 -56.39 9.05 -44.69
CA GLY A 2005 -57.36 9.62 -43.78
C GLY A 2005 -57.25 9.07 -42.38
N CYS A 2006 -56.05 9.16 -41.79
CA CYS A 2006 -55.82 8.71 -40.42
C CYS A 2006 -54.88 9.67 -39.74
N SER A 2007 -54.91 9.67 -38.41
CA SER A 2007 -54.06 10.54 -37.63
C SER A 2007 -52.59 10.19 -37.82
N TYR A 2008 -51.72 11.06 -37.32
CA TYR A 2008 -50.29 10.81 -37.43
C TYR A 2008 -49.89 9.55 -36.68
N THR A 2009 -50.47 9.34 -35.49
CA THR A 2009 -50.09 8.20 -34.67
C THR A 2009 -50.46 6.87 -35.34
N ASP A 2010 -51.70 6.77 -35.85
CA ASP A 2010 -52.13 5.53 -36.47
C ASP A 2010 -51.28 5.21 -37.69
N VAL A 2011 -50.98 6.21 -38.50
CA VAL A 2011 -50.18 5.99 -39.70
C VAL A 2011 -48.75 5.58 -39.32
N ALA A 2012 -48.16 6.26 -38.35
CA ALA A 2012 -46.76 6.04 -38.01
C ALA A 2012 -46.50 4.65 -37.43
N ALA A 2013 -47.54 3.92 -37.04
CA ALA A 2013 -47.38 2.59 -36.47
C ALA A 2013 -47.34 1.48 -37.50
N GLN A 2014 -47.97 1.68 -38.65
CA GLN A 2014 -48.00 0.63 -39.67
C GLN A 2014 -46.60 0.38 -40.23
N ASP A 2015 -46.36 -0.86 -40.61
CA ASP A 2015 -45.05 -1.23 -41.15
C ASP A 2015 -44.82 -0.59 -42.51
N GLY A 2016 -43.55 -0.35 -42.83
CA GLY A 2016 -43.23 0.25 -44.10
C GLY A 2016 -43.65 -0.62 -45.27
N GLU A 2017 -43.33 -1.92 -45.19
CA GLU A 2017 -43.71 -2.84 -46.25
C GLU A 2017 -45.24 -2.93 -46.36
N ALA A 2018 -45.92 -2.97 -45.22
CA ALA A 2018 -47.37 -3.04 -45.24
C ALA A 2018 -47.97 -1.78 -45.85
N MET A 2019 -47.46 -0.61 -45.46
CA MET A 2019 -47.97 0.63 -46.02
C MET A 2019 -47.73 0.69 -47.52
N LEU A 2020 -46.54 0.25 -47.96
CA LEU A 2020 -46.26 0.23 -49.38
C LEU A 2020 -47.22 -0.69 -50.11
N ARG A 2021 -47.49 -1.88 -49.56
CA ARG A 2021 -48.41 -2.79 -50.19
C ARG A 2021 -49.81 -2.18 -50.26
N LYS A 2022 -50.20 -1.48 -49.20
CA LYS A 2022 -51.48 -0.78 -49.22
C LYS A 2022 -51.53 0.23 -50.35
N ILE A 2023 -50.42 0.94 -50.56
CA ILE A 2023 -50.35 1.85 -51.70
C ILE A 2023 -50.46 1.06 -53.00
N LEU A 2024 -49.93 -0.16 -53.02
CA LEU A 2024 -49.92 -0.95 -54.25
C LEU A 2024 -51.33 -1.23 -54.74
N ALA A 2025 -52.24 -1.58 -53.83
CA ALA A 2025 -53.61 -1.84 -54.24
C ALA A 2025 -54.35 -0.59 -54.66
N SER A 2026 -53.78 0.59 -54.42
CA SER A 2026 -54.47 1.84 -54.74
C SER A 2026 -54.63 1.99 -56.24
N GLN A 2027 -55.82 2.39 -56.67
CA GLN A 2027 -56.16 2.55 -58.08
C GLN A 2027 -56.59 3.98 -58.39
N GLN A 2028 -56.17 4.94 -57.57
CA GLN A 2028 -56.53 6.33 -57.81
C GLN A 2028 -55.85 6.83 -59.08
N PRO A 2029 -56.47 7.80 -59.76
CA PRO A 2029 -55.95 8.18 -61.08
C PRO A 2029 -54.53 8.74 -61.05
N ASP A 2030 -54.22 9.61 -60.09
CA ASP A 2030 -52.94 10.29 -60.04
C ASP A 2030 -52.06 9.82 -58.88
N ARG A 2031 -52.53 8.84 -58.12
CA ARG A 2031 -51.76 8.38 -56.97
C ARG A 2031 -50.51 7.61 -57.36
N CYS A 2032 -50.33 7.27 -58.65
CA CYS A 2032 -49.18 6.50 -59.06
C CYS A 2032 -47.88 7.26 -58.83
N LYS A 2033 -47.82 8.51 -59.31
CA LYS A 2033 -46.60 9.30 -59.15
C LYS A 2033 -46.32 9.60 -57.68
N ARG A 2034 -47.36 10.00 -56.95
CA ARG A 2034 -47.18 10.27 -55.53
C ARG A 2034 -46.72 9.02 -54.79
N ALA A 2035 -47.29 7.87 -55.13
CA ALA A 2035 -46.93 6.63 -54.48
C ALA A 2035 -45.49 6.25 -54.79
N GLN A 2036 -45.09 6.37 -56.05
CA GLN A 2036 -43.71 6.09 -56.41
C GLN A 2036 -42.77 7.03 -55.66
N ALA A 2037 -43.17 8.30 -55.54
CA ALA A 2037 -42.38 9.24 -54.77
C ALA A 2037 -42.24 8.77 -53.33
N PHE A 2038 -43.34 8.34 -52.73
CA PHE A 2038 -43.28 7.85 -51.36
C PHE A 2038 -42.42 6.59 -51.26
N ILE A 2039 -42.42 5.78 -52.32
CA ILE A 2039 -41.60 4.57 -52.33
C ILE A 2039 -40.13 4.94 -52.35
N SER A 2040 -39.77 5.96 -53.12
CA SER A 2040 -38.44 6.52 -53.01
C SER A 2040 -38.20 7.05 -51.61
N THR A 2041 -39.21 7.67 -51.02
CA THR A 2041 -39.05 8.29 -49.71
C THR A 2041 -38.74 7.26 -48.64
N GLN A 2042 -39.42 6.12 -48.68
CA GLN A 2042 -39.19 5.09 -47.68
C GLN A 2042 -37.77 4.56 -47.76
N GLY A 2043 -37.29 4.29 -48.98
CA GLY A 2043 -35.93 3.85 -49.19
C GLY A 2043 -35.54 2.60 -48.43
N LEU A 2044 -36.51 1.74 -48.12
CA LEU A 2044 -36.24 0.57 -47.29
C LEU A 2044 -35.29 -0.42 -47.98
N LYS A 2045 -35.72 -1.02 -49.08
CA LYS A 2045 -34.95 -2.08 -49.71
C LYS A 2045 -35.50 -2.39 -51.09
N PRO A 2046 -34.63 -2.60 -52.08
CA PRO A 2046 -35.14 -2.86 -53.44
C PRO A 2046 -35.89 -4.17 -53.57
N ASP A 2047 -35.37 -5.25 -52.96
CA ASP A 2047 -35.97 -6.56 -53.16
C ASP A 2047 -37.40 -6.61 -52.63
N THR A 2048 -37.64 -5.99 -51.48
CA THR A 2048 -39.01 -5.91 -50.98
C THR A 2048 -39.90 -5.14 -51.95
N VAL A 2049 -39.35 -4.09 -52.56
CA VAL A 2049 -40.11 -3.35 -53.55
C VAL A 2049 -40.50 -4.24 -54.71
N ALA A 2050 -39.55 -5.05 -55.19
CA ALA A 2050 -39.83 -5.95 -56.30
C ALA A 2050 -40.89 -6.98 -55.93
N GLU A 2051 -40.81 -7.52 -54.72
CA GLU A 2051 -41.83 -8.45 -54.27
C GLU A 2051 -43.20 -7.79 -54.24
N LEU A 2052 -43.27 -6.57 -53.71
CA LEU A 2052 -44.53 -5.84 -53.68
C LEU A 2052 -45.04 -5.60 -55.09
N VAL A 2053 -44.14 -5.29 -56.01
CA VAL A 2053 -44.55 -5.02 -57.38
C VAL A 2053 -45.14 -6.27 -58.01
N ALA A 2054 -44.47 -7.40 -57.83
CA ALA A 2054 -44.98 -8.64 -58.41
C ALA A 2054 -46.33 -8.99 -57.82
N GLU A 2055 -46.49 -8.79 -56.51
CA GLU A 2055 -47.77 -9.04 -55.87
C GLU A 2055 -48.86 -8.13 -56.42
N GLU A 2056 -48.54 -6.85 -56.63
CA GLU A 2056 -49.52 -5.93 -57.17
C GLU A 2056 -49.93 -6.32 -58.58
N VAL A 2057 -48.95 -6.73 -59.39
CA VAL A 2057 -49.25 -7.16 -60.74
C VAL A 2057 -50.17 -8.36 -60.72
N THR A 2058 -49.86 -9.33 -59.86
CA THR A 2058 -50.71 -10.51 -59.75
C THR A 2058 -52.11 -10.14 -59.30
N ARG A 2059 -52.23 -9.22 -58.34
CA ARG A 2059 -53.53 -8.83 -57.84
C ARG A 2059 -54.35 -8.15 -58.92
N GLU A 2060 -53.72 -7.25 -59.69
CA GLU A 2060 -54.43 -6.59 -60.77
C GLU A 2060 -54.87 -7.60 -61.83
N LEU A 2061 -54.01 -8.56 -62.15
CA LEU A 2061 -54.39 -9.58 -63.12
C LEU A 2061 -55.55 -10.43 -62.61
N LEU A 2062 -55.52 -10.79 -61.33
CA LEU A 2062 -56.61 -11.57 -60.75
C LEU A 2062 -57.91 -10.79 -60.78
N THR A 2063 -57.85 -9.49 -60.49
CA THR A 2063 -59.03 -8.66 -60.63
C THR A 2063 -59.54 -8.69 -62.06
N SER A 2064 -58.63 -8.56 -63.03
CA SER A 2064 -59.01 -8.57 -64.43
C SER A 2064 -59.51 -9.94 -64.88
N SER A 2065 -59.25 -10.99 -64.12
CA SER A 2065 -59.63 -12.34 -64.52
C SER A 2065 -61.14 -12.49 -64.61
N ASN A 2075 -58.45 -1.82 -75.27
CA ASN A 2075 -58.01 -2.73 -76.32
C ASN A 2075 -56.76 -3.48 -75.91
N PRO A 2076 -56.44 -4.55 -76.63
CA PRO A 2076 -55.21 -5.30 -76.32
C PRO A 2076 -53.96 -4.46 -76.40
N THR A 2077 -53.90 -3.51 -77.33
CA THR A 2077 -52.77 -2.59 -77.38
C THR A 2077 -52.88 -1.47 -76.36
N GLU A 2078 -54.05 -1.30 -75.75
CA GLU A 2078 -54.25 -0.20 -74.81
C GLU A 2078 -53.73 -0.53 -73.41
N GLU A 2079 -54.00 -1.74 -72.92
CA GLU A 2079 -53.57 -2.12 -71.58
C GLU A 2079 -52.07 -2.37 -71.49
N SER A 2080 -51.35 -2.32 -72.61
CA SER A 2080 -49.91 -2.48 -72.56
C SER A 2080 -49.28 -1.40 -71.69
N GLN A 2081 -49.77 -0.16 -71.80
CA GLN A 2081 -49.26 0.91 -70.96
C GLN A 2081 -49.63 0.70 -69.51
N THR A 2082 -50.87 0.30 -69.24
CA THR A 2082 -51.27 0.01 -67.87
C THR A 2082 -50.32 -1.01 -67.26
N PHE A 2083 -49.93 -2.01 -68.05
CA PHE A 2083 -48.95 -2.98 -67.58
C PHE A 2083 -47.61 -2.31 -67.31
N LEU A 2084 -47.05 -1.68 -68.33
CA LEU A 2084 -45.66 -1.24 -68.25
C LEU A 2084 -45.46 -0.21 -67.15
N GLN A 2085 -46.38 0.75 -67.02
CA GLN A 2085 -46.17 1.84 -66.08
C GLN A 2085 -46.00 1.33 -64.66
N LEU A 2086 -46.53 0.13 -64.37
CA LEU A 2086 -46.26 -0.49 -63.09
C LEU A 2086 -44.80 -0.88 -62.97
N THR A 2087 -44.27 -1.58 -63.98
CA THR A 2087 -42.87 -1.97 -63.94
C THR A 2087 -41.97 -0.76 -63.90
N THR A 2088 -42.45 0.36 -64.41
CA THR A 2088 -41.68 1.59 -64.37
C THR A 2088 -41.29 1.96 -62.95
N LEU A 2089 -42.11 1.58 -61.97
CA LEU A 2089 -41.83 1.93 -60.59
C LEU A 2089 -40.51 1.36 -60.11
N CYS A 2090 -40.00 0.32 -60.75
CA CYS A 2090 -38.80 -0.35 -60.28
C CYS A 2090 -37.58 0.55 -60.46
N GLN A 2091 -36.49 0.16 -59.79
CA GLN A 2091 -35.22 0.86 -59.95
C GLN A 2091 -34.46 0.35 -61.18
N ASP A 2092 -34.07 -0.93 -61.15
CA ASP A 2092 -33.43 -1.58 -62.28
C ASP A 2092 -34.25 -2.82 -62.61
N ARG A 2093 -34.71 -2.91 -63.85
CA ARG A 2093 -35.80 -3.82 -64.16
C ARG A 2093 -35.43 -5.30 -64.01
N THR A 2094 -34.14 -5.64 -63.89
CA THR A 2094 -33.75 -7.05 -63.89
C THR A 2094 -34.30 -7.78 -62.68
N LEU A 2095 -34.18 -7.17 -61.50
CA LEU A 2095 -34.73 -7.79 -60.30
C LEU A 2095 -36.24 -7.92 -60.41
N VAL A 2096 -36.89 -6.93 -61.02
CA VAL A 2096 -38.33 -7.03 -61.24
C VAL A 2096 -38.64 -8.21 -62.15
N GLY A 2097 -37.81 -8.42 -63.17
CA GLY A 2097 -38.03 -9.56 -64.03
C GLY A 2097 -37.90 -10.86 -63.28
N MET A 2098 -36.90 -10.95 -62.41
CA MET A 2098 -36.75 -12.14 -61.58
C MET A 2098 -37.99 -12.35 -60.73
N LYS A 2099 -38.47 -11.28 -60.11
CA LYS A 2099 -39.65 -11.39 -59.26
C LYS A 2099 -40.88 -11.81 -60.05
N LEU A 2100 -41.07 -11.23 -61.23
CA LEU A 2100 -42.21 -11.59 -62.06
C LEU A 2100 -42.13 -13.04 -62.51
N LEU A 2101 -40.93 -13.50 -62.88
CA LEU A 2101 -40.77 -14.90 -63.26
C LEU A 2101 -41.10 -15.82 -62.09
N ASP A 2102 -40.65 -15.46 -60.89
CA ASP A 2102 -40.99 -16.25 -59.72
C ASP A 2102 -42.48 -16.26 -59.43
N LYS A 2103 -43.14 -15.10 -59.57
CA LYS A 2103 -44.57 -15.01 -59.28
C LYS A 2103 -45.41 -15.67 -60.36
N ILE A 2104 -44.84 -15.90 -61.55
CA ILE A 2104 -45.60 -16.55 -62.61
C ILE A 2104 -46.08 -17.93 -62.18
N SER A 2105 -45.36 -18.59 -61.26
CA SER A 2105 -45.78 -19.91 -60.80
C SER A 2105 -47.04 -19.85 -59.95
N SER A 2106 -47.47 -18.66 -59.55
CA SER A 2106 -48.66 -18.50 -58.71
C SER A 2106 -49.95 -18.50 -59.51
N VAL A 2107 -49.94 -19.07 -60.72
CA VAL A 2107 -51.14 -19.06 -61.57
C VAL A 2107 -52.27 -19.81 -60.87
N PRO A 2108 -53.49 -19.29 -60.86
CA PRO A 2108 -54.59 -19.98 -60.18
C PRO A 2108 -55.11 -21.15 -61.01
N HIS A 2109 -55.98 -21.92 -60.36
CA HIS A 2109 -56.59 -23.07 -61.02
C HIS A 2109 -57.44 -22.61 -62.20
N GLY A 2110 -56.99 -22.94 -63.40
CA GLY A 2110 -57.67 -22.49 -64.60
C GLY A 2110 -57.32 -21.09 -65.04
N GLU A 2111 -56.35 -20.45 -64.40
CA GLU A 2111 -55.95 -19.09 -64.72
C GLU A 2111 -55.25 -19.11 -66.08
N LEU A 2112 -55.99 -18.72 -67.12
CA LEU A 2112 -55.48 -18.73 -68.49
C LEU A 2112 -55.42 -17.34 -69.10
N SER A 2113 -56.51 -16.58 -69.06
CA SER A 2113 -56.55 -15.29 -69.76
C SER A 2113 -55.58 -14.29 -69.13
N CYS A 2114 -55.65 -14.12 -67.80
CA CYS A 2114 -54.73 -13.22 -67.13
C CYS A 2114 -53.30 -13.72 -67.22
N THR A 2115 -53.11 -15.03 -67.03
CA THR A 2115 -51.77 -15.60 -67.08
C THR A 2115 -51.14 -15.42 -68.46
N THR A 2116 -51.96 -15.32 -69.50
CA THR A 2116 -51.41 -15.04 -70.82
C THR A 2116 -50.69 -13.71 -70.84
N GLU A 2117 -51.35 -12.65 -70.37
CA GLU A 2117 -50.68 -11.36 -70.28
C GLU A 2117 -49.50 -11.44 -69.32
N LEU A 2118 -49.66 -12.22 -68.24
CA LEU A 2118 -48.57 -12.35 -67.26
C LEU A 2118 -47.32 -12.90 -67.93
N LEU A 2119 -47.45 -14.01 -68.64
CA LEU A 2119 -46.32 -14.56 -69.37
C LEU A 2119 -45.83 -13.58 -70.42
N ILE A 2120 -46.75 -12.85 -71.06
CA ILE A 2120 -46.37 -11.90 -72.08
C ILE A 2120 -45.43 -10.85 -71.52
N LEU A 2121 -45.71 -10.41 -70.29
CA LEU A 2121 -44.89 -9.37 -69.69
C LEU A 2121 -43.46 -9.81 -69.49
N ALA A 2122 -43.23 -11.12 -69.37
CA ALA A 2122 -41.89 -11.61 -69.09
C ALA A 2122 -40.91 -11.24 -70.19
N HIS A 2123 -41.31 -11.41 -71.45
CA HIS A 2123 -40.43 -11.02 -72.55
C HIS A 2123 -40.24 -9.50 -72.58
N HIS A 2124 -41.34 -8.75 -72.45
CA HIS A 2124 -41.25 -7.30 -72.48
C HIS A 2124 -40.30 -6.79 -71.41
N CYS A 2125 -40.15 -7.55 -70.34
CA CYS A 2125 -39.18 -7.18 -69.31
C CYS A 2125 -37.77 -7.63 -69.69
N PHE A 2126 -37.60 -8.93 -69.96
CA PHE A 2126 -36.25 -9.48 -70.08
C PHE A 2126 -35.54 -8.99 -71.34
N THR A 2127 -36.28 -8.59 -72.37
CA THR A 2127 -35.66 -8.25 -73.63
C THR A 2127 -34.90 -6.93 -73.56
N LEU A 2128 -35.49 -5.91 -72.95
CA LEU A 2128 -34.90 -4.57 -73.00
C LEU A 2128 -33.51 -4.52 -72.36
N THR A 2129 -33.19 -5.47 -71.49
CA THR A 2129 -31.89 -5.52 -70.85
C THR A 2129 -31.02 -6.66 -71.35
N CYS A 2130 -31.61 -7.67 -71.97
CA CYS A 2130 -30.88 -8.74 -72.62
C CYS A 2130 -30.02 -9.55 -71.68
N HIS A 2131 -30.63 -10.22 -70.70
CA HIS A 2131 -29.97 -11.28 -69.96
C HIS A 2131 -30.28 -12.57 -70.69
N MET A 2132 -29.28 -13.10 -71.39
CA MET A 2132 -29.52 -14.18 -72.34
C MET A 2132 -30.07 -15.43 -71.66
N GLU A 2133 -29.51 -15.80 -70.51
CA GLU A 2133 -30.01 -16.95 -69.79
C GLU A 2133 -31.45 -16.74 -69.34
N GLY A 2134 -31.77 -15.53 -68.87
CA GLY A 2134 -33.14 -15.25 -68.49
C GLY A 2134 -34.09 -15.43 -69.65
N ILE A 2135 -33.73 -14.90 -70.81
CA ILE A 2135 -34.57 -15.07 -71.99
C ILE A 2135 -34.65 -16.54 -72.36
N ILE A 2136 -33.58 -17.30 -72.11
CA ILE A 2136 -33.60 -18.72 -72.45
C ILE A 2136 -34.64 -19.44 -71.61
N ARG A 2137 -34.58 -19.23 -70.29
CA ARG A 2137 -35.59 -19.81 -69.43
C ARG A 2137 -36.97 -19.29 -69.79
N VAL A 2138 -37.05 -18.04 -70.28
CA VAL A 2138 -38.32 -17.48 -70.70
C VAL A 2138 -38.87 -18.22 -71.90
N LEU A 2139 -38.01 -18.51 -72.87
CA LEU A 2139 -38.43 -19.27 -74.04
C LEU A 2139 -38.87 -20.66 -73.64
N GLN A 2140 -38.14 -21.28 -72.71
CA GLN A 2140 -38.59 -22.55 -72.17
C GLN A 2140 -39.98 -22.40 -71.56
N ALA A 2141 -40.20 -21.32 -70.84
CA ALA A 2141 -41.50 -21.07 -70.24
C ALA A 2141 -42.57 -20.92 -71.31
N ALA A 2142 -42.23 -20.27 -72.42
CA ALA A 2142 -43.21 -20.06 -73.48
C ALA A 2142 -43.59 -21.39 -74.13
N HIS A 2143 -42.59 -22.23 -74.42
CA HIS A 2143 -42.89 -23.54 -74.97
C HIS A 2143 -43.73 -24.34 -73.99
N MET A 2144 -43.43 -24.22 -72.69
CA MET A 2144 -44.19 -24.93 -71.68
C MET A 2144 -45.63 -24.43 -71.62
N LEU A 2145 -45.82 -23.11 -71.75
CA LEU A 2145 -47.18 -22.57 -71.78
C LEU A 2145 -47.93 -23.07 -73.00
N THR A 2146 -47.24 -23.16 -74.14
CA THR A 2146 -47.88 -23.70 -75.34
C THR A 2146 -48.28 -25.15 -75.15
N ASP A 2147 -47.41 -25.96 -74.56
CA ASP A 2147 -47.64 -27.41 -74.54
C ASP A 2147 -48.50 -27.83 -73.36
N ASN A 2148 -48.06 -27.51 -72.14
CA ASN A 2148 -48.73 -28.00 -70.94
C ASN A 2148 -50.16 -27.46 -70.84
N HIS A 2149 -50.37 -26.20 -71.18
CA HIS A 2149 -51.67 -25.56 -71.02
C HIS A 2149 -52.33 -25.22 -72.34
N LEU A 2150 -51.65 -24.47 -73.21
CA LEU A 2150 -52.30 -23.97 -74.43
C LEU A 2150 -52.72 -25.12 -75.34
N ALA A 2151 -51.88 -26.15 -75.46
CA ALA A 2151 -52.26 -27.31 -76.25
C ALA A 2151 -53.55 -27.95 -75.73
N PRO A 2152 -53.73 -28.13 -74.42
CA PRO A 2152 -55.05 -28.57 -73.94
C PRO A 2152 -56.09 -27.47 -73.92
N SER A 2153 -55.68 -26.20 -73.91
CA SER A 2153 -56.63 -25.08 -73.86
C SER A 2153 -57.28 -24.81 -75.20
N GLU A 2154 -56.58 -25.04 -76.31
CA GLU A 2154 -57.09 -24.82 -77.65
C GLU A 2154 -57.52 -23.37 -77.88
N GLU A 2155 -57.02 -22.44 -77.07
CA GLU A 2155 -57.38 -21.04 -77.20
C GLU A 2155 -56.65 -20.48 -78.41
N TYR A 2156 -57.31 -20.54 -79.57
CA TYR A 2156 -56.67 -20.14 -80.81
C TYR A 2156 -56.30 -18.65 -80.80
N GLY A 2157 -57.22 -17.80 -80.38
CA GLY A 2157 -56.95 -16.36 -80.39
C GLY A 2157 -55.86 -15.96 -79.41
N LEU A 2158 -55.91 -16.50 -78.19
CA LEU A 2158 -54.88 -16.20 -77.20
C LEU A 2158 -53.52 -16.69 -77.67
N VAL A 2159 -53.48 -17.89 -78.26
CA VAL A 2159 -52.22 -18.40 -78.79
C VAL A 2159 -51.71 -17.51 -79.90
N VAL A 2160 -52.61 -17.03 -80.75
CA VAL A 2160 -52.19 -16.16 -81.86
C VAL A 2160 -51.59 -14.88 -81.32
N ARG A 2161 -52.26 -14.27 -80.34
CA ARG A 2161 -51.73 -13.04 -79.74
C ARG A 2161 -50.38 -13.31 -79.10
N LEU A 2162 -50.25 -14.44 -78.40
CA LEU A 2162 -48.97 -14.78 -77.79
C LEU A 2162 -47.89 -14.95 -78.85
N LEU A 2163 -48.22 -15.62 -79.96
CA LEU A 2163 -47.25 -15.80 -81.01
C LEU A 2163 -46.84 -14.47 -81.61
N THR A 2164 -47.80 -13.56 -81.74
CA THR A 2164 -47.49 -12.20 -82.16
C THR A 2164 -46.53 -11.56 -81.17
N GLY A 2165 -46.78 -11.74 -79.89
CA GLY A 2165 -45.93 -11.23 -78.84
C GLY A 2165 -44.74 -12.08 -78.54
N ILE A 2166 -44.41 -13.03 -79.41
CA ILE A 2166 -43.28 -13.91 -79.16
C ILE A 2166 -42.00 -13.11 -79.02
N GLY A 2167 -41.92 -12.00 -79.75
CA GLY A 2167 -40.68 -11.25 -79.72
C GLY A 2167 -39.64 -12.01 -80.49
N ARG A 2168 -39.21 -13.14 -79.96
CA ARG A 2168 -38.42 -14.07 -80.77
C ARG A 2168 -39.32 -14.93 -81.62
N TYR A 2169 -40.26 -14.28 -82.32
CA TYR A 2169 -41.09 -15.01 -83.27
C TYR A 2169 -40.26 -15.59 -84.39
N ASN A 2170 -39.01 -15.14 -84.50
CA ASN A 2170 -38.06 -15.81 -85.38
C ASN A 2170 -37.84 -17.26 -84.95
N GLU A 2171 -38.20 -17.61 -83.73
CA GLU A 2171 -37.95 -18.92 -83.15
C GLU A 2171 -39.25 -19.60 -82.72
N MET A 2172 -40.26 -19.57 -83.57
CA MET A 2172 -41.60 -20.07 -83.26
C MET A 2172 -41.90 -21.39 -83.94
N THR A 2173 -40.93 -22.31 -84.02
CA THR A 2173 -41.12 -23.56 -84.73
C THR A 2173 -42.15 -24.47 -84.06
N TYR A 2174 -42.42 -24.28 -82.76
CA TYR A 2174 -43.35 -25.17 -82.07
C TYR A 2174 -44.78 -25.06 -82.60
N ILE A 2175 -45.14 -23.94 -83.22
CA ILE A 2175 -46.49 -23.77 -83.74
C ILE A 2175 -46.47 -23.31 -85.19
N PHE A 2176 -45.27 -23.21 -85.78
CA PHE A 2176 -45.14 -22.67 -87.12
C PHE A 2176 -45.94 -23.48 -88.13
N ASP A 2177 -45.74 -24.79 -88.14
CA ASP A 2177 -46.57 -25.66 -88.97
C ASP A 2177 -47.94 -25.89 -88.36
N LEU A 2178 -48.09 -25.64 -87.06
CA LEU A 2178 -49.39 -25.82 -86.42
C LEU A 2178 -50.41 -24.84 -86.98
N LEU A 2179 -50.02 -23.58 -87.17
CA LEU A 2179 -50.96 -22.58 -87.68
C LEU A 2179 -51.55 -23.01 -89.02
N HIS A 2180 -50.68 -23.46 -89.93
CA HIS A 2180 -51.17 -24.04 -91.18
C HIS A 2180 -52.03 -25.27 -90.90
N LYS A 2181 -51.60 -26.12 -89.97
CA LYS A 2181 -52.41 -27.26 -89.60
C LYS A 2181 -53.63 -26.85 -88.79
N LYS A 2182 -53.57 -25.71 -88.09
CA LYS A 2182 -54.71 -25.17 -87.35
C LYS A 2182 -55.55 -24.23 -88.20
N HIS A 2183 -55.48 -24.37 -89.52
CA HIS A 2183 -56.31 -23.59 -90.45
C HIS A 2183 -56.06 -22.10 -90.29
N TYR A 2184 -54.87 -21.74 -89.85
CA TYR A 2184 -54.48 -20.34 -89.77
C TYR A 2184 -53.76 -19.88 -91.04
N PHE A 2185 -53.50 -20.80 -91.98
CA PHE A 2185 -52.71 -20.46 -93.16
C PHE A 2185 -53.39 -19.36 -93.96
N GLU A 2186 -54.66 -19.56 -94.32
CA GLU A 2186 -55.43 -18.47 -94.88
C GLU A 2186 -55.85 -17.48 -93.81
N VAL A 2187 -56.07 -17.96 -92.58
CA VAL A 2187 -56.39 -17.07 -91.48
C VAL A 2187 -55.22 -16.19 -91.13
N LEU A 2188 -54.02 -16.51 -91.63
CA LEU A 2188 -52.87 -15.64 -91.47
C LEU A 2188 -53.05 -14.31 -92.18
N MET A 2189 -54.03 -14.21 -93.07
CA MET A 2189 -54.33 -12.97 -93.78
C MET A 2189 -55.25 -12.05 -93.00
N ARG A 2190 -55.34 -12.21 -91.68
CA ARG A 2190 -56.18 -11.34 -90.87
C ARG A 2190 -55.69 -9.90 -90.95
N LYS A 2191 -56.63 -8.97 -91.15
CA LYS A 2191 -56.31 -7.56 -91.29
C LYS A 2191 -56.23 -6.90 -89.91
N LYS A 2192 -55.64 -5.72 -89.87
CA LYS A 2192 -55.42 -4.92 -88.67
C LYS A 2192 -54.54 -5.62 -87.65
N LEU A 2193 -53.91 -6.74 -88.03
CA LEU A 2193 -53.02 -7.48 -87.13
C LEU A 2193 -51.56 -7.18 -87.39
N ASP A 2194 -51.25 -6.19 -88.23
CA ASP A 2194 -49.87 -5.82 -88.56
C ASP A 2194 -49.72 -4.32 -88.39
N PRO A 2195 -49.82 -3.82 -87.15
CA PRO A 2195 -49.64 -2.38 -86.92
C PRO A 2195 -48.27 -1.88 -87.35
N SER A 2196 -47.23 -2.68 -87.16
CA SER A 2196 -45.90 -2.35 -87.65
C SER A 2196 -45.57 -3.04 -88.98
N GLY A 2197 -46.46 -3.91 -89.47
CA GLY A 2197 -46.24 -4.61 -90.71
C GLY A 2197 -45.36 -5.83 -90.61
N THR A 2198 -44.85 -6.15 -89.42
CA THR A 2198 -43.95 -7.27 -89.27
C THR A 2198 -44.65 -8.62 -89.34
N LEU A 2199 -45.94 -8.68 -88.99
CA LEU A 2199 -46.65 -9.95 -89.04
C LEU A 2199 -46.75 -10.47 -90.47
N LYS A 2200 -47.06 -9.58 -91.41
CA LYS A 2200 -47.10 -10.00 -92.82
C LYS A 2200 -45.71 -10.37 -93.33
N THR A 2201 -44.68 -9.66 -92.86
CA THR A 2201 -43.32 -10.02 -93.25
C THR A 2201 -42.95 -11.41 -92.76
N ALA A 2202 -43.28 -11.71 -91.50
CA ALA A 2202 -43.05 -13.06 -90.98
C ALA A 2202 -43.89 -14.07 -91.73
N LEU A 2203 -45.09 -13.70 -92.15
CA LEU A 2203 -45.91 -14.58 -92.97
C LEU A 2203 -45.20 -14.88 -94.29
N LEU A 2204 -44.60 -13.86 -94.90
CA LEU A 2204 -43.85 -14.08 -96.13
C LEU A 2204 -42.64 -14.97 -95.87
N ASP A 2205 -41.96 -14.75 -94.74
CA ASP A 2205 -40.82 -15.60 -94.39
C ASP A 2205 -41.26 -17.05 -94.23
N TYR A 2206 -42.41 -17.27 -93.59
CA TYR A 2206 -42.94 -18.61 -93.42
C TYR A 2206 -43.32 -19.22 -94.76
N ILE A 2207 -43.91 -18.42 -95.66
CA ILE A 2207 -44.24 -18.91 -96.99
C ILE A 2207 -42.97 -19.31 -97.73
N LYS A 2208 -41.87 -18.59 -97.50
CA LYS A 2208 -40.62 -18.93 -98.14
C LYS A 2208 -40.00 -20.20 -97.57
N ARG A 2209 -39.99 -20.34 -96.25
CA ARG A 2209 -39.25 -21.42 -95.59
C ARG A 2209 -40.15 -22.55 -95.10
N CYS A 2210 -41.08 -22.26 -94.18
CA CYS A 2210 -41.82 -23.32 -93.51
C CYS A 2210 -42.74 -24.06 -94.48
N ARG A 2211 -43.48 -23.32 -95.31
CA ARG A 2211 -44.48 -23.90 -96.20
C ARG A 2211 -44.29 -23.37 -97.62
N PRO A 2212 -43.30 -23.89 -98.36
CA PRO A 2212 -43.12 -23.48 -99.76
C PRO A 2212 -43.89 -24.37 -100.73
N GLY A 2213 -44.63 -23.76 -101.66
CA GLY A 2213 -45.31 -24.52 -102.70
C GLY A 2213 -46.74 -24.09 -102.95
N ASP A 2214 -47.44 -23.67 -101.89
CA ASP A 2214 -48.83 -23.24 -102.00
C ASP A 2214 -48.84 -21.73 -102.19
N SER A 2215 -48.80 -21.31 -103.47
CA SER A 2215 -48.75 -19.89 -103.79
C SER A 2215 -50.04 -19.16 -103.46
N GLU A 2216 -51.13 -19.88 -103.18
CA GLU A 2216 -52.37 -19.21 -102.82
C GLU A 2216 -52.24 -18.49 -101.48
N LYS A 2217 -51.75 -19.18 -100.45
CA LYS A 2217 -51.49 -18.52 -99.18
C LYS A 2217 -50.40 -17.47 -99.34
N HIS A 2218 -49.50 -17.67 -100.32
CA HIS A 2218 -48.49 -16.65 -100.60
C HIS A 2218 -49.12 -15.35 -101.07
N ASN A 2219 -50.07 -15.46 -102.01
CA ASN A 2219 -50.77 -14.27 -102.48
C ASN A 2219 -51.64 -13.68 -101.38
N MET A 2220 -52.23 -14.53 -100.54
CA MET A 2220 -53.02 -14.03 -99.42
C MET A 2220 -52.16 -13.22 -98.46
N ILE A 2221 -50.95 -13.71 -98.17
CA ILE A 2221 -50.04 -12.97 -97.30
C ILE A 2221 -49.57 -11.69 -97.98
N MET A 2227 -41.71 -13.35 -101.33
CA MET A 2227 -41.07 -12.53 -102.34
C MET A 2227 -41.60 -12.84 -103.74
N CYS A 2228 -42.24 -11.85 -104.37
CA CYS A 2228 -42.64 -12.03 -105.77
C CYS A 2228 -41.43 -12.20 -106.67
N ARG A 2229 -40.26 -11.76 -106.22
CA ARG A 2229 -39.03 -12.04 -106.94
C ARG A 2229 -38.68 -13.54 -106.86
N GLU A 2230 -38.96 -14.16 -105.71
CA GLU A 2230 -38.77 -15.60 -105.61
C GLU A 2230 -39.68 -16.35 -106.58
N ILE A 2231 -40.93 -15.91 -106.69
CA ILE A 2231 -41.86 -16.53 -107.63
C ILE A 2231 -41.38 -16.32 -109.07
N GLY A 2232 -40.93 -15.11 -109.39
CA GLY A 2232 -40.41 -14.85 -110.72
C GLY A 2232 -39.20 -15.72 -111.04
N GLU A 2233 -38.28 -15.87 -110.09
CA GLU A 2233 -37.11 -16.70 -110.31
C GLU A 2233 -37.50 -18.17 -110.49
N ASN A 2234 -38.45 -18.66 -109.69
CA ASN A 2234 -38.88 -20.05 -109.84
C ASN A 2234 -39.54 -20.29 -111.20
N HIS A 2235 -40.41 -19.37 -111.63
CA HIS A 2235 -41.04 -19.52 -112.93
C HIS A 2235 -40.02 -19.43 -114.06
N GLU A 2236 -39.03 -18.53 -113.93
CA GLU A 2236 -37.98 -18.44 -114.94
C GLU A 2236 -37.16 -19.73 -114.98
N ALA A 2237 -36.87 -20.32 -113.82
CA ALA A 2237 -36.12 -21.57 -113.79
C ALA A 2237 -36.92 -22.70 -114.45
N ALA A 2238 -38.23 -22.76 -114.19
CA ALA A 2238 -39.05 -23.77 -114.84
C ALA A 2238 -39.08 -23.58 -116.35
N ALA A 2239 -39.21 -22.32 -116.80
CA ALA A 2239 -39.20 -22.05 -118.24
C ALA A 2239 -37.86 -22.41 -118.87
N ARG A 2240 -36.75 -22.10 -118.19
CA ARG A 2240 -35.44 -22.45 -118.70
C ARG A 2240 -35.25 -23.97 -118.76
N ILE A 2241 -35.74 -24.69 -117.76
CA ILE A 2241 -35.67 -26.14 -117.78
C ILE A 2241 -36.47 -26.70 -118.94
N GLN A 2242 -37.68 -26.17 -119.16
CA GLN A 2242 -38.48 -26.61 -120.29
C GLN A 2242 -37.79 -26.31 -121.61
N LEU A 2243 -37.17 -25.14 -121.73
CA LEU A 2243 -36.47 -24.77 -122.96
C LEU A 2243 -35.26 -25.68 -123.20
N LYS A 2244 -34.51 -26.00 -122.14
CA LYS A 2244 -33.32 -26.83 -122.27
C LYS A 2244 -33.65 -28.31 -122.48
N LEU A 2245 -34.82 -28.76 -122.04
CA LEU A 2245 -35.19 -30.15 -122.26
C LEU A 2245 -35.28 -30.48 -123.74
N ILE A 2246 -35.84 -29.56 -124.54
CA ILE A 2246 -35.88 -29.76 -125.98
C ILE A 2246 -34.48 -29.75 -126.57
N GLU A 2247 -33.63 -28.83 -126.12
CA GLU A 2247 -32.28 -28.72 -126.66
C GLU A 2247 -31.40 -29.89 -126.22
N SER A 2248 -31.81 -30.65 -125.21
CA SER A 2248 -31.01 -31.80 -124.77
C SER A 2248 -30.93 -32.89 -125.83
N GLN A 2249 -31.84 -32.92 -126.78
CA GLN A 2249 -31.89 -33.90 -127.86
C GLN A 2249 -31.51 -33.25 -129.18
N PRO A 2250 -31.11 -34.06 -130.17
CA PRO A 2250 -30.74 -33.49 -131.47
C PRO A 2250 -31.94 -32.88 -132.19
N TRP A 2251 -31.64 -31.90 -133.04
CA TRP A 2251 -32.71 -31.23 -133.79
C TRP A 2251 -33.42 -32.20 -134.71
N GLU A 2252 -32.69 -33.09 -135.38
CA GLU A 2252 -33.31 -34.08 -136.25
C GLU A 2252 -34.19 -35.04 -135.48
N ASP A 2253 -33.75 -35.48 -134.30
CA ASP A 2253 -34.56 -36.37 -133.48
C ASP A 2253 -35.81 -35.67 -132.94
N SER A 2254 -35.68 -34.41 -132.54
CA SER A 2254 -36.78 -33.66 -131.94
C SER A 2254 -37.74 -33.08 -132.97
N LEU A 2255 -37.36 -33.03 -134.24
CA LEU A 2255 -38.24 -32.45 -135.26
C LEU A 2255 -39.47 -33.31 -135.51
N LYS A 2256 -39.37 -34.63 -135.27
CA LYS A 2256 -40.50 -35.52 -135.55
C LYS A 2256 -41.70 -35.17 -134.68
N ASP A 2257 -41.48 -34.90 -133.39
CA ASP A 2257 -42.56 -34.56 -132.47
C ASP A 2257 -42.85 -33.06 -132.50
N GLY A 2258 -43.45 -32.62 -133.62
CA GLY A 2258 -43.75 -31.21 -133.80
C GLY A 2258 -44.84 -30.70 -132.87
N HIS A 2259 -45.90 -31.48 -132.67
CA HIS A 2259 -46.95 -31.08 -131.75
C HIS A 2259 -46.45 -31.02 -130.32
N GLN A 2260 -45.60 -31.98 -129.93
CA GLN A 2260 -44.97 -31.92 -128.62
C GLN A 2260 -44.09 -30.68 -128.49
N LEU A 2261 -43.39 -30.31 -129.57
CA LEU A 2261 -42.59 -29.09 -129.55
C LEU A 2261 -43.47 -27.86 -129.35
N LYS A 2262 -44.61 -27.80 -130.06
CA LYS A 2262 -45.51 -26.67 -129.90
C LYS A 2262 -46.08 -26.59 -128.49
N GLN A 2263 -46.47 -27.73 -127.93
CA GLN A 2263 -47.00 -27.75 -126.57
C GLN A 2263 -45.95 -27.34 -125.55
N LEU A 2264 -44.73 -27.85 -125.70
CA LEU A 2264 -43.64 -27.48 -124.79
C LEU A 2264 -43.30 -26.00 -124.92
N LEU A 2265 -43.34 -25.47 -126.14
CA LEU A 2265 -43.11 -24.05 -126.34
C LEU A 2265 -44.20 -23.21 -125.69
N LEU A 2266 -45.45 -23.67 -125.78
CA LEU A 2266 -46.55 -22.96 -125.12
C LEU A 2266 -46.37 -22.97 -123.61
N LYS A 2267 -45.98 -24.11 -123.04
CA LYS A 2267 -45.76 -24.19 -121.60
C LYS A 2267 -44.60 -23.32 -121.16
N ALA A 2268 -43.50 -23.32 -121.92
CA ALA A 2268 -42.36 -22.47 -121.58
C ALA A 2268 -42.72 -20.99 -121.70
N LEU A 2269 -43.50 -20.62 -122.71
CA LEU A 2269 -43.95 -19.24 -122.85
C LEU A 2269 -44.81 -18.82 -121.68
N THR A 2270 -45.72 -19.70 -121.24
CA THR A 2270 -46.55 -19.40 -120.07
C THR A 2270 -45.69 -19.24 -118.83
N LEU A 2271 -44.70 -20.12 -118.65
CA LEU A 2271 -43.82 -20.03 -117.49
C LEU A 2271 -43.01 -18.73 -117.50
N MET A 2272 -42.50 -18.33 -118.66
CA MET A 2272 -41.73 -17.09 -118.75
C MET A 2272 -42.61 -15.86 -118.52
N LEU A 2273 -43.84 -15.90 -119.04
CA LEU A 2273 -44.78 -14.80 -118.78
C LEU A 2273 -45.09 -14.69 -117.29
N ASP A 2274 -45.28 -15.84 -116.62
CA ASP A 2274 -45.49 -15.83 -115.18
C ASP A 2274 -44.26 -15.29 -114.45
N ALA A 2275 -43.06 -15.62 -114.94
CA ALA A 2275 -41.84 -15.12 -114.33
C ALA A 2275 -41.76 -13.60 -114.44
N ALA A 2276 -42.07 -13.06 -115.62
CA ALA A 2276 -42.07 -11.62 -115.79
C ALA A 2276 -43.14 -10.96 -114.93
N GLU A 2277 -44.31 -11.59 -114.83
CA GLU A 2277 -45.39 -11.03 -114.02
C GLU A 2277 -45.04 -11.03 -112.54
N SER A 2278 -44.39 -12.09 -112.06
CA SER A 2278 -44.00 -12.14 -110.66
C SER A 2278 -42.82 -11.23 -110.37
N TYR A 2279 -41.96 -11.02 -111.37
CA TYR A 2279 -40.94 -9.97 -111.25
C TYR A 2279 -41.58 -8.60 -111.18
N ALA A 2280 -42.69 -8.40 -111.90
CA ALA A 2280 -43.42 -7.14 -111.85
C ALA A 2280 -44.07 -6.95 -110.48
N LYS A 2281 -44.72 -7.98 -109.97
CA LYS A 2281 -45.20 -7.95 -108.59
C LYS A 2281 -44.05 -7.79 -107.62
N ASP A 2282 -42.84 -8.14 -108.04
CA ASP A 2282 -41.60 -7.89 -107.32
C ASP A 2282 -40.95 -6.58 -107.72
N SER A 2283 -41.52 -5.85 -108.67
CA SER A 2283 -40.95 -4.63 -109.23
C SER A 2283 -39.61 -4.89 -109.90
N CYS A 2284 -39.35 -6.14 -110.32
CA CYS A 2284 -38.11 -6.48 -111.01
C CYS A 2284 -38.30 -6.16 -112.49
N VAL A 2285 -38.14 -4.87 -112.81
CA VAL A 2285 -38.45 -4.37 -114.16
C VAL A 2285 -37.53 -5.03 -115.18
N ARG A 2286 -36.21 -4.97 -114.93
CA ARG A 2286 -35.27 -5.59 -115.86
C ARG A 2286 -35.43 -7.10 -115.87
N GLN A 2287 -35.69 -7.71 -114.72
CA GLN A 2287 -35.90 -9.16 -114.68
C GLN A 2287 -37.16 -9.55 -115.44
N ALA A 2288 -38.23 -8.78 -115.27
CA ALA A 2288 -39.44 -9.04 -116.05
C ALA A 2288 -39.15 -8.88 -117.53
N GLN A 2289 -38.31 -7.91 -117.89
CA GLN A 2289 -37.96 -7.73 -119.29
C GLN A 2289 -37.16 -8.92 -119.82
N HIS A 2290 -36.25 -9.45 -119.02
CA HIS A 2290 -35.48 -10.62 -119.45
C HIS A 2290 -36.39 -11.84 -119.60
N CYS A 2291 -37.32 -12.01 -118.66
CA CYS A 2291 -38.30 -13.09 -118.79
C CYS A 2291 -39.16 -12.90 -120.03
N GLN A 2292 -39.53 -11.66 -120.34
CA GLN A 2292 -40.29 -11.36 -121.55
C GLN A 2292 -39.50 -11.65 -122.82
N ARG A 2293 -38.20 -11.35 -122.83
CA ARG A 2293 -37.38 -11.68 -123.99
C ARG A 2293 -37.27 -13.20 -124.16
N LEU A 2294 -37.10 -13.92 -123.06
CA LEU A 2294 -37.10 -15.39 -123.13
C LEU A 2294 -38.44 -15.90 -123.66
N THR A 2295 -39.55 -15.30 -123.22
CA THR A 2295 -40.87 -15.68 -123.72
C THR A 2295 -41.03 -15.38 -125.20
N LYS A 2296 -40.48 -14.25 -125.66
CA LYS A 2296 -40.56 -13.93 -127.09
C LYS A 2296 -39.78 -14.93 -127.93
N LEU A 2297 -38.58 -15.33 -127.45
CA LEU A 2297 -37.85 -16.37 -128.15
C LEU A 2297 -38.61 -17.70 -128.15
N ILE A 2298 -39.23 -18.03 -127.01
CA ILE A 2298 -40.02 -19.27 -126.94
C ILE A 2298 -41.21 -19.21 -127.89
N THR A 2299 -41.82 -18.03 -128.04
CA THR A 2299 -42.94 -17.89 -128.96
C THR A 2299 -42.50 -17.98 -130.41
N LEU A 2300 -41.32 -17.45 -130.72
CA LEU A 2300 -40.76 -17.63 -132.06
C LEU A 2300 -40.52 -19.11 -132.35
N GLN A 2301 -39.97 -19.83 -131.39
CA GLN A 2301 -39.81 -21.28 -131.55
C GLN A 2301 -41.17 -21.97 -131.63
N ILE A 2302 -42.18 -21.43 -130.97
CA ILE A 2302 -43.52 -22.01 -131.02
C ILE A 2302 -44.12 -21.87 -132.40
N HIS A 2303 -43.96 -20.70 -133.02
CA HIS A 2303 -44.36 -20.54 -134.41
C HIS A 2303 -43.55 -21.47 -135.31
N PHE A 2304 -42.25 -21.58 -135.05
CA PHE A 2304 -41.39 -22.45 -135.85
C PHE A 2304 -41.85 -23.90 -135.78
N LEU A 2305 -42.19 -24.38 -134.60
CA LEU A 2305 -42.68 -25.74 -134.42
C LEU A 2305 -44.15 -25.89 -134.79
N ASN A 2306 -44.87 -24.78 -134.92
CA ASN A 2306 -46.29 -24.79 -135.24
C ASN A 2306 -46.58 -24.34 -136.67
N THR A 2307 -45.98 -23.25 -137.11
CA THR A 2307 -46.08 -22.84 -138.50
C THR A 2307 -45.05 -23.54 -139.38
N GLY A 2308 -44.14 -24.31 -138.79
CA GLY A 2308 -43.18 -25.08 -139.55
C GLY A 2308 -41.89 -24.39 -139.91
N GLN A 2309 -41.57 -23.26 -139.27
CA GLN A 2309 -40.36 -22.54 -139.61
C GLN A 2309 -39.12 -23.26 -139.09
N ASN A 2310 -38.74 -24.35 -139.77
CA ASN A 2310 -37.55 -25.09 -139.39
C ASN A 2310 -36.31 -24.19 -139.39
N THR A 2311 -36.30 -23.15 -140.22
CA THR A 2311 -35.33 -22.10 -140.05
C THR A 2311 -35.69 -21.32 -138.79
N MET A 2312 -34.98 -21.60 -137.71
CA MET A 2312 -35.33 -21.09 -136.39
C MET A 2312 -34.20 -20.25 -135.80
N LEU A 2313 -34.45 -19.73 -134.60
CA LEU A 2313 -33.48 -18.89 -133.91
C LEU A 2313 -33.33 -19.16 -132.42
N ILE A 2314 -34.16 -20.03 -131.83
CA ILE A 2314 -34.23 -20.14 -130.37
C ILE A 2314 -33.01 -20.87 -129.82
N ASN A 2315 -32.64 -20.52 -128.59
CA ASN A 2315 -31.51 -21.14 -127.87
C ASN A 2315 -30.22 -21.07 -128.69
N LEU A 2316 -30.02 -19.94 -129.36
CA LEU A 2316 -28.90 -19.79 -130.29
C LEU A 2316 -27.67 -19.24 -129.57
N GLY A 2317 -26.52 -19.83 -129.88
CA GLY A 2317 -25.27 -19.26 -129.42
C GLY A 2317 -24.84 -18.07 -130.26
N ARG A 2318 -23.75 -17.44 -129.84
CA ARG A 2318 -23.24 -16.28 -130.56
C ARG A 2318 -22.84 -16.65 -131.98
N HIS A 2319 -22.17 -17.79 -132.15
CA HIS A 2319 -21.81 -18.23 -133.49
C HIS A 2319 -23.03 -18.52 -134.33
N LYS A 2320 -24.03 -19.17 -133.74
CA LYS A 2320 -25.27 -19.50 -134.46
C LYS A 2320 -26.21 -18.32 -134.60
N LEU A 2321 -25.89 -17.17 -133.98
CA LEU A 2321 -26.75 -16.00 -134.13
C LEU A 2321 -26.82 -15.54 -135.57
N MET A 2322 -25.69 -15.55 -136.27
CA MET A 2322 -25.67 -15.16 -137.68
C MET A 2322 -26.50 -16.12 -138.53
N ASP A 2323 -26.40 -17.42 -138.25
CA ASP A 2323 -27.21 -18.39 -138.98
C ASP A 2323 -28.69 -18.17 -138.71
N CYS A 2324 -29.04 -17.89 -137.45
CA CYS A 2324 -30.44 -17.64 -137.11
C CYS A 2324 -30.95 -16.39 -137.81
N ILE A 2325 -30.11 -15.36 -137.93
CA ILE A 2325 -30.47 -14.19 -138.72
C ILE A 2325 -30.65 -14.58 -140.17
N LEU A 2326 -29.82 -15.51 -140.65
CA LEU A 2326 -29.97 -16.04 -142.00
C LEU A 2326 -31.25 -16.84 -142.16
N ALA A 2327 -31.84 -17.31 -141.06
CA ALA A 2327 -33.11 -18.04 -141.15
C ALA A 2327 -34.21 -17.15 -141.72
N LEU A 2328 -34.28 -15.90 -141.29
CA LEU A 2328 -35.25 -14.93 -141.80
C LEU A 2328 -34.52 -13.60 -142.02
N PRO A 2329 -33.82 -13.45 -143.15
CA PRO A 2329 -32.83 -12.36 -143.27
C PRO A 2329 -33.38 -10.95 -143.15
N ARG A 2330 -34.62 -10.70 -143.57
CA ARG A 2330 -35.14 -9.33 -143.54
C ARG A 2330 -35.15 -8.81 -142.11
N PHE A 2331 -34.97 -7.50 -141.97
CA PHE A 2331 -34.80 -6.91 -140.64
C PHE A 2331 -36.01 -7.19 -139.76
N TYR A 2332 -37.22 -6.96 -140.27
CA TYR A 2332 -38.42 -7.28 -139.50
C TYR A 2332 -38.53 -8.77 -139.25
N GLN A 2333 -37.83 -9.57 -140.05
CA GLN A 2333 -37.84 -11.02 -139.84
C GLN A 2333 -36.61 -11.49 -139.08
N ALA A 2334 -35.55 -10.68 -139.02
CA ALA A 2334 -34.31 -11.07 -138.37
C ALA A 2334 -34.07 -10.41 -137.01
N SER A 2335 -35.00 -9.56 -136.54
CA SER A 2335 -34.77 -8.86 -135.29
C SER A 2335 -34.81 -9.78 -134.07
N ILE A 2336 -35.56 -10.89 -134.16
CA ILE A 2336 -35.82 -11.71 -132.98
C ILE A 2336 -34.54 -12.37 -132.47
N VAL A 2337 -33.71 -12.88 -133.38
CA VAL A 2337 -32.49 -13.58 -132.96
C VAL A 2337 -31.56 -12.61 -132.22
N ALA A 2338 -31.41 -11.39 -132.75
CA ALA A 2338 -30.58 -10.40 -132.08
C ALA A 2338 -31.15 -10.01 -130.73
N GLU A 2339 -32.49 -9.87 -130.65
CA GLU A 2339 -33.09 -9.46 -129.38
C GLU A 2339 -32.94 -10.51 -128.31
N ALA A 2340 -33.18 -11.78 -128.65
CA ALA A 2340 -33.20 -12.84 -127.64
C ALA A 2340 -31.81 -13.15 -127.12
N TYR A 2341 -30.84 -13.30 -128.02
CA TYR A 2341 -29.49 -13.70 -127.65
C TYR A 2341 -28.57 -12.50 -127.43
N ASP A 2342 -29.09 -11.28 -127.49
CA ASP A 2342 -28.31 -10.05 -127.29
C ASP A 2342 -27.15 -9.97 -128.28
N PHE A 2343 -27.39 -10.42 -129.50
CA PHE A 2343 -26.37 -10.42 -130.55
C PHE A 2343 -26.42 -9.10 -131.31
N VAL A 2344 -25.24 -8.59 -131.64
CA VAL A 2344 -25.11 -7.34 -132.40
C VAL A 2344 -24.71 -7.71 -133.83
N PRO A 2345 -25.59 -7.52 -134.81
CA PRO A 2345 -25.22 -7.85 -136.19
C PRO A 2345 -24.16 -6.90 -136.73
N ASP A 2346 -23.40 -7.39 -137.69
CA ASP A 2346 -22.36 -6.60 -138.34
C ASP A 2346 -23.05 -5.61 -139.29
N TRP A 2347 -23.45 -4.46 -138.73
CA TRP A 2347 -24.37 -3.56 -139.42
C TRP A 2347 -23.90 -3.25 -140.84
N ALA A 2348 -22.63 -2.86 -140.99
CA ALA A 2348 -22.09 -2.67 -142.33
C ALA A 2348 -21.95 -4.00 -143.06
N GLU A 2349 -21.32 -4.99 -142.42
CA GLU A 2349 -21.07 -6.25 -143.09
C GLU A 2349 -22.35 -7.03 -143.34
N ILE A 2350 -23.24 -7.06 -142.36
CA ILE A 2350 -24.53 -7.72 -142.56
C ILE A 2350 -25.39 -6.94 -143.54
N LEU A 2351 -25.34 -5.60 -143.46
CA LEU A 2351 -26.08 -4.76 -144.38
C LEU A 2351 -25.56 -4.85 -145.80
N TYR A 2352 -24.34 -5.36 -145.98
CA TYR A 2352 -23.83 -5.62 -147.33
C TYR A 2352 -24.68 -6.65 -148.06
N GLN A 2353 -25.53 -7.40 -147.34
CA GLN A 2353 -26.37 -8.43 -147.93
C GLN A 2353 -27.87 -8.14 -147.85
N GLN A 2354 -28.29 -7.13 -147.08
CA GLN A 2354 -29.72 -6.82 -146.96
C GLN A 2354 -30.24 -6.09 -148.20
N VAL A 2355 -29.63 -4.96 -148.54
CA VAL A 2355 -29.94 -4.25 -149.78
C VAL A 2355 -28.71 -4.03 -150.65
N ILE A 2356 -27.50 -3.98 -150.07
CA ILE A 2356 -26.34 -3.43 -150.76
C ILE A 2356 -26.04 -4.21 -152.04
N LEU A 2357 -26.22 -5.53 -152.01
CA LEU A 2357 -26.02 -6.35 -153.20
C LEU A 2357 -27.32 -6.86 -153.79
N LYS A 2358 -28.42 -6.77 -153.04
CA LYS A 2358 -29.72 -7.29 -153.50
C LYS A 2358 -30.74 -6.20 -153.78
N GLY A 2359 -30.57 -4.99 -153.24
CA GLY A 2359 -31.53 -3.94 -153.43
C GLY A 2359 -32.70 -4.00 -152.48
N ASP A 2360 -32.78 -5.00 -151.62
CA ASP A 2360 -33.89 -5.11 -150.69
C ASP A 2360 -33.74 -4.04 -149.62
N PHE A 2361 -33.84 -2.78 -150.04
CA PHE A 2361 -34.04 -1.70 -149.09
C PHE A 2361 -35.39 -1.74 -148.50
N ASN A 2362 -36.15 -2.79 -148.86
CA ASN A 2362 -37.35 -3.16 -148.11
C ASN A 2362 -36.98 -3.84 -146.79
N TYR A 2363 -35.96 -4.70 -146.80
CA TYR A 2363 -35.41 -5.16 -145.52
C TYR A 2363 -34.82 -3.99 -144.76
N LEU A 2364 -34.17 -3.06 -145.47
CA LEU A 2364 -33.71 -1.83 -144.85
C LEU A 2364 -34.87 -1.02 -144.29
N GLU A 2365 -36.01 -1.02 -144.97
CA GLU A 2365 -37.18 -0.31 -144.48
C GLU A 2365 -37.79 -1.01 -143.28
N GLU A 2366 -37.69 -2.34 -143.24
CA GLU A 2366 -38.07 -3.06 -142.03
C GLU A 2366 -37.21 -2.62 -140.86
N PHE A 2367 -35.91 -2.47 -141.12
CA PHE A 2367 -35.02 -1.92 -140.10
C PHE A 2367 -35.42 -0.49 -139.74
N LYS A 2368 -35.78 0.31 -140.75
CA LYS A 2368 -36.05 1.73 -140.53
C LYS A 2368 -37.30 1.93 -139.68
N GLN A 2369 -38.37 1.23 -140.01
CA GLN A 2369 -39.54 1.21 -139.14
C GLN A 2369 -39.24 0.49 -137.82
N GLN A 2370 -38.19 -0.31 -137.79
CA GLN A 2370 -37.77 -0.99 -136.57
C GLN A 2370 -36.71 -0.21 -135.80
N ARG A 2371 -35.83 0.49 -136.51
CA ARG A 2371 -34.70 1.17 -135.88
C ARG A 2371 -34.21 2.26 -136.81
N LEU A 2372 -33.11 2.89 -136.43
CA LEU A 2372 -32.50 3.94 -137.22
C LEU A 2372 -31.03 3.63 -137.49
N LEU A 2373 -30.59 3.89 -138.72
CA LEU A 2373 -29.18 3.75 -139.08
C LEU A 2373 -28.58 5.13 -139.31
N LYS A 2374 -27.38 5.34 -138.79
CA LYS A 2374 -26.76 6.66 -138.84
C LYS A 2374 -26.21 6.95 -140.23
N SER A 2375 -26.00 8.24 -140.48
CA SER A 2375 -25.36 8.66 -141.72
C SER A 2375 -23.92 8.16 -141.79
N SER A 2376 -23.24 8.05 -140.64
CA SER A 2376 -21.91 7.48 -140.63
C SER A 2376 -21.94 6.04 -141.12
N ILE A 2377 -22.92 5.26 -140.66
CA ILE A 2377 -23.09 3.92 -141.18
C ILE A 2377 -23.39 3.97 -142.67
N PHE A 2378 -24.10 5.01 -143.11
CA PHE A 2378 -24.42 5.14 -144.53
C PHE A 2378 -23.15 5.32 -145.37
N GLU A 2379 -22.23 6.17 -144.91
CA GLU A 2379 -20.99 6.36 -145.66
C GLU A 2379 -20.03 5.19 -145.47
N GLU A 2380 -20.22 4.41 -144.39
CA GLU A 2380 -19.36 3.27 -144.14
C GLU A 2380 -19.77 2.02 -144.92
N ILE A 2381 -21.06 1.88 -145.22
CA ILE A 2381 -21.54 0.67 -145.89
C ILE A 2381 -20.92 0.53 -147.28
N SER A 2382 -20.40 1.62 -147.84
CA SER A 2382 -19.67 1.54 -149.09
C SER A 2382 -18.47 0.61 -148.97
N LYS A 2383 -17.82 0.60 -147.80
CA LYS A 2383 -16.69 -0.30 -147.58
C LYS A 2383 -17.12 -1.76 -147.62
N LYS A 2384 -18.21 -2.09 -146.94
CA LYS A 2384 -18.69 -3.47 -146.96
C LYS A 2384 -19.12 -3.88 -148.36
N TYR A 2385 -19.75 -2.96 -149.10
CA TYR A 2385 -20.14 -3.25 -150.47
C TYR A 2385 -18.91 -3.51 -151.34
N LYS A 2386 -17.87 -2.69 -151.19
CA LYS A 2386 -16.63 -2.88 -151.94
C LYS A 2386 -15.83 -4.07 -151.46
N GLN A 2387 -16.15 -4.61 -150.29
CA GLN A 2387 -15.43 -5.75 -149.74
C GLN A 2387 -15.77 -7.06 -150.43
N HIS A 2388 -16.78 -7.06 -151.28
CA HIS A 2388 -17.14 -8.26 -152.05
C HIS A 2388 -17.22 -7.86 -153.52
N GLN A 2389 -17.57 -8.83 -154.36
CA GLN A 2389 -17.70 -8.52 -155.78
C GLN A 2389 -18.99 -7.74 -155.99
N PRO A 2390 -18.90 -6.42 -156.13
CA PRO A 2390 -20.10 -5.61 -156.34
C PRO A 2390 -20.53 -5.66 -157.79
N THR A 2391 -21.59 -6.43 -158.07
CA THR A 2391 -22.10 -6.46 -159.42
C THR A 2391 -22.66 -5.09 -159.79
N ASP A 2392 -22.84 -4.88 -161.10
CA ASP A 2392 -23.50 -3.66 -161.55
C ASP A 2392 -24.87 -3.52 -160.90
N MET A 2393 -25.52 -4.64 -160.62
CA MET A 2393 -26.76 -4.61 -159.84
C MET A 2393 -26.51 -4.09 -158.43
N VAL A 2394 -25.34 -4.40 -157.86
CA VAL A 2394 -25.07 -4.06 -156.47
C VAL A 2394 -25.08 -2.55 -156.25
N MET A 2395 -24.73 -1.78 -157.28
CA MET A 2395 -24.76 -0.33 -157.15
C MET A 2395 -26.17 0.16 -156.80
N GLU A 2396 -27.12 -0.06 -157.72
CA GLU A 2396 -28.50 0.29 -157.44
C GLU A 2396 -29.02 -0.46 -156.23
N ASN A 2397 -28.46 -1.64 -155.95
CA ASN A 2397 -28.89 -2.41 -154.80
C ASN A 2397 -28.65 -1.63 -153.52
N LEU A 2398 -27.43 -1.14 -153.34
CA LEU A 2398 -27.11 -0.31 -152.18
C LEU A 2398 -27.92 0.98 -152.21
N LYS A 2399 -28.03 1.60 -153.39
CA LYS A 2399 -28.72 2.89 -153.49
C LYS A 2399 -30.24 2.77 -153.45
N LYS A 2400 -30.77 1.56 -153.25
CA LYS A 2400 -32.21 1.32 -153.31
C LYS A 2400 -32.99 2.28 -152.41
N LEU A 2401 -32.43 2.64 -151.26
CA LEU A 2401 -33.12 3.55 -150.35
C LEU A 2401 -32.67 5.00 -150.47
N LEU A 2402 -31.83 5.32 -151.45
CA LEU A 2402 -31.15 6.61 -151.48
C LEU A 2402 -32.02 7.77 -151.94
N THR A 2403 -33.23 7.52 -152.41
CA THR A 2403 -34.03 8.58 -153.01
C THR A 2403 -34.44 9.62 -151.97
N TYR A 2404 -35.02 9.18 -150.86
CA TYR A 2404 -35.57 10.08 -149.86
C TYR A 2404 -34.51 10.71 -148.97
N CYS A 2405 -33.25 10.37 -149.19
CA CYS A 2405 -32.16 10.83 -148.35
C CYS A 2405 -31.90 12.32 -148.58
N GLU A 2406 -31.06 12.88 -147.72
CA GLU A 2406 -30.63 14.28 -147.80
C GLU A 2406 -29.12 14.47 -147.66
N ASP A 2407 -28.40 13.54 -147.02
CA ASP A 2407 -27.02 13.74 -146.60
C ASP A 2407 -26.15 14.33 -147.70
N VAL A 2408 -25.49 15.45 -147.39
CA VAL A 2408 -24.76 16.19 -148.41
C VAL A 2408 -23.28 15.82 -148.40
N TYR A 2409 -22.60 16.01 -147.26
CA TYR A 2409 -21.14 15.93 -147.26
C TYR A 2409 -20.64 14.50 -147.48
N LEU A 2410 -21.18 13.53 -146.73
CA LEU A 2410 -20.71 12.16 -146.86
C LEU A 2410 -20.98 11.60 -148.24
N TYR A 2411 -22.20 11.83 -148.76
CA TYR A 2411 -22.52 11.38 -150.12
C TYR A 2411 -21.69 12.13 -151.15
N TYR A 2412 -21.37 13.40 -150.89
CA TYR A 2412 -20.53 14.17 -151.79
C TYR A 2412 -19.15 13.55 -151.90
N LYS A 2413 -18.58 13.14 -150.77
CA LYS A 2413 -17.29 12.43 -150.81
C LYS A 2413 -17.43 11.07 -151.49
N LEU A 2414 -18.51 10.35 -151.19
CA LEU A 2414 -18.66 8.99 -151.71
C LEU A 2414 -18.81 8.97 -153.23
N ALA A 2415 -19.51 9.97 -153.78
CA ALA A 2415 -19.67 10.04 -155.23
C ALA A 2415 -18.32 10.17 -155.92
N TYR A 2416 -17.45 11.03 -155.40
CA TYR A 2416 -16.10 11.11 -155.93
C TYR A 2416 -15.36 9.80 -155.73
N GLU A 2417 -15.64 9.11 -154.61
CA GLU A 2417 -15.00 7.83 -154.36
C GLU A 2417 -15.31 6.79 -155.43
N HIS A 2418 -16.37 7.00 -156.21
CA HIS A 2418 -16.73 6.06 -157.28
C HIS A 2418 -17.18 6.73 -158.56
N LYS A 2419 -17.05 8.05 -158.69
CA LYS A 2419 -17.47 8.79 -159.88
C LYS A 2419 -18.94 8.53 -160.21
N PHE A 2420 -19.76 8.35 -159.17
CA PHE A 2420 -21.16 7.95 -159.36
C PHE A 2420 -21.97 9.15 -159.81
N TYR A 2421 -22.03 9.32 -161.13
CA TYR A 2421 -22.78 10.44 -161.71
C TYR A 2421 -24.28 10.29 -161.51
N GLU A 2422 -24.75 9.12 -161.10
CA GLU A 2422 -26.18 8.92 -160.90
C GLU A 2422 -26.72 9.85 -159.81
N ILE A 2423 -26.29 9.61 -158.57
CA ILE A 2423 -26.74 10.48 -157.49
C ILE A 2423 -26.16 11.87 -157.65
N VAL A 2424 -25.01 12.01 -158.31
CA VAL A 2424 -24.42 13.33 -158.53
C VAL A 2424 -25.35 14.19 -159.36
N ASN A 2425 -25.89 13.62 -160.45
CA ASN A 2425 -26.89 14.32 -161.23
C ASN A 2425 -28.20 14.43 -160.47
N VAL A 2426 -28.50 13.44 -159.62
CA VAL A 2426 -29.76 13.47 -158.88
C VAL A 2426 -29.82 14.69 -157.97
N LEU A 2427 -28.73 14.97 -157.27
CA LEU A 2427 -28.72 16.04 -156.27
C LEU A 2427 -28.09 17.33 -156.80
N LEU A 2428 -26.83 17.27 -157.24
CA LEU A 2428 -26.05 18.47 -157.52
C LEU A 2428 -26.52 19.20 -158.77
N LYS A 2429 -27.69 18.87 -159.31
CA LYS A 2429 -28.14 19.51 -160.53
C LYS A 2429 -29.03 20.72 -160.24
N ASP A 2430 -29.88 20.62 -159.23
CA ASP A 2430 -30.83 21.70 -158.94
C ASP A 2430 -30.06 22.98 -158.61
N PRO A 2431 -30.31 24.09 -159.33
CA PRO A 2431 -29.47 25.28 -159.10
C PRO A 2431 -29.46 25.74 -157.66
N GLN A 2432 -30.62 25.70 -157.00
CA GLN A 2432 -30.65 25.96 -155.57
C GLN A 2432 -29.86 24.92 -154.78
N THR A 2433 -29.76 23.70 -155.28
CA THR A 2433 -28.99 22.64 -154.63
C THR A 2433 -27.62 22.42 -155.25
N GLY A 2434 -27.51 22.54 -156.57
CA GLY A 2434 -26.22 22.43 -157.23
C GLY A 2434 -25.32 23.63 -157.05
N CYS A 2435 -25.87 24.75 -156.60
CA CYS A 2435 -25.05 25.88 -156.20
C CYS A 2435 -24.43 25.66 -154.83
N CYS A 2436 -25.00 24.78 -154.00
CA CYS A 2436 -24.45 24.45 -152.69
C CYS A 2436 -23.75 23.11 -152.65
N LEU A 2437 -23.89 22.29 -153.69
CA LEU A 2437 -23.10 21.07 -153.77
C LEU A 2437 -21.61 21.37 -153.71
N LYS A 2438 -21.21 22.58 -154.14
CA LYS A 2438 -19.82 22.98 -153.98
C LYS A 2438 -19.42 23.04 -152.51
N ASP A 2439 -20.28 23.64 -151.67
CA ASP A 2439 -19.99 23.67 -150.24
C ASP A 2439 -20.09 22.28 -149.62
N MET A 2440 -20.93 21.41 -150.19
CA MET A 2440 -21.07 20.07 -149.66
C MET A 2440 -19.84 19.22 -149.95
N LEU A 2441 -19.32 19.29 -151.18
CA LEU A 2441 -18.22 18.44 -151.61
C LEU A 2441 -16.87 19.17 -151.62
N ALA A 2442 -16.75 20.20 -152.47
CA ALA A 2442 -15.49 20.95 -152.56
C ALA A 2442 -15.38 22.02 -151.49
N GLY A 2443 -16.46 22.32 -150.78
CA GLY A 2443 -16.43 23.25 -149.67
C GLY A 2443 -16.21 22.54 -148.35
N LEU B 157 17.39 125.02 84.14
CA LEU B 157 18.62 125.63 84.65
C LEU B 157 19.63 124.55 85.04
N TRP B 158 20.06 123.76 84.06
CA TRP B 158 20.98 122.66 84.29
C TRP B 158 22.43 123.02 84.01
N ASP B 159 22.74 124.30 83.83
CA ASP B 159 24.10 124.71 83.46
C ASP B 159 25.04 124.83 84.65
N LEU B 160 24.54 124.87 85.88
CA LEU B 160 25.40 124.93 87.06
C LEU B 160 26.01 123.58 87.42
N LEU B 161 25.58 122.52 86.73
CA LEU B 161 26.19 121.21 86.91
C LEU B 161 27.68 121.24 86.61
N ARG B 162 28.04 121.74 85.43
CA ARG B 162 29.45 121.94 85.13
C ARG B 162 30.02 123.14 85.86
N GLN B 163 29.24 124.23 85.94
CA GLN B 163 29.78 125.56 86.17
C GLN B 163 30.70 125.60 87.39
N SER B 164 30.25 125.06 88.51
CA SER B 164 31.09 125.00 89.70
C SER B 164 30.52 124.00 90.68
N PRO B 165 31.37 123.18 91.29
CA PRO B 165 30.91 122.42 92.45
C PRO B 165 30.40 123.32 93.55
N GLN B 166 31.01 124.48 93.70
CA GLN B 166 30.32 125.54 94.43
C GLN B 166 28.94 125.79 93.85
N PRO B 167 28.80 126.04 92.57
CA PRO B 167 27.47 126.27 92.01
C PRO B 167 26.62 125.00 91.93
N ALA B 168 27.16 123.90 91.39
CA ALA B 168 26.33 122.69 91.30
C ALA B 168 25.93 122.21 92.67
N GLN B 169 26.85 122.27 93.63
CA GLN B 169 26.58 121.88 94.99
C GLN B 169 25.51 122.77 95.61
N ALA B 170 25.63 124.09 95.42
CA ALA B 170 24.67 125.01 96.02
C ALA B 170 23.27 124.81 95.42
N LEU B 171 23.20 124.60 94.10
CA LEU B 171 21.91 124.37 93.47
C LEU B 171 21.28 123.07 93.95
N LEU B 172 22.07 121.99 94.01
CA LEU B 172 21.55 120.72 94.49
C LEU B 172 21.08 120.82 95.94
N GLU B 173 21.77 121.63 96.75
CA GLU B 173 21.40 121.77 98.15
C GLU B 173 20.14 122.61 98.32
N LEU B 174 20.03 123.73 97.60
CA LEU B 174 18.97 124.69 97.89
C LEU B 174 17.68 124.40 97.13
N LEU B 175 17.79 123.93 95.88
CA LEU B 175 16.60 123.78 95.05
C LEU B 175 15.62 122.78 95.65
N LEU B 176 16.12 121.63 96.10
CA LEU B 176 15.27 120.57 96.61
C LEU B 176 15.07 120.63 98.13
N GLU B 177 15.69 121.60 98.80
CA GLU B 177 15.57 121.83 100.24
C GLU B 177 16.27 120.72 101.03
N GLU B 178 16.93 121.08 102.13
CA GLU B 178 17.66 120.13 102.96
C GLU B 178 16.72 119.59 104.03
N ASP B 179 15.91 118.61 103.65
CA ASP B 179 14.98 117.95 104.55
C ASP B 179 15.67 116.74 105.17
N ASP B 180 15.95 116.80 106.46
CA ASP B 180 16.63 115.71 107.17
C ASP B 180 15.58 114.77 107.77
N GLY B 181 14.96 114.00 106.88
CA GLY B 181 13.94 113.05 107.30
C GLY B 181 13.55 112.07 106.20
N THR B 182 12.33 111.53 106.30
CA THR B 182 11.83 110.57 105.33
C THR B 182 11.04 111.23 104.20
N GLY B 183 10.93 112.57 104.19
CA GLY B 183 10.21 113.27 103.16
C GLY B 183 10.78 113.05 101.77
N LEU B 184 9.90 112.74 100.81
CA LEU B 184 10.29 112.50 99.43
C LEU B 184 10.02 113.70 98.53
N CYS B 185 10.00 114.90 99.11
CA CYS B 185 9.72 116.10 98.34
C CYS B 185 10.88 116.42 97.40
N HIS B 186 10.53 116.89 96.20
CA HIS B 186 11.49 117.35 95.20
C HIS B 186 12.46 116.24 94.76
N TRP B 187 12.05 114.98 94.91
CA TRP B 187 12.82 113.89 94.35
C TRP B 187 12.90 113.97 92.83
N PRO B 188 11.92 114.56 92.13
CA PRO B 188 12.03 114.65 90.67
C PRO B 188 13.26 115.40 90.19
N LEU B 189 13.74 116.38 90.96
CA LEU B 189 14.92 117.14 90.54
C LEU B 189 16.17 116.25 90.56
N GLN B 190 16.38 115.53 91.67
CA GLN B 190 17.52 114.62 91.76
C GLN B 190 17.43 113.50 90.73
N ASN B 191 16.21 112.99 90.49
CA ASN B 191 16.02 111.97 89.47
C ASN B 191 16.32 112.51 88.08
N ALA B 192 15.91 113.75 87.79
CA ALA B 192 16.14 114.31 86.46
C ALA B 192 17.60 114.64 86.23
N LEU B 193 18.31 115.12 87.25
CA LEU B 193 19.75 115.33 87.12
C LEU B 193 20.49 114.01 86.98
N VAL B 194 20.04 112.99 87.73
CA VAL B 194 20.52 111.64 87.54
C VAL B 194 20.35 111.21 86.10
N ASP B 195 19.18 111.48 85.52
CA ASP B 195 18.91 111.08 84.14
C ASP B 195 19.76 111.87 83.16
N LEU B 196 20.05 113.14 83.47
CA LEU B 196 20.94 113.92 82.62
C LEU B 196 22.32 113.29 82.57
N ILE B 197 22.85 112.93 83.73
CA ILE B 197 24.07 112.14 83.74
C ILE B 197 23.88 110.83 82.99
N ARG B 198 22.72 110.19 83.16
CA ARG B 198 22.49 108.89 82.54
C ARG B 198 22.53 109.00 81.04
N LYS B 199 21.97 110.07 80.52
CA LYS B 199 22.08 110.33 79.09
C LYS B 199 23.52 110.56 78.71
N ALA B 200 24.19 111.49 79.40
CA ALA B 200 25.56 111.82 79.02
C ALA B 200 26.41 110.56 78.97
N LEU B 201 26.22 109.68 79.95
CA LEU B 201 26.98 108.44 79.98
C LEU B 201 26.50 107.48 78.90
N ARG B 202 25.26 106.99 79.01
CA ARG B 202 24.76 105.98 78.08
C ARG B 202 25.09 106.35 76.65
N ALA B 203 25.17 107.65 76.35
CA ALA B 203 25.64 108.11 75.06
C ALA B 203 27.15 108.03 74.94
N LEU B 204 27.89 108.29 76.02
CA LEU B 204 29.33 108.08 75.96
C LEU B 204 29.70 106.60 75.87
N GLN B 205 28.72 105.70 76.03
CA GLN B 205 28.99 104.27 76.12
C GLN B 205 29.58 103.70 74.83
N GLY B 206 29.55 104.46 73.75
CA GLY B 206 30.21 104.07 72.52
C GLY B 206 31.46 104.88 72.27
N PRO B 207 31.78 105.10 70.99
CA PRO B 207 33.00 105.83 70.62
C PRO B 207 32.83 107.32 70.34
N ASP B 208 31.63 107.88 70.52
CA ASP B 208 31.43 109.29 70.21
C ASP B 208 32.28 110.17 71.14
N SER B 209 32.80 111.25 70.57
CA SER B 209 33.59 112.19 71.34
C SER B 209 32.72 112.94 72.34
N VAL B 210 33.16 112.98 73.60
CA VAL B 210 32.40 113.61 74.67
C VAL B 210 32.59 115.12 74.59
N PRO B 211 31.51 115.90 74.46
CA PRO B 211 31.65 117.35 74.46
C PRO B 211 31.80 117.88 75.86
N PRO B 212 31.81 119.21 76.03
CA PRO B 212 31.95 119.78 77.38
C PRO B 212 30.72 119.49 78.23
N GLY B 213 30.94 118.76 79.32
CA GLY B 213 29.88 118.48 80.26
C GLY B 213 29.86 117.05 80.75
N VAL B 214 30.17 116.12 79.85
CA VAL B 214 30.41 114.73 80.26
C VAL B 214 31.71 114.74 81.05
N VAL B 215 32.37 115.90 81.09
CA VAL B 215 33.54 116.11 81.92
C VAL B 215 33.36 117.21 82.95
N ASP B 216 32.29 118.02 82.87
CA ASP B 216 31.90 118.77 84.06
C ASP B 216 30.39 118.84 84.33
N ALA B 217 29.54 118.85 83.31
CA ALA B 217 28.12 119.07 83.55
C ALA B 217 27.38 117.78 83.83
N ILE B 218 27.77 116.69 83.18
CA ILE B 218 27.27 115.38 83.57
C ILE B 218 27.60 115.12 85.03
N TYR B 219 28.81 115.50 85.44
CA TYR B 219 29.22 115.34 86.85
C TYR B 219 28.35 116.19 87.77
N GLY B 220 28.09 117.44 87.38
CA GLY B 220 27.25 118.29 88.22
C GLY B 220 25.82 117.79 88.34
N ALA B 221 25.24 117.38 87.20
CA ALA B 221 23.90 116.81 87.24
C ALA B 221 23.85 115.57 88.12
N LEU B 222 24.85 114.68 87.99
CA LEU B 222 24.89 113.49 88.83
C LEU B 222 25.01 113.86 90.31
N ARG B 223 25.84 114.87 90.62
CA ARG B 223 25.95 115.33 92.00
C ARG B 223 24.62 115.90 92.50
N THR B 224 23.77 116.39 91.58
CA THR B 224 22.45 116.86 91.98
C THR B 224 21.47 115.71 92.21
N LEU B 225 21.87 114.47 91.95
CA LEU B 225 20.98 113.33 92.11
C LEU B 225 21.13 112.74 93.50
N ARG B 226 20.10 112.87 94.33
CA ARG B 226 20.00 112.11 95.55
C ARG B 226 19.14 110.90 95.24
N CYS B 227 19.68 109.96 94.47
CA CYS B 227 18.95 108.72 94.29
C CYS B 227 19.38 107.84 95.46
N PRO B 228 18.58 107.82 96.53
CA PRO B 228 19.10 107.50 97.86
C PRO B 228 19.06 106.02 98.21
N ALA B 229 19.41 105.75 99.47
CA ALA B 229 19.31 104.41 100.03
C ALA B 229 17.85 104.09 100.36
N GLU B 230 17.66 103.04 101.18
CA GLU B 230 16.37 102.47 101.56
C GLU B 230 15.76 101.77 100.35
N PRO B 231 14.68 100.98 100.52
CA PRO B 231 14.03 100.36 99.36
C PRO B 231 13.61 101.38 98.31
N LEU B 232 14.26 101.34 97.15
CA LEU B 232 14.02 102.28 96.06
C LEU B 232 13.66 101.51 94.80
N GLY B 233 13.44 102.25 93.72
CA GLY B 233 13.08 101.66 92.45
C GLY B 233 14.28 101.07 91.73
N VAL B 234 14.00 100.53 90.54
CA VAL B 234 15.06 99.91 89.74
C VAL B 234 16.07 100.93 89.26
N GLU B 235 15.74 102.22 89.27
CA GLU B 235 16.66 103.24 88.79
C GLU B 235 17.90 103.34 89.68
N LEU B 236 17.74 103.22 91.00
CA LEU B 236 18.87 103.40 91.91
C LEU B 236 19.93 102.33 91.68
N HIS B 237 19.51 101.06 91.70
CA HIS B 237 20.46 99.97 91.44
C HIS B 237 20.91 99.95 89.99
N LEU B 238 20.04 100.41 89.07
CA LEU B 238 20.42 100.46 87.66
C LEU B 238 21.55 101.45 87.42
N LEU B 239 21.42 102.67 87.96
CA LEU B 239 22.48 103.66 87.82
C LEU B 239 23.70 103.30 88.67
N CYS B 240 23.48 102.60 89.79
CA CYS B 240 24.60 102.10 90.57
C CYS B 240 25.44 101.13 89.75
N GLU B 241 24.79 100.12 89.15
CA GLU B 241 25.48 99.22 88.24
C GLU B 241 26.05 99.96 87.06
N GLU B 242 25.39 101.04 86.62
CA GLU B 242 25.92 101.82 85.51
C GLU B 242 27.28 102.42 85.87
N LEU B 243 27.36 103.13 86.99
CA LEU B 243 28.65 103.70 87.40
C LEU B 243 29.67 102.61 87.63
N LEU B 244 29.25 101.47 88.17
CA LEU B 244 30.20 100.43 88.55
C LEU B 244 30.72 99.66 87.35
N GLU B 245 29.83 98.97 86.65
CA GLU B 245 30.21 98.36 85.39
C GLU B 245 30.79 99.40 84.44
N ALA B 246 30.57 100.68 84.71
CA ALA B 246 31.27 101.73 83.98
C ALA B 246 32.69 101.86 84.45
N CYS B 247 32.91 101.72 85.75
CA CYS B 247 34.25 101.63 86.28
C CYS B 247 34.93 100.38 85.76
N ARG B 248 34.15 99.46 85.19
CA ARG B 248 34.67 98.35 84.42
C ARG B 248 34.91 98.71 82.95
N THR B 249 35.06 100.01 82.63
CA THR B 249 35.31 100.45 81.26
C THR B 249 36.12 101.75 81.27
N GLU B 250 36.53 102.18 80.07
CA GLU B 250 37.30 103.41 79.92
C GLU B 250 37.22 103.90 78.48
N GLY B 251 37.70 105.13 78.26
CA GLY B 251 37.73 105.76 76.96
C GLY B 251 36.96 107.07 76.88
N SER B 252 35.78 107.11 77.50
CA SER B 252 35.03 108.34 77.66
C SER B 252 35.07 108.73 79.14
N PRO B 253 34.24 109.67 79.58
CA PRO B 253 34.48 110.32 80.87
C PRO B 253 33.72 109.83 82.12
N LEU B 254 33.24 108.58 82.18
CA LEU B 254 32.43 108.14 83.32
C LEU B 254 32.95 106.83 83.94
N ARG B 255 32.58 106.59 85.20
CA ARG B 255 32.88 105.36 85.94
C ARG B 255 32.14 105.36 87.27
N GLU B 256 32.40 104.36 88.09
CA GLU B 256 32.10 104.50 89.50
C GLU B 256 33.26 105.09 90.26
N GLU B 257 34.40 105.28 89.60
CA GLU B 257 35.62 105.69 90.29
C GLU B 257 35.62 107.17 90.62
N ARG B 258 35.66 108.02 89.59
CA ARG B 258 35.48 109.44 89.84
C ARG B 258 34.11 109.69 90.46
N LEU B 259 33.16 108.82 90.16
CA LEU B 259 31.88 108.86 90.83
C LEU B 259 32.08 108.86 92.34
N LEU B 260 32.85 107.89 92.83
CA LEU B 260 33.12 107.82 94.26
C LEU B 260 33.98 109.00 94.70
N SER B 261 34.87 109.46 93.83
CA SER B 261 35.73 110.58 94.15
C SER B 261 34.92 111.79 94.57
N CYS B 262 33.95 112.16 93.75
CA CYS B 262 33.20 113.38 94.00
C CYS B 262 31.75 113.13 94.39
N LEU B 263 31.42 111.93 94.86
CA LEU B 263 30.02 111.56 95.13
C LEU B 263 29.90 110.91 96.50
N LEU B 264 30.47 111.55 97.52
CA LEU B 264 30.30 111.12 98.92
C LEU B 264 29.37 112.13 99.60
N HIS B 265 28.14 111.70 99.87
CA HIS B 265 27.11 112.56 100.41
C HIS B 265 26.20 111.78 101.35
N LYS B 266 25.18 112.48 101.86
CA LYS B 266 24.23 111.86 102.78
C LYS B 266 23.45 110.74 102.12
N ALA B 267 22.99 110.96 100.88
CA ALA B 267 22.11 110.04 100.17
C ALA B 267 22.86 109.13 99.20
N SER B 268 24.10 108.73 99.52
CA SER B 268 24.93 108.00 98.56
C SER B 268 25.63 106.74 99.07
N ARG B 269 25.89 106.57 100.37
CA ARG B 269 26.62 105.38 100.79
C ARG B 269 25.77 104.12 100.58
N GLY B 270 24.47 104.21 100.85
CA GLY B 270 23.60 103.07 100.59
C GLY B 270 23.47 102.75 99.11
N LEU B 271 23.39 103.78 98.28
CA LEU B 271 23.45 103.53 96.84
C LEU B 271 24.77 102.90 96.46
N LEU B 272 25.84 103.24 97.19
CA LEU B 272 27.12 102.59 96.96
C LEU B 272 27.06 101.11 97.28
N SER B 273 26.36 100.76 98.34
CA SER B 273 26.17 99.34 98.64
C SER B 273 25.35 98.65 97.55
N LEU B 274 24.31 99.34 97.06
CA LEU B 274 23.53 98.78 95.96
C LEU B 274 24.40 98.61 94.72
N TYR B 275 25.32 99.56 94.51
CA TYR B 275 26.31 99.44 93.45
C TYR B 275 27.21 98.24 93.66
N GLY B 276 27.54 97.95 94.91
CA GLY B 276 28.30 96.73 95.18
C GLY B 276 27.56 95.49 94.77
N HIS B 277 26.27 95.41 95.10
CA HIS B 277 25.48 94.24 94.73
C HIS B 277 25.37 94.12 93.21
N THR B 278 24.94 95.19 92.55
CA THR B 278 24.81 95.14 91.10
C THR B 278 26.15 95.11 90.38
N TYR B 279 27.25 95.43 91.06
CA TYR B 279 28.57 95.39 90.45
C TYR B 279 29.15 93.99 90.51
N ALA B 280 28.93 93.28 91.62
CA ALA B 280 29.11 91.85 91.59
C ALA B 280 28.28 91.24 90.47
N GLU B 281 27.07 91.75 90.25
CA GLU B 281 26.25 91.29 89.14
C GLU B 281 26.92 91.54 87.78
N LYS B 282 27.50 92.72 87.57
CA LYS B 282 28.11 93.04 86.27
C LYS B 282 29.40 92.27 86.05
N VAL B 283 30.21 92.11 87.09
CA VAL B 283 31.47 91.38 86.95
C VAL B 283 31.22 89.89 86.78
N THR B 284 30.16 89.38 87.40
CA THR B 284 29.73 88.03 87.03
C THR B 284 29.11 88.06 85.64
N GLU B 285 28.61 89.21 85.21
CA GLU B 285 28.01 89.33 83.91
C GLU B 285 29.10 89.17 82.88
N LYS B 286 30.06 90.06 82.88
CA LYS B 286 31.20 89.54 82.16
C LYS B 286 31.92 88.68 83.18
N PRO B 287 31.61 87.38 83.25
CA PRO B 287 32.30 86.54 84.22
C PRO B 287 33.73 86.33 83.75
N PRO B 288 34.52 85.50 84.46
CA PRO B 288 35.98 85.50 84.25
C PRO B 288 36.37 85.42 82.77
N ARG B 289 36.92 86.52 82.27
CA ARG B 289 36.97 86.76 80.83
C ARG B 289 38.00 85.86 80.16
N ALA B 290 37.53 85.04 79.22
CA ALA B 290 38.41 84.17 78.42
C ALA B 290 38.66 84.86 77.08
N THR B 291 39.53 85.85 77.10
CA THR B 291 39.94 86.51 75.86
C THR B 291 40.65 85.53 74.93
N ALA B 292 41.53 84.70 75.49
CA ALA B 292 42.20 83.67 74.69
C ALA B 292 41.20 82.61 74.23
N SER B 293 40.33 82.16 75.13
CA SER B 293 39.36 81.11 74.81
C SER B 293 38.01 81.74 74.47
N GLY B 294 37.95 82.30 73.27
CA GLY B 294 36.72 82.93 72.81
C GLY B 294 35.72 81.97 72.22
N LYS B 295 36.09 80.70 72.02
CA LYS B 295 35.18 79.73 71.43
C LYS B 295 34.09 79.31 72.41
N VAL B 296 34.40 79.30 73.70
CA VAL B 296 33.42 78.88 74.69
C VAL B 296 32.33 79.94 74.82
N SER B 297 31.07 79.51 74.75
CA SER B 297 29.93 80.41 74.83
C SER B 297 29.36 80.39 76.24
N PRO B 298 29.31 81.53 76.94
CA PRO B 298 28.78 81.52 78.31
C PRO B 298 27.29 81.81 78.38
N ASP B 299 26.57 81.60 77.27
CA ASP B 299 25.12 81.83 77.25
C ASP B 299 24.39 80.87 78.18
N HIS B 300 24.78 79.60 78.19
CA HIS B 300 24.21 78.58 79.05
C HIS B 300 25.30 77.71 79.66
N LEU B 301 26.34 78.35 80.19
CA LEU B 301 27.49 77.65 80.74
C LEU B 301 27.35 77.49 82.25
N ASP B 302 27.82 76.35 82.75
CA ASP B 302 27.78 76.09 84.18
C ASP B 302 28.82 76.93 84.91
N PRO B 303 28.65 77.11 86.23
CA PRO B 303 29.63 77.90 86.99
C PRO B 303 31.01 77.26 87.07
N GLU B 304 31.14 76.01 86.67
CA GLU B 304 32.43 75.31 86.80
C GLU B 304 33.52 76.00 85.96
N ARG B 305 33.17 76.43 84.74
CA ARG B 305 34.16 77.07 83.87
C ARG B 305 34.63 78.39 84.47
N ALA B 306 33.71 79.25 84.89
CA ALA B 306 34.10 80.51 85.51
C ALA B 306 34.91 80.28 86.78
N MET B 307 34.51 79.31 87.60
CA MET B 307 35.23 79.03 88.84
C MET B 307 36.64 78.53 88.58
N LEU B 308 36.81 77.61 87.63
CA LEU B 308 38.14 77.11 87.31
C LEU B 308 39.03 78.21 86.72
N ALA B 309 38.44 79.05 85.86
CA ALA B 309 39.19 80.17 85.30
C ALA B 309 39.66 81.12 86.41
N LEU B 310 38.79 81.37 87.40
CA LEU B 310 39.19 82.20 88.53
C LEU B 310 40.30 81.54 89.34
N PHE B 311 40.19 80.23 89.59
CA PHE B 311 41.19 79.55 90.40
C PHE B 311 42.56 79.58 89.73
N SER B 312 42.61 79.14 88.49
CA SER B 312 43.87 79.11 87.76
C SER B 312 44.21 80.46 87.15
N ASN B 313 43.57 81.53 87.60
CA ASN B 313 43.82 82.85 87.04
C ASN B 313 45.20 83.35 87.45
N PRO B 314 45.85 84.13 86.59
CA PRO B 314 47.13 84.75 86.96
C PRO B 314 47.00 86.02 87.78
N ASN B 315 45.80 86.31 88.29
CA ASN B 315 45.53 87.52 89.07
C ASN B 315 44.90 87.13 90.40
N PRO B 316 45.70 86.75 91.38
CA PRO B 316 45.12 86.45 92.71
C PRO B 316 44.38 87.63 93.30
N ALA B 317 44.76 88.86 92.95
CA ALA B 317 43.97 90.01 93.34
C ALA B 317 42.59 89.96 92.69
N GLU B 318 42.54 89.79 91.37
CA GLU B 318 41.26 89.70 90.69
C GLU B 318 40.48 88.47 91.13
N ALA B 319 41.17 87.33 91.28
CA ALA B 319 40.50 86.12 91.71
C ALA B 319 39.89 86.28 93.10
N TRP B 320 40.66 86.87 94.03
CA TRP B 320 40.17 87.07 95.39
C TRP B 320 39.04 88.09 95.42
N LYS B 321 39.13 89.13 94.59
CA LYS B 321 38.05 90.11 94.52
C LYS B 321 36.76 89.46 94.03
N VAL B 322 36.86 88.60 93.00
CA VAL B 322 35.69 87.92 92.49
C VAL B 322 35.09 87.00 93.56
N ALA B 323 35.95 86.25 94.26
CA ALA B 323 35.45 85.33 95.29
C ALA B 323 34.78 86.09 96.43
N TYR B 324 35.39 87.19 96.88
CA TYR B 324 34.81 87.97 97.97
C TYR B 324 33.48 88.60 97.57
N PHE B 325 33.40 89.12 96.34
CA PHE B 325 32.15 89.70 95.87
C PHE B 325 31.06 88.64 95.76
N TYR B 326 31.41 87.45 95.25
CA TYR B 326 30.44 86.37 95.16
C TYR B 326 29.94 85.97 96.54
N CYS B 327 30.85 85.90 97.51
CA CYS B 327 30.42 85.60 98.88
C CYS B 327 29.49 86.68 99.40
N LEU B 328 29.88 87.96 99.23
CA LEU B 328 29.13 89.04 99.87
C LEU B 328 27.74 89.20 99.25
N SER B 329 27.67 89.30 97.93
CA SER B 329 26.42 89.63 97.25
C SER B 329 25.88 88.49 96.41
N ASN B 330 26.36 87.27 96.63
CA ASN B 330 25.77 86.10 95.99
C ASN B 330 25.72 84.90 96.93
N ASN B 331 26.27 85.01 98.14
CA ASN B 331 26.17 83.98 99.18
C ASN B 331 26.73 82.64 98.70
N LYS B 332 28.04 82.64 98.44
CA LYS B 332 28.72 81.42 97.97
C LYS B 332 30.15 81.41 98.51
N HIS B 333 30.39 80.59 99.52
CA HIS B 333 31.76 80.37 99.98
C HIS B 333 32.56 79.67 98.89
N PHE B 334 33.83 80.05 98.77
CA PHE B 334 34.67 79.40 97.78
C PHE B 334 34.82 77.91 98.09
N LEU B 335 35.03 77.58 99.36
CA LEU B 335 35.36 76.20 99.73
C LEU B 335 34.19 75.26 99.47
N GLU B 336 32.97 75.66 99.84
CA GLU B 336 31.84 74.75 99.72
C GLU B 336 31.55 74.42 98.27
N GLN B 337 31.41 75.44 97.43
CA GLN B 337 31.15 75.20 96.02
C GLN B 337 32.31 74.47 95.38
N ILE B 338 33.53 74.83 95.75
CA ILE B 338 34.71 74.18 95.20
C ILE B 338 34.70 72.69 95.52
N LEU B 339 34.39 72.34 96.78
CA LEU B 339 34.43 70.94 97.18
C LEU B 339 33.27 70.15 96.59
N VAL B 340 32.11 70.79 96.43
CA VAL B 340 30.99 70.11 95.79
C VAL B 340 31.35 69.78 94.34
N THR B 341 31.87 70.77 93.61
CA THR B 341 32.29 70.51 92.24
C THR B 341 33.43 69.52 92.18
N ALA B 342 34.28 69.49 93.21
CA ALA B 342 35.39 68.54 93.25
C ALA B 342 34.89 67.11 93.41
N LEU B 343 33.94 66.88 94.32
CA LEU B 343 33.34 65.55 94.43
C LEU B 343 32.64 65.18 93.12
N THR B 344 31.96 66.14 92.50
CA THR B 344 31.26 65.88 91.24
C THR B 344 32.23 65.44 90.15
N LEU B 345 33.36 66.13 90.01
CA LEU B 345 34.35 65.74 89.01
C LEU B 345 35.05 64.45 89.40
N LEU B 346 35.17 64.18 90.70
CA LEU B 346 35.85 62.97 91.16
C LEU B 346 35.04 61.71 90.85
N LYS B 347 33.71 61.80 90.93
CA LYS B 347 32.91 60.62 90.61
C LYS B 347 33.14 60.15 89.17
N GLU B 348 33.50 61.05 88.27
CA GLU B 348 33.67 60.73 86.86
C GLU B 348 35.12 60.45 86.46
N GLU B 349 36.08 60.73 87.34
CA GLU B 349 37.50 60.43 87.11
C GLU B 349 38.05 61.19 85.89
N ASP B 350 38.10 62.52 85.99
CA ASP B 350 38.70 63.37 84.97
C ASP B 350 40.09 63.81 85.45
N PHE B 351 41.10 63.10 84.98
CA PHE B 351 42.46 63.23 85.48
C PHE B 351 43.13 64.55 85.12
N PRO B 352 43.44 64.78 83.83
CA PRO B 352 44.26 65.94 83.48
C PRO B 352 43.65 67.28 83.86
N ASN B 353 42.32 67.42 83.70
CA ASN B 353 41.67 68.66 84.09
C ASN B 353 41.79 68.90 85.58
N LEU B 354 41.66 67.84 86.39
CA LEU B 354 41.86 67.97 87.83
C LEU B 354 43.28 68.38 88.15
N GLY B 355 44.26 67.76 87.49
CA GLY B 355 45.64 68.17 87.70
C GLY B 355 45.86 69.63 87.34
N CYS B 356 45.19 70.11 86.29
CA CYS B 356 45.35 71.49 85.86
C CYS B 356 44.72 72.47 86.84
N LEU B 357 43.46 72.21 87.24
CA LEU B 357 42.74 73.17 88.08
C LEU B 357 43.25 73.14 89.52
N LEU B 358 43.60 71.95 90.02
CA LEU B 358 44.16 71.86 91.36
C LEU B 358 45.53 72.52 91.42
N ASP B 359 46.23 72.59 90.29
CA ASP B 359 47.51 73.28 90.25
C ASP B 359 47.38 74.76 90.58
N ARG B 360 46.18 75.33 90.44
CA ARG B 360 45.96 76.70 90.90
C ARG B 360 46.26 76.82 92.39
N GLU B 361 45.47 76.14 93.22
CA GLU B 361 45.74 76.07 94.64
C GLU B 361 45.57 74.70 95.27
N PHE B 362 44.81 73.78 94.65
CA PHE B 362 44.35 72.57 95.31
C PHE B 362 45.23 71.36 95.06
N ARG B 363 46.53 71.57 94.86
CA ARG B 363 47.45 70.44 94.83
C ARG B 363 47.43 69.64 96.11
N PRO B 364 47.32 70.25 97.30
CA PRO B 364 47.35 69.47 98.54
C PRO B 364 46.23 68.44 98.65
N LEU B 365 45.03 68.74 98.16
CA LEU B 365 43.85 67.94 98.44
C LEU B 365 43.33 67.15 97.23
N SER B 366 44.12 67.09 96.15
CA SER B 366 43.68 66.33 94.98
C SER B 366 43.53 64.85 95.31
N CYS B 367 44.49 64.28 96.05
CA CYS B 367 44.40 62.88 96.46
C CYS B 367 43.21 62.64 97.37
N LEU B 368 42.92 63.58 98.27
CA LEU B 368 41.77 63.43 99.15
C LEU B 368 40.46 63.44 98.37
N LEU B 369 40.34 64.34 97.38
CA LEU B 369 39.15 64.34 96.53
C LEU B 369 39.02 63.04 95.75
N VAL B 370 40.14 62.54 95.23
CA VAL B 370 40.12 61.27 94.52
C VAL B 370 39.66 60.15 95.43
N LEU B 371 40.12 60.14 96.69
CA LEU B 371 39.69 59.13 97.63
C LEU B 371 38.20 59.24 97.93
N LEU B 372 37.69 60.47 98.07
CA LEU B 372 36.27 60.64 98.35
C LEU B 372 35.40 60.12 97.22
N GLY B 373 35.82 60.36 95.97
CA GLY B 373 35.07 59.87 94.83
C GLY B 373 35.39 58.46 94.36
N TRP B 374 36.41 57.82 94.94
CA TRP B 374 36.91 56.55 94.41
C TRP B 374 35.86 55.44 94.45
N THR B 375 35.12 55.32 95.55
CA THR B 375 34.12 54.27 95.64
C THR B 375 33.08 54.36 94.54
N HIS B 376 33.06 55.48 93.81
CA HIS B 376 32.17 55.72 92.68
C HIS B 376 32.88 55.55 91.34
N CYS B 377 33.79 54.58 91.22
CA CYS B 377 34.56 54.37 89.99
C CYS B 377 34.42 52.93 89.51
N GLN B 378 34.58 52.76 88.20
CA GLN B 378 34.36 51.46 87.57
C GLN B 378 35.43 51.04 86.55
N SER B 379 36.31 51.92 86.09
CA SER B 379 37.31 51.57 85.09
C SER B 379 38.71 51.72 85.67
N LEU B 380 39.55 50.71 85.45
CA LEU B 380 40.89 50.71 86.01
C LEU B 380 41.74 51.83 85.43
N GLU B 381 41.64 52.04 84.11
CA GLU B 381 42.42 53.10 83.48
C GLU B 381 42.03 54.47 84.01
N SER B 382 40.72 54.71 84.16
CA SER B 382 40.27 55.99 84.70
C SER B 382 40.75 56.16 86.14
N ALA B 383 40.71 55.10 86.94
CA ALA B 383 41.16 55.19 88.32
C ALA B 383 42.65 55.51 88.40
N LYS B 384 43.46 54.82 87.59
CA LYS B 384 44.88 55.10 87.57
C LYS B 384 45.14 56.53 87.11
N ARG B 385 44.40 56.99 86.11
CA ARG B 385 44.57 58.36 85.64
C ARG B 385 44.22 59.36 86.73
N LEU B 386 43.14 59.10 87.46
CA LEU B 386 42.76 60.00 88.55
C LEU B 386 43.83 60.04 89.62
N LEU B 387 44.37 58.88 89.99
CA LEU B 387 45.43 58.84 91.00
C LEU B 387 46.67 59.58 90.50
N GLN B 388 47.02 59.39 89.24
CA GLN B 388 48.23 60.01 88.71
C GLN B 388 48.10 61.52 88.62
N THR B 389 47.02 62.00 88.00
CA THR B 389 46.89 63.42 87.72
C THR B 389 46.27 64.20 88.86
N LEU B 390 45.74 63.52 89.88
CA LEU B 390 45.35 64.20 91.10
C LEU B 390 46.14 63.70 92.31
N HIS B 391 46.07 62.40 92.60
CA HIS B 391 46.66 61.89 93.83
C HIS B 391 48.18 61.93 93.77
N ARG B 392 48.75 61.47 92.66
CA ARG B 392 50.18 61.67 92.45
C ARG B 392 50.49 63.14 92.24
N THR B 393 49.60 63.86 91.53
CA THR B 393 49.74 65.31 91.45
C THR B 393 49.65 65.94 92.83
N GLN B 394 48.83 65.36 93.70
CA GLN B 394 48.88 65.71 95.12
C GLN B 394 50.09 65.02 95.74
N GLY B 395 51.27 65.58 95.51
CA GLY B 395 52.50 64.95 95.93
C GLY B 395 52.85 65.27 97.37
N PRO B 396 54.04 65.83 97.58
CA PRO B 396 54.43 66.20 98.95
C PRO B 396 53.48 67.18 99.59
N GLY B 397 52.84 68.06 98.81
CA GLY B 397 51.84 68.95 99.37
C GLY B 397 50.61 68.25 99.89
N CYS B 398 50.39 67.01 99.48
CA CYS B 398 49.26 66.25 100.01
C CYS B 398 49.65 65.50 101.28
N ASP B 399 48.63 64.94 101.93
CA ASP B 399 48.87 64.11 103.09
C ASP B 399 49.60 62.83 102.69
N GLU B 400 50.43 62.32 103.61
CA GLU B 400 51.14 61.08 103.35
C GLU B 400 50.18 59.91 103.16
N LEU B 401 49.10 59.89 103.95
CA LEU B 401 48.15 58.78 103.85
C LEU B 401 47.49 58.73 102.47
N LEU B 402 47.18 59.90 101.90
CA LEU B 402 46.48 59.93 100.62
C LEU B 402 47.36 59.41 99.48
N ARG B 403 48.58 59.93 99.36
CA ARG B 403 49.48 59.43 98.34
C ARG B 403 49.84 57.98 98.60
N ASP B 404 49.94 57.58 99.86
CA ASP B 404 50.18 56.19 100.20
C ASP B 404 49.03 55.30 99.72
N ALA B 405 47.80 55.79 99.86
CA ALA B 405 46.65 55.06 99.35
C ALA B 405 46.69 54.97 97.83
N CYS B 406 47.10 56.03 97.17
CA CYS B 406 47.24 55.97 95.71
C CYS B 406 48.27 54.92 95.31
N ASP B 407 49.40 54.88 96.02
CA ASP B 407 50.44 53.91 95.73
C ASP B 407 49.96 52.48 95.99
N GLY B 408 49.30 52.26 97.13
CA GLY B 408 48.78 50.94 97.42
C GLY B 408 47.73 50.51 96.42
N LEU B 409 46.94 51.47 95.92
CA LEU B 409 45.93 51.17 94.92
C LEU B 409 46.57 50.79 93.60
N TRP B 410 47.63 51.50 93.20
CA TRP B 410 48.35 51.11 92.00
C TRP B 410 48.98 49.74 92.16
N ALA B 411 49.52 49.45 93.34
CA ALA B 411 50.10 48.13 93.60
C ALA B 411 49.03 47.05 93.51
N HIS B 412 47.86 47.32 94.09
CA HIS B 412 46.76 46.37 93.98
C HIS B 412 46.31 46.21 92.55
N LEU B 413 46.32 47.30 91.78
CA LEU B 413 45.95 47.22 90.37
C LEU B 413 46.94 46.37 89.59
N GLU B 414 48.23 46.48 89.92
CA GLU B 414 49.24 45.63 89.31
C GLU B 414 49.03 44.17 89.70
N VAL B 415 48.73 43.91 90.98
CA VAL B 415 48.46 42.54 91.42
C VAL B 415 47.24 41.98 90.69
N LEU B 416 46.22 42.81 90.53
CA LEU B 416 45.00 42.37 89.85
C LEU B 416 45.24 42.14 88.37
N GLU B 417 46.08 42.97 87.74
CA GLU B 417 46.47 42.71 86.37
C GLU B 417 47.24 41.40 86.26
N TRP B 418 48.07 41.11 87.25
CA TRP B 418 48.78 39.84 87.29
C TRP B 418 47.80 38.67 87.36
N CYS B 419 46.78 38.79 88.21
CA CYS B 419 45.78 37.75 88.30
C CYS B 419 44.99 37.61 87.00
N ILE B 420 44.63 38.73 86.38
CA ILE B 420 43.86 38.71 85.14
C ILE B 420 44.70 38.10 84.01
N GLN B 421 46.00 38.34 84.02
CA GLN B 421 46.89 37.63 83.10
C GLN B 421 46.90 36.14 83.41
N GLN B 422 46.92 35.79 84.70
CA GLN B 422 46.79 34.39 85.09
C GLN B 422 45.43 33.82 84.73
N SER B 423 44.41 34.66 84.60
CA SER B 423 43.06 34.19 84.28
C SER B 423 42.48 34.96 83.09
N ILE B 427 35.68 37.87 81.31
CA ILE B 427 35.88 38.45 82.64
C ILE B 427 34.67 39.29 83.03
N PRO B 428 34.06 38.94 84.16
CA PRO B 428 32.86 39.69 84.59
C PRO B 428 33.21 41.05 85.16
N LYS B 429 32.96 42.11 84.38
CA LYS B 429 33.17 43.46 84.87
C LYS B 429 32.24 43.77 86.04
N ARG B 430 31.07 43.12 86.08
CA ARG B 430 30.18 43.29 87.20
C ARG B 430 30.81 42.78 88.49
N ASP B 431 31.29 41.54 88.48
CA ASP B 431 31.95 41.00 89.66
C ASP B 431 33.22 41.76 89.97
N LEU B 432 33.95 42.20 88.94
CA LEU B 432 35.19 42.94 89.15
C LEU B 432 34.92 44.25 89.87
N LEU B 433 33.99 45.06 89.36
CA LEU B 433 33.68 46.32 90.01
C LEU B 433 32.97 46.11 91.34
N TYR B 434 32.26 45.00 91.50
CA TYR B 434 31.64 44.68 92.78
C TYR B 434 32.71 44.45 93.85
N HIS B 435 33.72 43.66 93.50
CA HIS B 435 34.85 43.50 94.41
C HIS B 435 35.56 44.81 94.63
N LEU B 436 35.76 45.60 93.56
CA LEU B 436 36.56 46.82 93.66
C LEU B 436 35.89 47.85 94.55
N HIS B 437 34.64 48.18 94.26
CA HIS B 437 33.93 49.13 95.11
C HIS B 437 33.77 48.59 96.52
N GLY B 438 33.67 47.26 96.65
CA GLY B 438 33.50 46.65 97.94
C GLY B 438 34.76 46.03 98.51
N GLY B 439 35.92 46.38 97.94
CA GLY B 439 37.17 45.79 98.39
C GLY B 439 37.42 45.98 99.86
N ASP B 440 36.82 47.02 100.45
CA ASP B 440 36.97 47.25 101.88
C ASP B 440 36.47 46.05 102.68
N SER B 441 35.32 45.50 102.30
CA SER B 441 34.83 44.26 102.89
C SER B 441 35.20 43.06 102.02
N HIS B 442 35.16 43.21 100.71
CA HIS B 442 35.48 42.10 99.82
C HIS B 442 36.92 41.70 99.98
N SER B 443 37.16 40.56 100.58
CA SER B 443 38.51 40.03 100.67
C SER B 443 39.05 39.76 99.28
N VAL B 444 40.37 39.90 99.14
CA VAL B 444 41.02 39.54 97.89
C VAL B 444 40.72 38.08 97.54
N LEU B 445 40.76 37.20 98.55
CA LEU B 445 40.38 35.82 98.33
C LEU B 445 38.91 35.71 97.95
N TYR B 446 38.06 36.55 98.56
CA TYR B 446 36.65 36.57 98.16
C TYR B 446 36.51 36.92 96.69
N THR B 447 37.16 37.99 96.25
CA THR B 447 37.06 38.39 94.85
C THR B 447 37.63 37.33 93.91
N LEU B 448 38.78 36.75 94.27
CA LEU B 448 39.43 35.77 93.41
C LEU B 448 38.59 34.52 93.27
N HIS B 449 38.05 34.01 94.39
CA HIS B 449 37.12 32.90 94.30
C HIS B 449 35.88 33.29 93.50
N HIS B 450 35.45 34.55 93.60
CA HIS B 450 34.31 35.01 92.84
C HIS B 450 34.61 35.09 91.35
N LEU B 451 35.87 35.18 90.96
CA LEU B 451 36.25 35.25 89.56
C LEU B 451 35.87 33.96 88.82
N PRO B 455 43.11 24.33 89.12
CA PRO B 455 43.88 23.08 89.16
C PRO B 455 45.03 23.08 88.18
N ALA B 456 44.70 23.08 86.89
CA ALA B 456 45.69 23.02 85.82
C ALA B 456 46.18 24.39 85.38
N LEU B 457 45.78 25.46 86.07
CA LEU B 457 46.11 26.81 85.64
C LEU B 457 47.55 27.15 86.04
N ARG B 458 47.91 28.42 85.93
CA ARG B 458 49.26 28.89 86.25
C ARG B 458 49.35 29.19 87.74
N GLU B 459 49.63 28.16 88.53
CA GLU B 459 49.91 28.39 89.95
C GLU B 459 51.12 29.29 90.13
N GLU B 460 52.02 29.33 89.14
CA GLU B 460 53.17 30.21 89.21
C GLU B 460 52.74 31.68 89.16
N ASP B 461 51.78 32.02 88.29
CA ASP B 461 51.37 33.41 88.16
C ASP B 461 50.71 33.91 89.43
N VAL B 462 49.78 33.13 89.98
CA VAL B 462 49.14 33.52 91.23
C VAL B 462 50.14 33.50 92.38
N LEU B 463 51.08 32.55 92.36
CA LEU B 463 52.10 32.51 93.39
C LEU B 463 52.96 33.77 93.37
N LYS B 464 53.31 34.25 92.18
CA LYS B 464 54.04 35.51 92.06
C LYS B 464 53.18 36.67 92.54
N LEU B 465 51.90 36.68 92.16
CA LEU B 465 51.02 37.75 92.60
C LEU B 465 50.94 37.80 94.12
N LEU B 466 50.92 36.64 94.77
CA LEU B 466 50.85 36.59 96.22
C LEU B 466 52.19 36.96 96.86
N GLN B 467 53.30 36.46 96.31
CA GLN B 467 54.61 36.78 96.84
C GLN B 467 54.89 38.28 96.73
N LYS B 468 54.25 38.95 95.78
CA LYS B 468 54.28 40.40 95.76
C LYS B 468 53.79 40.98 97.08
N VAL B 469 52.84 40.32 97.72
CA VAL B 469 52.37 40.72 99.04
C VAL B 469 53.07 39.91 100.11
N GLU B 487 48.08 42.11 106.82
CA GLU B 487 49.02 41.98 105.71
C GLU B 487 49.79 40.67 105.78
N HIS B 488 51.11 40.78 105.97
CA HIS B 488 51.95 39.58 106.04
C HIS B 488 51.53 38.69 107.21
N LEU B 489 51.28 39.29 108.37
CA LEU B 489 50.74 38.51 109.49
C LEU B 489 49.36 37.94 109.13
N SER B 490 48.53 38.75 108.49
CA SER B 490 47.27 38.22 107.97
C SER B 490 47.51 37.17 106.90
N GLN B 491 48.46 37.43 105.99
CA GLN B 491 48.80 36.43 104.98
C GLN B 491 49.41 35.19 105.61
N CYS B 492 50.10 35.35 106.74
CA CYS B 492 50.65 34.19 107.44
C CYS B 492 49.55 33.22 107.83
N GLN B 493 48.44 33.73 108.36
CA GLN B 493 47.25 32.90 108.53
C GLN B 493 46.77 32.38 107.19
N ASN B 494 46.72 33.27 106.19
CA ASN B 494 46.35 32.84 104.85
C ASN B 494 47.36 31.85 104.28
N LEU B 495 48.61 31.94 104.74
CA LEU B 495 49.63 31.03 104.24
C LEU B 495 49.31 29.59 104.60
N THR B 496 49.02 29.33 105.88
CA THR B 496 48.57 27.99 106.26
C THR B 496 47.34 27.59 105.45
N LEU B 497 46.43 28.55 105.25
CA LEU B 497 45.31 28.32 104.35
C LEU B 497 45.81 28.12 102.93
N TYR B 498 46.72 28.99 102.47
CA TYR B 498 47.35 28.75 101.18
C TYR B 498 48.06 27.41 101.16
N GLN B 499 48.77 27.10 102.26
CA GLN B 499 49.29 25.75 102.42
C GLN B 499 48.16 24.74 102.42
N GLY B 500 47.09 25.03 103.17
CA GLY B 500 45.90 24.21 103.06
C GLY B 500 45.35 24.23 101.64
N PHE B 501 45.37 25.40 101.01
CA PHE B 501 45.06 25.46 99.58
C PHE B 501 46.07 24.67 98.78
N CYS B 502 47.35 24.78 99.14
CA CYS B 502 48.37 24.01 98.43
C CYS B 502 48.15 22.51 98.59
N ALA B 503 47.85 22.06 99.81
CA ALA B 503 47.60 20.65 100.02
C ALA B 503 46.21 20.24 99.54
N MET B 504 45.32 21.21 99.31
CA MET B 504 43.97 20.87 98.89
C MET B 504 43.96 20.17 97.54
N LYS B 505 44.61 20.75 96.54
CA LYS B 505 44.53 20.25 95.18
C LYS B 505 45.19 18.89 95.04
N TYR B 506 46.35 18.70 95.69
CA TYR B 506 47.12 17.48 95.48
C TYR B 506 46.37 16.25 95.97
N ALA B 507 45.69 16.35 97.12
CA ALA B 507 45.05 15.18 97.71
C ALA B 507 43.92 14.65 96.82
N ILE B 508 43.07 15.54 96.32
CA ILE B 508 41.96 15.11 95.47
C ILE B 508 42.48 14.50 94.18
N TYR B 509 43.48 15.14 93.57
CA TYR B 509 44.01 14.65 92.31
C TYR B 509 44.44 13.21 92.42
N ALA B 510 45.13 12.86 93.51
CA ALA B 510 45.42 11.46 93.77
C ALA B 510 44.13 10.68 93.95
N LEU B 511 43.16 11.27 94.66
CA LEU B 511 41.89 10.58 94.84
C LEU B 511 41.09 10.53 93.55
N CYS B 512 41.25 11.53 92.69
CA CYS B 512 40.39 11.64 91.51
C CYS B 512 40.62 10.48 90.55
N VAL B 513 41.87 10.25 90.16
CA VAL B 513 42.16 9.18 89.21
C VAL B 513 41.96 7.82 89.86
N ASN B 514 42.19 7.74 91.17
CA ASN B 514 42.11 6.47 91.88
C ASN B 514 40.72 5.85 91.82
N SER B 515 39.71 6.63 91.44
CA SER B 515 38.37 6.08 91.29
C SER B 515 38.18 5.42 89.91
N HIS B 516 38.19 6.23 88.86
CA HIS B 516 37.87 5.73 87.52
C HIS B 516 38.86 4.72 87.02
N GLN B 517 40.03 4.61 87.67
CA GLN B 517 41.07 3.67 87.26
C GLN B 517 40.54 2.24 87.19
N SER B 553 49.98 8.71 92.07
CA SER B 553 50.53 8.66 93.42
C SER B 553 51.31 9.92 93.75
N THR B 554 51.84 10.55 92.72
CA THR B 554 52.62 11.77 92.93
C THR B 554 51.78 12.85 93.59
N TYR B 555 50.50 12.94 93.21
CA TYR B 555 49.61 13.91 93.85
C TYR B 555 49.48 13.62 95.34
N LEU B 556 49.41 12.33 95.71
CA LEU B 556 49.20 11.98 97.11
C LEU B 556 50.34 12.45 97.99
N ALA B 557 51.57 12.11 97.61
CA ALA B 557 52.72 12.62 98.35
C ALA B 557 52.79 14.14 98.25
N ARG B 558 52.43 14.69 97.09
CA ARG B 558 52.46 16.14 96.91
C ARG B 558 51.70 16.83 98.03
N CYS B 559 50.50 16.35 98.33
CA CYS B 559 49.82 16.80 99.52
C CYS B 559 50.57 16.36 100.76
N GLN B 560 50.93 15.07 100.84
CA GLN B 560 51.56 14.54 102.04
C GLN B 560 52.84 15.28 102.36
N GLN B 561 53.67 15.52 101.35
CA GLN B 561 54.85 16.35 101.55
C GLN B 561 54.45 17.75 102.01
N TYR B 562 53.52 18.37 101.29
CA TYR B 562 52.97 19.63 101.76
C TYR B 562 52.34 19.45 103.14
N LEU B 563 51.80 18.27 103.41
CA LEU B 563 51.22 17.99 104.73
C LEU B 563 52.29 17.80 105.79
N CYS B 564 53.52 17.46 105.39
CA CYS B 564 54.57 17.31 106.39
C CYS B 564 54.92 18.63 107.06
N SER B 565 54.62 19.76 106.42
CA SER B 565 55.07 21.09 106.87
C SER B 565 53.91 22.08 106.86
N ILE B 566 52.79 21.71 107.48
CA ILE B 566 51.60 22.56 107.52
C ILE B 566 51.28 22.97 108.95
N PRO B 567 50.23 23.78 109.18
CA PRO B 567 49.89 24.21 110.55
C PRO B 567 49.20 23.12 111.36
N ASP B 568 48.65 23.49 112.52
CA ASP B 568 48.07 22.49 113.43
C ASP B 568 46.60 22.19 113.11
N SER B 569 45.73 23.17 113.35
CA SER B 569 44.30 22.92 113.17
C SER B 569 43.96 22.71 111.71
N LEU B 570 44.59 23.46 110.81
CA LEU B 570 44.34 23.29 109.39
C LEU B 570 44.69 21.87 108.94
N CYS B 571 45.89 21.41 109.29
CA CYS B 571 46.31 20.07 108.87
C CYS B 571 45.47 18.98 109.53
N LEU B 572 45.06 19.19 110.79
CA LEU B 572 44.18 18.22 111.42
C LEU B 572 42.87 18.13 110.65
N GLU B 573 42.33 19.28 110.25
CA GLU B 573 41.11 19.27 109.46
C GLU B 573 41.32 18.53 108.15
N LEU B 574 42.46 18.75 107.51
CA LEU B 574 42.74 18.07 106.25
C LEU B 574 42.80 16.57 106.46
N LEU B 575 43.45 16.13 107.54
CA LEU B 575 43.51 14.69 107.81
C LEU B 575 42.13 14.12 108.04
N GLU B 576 41.28 14.86 108.74
CA GLU B 576 39.90 14.43 108.89
C GLU B 576 39.23 14.27 107.54
N ASN B 577 39.49 15.22 106.64
CA ASN B 577 38.90 15.14 105.31
C ASN B 577 39.40 13.88 104.59
N ILE B 578 40.67 13.55 104.77
CA ILE B 578 41.21 12.36 104.14
C ILE B 578 40.53 11.12 104.69
N PHE B 579 40.32 11.09 106.01
CA PHE B 579 39.57 10.00 106.60
C PHE B 579 38.19 9.90 105.98
N SER B 580 37.54 11.04 105.80
CA SER B 580 36.23 11.03 105.15
C SER B 580 36.34 10.45 103.75
N LEU B 581 37.33 10.90 102.99
CA LEU B 581 37.54 10.35 101.66
C LEU B 581 37.72 8.85 101.71
N LEU B 582 38.32 8.34 102.79
CA LEU B 582 38.42 6.91 103.00
C LEU B 582 37.09 6.29 103.42
N LEU B 583 36.15 7.08 103.93
CA LEU B 583 34.85 6.58 104.37
C LEU B 583 33.71 7.23 103.61
N ILE B 584 33.82 7.32 102.28
CA ILE B 584 32.85 7.99 101.44
C ILE B 584 32.38 7.05 100.32
N THR B 585 31.22 7.37 99.76
CA THR B 585 30.63 6.59 98.67
C THR B 585 29.97 7.57 97.69
N SER B 586 29.17 7.02 96.77
CA SER B 586 28.52 7.85 95.76
C SER B 586 27.59 8.87 96.41
N ALA B 587 26.83 8.45 97.41
CA ALA B 587 26.02 9.39 98.16
C ALA B 587 26.90 10.41 98.88
N ASP B 588 27.92 9.94 99.59
CA ASP B 588 28.88 10.84 100.18
C ASP B 588 29.63 11.62 99.11
N LEU B 589 29.68 11.11 97.89
CA LEU B 589 30.23 11.87 96.78
C LEU B 589 29.21 12.89 96.33
N ASP B 667 35.86 20.21 86.00
CA ASP B 667 34.82 19.26 86.41
C ASP B 667 35.44 18.10 87.15
N LEU B 668 35.01 17.89 88.39
CA LEU B 668 35.54 16.80 89.19
C LEU B 668 35.21 15.44 88.58
N LYS B 669 33.99 15.31 88.03
CA LYS B 669 33.56 14.04 87.48
C LYS B 669 34.38 13.60 86.27
N HIS B 670 35.16 14.51 85.68
CA HIS B 670 35.94 14.16 84.50
C HIS B 670 36.95 13.07 84.81
N PHE B 671 37.63 13.16 85.95
CA PHE B 671 38.61 12.16 86.34
C PHE B 671 37.99 10.92 86.95
N THR B 672 36.68 10.89 87.12
CA THR B 672 35.99 9.71 87.63
C THR B 672 35.17 9.05 86.53
N GLU B 682 43.21 -1.60 99.78
CA GLU B 682 44.14 -1.98 100.83
C GLU B 682 45.44 -1.20 100.67
N PHE B 683 45.89 -1.08 99.42
CA PHE B 683 47.04 -0.21 99.15
C PHE B 683 46.79 1.19 99.65
N ALA B 684 45.55 1.68 99.52
CA ALA B 684 45.19 2.91 100.20
C ALA B 684 45.32 2.75 101.71
N ILE B 685 44.88 1.61 102.24
CA ILE B 685 44.92 1.37 103.69
C ILE B 685 46.34 1.49 104.19
N GLY B 686 47.31 1.33 103.30
CA GLY B 686 48.67 1.68 103.65
C GLY B 686 48.99 3.14 103.40
N ALA B 687 48.75 3.61 102.17
CA ALA B 687 49.31 4.87 101.71
C ALA B 687 48.71 6.06 102.45
N PHE B 688 47.38 6.13 102.50
CA PHE B 688 46.76 7.26 103.18
C PHE B 688 47.13 7.26 104.65
N LEU B 689 47.07 6.09 105.29
CA LEU B 689 47.44 5.98 106.69
C LEU B 689 48.87 6.42 106.92
N ARG B 690 49.73 6.25 105.91
CA ARG B 690 51.11 6.68 106.04
C ARG B 690 51.19 8.17 106.36
N LEU B 691 50.70 9.02 105.44
CA LEU B 691 50.75 10.46 105.67
C LEU B 691 49.89 10.85 106.86
N LEU B 692 48.83 10.09 107.15
CA LEU B 692 48.01 10.39 108.31
C LEU B 692 48.81 10.27 109.59
N GLN B 693 49.46 9.13 109.79
CA GLN B 693 50.31 8.96 110.97
C GLN B 693 51.50 9.91 110.92
N GLU B 694 51.95 10.27 109.71
CA GLU B 694 53.05 11.21 109.60
C GLU B 694 52.67 12.57 110.18
N GLN B 695 51.52 13.08 109.78
CA GLN B 695 51.05 14.33 110.36
C GLN B 695 50.80 14.19 111.85
N LEU B 696 50.24 13.04 112.27
CA LEU B 696 49.98 12.84 113.69
C LEU B 696 51.25 12.91 114.52
N ASP B 697 52.31 12.24 114.06
CA ASP B 697 53.58 12.27 114.76
C ASP B 697 54.23 13.64 114.70
N GLU B 698 54.10 14.32 113.55
CA GLU B 698 54.64 15.68 113.44
C GLU B 698 53.99 16.61 114.46
N ILE B 699 52.68 16.49 114.62
CA ILE B 699 51.98 17.27 115.64
C ILE B 699 52.43 16.85 117.03
N SER B 700 52.57 15.53 117.26
CA SER B 700 53.02 15.04 118.55
C SER B 700 54.41 15.55 118.89
N SER B 701 55.21 15.89 117.89
CA SER B 701 56.55 16.42 118.12
C SER B 701 56.49 17.90 118.51
N ARG B 725 40.02 16.75 121.87
CA ARG B 725 39.59 16.69 120.48
C ARG B 725 40.53 15.81 119.65
N LEU B 726 41.81 16.21 119.62
CA LEU B 726 42.80 15.41 118.91
C LEU B 726 42.92 14.03 119.52
N HIS B 727 42.94 13.95 120.86
CA HIS B 727 42.91 12.65 121.51
C HIS B 727 41.64 11.89 121.14
N ARG B 728 40.51 12.59 121.10
CA ARG B 728 39.31 11.99 120.54
C ARG B 728 39.51 11.64 119.07
N LEU B 729 40.11 12.56 118.30
CA LEU B 729 40.36 12.29 116.90
C LEU B 729 41.32 11.11 116.73
N SER B 730 42.39 11.10 117.52
CA SER B 730 43.34 9.99 117.45
C SER B 730 42.67 8.69 117.86
N LYS B 731 41.80 8.75 118.87
CA LYS B 731 41.12 7.54 119.34
C LYS B 731 40.28 6.93 118.22
N VAL B 732 39.62 7.77 117.43
CA VAL B 732 38.87 7.26 116.28
C VAL B 732 39.83 6.55 115.32
N VAL B 733 40.98 7.16 115.06
CA VAL B 733 41.99 6.53 114.23
C VAL B 733 42.82 5.51 114.99
N SER B 734 42.62 5.40 116.32
CA SER B 734 43.41 4.46 117.10
C SER B 734 43.12 3.02 116.69
N GLU B 735 41.85 2.71 116.40
CA GLU B 735 41.47 1.34 116.08
C GLU B 735 41.66 1.00 114.61
N ALA B 736 42.12 1.94 113.79
CA ALA B 736 42.06 1.74 112.34
C ALA B 736 43.13 0.77 111.88
N GLN B 737 44.41 1.13 112.04
CA GLN B 737 45.49 0.44 111.34
C GLN B 737 45.42 -1.06 111.56
N TRP B 738 45.31 -1.48 112.82
CA TRP B 738 45.16 -2.90 113.10
C TRP B 738 43.97 -3.47 112.36
N ARG B 739 42.81 -2.84 112.53
CA ARG B 739 41.66 -3.22 111.72
C ARG B 739 41.98 -3.04 110.25
N HIS B 740 42.57 -1.89 109.89
CA HIS B 740 42.98 -1.67 108.51
C HIS B 740 43.83 -2.83 108.04
N LYS B 741 44.82 -3.20 108.84
CA LYS B 741 45.53 -4.44 108.59
C LYS B 741 44.54 -5.61 108.58
N VAL B 742 43.72 -5.72 109.63
CA VAL B 742 42.83 -6.87 109.73
C VAL B 742 41.86 -6.88 108.57
N VAL B 743 41.30 -5.73 108.23
CA VAL B 743 40.39 -5.65 107.09
C VAL B 743 41.12 -6.03 105.82
N THR B 744 42.31 -5.47 105.62
CA THR B 744 43.15 -5.96 104.54
C THR B 744 43.43 -7.43 104.74
N SER B 745 43.72 -7.84 105.98
CA SER B 745 43.84 -9.26 106.28
C SER B 745 42.55 -9.99 105.99
N ASN B 746 41.41 -9.31 106.15
CA ASN B 746 40.15 -9.93 105.80
C ASN B 746 40.04 -10.14 104.29
N HIS B 747 40.28 -9.09 103.52
CA HIS B 747 40.22 -9.24 102.07
C HIS B 747 41.29 -10.17 101.56
N ARG B 748 42.51 -10.07 102.11
CA ARG B 748 43.57 -10.97 101.70
C ARG B 748 43.26 -12.40 102.10
N SER B 749 42.44 -12.60 103.13
CA SER B 749 42.06 -13.96 103.52
C SER B 749 41.33 -14.66 102.38
N GLU B 750 40.41 -13.94 101.73
CA GLU B 750 39.67 -14.50 100.60
C GLU B 750 40.37 -14.17 99.28
N LEU B 825 33.41 -2.82 99.96
CA LEU B 825 33.91 -1.45 100.04
C LEU B 825 34.05 -1.04 101.49
N ILE B 826 33.94 0.26 101.75
CA ILE B 826 33.86 0.75 103.13
C ILE B 826 32.67 0.04 103.76
N PRO B 827 31.72 -0.44 102.96
CA PRO B 827 30.75 -1.42 103.49
C PRO B 827 31.41 -2.64 104.07
N MET B 828 32.49 -3.13 103.45
CA MET B 828 33.26 -4.16 104.11
C MET B 828 34.04 -3.59 105.27
N MET B 829 34.34 -2.30 105.23
CA MET B 829 35.18 -1.65 106.23
C MET B 829 34.37 -0.97 107.33
N PHE B 830 33.12 -1.35 107.50
CA PHE B 830 32.30 -0.77 108.54
C PHE B 830 31.44 -1.82 109.23
N SER B 831 31.94 -3.04 109.35
CA SER B 831 31.15 -4.10 109.95
C SER B 831 30.96 -3.85 111.45
N PRO B 832 29.78 -4.15 111.99
CA PRO B 832 29.59 -4.00 113.43
C PRO B 832 30.49 -4.95 114.18
N PRO B 833 30.90 -4.59 115.40
CA PRO B 833 31.81 -5.47 116.14
C PRO B 833 31.31 -6.89 116.19
N GLU B 834 30.00 -7.09 116.20
CA GLU B 834 29.46 -8.41 115.95
C GLU B 834 29.77 -8.85 114.53
N SER B 835 29.43 -8.04 113.54
CA SER B 835 29.73 -8.40 112.16
C SER B 835 31.23 -8.40 111.93
N LEU B 836 31.95 -7.57 112.68
CA LEU B 836 33.41 -7.61 112.63
C LEU B 836 33.92 -8.97 113.08
N LEU B 837 33.47 -9.44 114.24
CA LEU B 837 33.85 -10.76 114.69
C LEU B 837 33.37 -11.83 113.72
N ALA B 838 32.24 -11.57 113.06
CA ALA B 838 31.72 -12.51 112.09
C ALA B 838 32.69 -12.69 110.94
N SER B 839 33.12 -11.58 110.35
CA SER B 839 34.12 -11.65 109.28
C SER B 839 35.40 -12.26 109.80
N CYS B 840 35.76 -11.98 111.05
CA CYS B 840 36.98 -12.54 111.61
C CYS B 840 36.90 -14.05 111.65
N ILE B 841 35.75 -14.59 112.05
CA ILE B 841 35.56 -16.02 112.04
C ILE B 841 35.33 -16.53 110.62
N LEU B 842 35.03 -15.65 109.68
CA LEU B 842 34.64 -16.07 108.34
C LEU B 842 35.66 -17.02 107.74
N ARG B 843 36.91 -16.55 107.63
CA ARG B 843 37.96 -17.43 107.14
C ARG B 843 38.21 -18.60 108.08
N GLY B 844 37.72 -18.53 109.31
CA GLY B 844 38.03 -19.56 110.29
C GLY B 844 39.39 -19.41 110.95
N ASN B 845 39.92 -18.19 111.05
CA ASN B 845 41.23 -17.94 111.65
C ASN B 845 41.02 -17.31 113.03
N PHE B 846 41.56 -17.94 114.06
CA PHE B 846 41.35 -17.47 115.43
C PHE B 846 42.44 -16.51 115.88
N ALA B 847 43.69 -16.77 115.47
CA ALA B 847 44.81 -15.96 115.95
C ALA B 847 44.64 -14.50 115.55
N GLU B 848 44.31 -14.26 114.28
CA GLU B 848 44.09 -12.89 113.83
C GLU B 848 42.91 -12.26 114.54
N ALA B 849 41.83 -13.01 114.74
CA ALA B 849 40.66 -12.48 115.43
C ALA B 849 40.93 -12.22 116.90
N HIS B 850 42.01 -12.78 117.47
CA HIS B 850 42.25 -12.64 118.90
C HIS B 850 42.42 -11.19 119.28
N GLN B 851 43.15 -10.42 118.47
CA GLN B 851 43.33 -9.00 118.75
C GLN B 851 42.01 -8.26 118.71
N VAL B 852 41.15 -8.59 117.74
CA VAL B 852 39.84 -7.95 117.67
C VAL B 852 39.04 -8.28 118.93
N LEU B 853 39.15 -9.52 119.40
CA LEU B 853 38.47 -9.89 120.64
C LEU B 853 38.99 -9.07 121.80
N PHE B 854 40.30 -8.91 121.90
CA PHE B 854 40.88 -8.21 123.02
C PHE B 854 40.53 -6.72 123.01
N THR B 855 40.52 -6.09 121.83
CA THR B 855 40.36 -4.65 121.75
C THR B 855 38.99 -4.19 121.30
N PHE B 856 38.04 -5.11 121.11
CA PHE B 856 36.72 -4.74 120.61
C PHE B 856 35.88 -4.00 121.64
N ASN B 857 36.34 -3.94 122.90
CA ASN B 857 35.58 -3.35 124.00
C ASN B 857 34.26 -4.08 124.21
N LEU B 858 34.25 -5.38 123.93
CA LEU B 858 33.08 -6.22 124.12
C LEU B 858 33.52 -7.68 124.15
N LYS B 859 32.97 -8.45 125.10
CA LYS B 859 33.30 -9.86 125.24
C LYS B 859 32.04 -10.67 125.50
N SER B 860 30.97 -10.40 124.76
CA SER B 860 29.68 -11.05 124.95
C SER B 860 29.18 -11.59 123.61
N SER B 861 29.48 -12.86 123.34
CA SER B 861 28.98 -13.60 122.18
C SER B 861 29.36 -15.06 122.32
N PRO B 862 28.49 -16.00 121.90
CA PRO B 862 28.89 -17.42 121.90
C PRO B 862 30.08 -17.67 121.01
N SER B 863 30.34 -16.79 120.04
CA SER B 863 31.53 -16.90 119.22
C SER B 863 32.78 -17.06 120.06
N SER B 864 32.75 -16.68 121.34
CA SER B 864 33.87 -16.97 122.22
C SER B 864 34.05 -18.48 122.35
N GLY B 865 32.99 -19.19 122.67
CA GLY B 865 33.06 -20.63 122.69
C GLY B 865 33.37 -21.19 121.33
N GLU B 866 32.88 -20.52 120.28
CA GLU B 866 33.19 -20.99 118.93
C GLU B 866 34.69 -20.93 118.68
N LEU B 867 35.34 -19.85 119.10
CA LEU B 867 36.79 -19.75 118.98
C LEU B 867 37.46 -20.81 119.83
N MET B 868 36.92 -21.05 121.02
CA MET B 868 37.43 -22.13 121.85
C MET B 868 37.47 -23.42 121.07
N PHE B 869 36.36 -23.75 120.42
CA PHE B 869 36.29 -24.99 119.65
C PHE B 869 37.25 -24.97 118.48
N MET B 870 37.32 -23.85 117.77
CA MET B 870 38.19 -23.77 116.60
C MET B 870 39.64 -23.95 117.00
N GLU B 871 40.00 -23.48 118.19
CA GLU B 871 41.37 -23.65 118.67
C GLU B 871 41.63 -25.08 119.14
N ARG B 872 40.67 -25.68 119.83
CA ARG B 872 40.92 -26.99 120.44
C ARG B 872 40.68 -28.12 119.45
N TYR B 873 39.46 -28.19 118.92
CA TYR B 873 39.07 -29.27 118.04
C TYR B 873 39.97 -29.38 116.82
N GLN B 874 40.60 -28.28 116.41
CA GLN B 874 41.53 -28.35 115.29
C GLN B 874 42.68 -29.31 115.57
N GLU B 875 43.48 -29.00 116.60
CA GLU B 875 44.56 -29.89 116.96
C GLU B 875 44.04 -31.26 117.37
N VAL B 876 42.84 -31.29 117.95
CA VAL B 876 42.22 -32.57 118.30
C VAL B 876 42.05 -33.43 117.06
N ILE B 877 41.56 -32.81 115.99
CA ILE B 877 41.34 -33.53 114.75
C ILE B 877 42.66 -33.93 114.12
N GLN B 878 43.67 -33.07 114.23
CA GLN B 878 44.98 -33.44 113.72
C GLN B 878 45.51 -34.67 114.42
N GLU B 879 45.42 -34.68 115.75
CA GLU B 879 45.90 -35.81 116.53
C GLU B 879 45.09 -37.06 116.24
N LEU B 880 43.78 -36.92 116.13
CA LEU B 880 42.96 -38.08 115.79
C LEU B 880 43.30 -38.60 114.41
N ALA B 881 43.53 -37.69 113.46
CA ALA B 881 43.85 -38.08 112.10
C ALA B 881 45.14 -38.86 112.05
N GLN B 882 46.15 -38.42 112.81
CA GLN B 882 47.37 -39.21 112.91
C GLN B 882 47.12 -40.53 113.62
N VAL B 883 46.28 -40.52 114.66
CA VAL B 883 46.09 -41.70 115.49
C VAL B 883 45.49 -42.82 114.68
N GLU B 884 44.60 -42.49 113.75
CA GLU B 884 43.97 -43.54 112.94
C GLU B 884 45.01 -44.30 112.11
N HIS B 885 45.83 -43.58 111.35
CA HIS B 885 46.84 -44.22 110.52
C HIS B 885 47.87 -44.93 111.38
N LYS B 886 48.18 -44.35 112.54
CA LYS B 886 49.09 -45.02 113.45
C LYS B 886 48.51 -46.35 113.90
N ILE B 887 47.23 -46.37 114.22
CA ILE B 887 46.57 -47.59 114.68
C ILE B 887 46.59 -48.63 113.56
N GLU B 888 46.30 -48.20 112.34
CA GLU B 888 46.29 -49.12 111.22
C GLU B 888 47.68 -49.70 110.98
N ASN B 889 48.70 -48.84 110.99
CA ASN B 889 50.06 -49.31 110.75
C ASN B 889 50.50 -50.27 111.84
N GLN B 890 50.15 -49.98 113.10
CA GLN B 890 50.43 -50.93 114.18
C GLN B 890 49.73 -52.24 113.93
N ASN B 891 48.47 -52.19 113.50
CA ASN B 891 47.79 -53.40 113.04
C ASN B 891 48.36 -53.88 111.71
N SER B 892 49.09 -53.05 111.01
CA SER B 892 49.72 -53.45 109.76
C SER B 892 51.13 -53.98 110.00
N VAL B 921 45.85 -46.64 122.26
CA VAL B 921 45.30 -45.82 121.19
C VAL B 921 43.88 -45.38 121.55
N PHE B 922 43.07 -46.32 122.02
CA PHE B 922 41.70 -46.00 122.41
C PHE B 922 41.69 -45.02 123.58
N TYR B 923 42.56 -45.23 124.55
CA TYR B 923 42.64 -44.31 125.68
C TYR B 923 43.06 -42.91 125.22
N SER B 924 44.03 -42.84 124.32
CA SER B 924 44.45 -41.53 123.79
C SER B 924 43.31 -40.87 123.03
N ILE B 925 42.57 -41.65 122.25
CA ILE B 925 41.45 -41.09 121.51
C ILE B 925 40.39 -40.57 122.47
N SER B 926 40.08 -41.35 123.51
CA SER B 926 39.11 -40.89 124.48
C SER B 926 39.60 -39.63 125.17
N ASP B 927 40.91 -39.53 125.40
CA ASP B 927 41.48 -38.34 126.01
C ASP B 927 41.32 -37.13 125.08
N VAL B 928 41.61 -37.33 123.80
CA VAL B 928 41.39 -36.27 122.83
C VAL B 928 39.93 -35.88 122.80
N THR B 929 39.05 -36.86 122.95
CA THR B 929 37.62 -36.58 123.00
C THR B 929 37.29 -35.68 124.18
N ASP B 930 37.74 -36.09 125.37
CA ASP B 930 37.49 -35.29 126.57
C ASP B 930 38.06 -33.90 126.42
N LYS B 931 39.15 -33.76 125.66
CA LYS B 931 39.76 -32.45 125.47
C LYS B 931 38.74 -31.45 124.94
N LEU B 932 37.74 -31.92 124.21
CA LEU B 932 36.59 -31.10 123.91
C LEU B 932 35.45 -31.32 124.90
N LEU B 933 35.27 -32.56 125.34
CA LEU B 933 34.18 -32.85 126.27
C LEU B 933 34.39 -32.14 127.59
N ASN B 934 35.63 -32.15 128.08
CA ASN B 934 35.96 -31.51 129.34
C ASN B 934 36.84 -30.30 129.09
N THR B 935 36.62 -29.25 129.87
CA THR B 935 37.40 -28.02 129.79
C THR B 935 38.35 -27.95 130.98
N SER B 936 39.64 -27.77 130.70
CA SER B 936 40.62 -27.65 131.78
C SER B 936 40.36 -26.41 132.62
N GLY B 937 40.11 -25.27 131.97
CA GLY B 937 39.83 -24.05 132.68
C GLY B 937 38.36 -23.71 132.70
N ASP B 938 38.01 -22.55 132.14
CA ASP B 938 36.62 -22.13 132.11
C ASP B 938 35.80 -23.04 131.21
N PRO B 939 34.53 -23.28 131.56
CA PRO B 939 33.71 -24.18 130.75
C PRO B 939 33.44 -23.60 129.37
N ILE B 940 33.28 -24.51 128.41
CA ILE B 940 33.00 -24.08 127.03
C ILE B 940 31.62 -23.43 126.99
N PRO B 941 31.44 -22.33 126.26
CA PRO B 941 30.11 -21.71 126.19
C PRO B 941 29.05 -22.67 125.69
N MET B 942 29.40 -23.56 124.78
CA MET B 942 28.48 -24.60 124.35
C MET B 942 28.45 -25.78 125.31
N LEU B 943 29.42 -25.89 126.22
CA LEU B 943 29.44 -27.02 127.13
C LEU B 943 28.18 -27.08 127.97
N GLN B 944 27.52 -25.96 128.21
CA GLN B 944 26.24 -25.99 128.89
C GLN B 944 25.17 -26.56 127.97
N GLU B 945 24.32 -27.41 128.52
CA GLU B 945 23.26 -28.03 127.73
C GLU B 945 22.13 -27.03 127.46
N ASP B 946 21.52 -26.52 128.53
CA ASP B 946 20.48 -25.51 128.38
C ASP B 946 21.01 -24.21 127.79
N PHE B 947 22.31 -24.11 127.51
CA PHE B 947 22.80 -22.99 126.71
C PHE B 947 22.09 -22.96 125.37
N TRP B 948 21.82 -24.13 124.80
CA TRP B 948 20.91 -24.20 123.67
C TRP B 948 19.54 -23.67 124.06
N ILE B 949 19.03 -24.12 125.21
CA ILE B 949 17.78 -23.57 125.71
C ILE B 949 17.94 -22.10 126.03
N SER B 950 19.14 -21.68 126.42
CA SER B 950 19.39 -20.26 126.64
C SER B 950 19.22 -19.49 125.34
N THR B 951 19.67 -20.06 124.23
CA THR B 951 19.47 -19.43 122.93
C THR B 951 18.00 -19.30 122.58
N ALA B 952 17.12 -20.03 123.28
CA ALA B 952 15.69 -19.95 123.04
C ALA B 952 15.13 -18.77 123.80
N LEU B 953 14.68 -17.76 123.07
CA LEU B 953 14.03 -16.59 123.65
C LEU B 953 12.51 -16.69 123.51
N VAL B 954 11.97 -17.76 124.07
CA VAL B 954 10.54 -18.02 123.99
C VAL B 954 10.09 -18.86 125.17
N ALA B 958 7.11 -22.93 122.74
CA ALA B 958 6.23 -23.06 121.58
C ALA B 958 5.95 -24.53 121.28
N PRO B 959 5.27 -24.79 120.17
CA PRO B 959 4.98 -26.19 119.81
C PRO B 959 6.23 -27.02 119.66
N LEU B 960 7.32 -26.43 119.16
CA LEU B 960 8.57 -27.13 118.97
C LEU B 960 9.47 -27.08 120.20
N ARG B 961 9.04 -26.44 121.29
CA ARG B 961 9.85 -26.47 122.50
C ARG B 961 9.99 -27.91 122.99
N GLU B 962 8.91 -28.68 122.91
CA GLU B 962 9.00 -30.10 123.25
C GLU B 962 9.93 -30.83 122.30
N VAL B 963 9.90 -30.48 121.02
CA VAL B 963 10.84 -31.07 120.07
C VAL B 963 12.26 -30.79 120.50
N LEU B 964 12.53 -29.53 120.84
CA LEU B 964 13.82 -29.15 121.39
C LEU B 964 14.15 -29.93 122.65
N GLU B 965 13.13 -30.36 123.39
CA GLU B 965 13.38 -31.21 124.55
C GLU B 965 13.99 -32.54 124.16
N ASP B 966 13.98 -32.90 122.88
CA ASP B 966 14.69 -34.07 122.43
C ASP B 966 16.17 -33.80 122.16
N LEU B 967 16.63 -32.57 122.33
CA LEU B 967 17.99 -32.21 121.96
C LEU B 967 19.00 -32.69 123.01
N SER B 968 20.23 -32.90 122.54
CA SER B 968 21.36 -33.28 123.40
C SER B 968 22.52 -32.36 123.07
N PRO B 969 22.55 -31.17 123.65
CA PRO B 969 23.59 -30.20 123.31
C PRO B 969 24.96 -30.77 123.58
N PRO B 970 25.13 -31.53 124.67
CA PRO B 970 26.44 -32.16 124.90
C PRO B 970 26.87 -33.04 123.76
N ALA B 971 25.92 -33.68 123.09
CA ALA B 971 26.21 -34.43 121.88
C ALA B 971 26.02 -33.61 120.63
N MET B 972 25.37 -32.45 120.72
CA MET B 972 25.08 -31.66 119.54
C MET B 972 26.35 -31.32 118.78
N ALA B 973 27.48 -31.27 119.46
CA ALA B 973 28.78 -31.22 118.79
C ALA B 973 29.49 -32.56 118.77
N ALA B 974 29.12 -33.49 119.65
CA ALA B 974 29.83 -34.77 119.70
C ALA B 974 29.60 -35.57 118.43
N PHE B 975 28.34 -35.73 118.03
CA PHE B 975 28.05 -36.40 116.77
C PHE B 975 28.63 -35.63 115.59
N ASP B 976 28.57 -34.30 115.66
CA ASP B 976 29.19 -33.47 114.65
C ASP B 976 30.64 -33.85 114.45
N LEU B 977 31.40 -33.91 115.53
CA LEU B 977 32.81 -34.23 115.43
C LEU B 977 33.02 -35.68 115.02
N ALA B 978 32.14 -36.58 115.46
CA ALA B 978 32.22 -37.95 114.97
C ALA B 978 32.13 -37.96 113.46
N CYS B 979 31.34 -37.05 112.91
CA CYS B 979 31.31 -36.84 111.46
C CYS B 979 32.40 -35.90 110.97
N SER B 980 33.22 -35.34 111.87
CA SER B 980 34.28 -34.46 111.43
C SER B 980 35.21 -35.19 110.47
N GLN B 981 35.86 -36.25 110.94
CA GLN B 981 36.73 -37.03 110.08
C GLN B 981 36.88 -38.49 110.48
N CYS B 982 36.06 -39.03 111.36
CA CYS B 982 36.27 -40.36 111.92
C CYS B 982 36.34 -41.41 110.82
N GLN B 983 37.50 -42.05 110.67
CA GLN B 983 37.73 -42.86 109.48
C GLN B 983 38.47 -44.15 109.75
N LEU B 984 38.11 -44.88 110.81
CA LEU B 984 38.62 -46.22 111.01
C LEU B 984 37.57 -47.04 111.75
N TRP B 985 37.68 -48.37 111.62
CA TRP B 985 36.62 -49.26 112.08
C TRP B 985 36.37 -49.07 113.57
N LYS B 986 37.35 -49.44 114.39
CA LYS B 986 37.21 -49.22 115.81
C LYS B 986 37.06 -47.74 116.11
N THR B 987 37.62 -46.88 115.27
CA THR B 987 37.46 -45.45 115.48
C THR B 987 36.00 -45.06 115.40
N CYS B 988 35.28 -45.59 114.40
CA CYS B 988 33.85 -45.36 114.36
C CYS B 988 33.18 -45.99 115.57
N LYS B 989 33.61 -47.19 115.95
CA LYS B 989 33.02 -47.84 117.11
C LYS B 989 33.08 -46.94 118.33
N GLN B 990 34.25 -46.38 118.59
CA GLN B 990 34.42 -45.55 119.77
C GLN B 990 33.70 -44.23 119.62
N LEU B 991 33.87 -43.56 118.48
CA LEU B 991 33.23 -42.26 118.29
C LEU B 991 31.72 -42.38 118.38
N LEU B 992 31.20 -43.60 118.23
CA LEU B 992 29.79 -43.82 118.50
C LEU B 992 29.54 -44.13 119.96
N GLU B 993 30.33 -45.03 120.55
CA GLU B 993 30.03 -45.51 121.89
C GLU B 993 30.19 -44.41 122.93
N THR B 994 31.24 -43.61 122.82
CA THR B 994 31.43 -42.51 123.76
C THR B 994 30.30 -41.51 123.66
N ALA B 995 29.90 -41.16 122.44
CA ALA B 995 28.75 -40.28 122.27
C ALA B 995 27.50 -40.92 122.85
N GLU B 996 27.41 -42.25 122.80
CA GLU B 996 26.29 -42.92 123.42
C GLU B 996 26.32 -42.76 124.93
N ARG B 997 27.50 -42.87 125.51
CA ARG B 997 27.64 -42.60 126.94
C ARG B 997 27.20 -41.18 127.24
N ARG B 998 27.56 -40.24 126.37
CA ARG B 998 27.13 -38.85 126.53
C ARG B 998 25.61 -38.74 126.46
N LEU B 999 24.99 -39.46 125.54
CA LEU B 999 23.54 -39.42 125.42
C LEU B 999 22.88 -40.00 126.67
N ASN B 1000 23.42 -41.09 127.19
CA ASN B 1000 22.89 -41.67 128.41
C ASN B 1000 23.01 -40.67 129.57
N SER B 1001 24.14 -39.99 129.65
CA SER B 1001 24.30 -38.95 130.67
C SER B 1001 23.30 -37.83 130.46
N SER B 1002 23.01 -37.49 129.20
CA SER B 1002 22.03 -36.45 128.91
C SER B 1002 20.66 -36.85 129.41
N LEU B 1003 20.27 -38.11 129.15
CA LEU B 1003 18.97 -38.59 129.60
C LEU B 1003 18.89 -38.62 131.12
N GLU B 1004 19.96 -39.07 131.79
CA GLU B 1004 19.99 -39.05 133.25
C GLU B 1004 19.87 -37.62 133.77
N ARG B 1005 20.59 -36.70 133.16
CA ARG B 1005 20.38 -35.28 133.42
C ARG B 1005 18.98 -34.86 132.99
N ARG B 1006 18.53 -35.35 131.83
CA ARG B 1006 17.18 -35.03 131.40
C ARG B 1006 16.14 -35.51 132.41
N GLY B 1007 16.35 -36.70 132.96
CA GLY B 1007 15.35 -37.26 133.86
C GLY B 1007 13.99 -37.43 133.23
N ARG B 1008 13.96 -37.83 131.96
CA ARG B 1008 12.71 -38.00 131.22
C ARG B 1008 12.76 -39.31 130.45
N ARG B 1009 11.57 -39.85 130.18
CA ARG B 1009 11.43 -41.11 129.48
C ARG B 1009 11.54 -40.92 127.98
N ILE B 1010 11.80 -42.02 127.28
CA ILE B 1010 12.01 -42.00 125.84
C ILE B 1010 10.63 -42.13 125.20
N ASP B 1011 9.99 -40.99 124.94
CA ASP B 1011 8.70 -40.96 124.25
C ASP B 1011 8.96 -41.26 122.77
N HIS B 1012 9.23 -42.53 122.49
CA HIS B 1012 9.54 -42.93 121.13
C HIS B 1012 8.38 -42.67 120.20
N VAL B 1013 7.15 -42.92 120.66
CA VAL B 1013 5.97 -42.80 119.81
C VAL B 1013 5.65 -41.33 119.56
N LEU B 1014 6.32 -40.44 120.28
CA LEU B 1014 6.03 -39.01 120.20
C LEU B 1014 6.52 -38.47 118.86
N LEU B 1015 5.76 -38.75 117.81
CA LEU B 1015 6.08 -38.24 116.48
C LEU B 1015 5.88 -36.74 116.42
N ASN B 1016 6.75 -36.07 115.68
CA ASN B 1016 6.70 -34.61 115.59
C ASN B 1016 5.86 -34.18 114.40
N ALA B 1017 4.82 -33.38 114.67
CA ALA B 1017 4.00 -32.85 113.58
C ALA B 1017 4.77 -31.80 112.78
N ASP B 1018 5.63 -31.03 113.44
CA ASP B 1018 6.38 -29.99 112.74
C ASP B 1018 7.36 -30.55 111.73
N GLY B 1019 7.84 -31.78 111.94
CA GLY B 1019 8.79 -32.36 111.01
C GLY B 1019 10.16 -32.62 111.58
N ILE B 1020 10.21 -33.08 112.83
CA ILE B 1020 11.45 -33.53 113.44
C ILE B 1020 11.47 -35.05 113.42
N ARG B 1021 12.53 -35.63 112.87
CA ARG B 1021 12.61 -37.08 112.69
C ARG B 1021 13.30 -37.80 113.83
N GLY B 1022 13.69 -37.09 114.88
CA GLY B 1022 14.17 -37.76 116.07
C GLY B 1022 15.66 -37.75 116.25
N PHE B 1023 16.14 -36.86 117.10
CA PHE B 1023 17.56 -36.68 117.36
C PHE B 1023 18.16 -37.96 117.89
N PRO B 1024 17.76 -38.40 119.08
CA PRO B 1024 18.17 -39.73 119.52
C PRO B 1024 17.70 -40.79 118.55
N VAL B 1025 16.57 -40.58 117.89
CA VAL B 1025 16.08 -41.58 116.94
C VAL B 1025 17.04 -41.72 115.78
N VAL B 1026 17.47 -40.61 115.22
CA VAL B 1026 18.46 -40.67 114.14
C VAL B 1026 19.76 -41.26 114.66
N LEU B 1027 20.13 -40.89 115.88
CA LEU B 1027 21.35 -41.43 116.46
C LEU B 1027 21.30 -42.94 116.50
N GLN B 1028 20.24 -43.49 117.07
CA GLN B 1028 20.11 -44.94 117.15
C GLN B 1028 19.98 -45.55 115.77
N GLN B 1029 19.39 -44.82 114.83
CA GLN B 1029 19.30 -45.32 113.46
C GLN B 1029 20.70 -45.56 112.90
N ILE B 1030 21.57 -44.58 113.06
CA ILE B 1030 22.95 -44.75 112.60
C ILE B 1030 23.63 -45.86 113.38
N SER B 1031 23.38 -45.91 114.69
CA SER B 1031 24.05 -46.91 115.52
C SER B 1031 23.67 -48.31 115.08
N LYS B 1032 22.38 -48.57 114.99
CA LYS B 1032 21.92 -49.88 114.57
C LYS B 1032 22.31 -50.18 113.14
N SER B 1033 22.37 -49.16 112.28
CA SER B 1033 22.81 -49.41 110.92
C SER B 1033 24.25 -49.86 110.87
N LEU B 1034 25.10 -49.19 111.65
CA LEU B 1034 26.49 -49.63 111.75
C LEU B 1034 26.53 -51.04 112.29
N ASN B 1035 25.68 -51.33 113.27
CA ASN B 1035 25.62 -52.67 113.84
C ASN B 1035 25.26 -53.69 112.77
N TYR B 1036 24.27 -53.38 111.95
CA TYR B 1036 23.83 -54.33 110.92
C TYR B 1036 24.89 -54.51 109.86
N LEU B 1037 25.56 -53.42 109.47
CA LEU B 1037 26.63 -53.53 108.51
C LEU B 1037 27.74 -54.42 109.05
N LEU B 1038 28.13 -54.20 110.31
CA LEU B 1038 29.18 -54.99 110.92
C LEU B 1038 28.79 -56.46 111.01
N MET B 1039 27.56 -56.73 111.44
CA MET B 1039 27.11 -58.12 111.59
C MET B 1039 27.08 -58.82 110.24
N SER B 1040 26.56 -58.15 109.21
CA SER B 1040 26.56 -58.74 107.88
C SER B 1040 27.98 -59.00 107.42
N ALA B 1041 28.88 -58.06 107.68
CA ALA B 1041 30.29 -58.28 107.37
C ALA B 1041 30.80 -59.51 108.11
N SER B 1042 30.31 -59.75 109.32
CA SER B 1042 30.72 -60.89 110.11
C SER B 1042 30.07 -62.16 109.58
N ILE B 1061 30.71 -44.58 109.13
CA ILE B 1061 30.02 -43.34 109.48
C ILE B 1061 29.99 -42.49 108.25
N THR B 1062 31.11 -41.83 107.96
CA THR B 1062 31.42 -41.50 106.58
C THR B 1062 31.80 -42.75 105.83
N GLU B 1063 32.02 -43.85 106.53
CA GLU B 1063 32.11 -45.15 105.90
C GLU B 1063 30.80 -45.51 105.21
N LEU B 1064 29.68 -45.01 105.71
CA LEU B 1064 28.38 -45.49 105.27
C LEU B 1064 27.48 -44.40 104.72
N LEU B 1065 27.36 -43.27 105.40
CA LEU B 1065 26.30 -42.31 105.15
C LEU B 1065 26.38 -41.71 103.74
N GLN B 1066 27.29 -42.23 102.92
CA GLN B 1066 27.41 -41.86 101.52
C GLN B 1066 27.29 -43.04 100.56
N MET B 1067 26.91 -44.22 101.03
CA MET B 1067 26.60 -45.32 100.13
C MET B 1067 25.21 -45.10 99.55
N CYS B 1068 24.70 -46.08 98.82
CA CYS B 1068 23.51 -45.82 98.01
C CYS B 1068 22.52 -46.96 98.07
N TRP B 1069 22.27 -47.51 99.27
CA TRP B 1069 21.08 -48.32 99.43
C TRP B 1069 19.86 -47.41 99.45
N PRO B 1070 18.66 -47.95 99.27
CA PRO B 1070 17.49 -47.10 99.05
C PRO B 1070 17.26 -46.07 100.16
N SER B 1071 17.06 -46.55 101.38
CA SER B 1071 16.92 -45.67 102.53
C SER B 1071 17.62 -46.30 103.73
N LEU B 1072 18.04 -45.45 104.65
CA LEU B 1072 18.76 -45.91 105.84
C LEU B 1072 17.83 -46.45 106.91
N SER B 1073 16.62 -46.84 106.55
CA SER B 1073 15.68 -47.39 107.53
C SER B 1073 16.23 -48.64 108.17
N GLU B 1074 15.51 -49.14 109.17
CA GLU B 1074 16.03 -50.24 109.99
C GLU B 1074 16.21 -51.53 109.20
N ASP B 1075 15.26 -51.86 108.32
CA ASP B 1075 15.29 -53.17 107.71
C ASP B 1075 15.91 -53.16 106.31
N CYS B 1076 15.70 -52.09 105.56
CA CYS B 1076 15.96 -52.11 104.13
C CYS B 1076 17.38 -52.57 103.81
N VAL B 1077 18.33 -52.25 104.66
CA VAL B 1077 19.73 -52.61 104.38
C VAL B 1077 19.86 -54.13 104.26
N ALA B 1078 19.59 -54.84 105.37
CA ALA B 1078 19.70 -56.29 105.36
C ALA B 1078 18.69 -56.92 104.41
N SER B 1079 17.52 -56.29 104.25
CA SER B 1079 16.54 -56.80 103.30
C SER B 1079 17.15 -56.89 101.90
N HIS B 1080 17.73 -55.78 101.43
CA HIS B 1080 18.33 -55.77 100.10
C HIS B 1080 19.52 -56.70 100.04
N THR B 1081 20.31 -56.77 101.10
CA THR B 1081 21.46 -57.66 101.09
C THR B 1081 21.01 -59.10 100.88
N THR B 1082 19.99 -59.52 101.63
CA THR B 1082 19.48 -60.87 101.50
C THR B 1082 18.87 -61.09 100.12
N LEU B 1083 18.13 -60.10 99.62
CA LEU B 1083 17.48 -60.27 98.32
C LEU B 1083 18.50 -60.43 97.23
N SER B 1084 19.50 -59.57 97.20
CA SER B 1084 20.53 -59.64 96.17
C SER B 1084 21.30 -60.95 96.28
N GLN B 1085 21.69 -61.34 97.50
CA GLN B 1085 22.40 -62.58 97.66
C GLN B 1085 21.57 -63.77 97.21
N GLN B 1086 20.27 -63.79 97.52
CA GLN B 1086 19.41 -64.89 97.10
C GLN B 1086 19.27 -64.94 95.59
N LEU B 1087 19.06 -63.79 94.94
CA LEU B 1087 18.92 -63.77 93.49
C LEU B 1087 20.19 -64.28 92.83
N ASP B 1088 21.35 -63.86 93.33
CA ASP B 1088 22.59 -64.33 92.76
C ASP B 1088 22.80 -65.82 92.99
N GLN B 1089 22.59 -66.28 94.21
CA GLN B 1089 22.78 -67.70 94.50
C GLN B 1089 21.82 -68.57 93.71
N VAL B 1090 20.67 -68.02 93.35
CA VAL B 1090 19.75 -68.74 92.49
C VAL B 1090 20.25 -68.73 91.05
N LEU B 1091 20.38 -67.54 90.47
CA LEU B 1091 20.69 -67.43 89.04
C LEU B 1091 21.99 -68.14 88.69
N GLN B 1092 22.93 -68.22 89.63
CA GLN B 1092 24.15 -68.95 89.35
C GLN B 1092 23.86 -70.42 89.11
N SER B 1093 23.14 -71.05 90.03
CA SER B 1093 22.75 -72.45 89.84
C SER B 1093 21.81 -72.59 88.66
N LEU B 1094 21.07 -71.54 88.34
CA LEU B 1094 20.17 -71.54 87.21
C LEU B 1094 20.98 -71.76 85.95
N ARG B 1095 21.83 -70.78 85.62
CA ARG B 1095 22.67 -70.91 84.44
C ARG B 1095 23.46 -72.21 84.46
N GLU B 1096 23.89 -72.64 85.65
CA GLU B 1096 24.61 -73.91 85.75
C GLU B 1096 23.76 -75.06 85.24
N ALA B 1097 22.52 -75.14 85.70
CA ALA B 1097 21.66 -76.25 85.28
C ALA B 1097 21.27 -76.10 83.82
N LEU B 1098 20.81 -74.92 83.43
CA LEU B 1098 20.27 -74.69 82.09
C LEU B 1098 21.35 -74.75 81.01
N GLU B 1099 22.63 -74.64 81.38
CA GLU B 1099 23.68 -74.84 80.41
C GLU B 1099 23.76 -76.28 79.94
N LEU B 1100 23.10 -77.21 80.62
CA LEU B 1100 23.14 -78.61 80.25
C LEU B 1100 22.48 -78.86 78.90
N PRO B 1106 18.61 -82.48 68.88
CA PRO B 1106 17.53 -83.48 68.79
C PRO B 1106 16.16 -82.87 69.05
N PRO B 1107 16.13 -81.73 69.75
CA PRO B 1107 14.84 -81.05 70.01
C PRO B 1107 13.72 -81.99 70.38
N LEU B 1108 12.99 -82.44 69.36
CA LEU B 1108 11.84 -83.31 69.59
C LEU B 1108 12.26 -84.59 70.28
N SER B 1109 13.38 -85.17 69.85
CA SER B 1109 13.84 -86.40 70.46
C SER B 1109 14.12 -86.21 71.94
N SER B 1110 14.79 -85.11 72.28
CA SER B 1110 15.13 -84.85 73.67
C SER B 1110 13.87 -84.66 74.51
N LEU B 1111 12.91 -83.90 73.99
CA LEU B 1111 11.65 -83.73 74.72
C LEU B 1111 10.94 -85.07 74.89
N VAL B 1112 10.96 -85.91 73.85
CA VAL B 1112 10.32 -87.22 73.93
C VAL B 1112 10.93 -88.04 75.04
N GLU B 1113 12.26 -88.06 75.09
CA GLU B 1113 12.95 -88.83 76.13
C GLU B 1113 12.62 -88.27 77.50
N GLN B 1114 12.67 -86.96 77.66
CA GLN B 1114 12.36 -86.36 78.95
C GLN B 1114 10.91 -86.62 79.34
N ALA B 1115 10.05 -86.95 78.39
CA ALA B 1115 8.66 -87.26 78.69
C ALA B 1115 8.43 -88.73 78.98
N ALA B 1116 9.49 -89.53 79.01
CA ALA B 1116 9.34 -90.97 79.22
C ALA B 1116 9.68 -91.42 80.64
N GLN B 1117 9.90 -90.49 81.56
CA GLN B 1117 10.32 -90.85 82.91
C GLN B 1117 9.09 -91.00 83.82
N LYS B 1118 9.33 -91.14 85.12
CA LYS B 1118 8.25 -91.23 86.09
C LYS B 1118 7.83 -89.84 86.55
N ALA B 1119 6.54 -89.68 86.80
CA ALA B 1119 6.01 -88.38 87.18
C ALA B 1119 6.65 -87.81 88.43
N PRO B 1120 6.87 -88.58 89.50
CA PRO B 1120 7.58 -88.01 90.66
C PRO B 1120 8.98 -87.53 90.31
N GLU B 1121 9.68 -88.24 89.42
CA GLU B 1121 10.98 -87.76 88.97
C GLU B 1121 10.85 -86.44 88.22
N ALA B 1122 9.86 -86.34 87.33
CA ALA B 1122 9.68 -85.11 86.57
C ALA B 1122 9.30 -83.95 87.47
N GLU B 1123 8.62 -84.22 88.57
CA GLU B 1123 8.25 -83.15 89.49
C GLU B 1123 9.47 -82.47 90.08
N ALA B 1124 10.63 -83.14 90.09
CA ALA B 1124 11.86 -82.59 90.64
C ALA B 1124 12.81 -82.13 89.55
N HIS B 1125 12.29 -81.60 88.45
CA HIS B 1125 13.16 -81.06 87.41
C HIS B 1125 13.99 -79.93 87.99
N PRO B 1126 15.32 -80.01 87.95
CA PRO B 1126 16.12 -78.95 88.57
C PRO B 1126 15.79 -77.57 88.05
N VAL B 1127 15.56 -77.48 86.74
CA VAL B 1127 15.16 -76.20 86.14
C VAL B 1127 13.84 -75.75 86.75
N GLN B 1128 12.85 -76.63 86.77
CA GLN B 1128 11.59 -76.31 87.42
C GLN B 1128 11.81 -76.04 88.90
N ILE B 1129 12.74 -76.79 89.52
CA ILE B 1129 12.98 -76.64 90.95
C ILE B 1129 13.35 -75.21 91.28
N GLN B 1130 14.30 -74.65 90.55
CA GLN B 1130 14.67 -73.26 90.83
C GLN B 1130 13.74 -72.26 90.17
N THR B 1131 12.90 -72.71 89.24
CA THR B 1131 12.08 -71.77 88.47
C THR B 1131 11.14 -70.98 89.37
N GLN B 1132 10.37 -71.69 90.20
CA GLN B 1132 9.48 -70.97 91.10
C GLN B 1132 10.29 -70.15 92.12
N LEU B 1133 11.45 -70.64 92.52
CA LEU B 1133 12.28 -69.90 93.46
C LEU B 1133 12.59 -68.51 92.92
N LEU B 1134 13.10 -68.45 91.70
CA LEU B 1134 13.39 -67.14 91.10
C LEU B 1134 12.13 -66.38 90.79
N GLN B 1135 11.09 -67.07 90.33
CA GLN B 1135 9.85 -66.40 89.99
C GLN B 1135 9.28 -65.68 91.18
N LYS B 1136 9.56 -66.17 92.38
CA LYS B 1136 9.10 -65.51 93.59
C LYS B 1136 10.11 -64.51 94.11
N ASN B 1137 11.40 -64.78 93.92
CA ASN B 1137 12.42 -63.85 94.40
C ASN B 1137 12.31 -62.52 93.67
N LEU B 1138 12.04 -62.56 92.37
CA LEU B 1138 11.89 -61.33 91.61
C LEU B 1138 10.79 -60.46 92.20
N GLY B 1139 9.65 -61.06 92.52
CA GLY B 1139 8.58 -60.29 93.13
C GLY B 1139 8.92 -59.81 94.52
N LYS B 1140 9.49 -60.67 95.35
CA LYS B 1140 9.78 -60.27 96.71
C LYS B 1140 10.87 -59.22 96.79
N GLN B 1141 11.69 -59.08 95.74
CA GLN B 1141 12.76 -58.10 95.71
C GLN B 1141 12.41 -56.84 94.93
N THR B 1142 11.17 -56.70 94.51
CA THR B 1142 10.82 -55.62 93.60
C THR B 1142 9.95 -54.58 94.28
N PRO B 1143 9.63 -53.51 93.56
CA PRO B 1143 8.80 -52.47 94.16
C PRO B 1143 7.43 -52.98 94.54
N SER B 1144 6.70 -52.15 95.29
CA SER B 1144 5.32 -52.41 95.68
C SER B 1144 4.43 -51.26 95.23
N GLY B 1145 3.19 -51.58 94.90
CA GLY B 1145 2.22 -50.59 94.49
C GLY B 1145 2.23 -50.28 93.01
N SER B 1146 3.30 -50.66 92.29
CA SER B 1146 3.37 -50.47 90.85
C SER B 1146 3.16 -51.81 90.16
N ARG B 1147 2.43 -51.80 89.05
CA ARG B 1147 2.08 -53.02 88.33
C ARG B 1147 3.32 -53.58 87.65
N GLN B 1148 3.92 -54.59 88.27
CA GLN B 1148 5.09 -55.24 87.69
C GLN B 1148 4.63 -56.23 86.62
N MET B 1149 4.92 -55.93 85.36
CA MET B 1149 4.59 -56.82 84.26
C MET B 1149 5.42 -58.09 84.38
N ASP B 1150 4.75 -59.23 84.51
CA ASP B 1150 5.41 -60.49 84.84
C ASP B 1150 6.05 -61.07 83.59
N TYR B 1151 7.18 -60.48 83.19
CA TYR B 1151 7.83 -60.95 81.97
C TYR B 1151 8.25 -62.40 82.10
N LEU B 1152 8.81 -62.78 83.24
CA LEU B 1152 9.29 -64.14 83.35
C LEU B 1152 8.16 -65.11 83.19
N GLY B 1153 6.97 -64.76 83.69
CA GLY B 1153 5.81 -65.60 83.47
C GLY B 1153 5.42 -65.68 82.00
N THR B 1154 5.37 -64.54 81.31
CA THR B 1154 4.98 -64.58 79.91
C THR B 1154 5.92 -65.43 79.11
N PHE B 1155 7.23 -65.31 79.33
CA PHE B 1155 8.10 -66.16 78.54
C PHE B 1155 8.12 -67.60 79.03
N PHE B 1156 7.76 -67.85 80.29
CA PHE B 1156 7.66 -69.23 80.70
C PHE B 1156 6.45 -69.92 80.09
N SER B 1157 5.36 -69.17 79.92
CA SER B 1157 4.16 -69.75 79.33
C SER B 1157 4.39 -70.17 77.88
N TYR B 1158 5.14 -69.39 77.12
CA TYR B 1158 5.33 -69.71 75.71
C TYR B 1158 6.27 -70.87 75.49
N CYS B 1159 7.19 -71.14 76.41
CA CYS B 1159 8.01 -72.33 76.31
C CYS B 1159 7.46 -73.46 77.15
N SER B 1160 6.31 -73.27 77.79
CA SER B 1160 5.58 -74.38 78.39
C SER B 1160 4.44 -74.86 77.50
N THR B 1161 3.53 -73.96 77.11
CA THR B 1161 2.35 -74.35 76.37
C THR B 1161 2.70 -74.88 74.99
N LEU B 1162 3.67 -74.27 74.31
CA LEU B 1162 4.08 -74.79 73.02
C LEU B 1162 4.68 -76.18 73.17
N ALA B 1163 5.46 -76.41 74.20
CA ALA B 1163 5.98 -77.74 74.42
C ALA B 1163 4.86 -78.72 74.64
N ALA B 1164 3.86 -78.32 75.41
CA ALA B 1164 2.74 -79.22 75.67
C ALA B 1164 2.01 -79.57 74.39
N VAL B 1165 1.74 -78.58 73.55
CA VAL B 1165 0.97 -78.84 72.33
C VAL B 1165 1.78 -79.69 71.36
N LEU B 1166 3.02 -79.30 71.10
CA LEU B 1166 3.86 -80.06 70.20
C LEU B 1166 4.18 -81.44 70.74
N LEU B 1167 3.97 -81.70 72.02
CA LEU B 1167 4.14 -83.05 72.54
C LEU B 1167 2.85 -83.85 72.46
N GLN B 1168 1.73 -83.24 72.81
CA GLN B 1168 0.45 -83.94 72.79
C GLN B 1168 0.09 -84.36 71.38
N SER B 1169 0.22 -83.45 70.42
CA SER B 1169 -0.11 -83.78 69.04
C SER B 1169 0.77 -84.89 68.49
N LEU B 1170 1.93 -85.12 69.08
CA LEU B 1170 2.80 -86.19 68.64
C LEU B 1170 2.14 -87.54 68.86
N VAL B 1177 -4.64 -88.28 76.83
CA VAL B 1177 -4.08 -88.50 78.15
C VAL B 1177 -3.46 -87.21 78.68
N GLU B 1178 -2.24 -87.31 79.18
CA GLU B 1178 -1.50 -86.16 79.68
C GLU B 1178 -0.06 -86.29 79.22
N VAL B 1179 0.80 -85.37 79.66
CA VAL B 1179 2.19 -85.39 79.27
C VAL B 1179 3.05 -84.74 80.33
N LYS B 1180 4.11 -85.43 80.74
CA LYS B 1180 5.03 -84.89 81.74
C LYS B 1180 5.96 -83.88 81.09
N VAL B 1181 5.63 -82.59 81.24
CA VAL B 1181 6.40 -81.52 80.60
C VAL B 1181 7.72 -81.39 81.36
N GLY B 1182 8.78 -81.99 80.82
CA GLY B 1182 10.07 -81.98 81.46
C GLY B 1182 10.80 -80.66 81.29
N ASN B 1183 12.11 -80.70 81.14
CA ASN B 1183 12.90 -79.51 80.89
C ASN B 1183 12.33 -78.77 79.69
N PRO B 1184 11.65 -77.66 79.89
CA PRO B 1184 11.00 -77.00 78.74
C PRO B 1184 11.95 -76.12 77.93
N PHE B 1185 13.05 -75.68 78.52
CA PHE B 1185 14.04 -74.90 77.75
C PHE B 1185 14.96 -75.84 76.98
N VAL B 1186 14.36 -76.75 76.25
CA VAL B 1186 15.08 -77.54 75.26
C VAL B 1186 14.58 -77.29 73.86
N LEU B 1187 13.40 -76.72 73.69
CA LEU B 1187 12.84 -76.43 72.39
C LEU B 1187 13.20 -75.03 71.91
N LEU B 1188 13.83 -74.22 72.75
CA LEU B 1188 14.37 -72.96 72.29
C LEU B 1188 15.65 -73.14 71.50
N GLN B 1189 16.02 -74.39 71.21
CA GLN B 1189 17.23 -74.65 70.44
C GLN B 1189 17.05 -74.29 68.98
N GLN B 1190 15.89 -74.61 68.40
CA GLN B 1190 15.65 -74.26 67.02
C GLN B 1190 14.51 -73.24 66.93
N SER B 1191 14.42 -72.60 65.76
CA SER B 1191 13.44 -71.54 65.58
C SER B 1191 12.04 -72.11 65.46
N SER B 1192 11.06 -71.23 65.30
CA SER B 1192 9.67 -71.66 65.31
C SER B 1192 9.36 -72.53 64.11
N SER B 1193 9.53 -71.98 62.91
CA SER B 1193 9.13 -72.67 61.69
C SER B 1193 9.75 -74.05 61.60
N GLN B 1194 10.97 -74.22 62.09
CA GLN B 1194 11.64 -75.50 61.95
C GLN B 1194 10.88 -76.59 62.67
N LEU B 1195 10.39 -76.31 63.87
CA LEU B 1195 9.74 -77.36 64.66
C LEU B 1195 8.48 -77.84 63.98
N VAL B 1196 7.62 -76.90 63.58
CA VAL B 1196 6.38 -77.26 62.91
C VAL B 1196 6.69 -78.01 61.64
N SER B 1197 7.74 -77.59 60.92
CA SER B 1197 8.11 -78.31 59.71
C SER B 1197 8.49 -79.74 60.02
N HIS B 1198 9.32 -79.94 61.04
CA HIS B 1198 9.76 -81.28 61.35
C HIS B 1198 8.59 -82.16 61.73
N LEU B 1199 7.70 -81.64 62.58
CA LEU B 1199 6.56 -82.44 63.01
C LEU B 1199 5.62 -82.71 61.84
N LEU B 1200 5.44 -81.74 60.95
CA LEU B 1200 4.45 -81.88 59.88
C LEU B 1200 4.91 -82.85 58.82
N PHE B 1201 6.18 -82.78 58.44
CA PHE B 1201 6.58 -83.64 57.35
C PHE B 1201 7.17 -84.96 57.83
N GLU B 1202 8.02 -84.91 58.86
CA GLU B 1202 8.85 -86.07 59.18
C GLU B 1202 8.02 -87.20 59.80
N ARG B 1203 7.41 -86.94 60.95
CA ARG B 1203 6.86 -88.02 61.77
C ARG B 1203 5.40 -88.29 61.48
N GLN B 1204 5.02 -88.23 60.22
CA GLN B 1204 3.70 -88.64 59.74
C GLN B 1204 2.58 -88.11 60.62
N VAL B 1205 2.43 -86.78 60.62
CA VAL B 1205 1.33 -86.14 61.32
C VAL B 1205 0.35 -85.56 60.30
N PRO B 1206 -0.95 -85.54 60.58
CA PRO B 1206 -1.90 -85.00 59.62
C PRO B 1206 -2.10 -83.51 59.80
N PRO B 1207 -1.93 -82.74 58.75
CA PRO B 1207 -1.95 -81.28 58.91
C PRO B 1207 -3.32 -80.70 59.18
N GLU B 1208 -4.09 -81.33 60.04
CA GLU B 1208 -5.32 -80.72 60.53
C GLU B 1208 -5.41 -80.73 62.04
N ARG B 1209 -4.96 -81.80 62.69
CA ARG B 1209 -4.99 -81.84 64.14
C ARG B 1209 -4.11 -80.75 64.73
N LEU B 1210 -2.94 -80.52 64.14
CA LEU B 1210 -2.03 -79.51 64.68
C LEU B 1210 -2.64 -78.12 64.57
N ALA B 1211 -3.15 -77.78 63.38
CA ALA B 1211 -3.81 -76.49 63.22
C ALA B 1211 -5.03 -76.39 64.12
N ALA B 1212 -5.62 -77.52 64.49
CA ALA B 1212 -6.71 -77.48 65.45
C ALA B 1212 -6.21 -77.13 66.84
N LEU B 1213 -5.18 -77.84 67.31
CA LEU B 1213 -4.74 -77.61 68.69
C LEU B 1213 -4.20 -76.22 68.88
N LEU B 1214 -3.37 -75.74 67.94
CA LEU B 1214 -2.77 -74.43 68.13
C LEU B 1214 -3.82 -73.35 68.22
N ALA B 1215 -5.04 -73.64 67.76
CA ALA B 1215 -6.13 -72.69 67.94
C ALA B 1215 -6.47 -72.53 69.41
N GLN B 1216 -6.51 -73.61 70.17
CA GLN B 1216 -6.92 -73.51 71.57
C GLN B 1216 -5.73 -73.28 72.48
N GLU B 1217 -4.87 -72.36 72.08
CA GLU B 1217 -3.92 -71.77 73.00
C GLU B 1217 -3.67 -70.30 72.74
N ASN B 1218 -4.35 -69.68 71.77
CA ASN B 1218 -4.13 -68.29 71.39
C ASN B 1218 -2.68 -68.05 70.96
N LEU B 1219 -2.27 -68.74 69.90
CA LEU B 1219 -0.95 -68.58 69.29
C LEU B 1219 -1.10 -68.17 67.82
N SER B 1220 0.02 -68.07 67.12
CA SER B 1220 -0.03 -67.61 65.73
C SER B 1220 1.00 -68.29 64.83
N LEU B 1221 1.32 -69.57 65.06
CA LEU B 1221 2.29 -70.22 64.17
C LEU B 1221 1.85 -70.22 62.72
N SER B 1222 0.54 -70.21 62.46
CA SER B 1222 0.01 -70.22 61.09
C SER B 1222 0.43 -71.49 60.36
N VAL B 1223 -0.16 -72.60 60.78
CA VAL B 1223 0.11 -73.93 60.21
C VAL B 1223 0.04 -73.97 58.69
N PRO B 1224 -0.66 -73.05 58.01
CA PRO B 1224 -0.45 -72.90 56.56
C PRO B 1224 0.82 -72.19 56.15
N GLN B 1225 1.19 -71.09 56.83
CA GLN B 1225 2.38 -70.35 56.43
C GLN B 1225 3.66 -71.05 56.76
N VAL B 1226 3.63 -72.16 57.49
CA VAL B 1226 4.81 -72.96 57.72
C VAL B 1226 4.90 -74.15 56.79
N ILE B 1227 3.80 -74.52 56.14
CA ILE B 1227 3.86 -75.58 55.13
C ILE B 1227 4.09 -75.00 53.76
N VAL B 1228 3.66 -73.76 53.51
CA VAL B 1228 3.88 -73.19 52.20
C VAL B 1228 5.35 -72.86 51.96
N SER B 1229 6.03 -72.26 52.92
CA SER B 1229 7.38 -71.74 52.70
C SER B 1229 8.43 -72.74 53.16
N CYS B 1230 8.13 -74.02 53.02
CA CYS B 1230 9.12 -75.05 53.22
C CYS B 1230 9.18 -76.03 52.06
N CYS B 1231 8.19 -76.06 51.18
CA CYS B 1231 8.26 -76.96 50.04
C CYS B 1231 7.68 -76.36 48.77
N CYS B 1232 7.39 -75.06 48.72
CA CYS B 1232 6.70 -74.52 47.54
C CYS B 1232 7.53 -73.53 46.74
N GLU B 1233 7.90 -72.38 47.28
CA GLU B 1233 8.46 -71.37 46.39
C GLU B 1233 8.94 -70.11 47.10
N PRO B 1234 9.92 -69.40 46.53
CA PRO B 1234 10.31 -68.10 47.07
C PRO B 1234 9.65 -66.92 46.39
N LEU B 1235 8.33 -66.83 46.31
CA LEU B 1235 7.72 -65.72 45.59
C LEU B 1235 7.83 -64.44 46.42
N ALA B 1236 8.31 -63.37 45.80
CA ALA B 1236 8.64 -62.15 46.50
C ALA B 1236 8.04 -60.95 45.79
N LEU B 1237 7.58 -59.98 46.56
CA LEU B 1237 6.93 -58.81 45.98
C LEU B 1237 7.52 -57.56 46.62
N CYS B 1238 8.53 -56.99 45.98
CA CYS B 1238 9.10 -55.71 46.38
C CYS B 1238 8.35 -54.60 45.66
N SER B 1239 8.75 -53.36 45.94
CA SER B 1239 8.12 -52.23 45.28
C SER B 1239 9.09 -51.17 44.81
N SER B 1240 10.36 -51.25 45.16
CA SER B 1240 11.32 -50.25 44.75
C SER B 1240 12.25 -50.77 43.68
N ARG B 1241 12.36 -52.07 43.50
CA ARG B 1241 13.16 -52.62 42.43
C ARG B 1241 12.36 -52.77 41.14
N GLN B 1242 11.28 -52.01 41.00
CA GLN B 1242 10.54 -51.93 39.76
C GLN B 1242 10.89 -50.67 38.98
N SER B 1243 10.80 -49.51 39.62
CA SER B 1243 11.17 -48.27 38.95
C SER B 1243 12.68 -48.10 38.84
N GLN B 1244 13.46 -48.92 39.52
CA GLN B 1244 14.90 -48.96 39.34
C GLN B 1244 15.31 -50.05 38.36
N GLN B 1245 14.36 -50.80 37.81
CA GLN B 1245 14.64 -51.78 36.77
C GLN B 1245 13.97 -51.49 35.44
N THR B 1246 12.93 -50.66 35.42
CA THR B 1246 12.43 -50.20 34.13
C THR B 1246 13.50 -49.43 33.39
N SER B 1247 14.20 -48.55 34.10
CA SER B 1247 15.26 -47.76 33.50
C SER B 1247 16.50 -48.58 33.16
N SER B 1248 16.56 -49.82 33.61
CA SER B 1248 17.61 -50.73 33.18
C SER B 1248 17.19 -51.58 31.99
N LEU B 1249 15.96 -52.07 32.00
CA LEU B 1249 15.46 -52.84 30.87
C LEU B 1249 15.38 -51.97 29.62
N LEU B 1250 14.91 -50.73 29.77
CA LEU B 1250 14.79 -49.85 28.61
C LEU B 1250 16.14 -49.61 27.97
N THR B 1251 17.22 -49.81 28.71
CA THR B 1251 18.54 -49.60 28.15
C THR B 1251 19.12 -50.89 27.60
N ARG B 1252 18.98 -51.99 28.34
CA ARG B 1252 19.55 -53.24 27.86
C ARG B 1252 18.87 -53.69 26.58
N LEU B 1253 17.55 -53.59 26.50
CA LEU B 1253 16.89 -53.99 25.27
C LEU B 1253 17.22 -53.04 24.14
N GLY B 1254 17.41 -51.75 24.43
CA GLY B 1254 17.82 -50.84 23.38
C GLY B 1254 19.20 -51.18 22.82
N THR B 1255 20.13 -51.56 23.69
CA THR B 1255 21.45 -51.96 23.24
C THR B 1255 21.40 -53.29 22.49
N LEU B 1256 20.45 -54.15 22.81
CA LEU B 1256 20.26 -55.36 22.03
C LEU B 1256 19.37 -55.14 20.81
N ALA B 1257 18.79 -53.95 20.66
CA ALA B 1257 17.94 -53.63 19.53
C ALA B 1257 18.71 -52.92 18.43
N GLN B 1258 19.50 -51.90 18.79
CA GLN B 1258 20.30 -51.23 17.77
C GLN B 1258 21.30 -52.18 17.13
N LEU B 1259 22.09 -52.87 17.93
CA LEU B 1259 23.11 -53.76 17.38
C LEU B 1259 22.55 -54.92 16.63
N HIS B 1260 21.25 -54.94 16.38
CA HIS B 1260 20.62 -56.03 15.64
C HIS B 1260 19.61 -55.52 14.64
N ALA B 1261 19.27 -54.25 14.67
CA ALA B 1261 18.50 -53.62 13.62
C ALA B 1261 19.36 -52.81 12.67
N SER B 1262 20.54 -52.37 13.13
CA SER B 1262 21.54 -51.76 12.25
C SER B 1262 22.08 -52.76 11.25
N HIS B 1263 21.82 -54.04 11.43
CA HIS B 1263 22.01 -55.02 10.37
C HIS B 1263 20.85 -54.86 9.40
N CYS B 1264 20.65 -53.63 8.92
CA CYS B 1264 19.58 -53.31 7.98
C CYS B 1264 20.03 -53.49 6.54
N LEU B 1265 21.32 -53.37 6.27
CA LEU B 1265 21.85 -53.58 4.93
C LEU B 1265 23.28 -54.07 5.01
N LEU B 1300 7.43 -89.25 47.67
CA LEU B 1300 6.05 -88.79 47.77
C LEU B 1300 5.91 -87.36 47.27
N THR B 1301 4.69 -86.99 46.88
CA THR B 1301 4.41 -85.66 46.36
C THR B 1301 3.36 -84.94 47.20
N SER B 1302 3.55 -84.93 48.53
CA SER B 1302 2.78 -84.11 49.45
C SER B 1302 1.34 -84.62 49.63
N SER B 1303 0.85 -84.60 50.86
CA SER B 1303 -0.56 -84.83 51.14
C SER B 1303 -1.22 -83.65 51.83
N ALA B 1304 -0.46 -82.60 52.15
CA ALA B 1304 -0.99 -81.39 52.75
C ALA B 1304 -1.91 -80.64 51.80
N LEU B 1305 -2.11 -81.15 50.59
CA LEU B 1305 -3.13 -80.59 49.73
C LEU B 1305 -4.49 -80.64 50.38
N ALA B 1306 -4.69 -81.54 51.34
CA ALA B 1306 -5.92 -81.56 52.12
C ALA B 1306 -6.17 -80.21 52.78
N PHE B 1307 -5.32 -79.83 53.73
CA PHE B 1307 -5.52 -78.55 54.40
C PHE B 1307 -5.45 -77.41 53.41
N LEU B 1308 -4.52 -77.51 52.45
CA LEU B 1308 -4.34 -76.41 51.52
C LEU B 1308 -5.64 -76.10 50.79
N LYS B 1309 -6.25 -77.13 50.20
CA LYS B 1309 -7.52 -76.91 49.53
C LYS B 1309 -8.61 -76.59 50.53
N SER B 1310 -8.45 -77.04 51.78
CA SER B 1310 -9.49 -76.79 52.78
C SER B 1310 -9.65 -75.31 53.05
N ARG B 1311 -8.55 -74.58 53.10
CA ARG B 1311 -8.60 -73.16 53.39
C ARG B 1311 -8.26 -72.36 52.14
N SER B 1312 -9.20 -71.55 51.66
CA SER B 1312 -8.92 -70.48 50.73
C SER B 1312 -8.25 -70.99 49.46
N LYS B 1313 -9.04 -71.70 48.65
CA LYS B 1313 -8.58 -72.37 47.44
C LYS B 1313 -7.60 -71.57 46.58
N LEU B 1314 -7.67 -70.23 46.63
CA LEU B 1314 -6.71 -69.42 45.89
C LEU B 1314 -5.29 -69.67 46.35
N LEU B 1315 -5.09 -69.77 47.66
CA LEU B 1315 -3.79 -70.13 48.22
C LEU B 1315 -3.52 -71.59 48.12
N ALA B 1316 -4.27 -72.29 47.28
CA ALA B 1316 -3.91 -73.60 46.76
C ALA B 1316 -3.53 -73.57 45.30
N THR B 1317 -4.22 -72.74 44.51
CA THR B 1317 -3.83 -72.57 43.12
C THR B 1317 -2.43 -71.97 43.03
N VAL B 1318 -2.20 -70.84 43.71
CA VAL B 1318 -0.88 -70.23 43.66
C VAL B 1318 0.16 -71.15 44.27
N ALA B 1319 -0.24 -71.96 45.25
CA ALA B 1319 0.70 -72.91 45.85
C ALA B 1319 1.10 -73.97 44.84
N CYS B 1320 0.16 -74.46 44.05
CA CYS B 1320 0.52 -75.43 43.01
C CYS B 1320 1.47 -74.81 42.00
N LEU B 1321 1.20 -73.58 41.58
CA LEU B 1321 2.08 -72.94 40.59
C LEU B 1321 3.38 -72.48 41.28
N GLY B 1322 4.15 -73.46 41.72
CA GLY B 1322 5.42 -73.18 42.36
C GLY B 1322 6.23 -74.41 42.73
N ALA B 1349 4.21 -84.38 40.60
CA ALA B 1349 4.70 -83.93 39.30
C ALA B 1349 3.54 -83.79 38.33
N GLU B 1350 3.35 -84.82 37.51
CA GLU B 1350 2.16 -84.85 36.66
C GLU B 1350 0.90 -84.80 37.49
N GLN B 1351 0.93 -85.38 38.70
CA GLN B 1351 -0.20 -85.24 39.60
C GLN B 1351 -0.42 -83.79 40.00
N VAL B 1352 0.67 -83.06 40.24
CA VAL B 1352 0.56 -81.65 40.55
C VAL B 1352 -0.08 -80.90 39.38
N ALA B 1353 0.36 -81.22 38.17
CA ALA B 1353 -0.27 -80.62 37.01
C ALA B 1353 -1.76 -80.94 36.96
N ARG B 1354 -2.11 -82.19 37.27
CA ARG B 1354 -3.51 -82.57 37.23
C ARG B 1354 -4.34 -81.78 38.24
N GLU B 1355 -3.80 -81.58 39.44
CA GLU B 1355 -4.51 -80.78 40.44
C GLU B 1355 -4.69 -79.34 39.97
N CYS B 1356 -3.63 -78.78 39.40
CA CYS B 1356 -3.71 -77.41 38.90
C CYS B 1356 -4.77 -77.30 37.83
N GLU B 1357 -4.89 -78.33 36.99
CA GLU B 1357 -5.87 -78.29 35.92
C GLU B 1357 -7.24 -77.93 36.46
N ARG B 1358 -7.80 -78.79 37.32
CA ARG B 1358 -9.15 -78.54 37.81
C ARG B 1358 -9.19 -77.27 38.66
N LEU B 1359 -8.23 -77.11 39.57
CA LEU B 1359 -8.32 -76.00 40.51
C LEU B 1359 -8.24 -74.66 39.80
N LEU B 1360 -7.68 -74.61 38.61
CA LEU B 1360 -7.77 -73.40 37.81
C LEU B 1360 -8.96 -73.43 36.87
N GLU B 1361 -9.48 -74.60 36.59
CA GLU B 1361 -10.69 -74.70 35.78
C GLU B 1361 -11.84 -74.02 36.50
N GLN B 1362 -11.88 -74.09 37.82
CA GLN B 1362 -12.95 -73.43 38.53
C GLN B 1362 -12.76 -71.92 38.63
N PHE B 1363 -11.87 -71.33 37.82
CA PHE B 1363 -11.53 -69.91 37.95
C PHE B 1363 -11.43 -69.26 36.58
N PRO B 1364 -12.37 -68.41 36.22
CA PRO B 1364 -12.40 -67.91 34.84
C PRO B 1364 -11.39 -66.82 34.51
N LEU B 1365 -11.24 -65.81 35.37
CA LEU B 1365 -10.51 -64.62 34.99
C LEU B 1365 -9.06 -64.65 35.39
N PHE B 1366 -8.57 -65.77 35.92
CA PHE B 1366 -7.15 -65.86 36.22
C PHE B 1366 -6.37 -66.43 35.05
N GLU B 1367 -6.91 -67.45 34.39
CA GLU B 1367 -6.29 -67.90 33.14
C GLU B 1367 -6.71 -67.00 31.99
N ALA B 1368 -6.48 -65.70 32.17
CA ALA B 1368 -6.37 -64.80 31.03
C ALA B 1368 -5.09 -64.02 31.24
N PHE B 1369 -4.80 -63.65 32.48
CA PHE B 1369 -3.48 -63.13 32.82
C PHE B 1369 -2.62 -64.31 33.26
N LEU B 1370 -2.75 -65.38 32.55
CA LEU B 1370 -1.68 -66.35 32.55
C LEU B 1370 -1.51 -66.92 31.15
N LEU B 1371 -2.34 -66.51 30.19
CA LEU B 1371 -2.15 -66.80 28.78
C LEU B 1371 -1.91 -65.57 27.92
N ALA B 1372 -2.28 -64.38 28.38
CA ALA B 1372 -1.76 -63.13 27.82
C ALA B 1372 -0.44 -62.74 28.48
N ALA B 1373 0.18 -63.69 29.17
CA ALA B 1373 1.46 -63.49 29.81
C ALA B 1373 2.39 -64.66 29.59
N TRP B 1374 1.93 -65.70 28.89
CA TRP B 1374 2.72 -66.87 28.54
C TRP B 1374 3.10 -66.90 27.09
N GLU B 1375 2.34 -66.22 26.23
CA GLU B 1375 2.71 -66.18 24.82
C GLU B 1375 3.96 -65.34 24.61
N PRO B 1376 3.99 -64.05 24.95
CA PRO B 1376 5.19 -63.28 24.61
C PRO B 1376 6.34 -63.55 25.55
N LEU B 1377 6.54 -64.80 25.91
CA LEU B 1377 7.81 -65.22 26.48
C LEU B 1377 8.29 -66.57 25.99
N ARG B 1378 7.41 -67.47 25.55
CA ARG B 1378 7.85 -68.77 25.05
C ARG B 1378 7.11 -69.24 23.81
N GLY B 1379 5.92 -68.77 23.52
CA GLY B 1379 5.22 -69.20 22.32
C GLY B 1379 3.92 -68.46 22.08
N GLY B 1384 2.23 -75.59 22.35
CA GLY B 1384 1.90 -76.99 22.56
C GLY B 1384 1.60 -77.33 24.01
N GLN B 1385 1.44 -78.62 24.29
CA GLN B 1385 1.14 -79.15 25.64
C GLN B 1385 -0.15 -78.48 26.12
N SER B 1386 -0.21 -78.00 27.37
CA SER B 1386 -1.39 -77.35 27.91
C SER B 1386 -0.99 -76.05 28.59
N LEU B 1387 -2.00 -75.29 29.02
CA LEU B 1387 -1.80 -73.98 29.63
C LEU B 1387 -1.29 -74.07 31.06
N ALA B 1388 -1.16 -75.27 31.60
CA ALA B 1388 -0.67 -75.42 32.96
C ALA B 1388 0.45 -76.45 33.03
N VAL B 1389 0.44 -77.44 32.14
CA VAL B 1389 1.47 -78.46 32.14
C VAL B 1389 2.83 -77.92 31.74
N ASN B 1390 2.89 -76.68 31.29
CA ASN B 1390 4.12 -76.02 30.88
C ASN B 1390 4.70 -75.16 31.99
N LEU B 1391 3.86 -74.42 32.73
CA LEU B 1391 4.34 -73.49 33.73
C LEU B 1391 4.75 -74.18 35.01
N CYS B 1392 3.84 -74.98 35.58
CA CYS B 1392 3.91 -75.36 36.99
C CYS B 1392 5.08 -76.30 37.17
N GLY B 1393 6.25 -75.71 37.36
CA GLY B 1393 7.47 -76.48 37.51
C GLY B 1393 8.69 -75.84 36.92
N TRP B 1394 8.53 -74.71 36.22
CA TRP B 1394 9.61 -74.11 35.46
C TRP B 1394 9.83 -72.67 35.87
N ALA B 1395 11.03 -72.16 35.59
CA ALA B 1395 11.37 -70.77 35.87
C ALA B 1395 10.77 -69.84 34.89
N SER B 1396 9.96 -70.40 34.00
CA SER B 1396 9.00 -69.63 33.22
C SER B 1396 7.77 -69.26 34.04
N LEU B 1397 7.60 -69.83 35.24
CA LEU B 1397 6.40 -69.66 36.06
C LEU B 1397 6.67 -68.91 37.35
N SER B 1398 7.74 -68.15 37.40
CA SER B 1398 8.05 -67.31 38.55
C SER B 1398 8.56 -65.95 38.14
N THR B 1399 8.71 -65.69 36.85
CA THR B 1399 8.89 -64.35 36.32
C THR B 1399 7.66 -63.87 35.58
N VAL B 1400 6.59 -64.66 35.56
CA VAL B 1400 5.41 -64.41 34.77
C VAL B 1400 4.23 -63.92 35.61
N LEU B 1401 4.01 -64.51 36.79
CA LEU B 1401 2.98 -64.00 37.68
C LEU B 1401 3.30 -62.55 37.99
N LEU B 1402 4.42 -62.34 38.65
CA LEU B 1402 4.90 -61.00 38.90
C LEU B 1402 5.51 -60.43 37.63
N GLY B 1403 5.55 -59.12 37.54
CA GLY B 1403 6.10 -58.50 36.36
C GLY B 1403 7.60 -58.33 36.48
N LEU B 1404 8.06 -57.08 36.40
CA LEU B 1404 9.46 -56.75 36.63
C LEU B 1404 9.87 -56.88 38.10
N HIS B 1405 8.98 -57.28 38.97
CA HIS B 1405 9.25 -57.37 40.40
C HIS B 1405 9.98 -58.63 40.80
N SER B 1406 11.08 -58.94 40.17
CA SER B 1406 11.75 -60.17 40.55
C SER B 1406 13.25 -59.96 40.47
N PRO B 1407 14.02 -60.66 41.29
CA PRO B 1407 15.47 -60.58 41.14
C PRO B 1407 15.96 -61.10 39.80
N ILE B 1408 15.29 -62.09 39.24
CA ILE B 1408 15.79 -62.77 38.05
C ILE B 1408 14.88 -62.42 36.88
N ALA B 1409 14.26 -61.25 36.94
CA ALA B 1409 13.39 -60.82 35.86
C ALA B 1409 14.19 -60.52 34.59
N LEU B 1410 15.29 -59.78 34.73
CA LEU B 1410 15.98 -59.24 33.57
C LEU B 1410 16.46 -60.32 32.63
N ASP B 1411 17.12 -61.34 33.14
CA ASP B 1411 17.73 -62.32 32.25
C ASP B 1411 16.68 -63.04 31.42
N VAL B 1412 15.63 -63.52 32.07
CA VAL B 1412 14.63 -64.30 31.34
C VAL B 1412 13.84 -63.40 30.39
N LEU B 1413 13.50 -62.20 30.84
CA LEU B 1413 12.74 -61.30 29.98
C LEU B 1413 13.58 -60.82 28.80
N SER B 1414 14.89 -60.74 28.97
CA SER B 1414 15.75 -60.23 27.92
C SER B 1414 16.32 -61.32 27.04
N GLU B 1415 16.10 -62.58 27.38
CA GLU B 1415 16.26 -63.65 26.41
C GLU B 1415 15.02 -63.81 25.55
N ALA B 1416 14.22 -62.76 25.44
CA ALA B 1416 13.07 -62.74 24.55
C ALA B 1416 13.33 -61.99 23.26
N PHE B 1417 13.77 -60.74 23.33
CA PHE B 1417 14.17 -60.06 22.10
C PHE B 1417 15.35 -60.76 21.44
N GLU B 1418 16.41 -61.01 22.20
CA GLU B 1418 17.61 -61.56 21.59
C GLU B 1418 17.42 -62.98 21.11
N GLU B 1419 16.18 -63.45 21.05
CA GLU B 1419 15.88 -64.72 20.44
C GLU B 1419 14.65 -64.63 19.55
N SER B 1420 13.89 -63.55 19.62
CA SER B 1420 12.80 -63.30 18.70
C SER B 1420 13.20 -62.38 17.57
N LEU B 1421 14.40 -61.80 17.63
CA LEU B 1421 15.01 -61.11 16.50
C LEU B 1421 16.08 -61.96 15.80
N VAL B 1422 16.09 -63.27 16.07
CA VAL B 1422 16.75 -64.21 15.19
C VAL B 1422 15.86 -64.58 14.02
N ALA B 1423 14.61 -64.92 14.28
CA ALA B 1423 13.60 -65.05 13.25
C ALA B 1423 12.71 -63.81 13.33
N ARG B 1424 12.80 -62.95 12.32
CA ARG B 1424 12.29 -61.60 12.47
C ARG B 1424 10.77 -61.57 12.53
N ASP B 1425 10.23 -62.19 13.57
CA ASP B 1425 8.79 -62.21 13.84
C ASP B 1425 8.39 -61.01 14.69
N TRP B 1426 8.53 -59.82 14.12
CA TRP B 1426 8.32 -58.62 14.92
C TRP B 1426 6.85 -58.38 15.13
N SER B 1427 6.14 -59.39 15.60
CA SER B 1427 4.84 -59.24 16.20
C SER B 1427 4.68 -60.06 17.47
N ARG B 1428 5.56 -61.03 17.69
CA ARG B 1428 5.72 -61.76 18.94
C ARG B 1428 6.93 -61.22 19.68
N ALA B 1429 7.51 -60.13 19.18
CA ALA B 1429 8.58 -59.44 19.88
C ALA B 1429 8.34 -57.96 20.05
N LEU B 1430 7.33 -57.38 19.39
CA LEU B 1430 6.81 -56.10 19.82
C LEU B 1430 5.75 -56.27 20.88
N GLN B 1431 5.46 -57.51 21.28
CA GLN B 1431 4.62 -57.75 22.43
C GLN B 1431 5.42 -57.61 23.72
N LEU B 1432 6.56 -58.28 23.80
CA LEU B 1432 7.34 -58.32 25.02
C LEU B 1432 7.94 -57.04 25.34
N THR B 1433 7.52 -55.98 24.66
CA THR B 1433 7.88 -54.63 25.01
C THR B 1433 6.66 -53.77 25.31
N GLU B 1434 5.47 -54.37 25.38
CA GLU B 1434 4.26 -53.63 25.68
C GLU B 1434 3.45 -54.31 26.77
N VAL B 1435 3.59 -55.63 26.89
CA VAL B 1435 2.88 -56.35 27.93
C VAL B 1435 3.68 -56.29 29.24
N TYR B 1436 4.93 -56.71 29.22
CA TYR B 1436 5.84 -56.56 30.35
C TYR B 1436 6.68 -55.31 30.22
N GLY B 1437 6.08 -54.17 29.96
CA GLY B 1437 6.90 -53.03 29.66
C GLY B 1437 6.52 -51.78 30.41
N ARG B 1438 5.33 -51.75 31.01
CA ARG B 1438 4.92 -50.60 31.80
C ARG B 1438 5.08 -49.32 30.98
N ASP B 1439 4.16 -49.13 30.03
CA ASP B 1439 4.50 -48.37 28.83
C ASP B 1439 4.84 -46.93 29.15
N VAL B 1440 6.15 -46.69 29.33
CA VAL B 1440 6.75 -45.39 29.57
C VAL B 1440 7.06 -44.73 28.24
N ASP B 1441 7.36 -43.43 28.26
CA ASP B 1441 7.46 -42.67 27.04
C ASP B 1441 8.67 -43.07 26.20
N ASP B 1442 9.83 -43.22 26.82
CA ASP B 1442 11.07 -43.40 26.06
C ASP B 1442 11.17 -44.76 25.38
N LEU B 1443 10.18 -45.64 25.55
CA LEU B 1443 10.20 -46.94 24.91
C LEU B 1443 10.00 -46.83 23.40
N SER B 1444 9.60 -45.66 22.92
CA SER B 1444 9.31 -45.48 21.50
C SER B 1444 10.52 -45.79 20.65
N SER B 1445 11.72 -45.48 21.13
CA SER B 1445 12.92 -45.78 20.34
C SER B 1445 13.15 -47.28 20.24
N ILE B 1446 13.00 -48.01 21.35
CA ILE B 1446 13.18 -49.44 21.29
C ILE B 1446 12.12 -50.08 20.42
N LYS B 1447 10.94 -49.47 20.32
CA LYS B 1447 9.92 -50.00 19.41
C LYS B 1447 10.23 -49.66 17.96
N ASP B 1448 10.71 -48.43 17.74
CA ASP B 1448 11.03 -47.97 16.39
C ASP B 1448 12.13 -48.82 15.77
N ALA B 1449 13.12 -49.20 16.57
CA ALA B 1449 14.18 -50.05 16.05
C ALA B 1449 13.62 -51.31 15.41
N VAL B 1450 12.77 -52.05 16.15
CA VAL B 1450 12.30 -53.32 15.65
C VAL B 1450 11.35 -53.13 14.49
N LEU B 1451 10.45 -52.14 14.59
CA LEU B 1451 9.55 -51.91 13.47
C LEU B 1451 10.34 -51.62 12.21
N SER B 1452 11.45 -50.89 12.34
CA SER B 1452 12.34 -50.71 11.20
C SER B 1452 12.87 -52.05 10.73
N CYS B 1453 13.60 -52.73 11.57
CA CYS B 1453 14.27 -53.96 11.12
C CYS B 1453 13.36 -54.97 10.66
N ALA B 1454 12.05 -54.73 10.74
CA ALA B 1454 11.12 -55.60 10.07
C ALA B 1454 10.40 -54.91 8.92
N VAL B 1455 10.64 -53.62 8.68
CA VAL B 1455 10.11 -52.98 7.48
C VAL B 1455 10.61 -53.71 6.24
N ALA B 1456 11.92 -53.78 6.07
CA ALA B 1456 12.53 -54.37 4.89
C ALA B 1456 12.97 -55.79 5.20
N CYS B 1457 12.00 -56.68 5.30
CA CYS B 1457 12.31 -58.11 5.33
C CYS B 1457 11.26 -58.95 4.65
N ASP B 1458 10.22 -58.35 4.07
CA ASP B 1458 9.17 -59.17 3.48
C ASP B 1458 8.38 -58.32 2.49
N LYS B 1459 7.66 -59.01 1.61
CA LYS B 1459 6.87 -58.38 0.56
C LYS B 1459 5.70 -57.58 1.11
N GLU B 1460 5.45 -57.64 2.41
CA GLU B 1460 4.40 -56.86 3.04
C GLU B 1460 4.99 -55.62 3.68
N GLY B 1461 6.02 -55.05 3.07
CA GLY B 1461 6.66 -53.89 3.63
C GLY B 1461 5.78 -52.67 3.70
N TRP B 1462 4.65 -52.66 3.01
CA TRP B 1462 3.80 -51.48 3.02
C TRP B 1462 3.39 -51.11 4.45
N GLN B 1463 2.90 -52.08 5.19
CA GLN B 1463 2.28 -51.81 6.49
C GLN B 1463 3.24 -51.99 7.65
N TYR B 1464 4.43 -51.45 7.59
CA TYR B 1464 5.23 -51.37 8.79
C TYR B 1464 6.08 -50.11 8.86
N LEU B 1465 6.03 -49.23 7.89
CA LEU B 1465 6.81 -48.00 7.94
C LEU B 1465 5.96 -46.78 8.22
N PHE B 1466 4.68 -46.95 8.54
CA PHE B 1466 3.82 -45.90 9.08
C PHE B 1466 4.05 -45.71 10.57
N PRO B 1467 4.04 -46.77 11.39
CA PRO B 1467 4.16 -46.57 12.84
C PRO B 1467 5.60 -46.52 13.33
N VAL B 1468 6.35 -45.53 12.89
CA VAL B 1468 7.65 -45.20 13.44
C VAL B 1468 7.66 -43.72 13.71
N LYS B 1469 7.88 -43.33 14.96
CA LYS B 1469 7.66 -41.93 15.31
C LYS B 1469 8.77 -41.02 14.79
N ASP B 1470 10.02 -41.49 14.79
CA ASP B 1470 11.14 -40.66 14.36
C ASP B 1470 11.02 -40.31 12.88
N ALA B 1471 10.70 -39.06 12.58
CA ALA B 1471 10.37 -38.69 11.20
C ALA B 1471 11.56 -38.92 10.28
N SER B 1472 12.76 -38.55 10.72
CA SER B 1472 13.93 -38.76 9.89
C SER B 1472 14.05 -40.22 9.47
N LEU B 1473 13.70 -41.13 10.37
CA LEU B 1473 13.71 -42.54 9.99
C LEU B 1473 12.65 -42.84 8.94
N ARG B 1474 11.46 -42.25 9.07
CA ARG B 1474 10.46 -42.43 8.03
C ARG B 1474 11.04 -42.07 6.67
N SER B 1475 11.61 -40.86 6.59
CA SER B 1475 12.17 -40.39 5.34
C SER B 1475 13.22 -41.36 4.83
N ARG B 1476 14.32 -41.50 5.58
CA ARG B 1476 15.45 -42.28 5.10
C ARG B 1476 15.02 -43.66 4.64
N LEU B 1477 14.15 -44.32 5.41
CA LEU B 1477 13.73 -45.66 5.02
C LEU B 1477 12.90 -45.64 3.75
N ALA B 1478 12.03 -44.65 3.58
CA ALA B 1478 11.21 -44.60 2.38
C ALA B 1478 12.09 -44.40 1.14
N LEU B 1479 13.01 -43.46 1.23
CA LEU B 1479 13.92 -43.25 0.11
C LEU B 1479 14.73 -44.50 -0.16
N GLN B 1480 15.12 -45.22 0.90
CA GLN B 1480 15.94 -46.41 0.73
C GLN B 1480 15.17 -47.52 0.02
N PHE B 1481 13.91 -47.72 0.39
CA PHE B 1481 13.20 -48.89 -0.09
C PHE B 1481 11.85 -48.51 -0.68
N VAL B 1482 11.83 -47.50 -1.55
CA VAL B 1482 10.65 -47.31 -2.39
C VAL B 1482 10.48 -48.37 -3.46
N ASP B 1483 11.49 -49.22 -3.68
CA ASP B 1483 11.47 -50.12 -4.82
C ASP B 1483 10.35 -51.13 -4.81
N ARG B 1484 10.39 -52.09 -3.88
CA ARG B 1484 9.42 -53.17 -3.89
C ARG B 1484 8.11 -52.65 -3.31
N TRP B 1485 7.29 -52.06 -4.15
CA TRP B 1485 6.03 -51.52 -3.70
C TRP B 1485 5.07 -51.40 -4.86
N PRO B 1486 3.80 -51.55 -4.64
CA PRO B 1486 2.86 -51.32 -5.74
C PRO B 1486 2.46 -49.85 -5.79
N LEU B 1487 2.28 -49.33 -7.02
CA LEU B 1487 2.04 -47.90 -7.23
C LEU B 1487 0.74 -47.47 -6.59
N GLU B 1488 -0.01 -48.41 -6.05
CA GLU B 1488 -1.20 -48.09 -5.28
C GLU B 1488 -0.91 -47.96 -3.80
N SER B 1489 0.29 -48.26 -3.37
CA SER B 1489 0.57 -48.12 -1.95
C SER B 1489 1.79 -47.27 -1.66
N CYS B 1490 2.81 -47.32 -2.51
CA CYS B 1490 3.98 -46.49 -2.25
C CYS B 1490 3.59 -45.02 -2.28
N LEU B 1491 2.62 -44.67 -3.10
CA LEU B 1491 2.11 -43.32 -3.10
C LEU B 1491 1.57 -42.93 -1.73
N GLU B 1492 0.74 -43.79 -1.16
CA GLU B 1492 0.18 -43.48 0.15
C GLU B 1492 1.27 -43.38 1.19
N ILE B 1493 2.25 -44.28 1.13
CA ILE B 1493 3.32 -44.26 2.12
C ILE B 1493 4.07 -42.93 2.05
N LEU B 1494 4.34 -42.44 0.84
CA LEU B 1494 5.08 -41.20 0.71
C LEU B 1494 4.24 -40.00 1.06
N ALA B 1495 2.92 -40.10 0.92
CA ALA B 1495 2.10 -38.90 0.99
C ALA B 1495 2.24 -38.20 2.33
N TYR B 1496 2.04 -38.94 3.42
CA TYR B 1496 2.04 -38.28 4.72
C TYR B 1496 3.45 -37.93 5.15
N CYS B 1497 4.45 -38.69 4.71
CA CYS B 1497 5.84 -38.30 4.97
C CYS B 1497 6.12 -36.94 4.37
N ILE B 1498 5.76 -36.74 3.11
CA ILE B 1498 5.91 -35.43 2.49
C ILE B 1498 4.99 -34.42 3.15
N SER B 1499 3.94 -34.87 3.82
CA SER B 1499 3.01 -34.00 4.53
C SER B 1499 3.35 -33.87 6.00
N ASP B 1500 4.39 -34.54 6.48
CA ASP B 1500 4.85 -34.33 7.84
C ASP B 1500 5.47 -32.94 7.98
N THR B 1501 5.31 -32.36 9.16
CA THR B 1501 5.74 -30.98 9.39
C THR B 1501 7.05 -30.88 10.15
N ALA B 1502 7.88 -31.91 10.13
CA ALA B 1502 9.08 -31.92 10.94
C ALA B 1502 10.33 -32.38 10.23
N VAL B 1503 10.22 -33.18 9.16
CA VAL B 1503 11.40 -33.70 8.50
C VAL B 1503 12.28 -32.55 8.03
N GLN B 1504 13.59 -32.75 8.06
CA GLN B 1504 14.51 -31.72 7.63
C GLN B 1504 14.26 -31.39 6.16
N GLU B 1505 14.37 -30.10 5.83
CA GLU B 1505 14.05 -29.65 4.48
C GLU B 1505 14.96 -30.28 3.42
N GLY B 1506 16.11 -30.81 3.82
CA GLY B 1506 16.97 -31.47 2.86
C GLY B 1506 16.35 -32.72 2.28
N LEU B 1507 15.72 -33.52 3.12
CA LEU B 1507 15.09 -34.74 2.63
C LEU B 1507 13.77 -34.47 1.93
N LYS B 1508 13.13 -33.34 2.22
CA LYS B 1508 11.83 -33.05 1.62
C LYS B 1508 11.95 -32.97 0.11
N CYS B 1509 13.01 -32.35 -0.38
CA CYS B 1509 13.17 -32.23 -1.82
C CYS B 1509 13.26 -33.60 -2.47
N GLU B 1510 14.06 -34.49 -1.91
CA GLU B 1510 14.23 -35.81 -2.52
C GLU B 1510 12.92 -36.58 -2.51
N LEU B 1511 12.24 -36.60 -1.36
CA LEU B 1511 10.99 -37.35 -1.28
C LEU B 1511 9.95 -36.77 -2.24
N GLN B 1512 9.87 -35.44 -2.32
CA GLN B 1512 8.95 -34.80 -3.25
C GLN B 1512 9.27 -35.18 -4.68
N ARG B 1513 10.54 -35.12 -5.05
CA ARG B 1513 10.93 -35.44 -6.41
C ARG B 1513 10.53 -36.86 -6.76
N LYS B 1514 10.67 -37.78 -5.81
CA LYS B 1514 10.24 -39.13 -6.11
C LYS B 1514 8.73 -39.22 -6.24
N LEU B 1515 8.00 -38.44 -5.45
CA LEU B 1515 6.56 -38.45 -5.59
C LEU B 1515 6.17 -38.02 -6.99
N ALA B 1516 6.96 -37.11 -7.57
CA ALA B 1516 6.68 -36.68 -8.94
C ALA B 1516 6.70 -37.85 -9.90
N GLU B 1517 7.78 -38.64 -9.87
CA GLU B 1517 7.85 -39.75 -10.81
C GLU B 1517 6.77 -40.77 -10.53
N LEU B 1518 6.45 -40.99 -9.26
CA LEU B 1518 5.39 -41.94 -8.97
C LEU B 1518 4.09 -41.48 -9.62
N GLN B 1519 3.76 -40.21 -9.50
CA GLN B 1519 2.53 -39.72 -10.10
C GLN B 1519 2.56 -39.88 -11.61
N VAL B 1520 3.72 -39.58 -12.23
CA VAL B 1520 3.82 -39.65 -13.67
C VAL B 1520 3.61 -41.09 -14.15
N TYR B 1521 4.29 -42.03 -13.51
CA TYR B 1521 4.14 -43.42 -13.94
C TYR B 1521 2.74 -43.93 -13.69
N GLN B 1522 2.05 -43.41 -12.67
CA GLN B 1522 0.65 -43.76 -12.50
C GLN B 1522 -0.16 -43.31 -13.71
N LYS B 1523 -0.05 -42.03 -14.06
CA LYS B 1523 -0.90 -41.52 -15.14
C LYS B 1523 -0.60 -42.24 -16.44
N ILE B 1524 0.66 -42.52 -16.72
CA ILE B 1524 1.01 -43.27 -17.91
C ILE B 1524 0.43 -44.68 -17.86
N LEU B 1525 0.51 -45.34 -16.71
CA LEU B 1525 0.23 -46.78 -16.64
C LEU B 1525 -1.18 -47.15 -17.03
N GLY B 1526 -2.03 -46.20 -17.40
CA GLY B 1526 -3.41 -46.55 -17.66
C GLY B 1526 -4.07 -45.84 -18.82
N LEU B 1527 -3.30 -45.13 -19.65
CA LEU B 1527 -3.89 -44.44 -20.80
C LEU B 1527 -4.63 -45.44 -21.68
N GLN B 1528 -3.96 -46.51 -22.08
CA GLN B 1528 -4.63 -47.62 -22.74
C GLN B 1528 -5.47 -48.42 -21.74
N SER B 1529 -6.42 -49.17 -22.27
CA SER B 1529 -7.28 -49.96 -21.40
C SER B 1529 -6.55 -51.08 -20.66
N PRO B 1530 -5.32 -51.44 -21.00
CA PRO B 1530 -4.68 -52.56 -20.33
C PRO B 1530 -3.21 -52.28 -20.07
N PRO B 1531 -2.33 -53.22 -20.37
CA PRO B 1531 -0.90 -53.10 -19.98
C PRO B 1531 0.09 -52.55 -21.00
N VAL B 1532 0.38 -51.25 -20.90
CA VAL B 1532 1.53 -50.67 -21.57
C VAL B 1532 2.74 -50.92 -20.67
N TRP B 1533 2.51 -51.59 -19.55
CA TRP B 1533 3.53 -52.06 -18.62
C TRP B 1533 2.83 -53.00 -17.64
N CYS B 1534 3.57 -53.42 -16.61
CA CYS B 1534 3.04 -54.32 -15.59
C CYS B 1534 2.99 -53.70 -14.20
N ASP B 1535 3.85 -52.74 -13.90
CA ASP B 1535 3.88 -52.06 -12.60
C ASP B 1535 4.79 -50.84 -12.75
N TRP B 1536 5.15 -50.23 -11.62
CA TRP B 1536 6.23 -49.27 -11.59
C TRP B 1536 7.44 -49.87 -12.28
N GLN B 1537 7.77 -51.11 -11.91
CA GLN B 1537 8.95 -51.79 -12.38
C GLN B 1537 9.01 -51.89 -13.91
N THR B 1538 7.95 -52.41 -14.52
CA THR B 1538 7.98 -52.64 -15.96
C THR B 1538 8.10 -51.34 -16.74
N LEU B 1539 7.31 -50.35 -16.36
CA LEU B 1539 7.34 -49.05 -17.00
C LEU B 1539 8.68 -48.35 -16.85
N ARG B 1540 9.31 -48.42 -15.68
CA ARG B 1540 10.65 -47.84 -15.57
C ARG B 1540 11.66 -48.61 -16.41
N SER B 1541 11.55 -49.93 -16.46
CA SER B 1541 12.45 -50.69 -17.30
C SER B 1541 12.31 -50.29 -18.76
N CYS B 1542 11.07 -50.14 -19.22
CA CYS B 1542 10.84 -49.70 -20.60
C CYS B 1542 11.34 -48.28 -20.84
N CYS B 1543 11.19 -47.39 -19.85
CA CYS B 1543 11.72 -46.05 -19.99
C CYS B 1543 13.24 -46.07 -20.11
N VAL B 1544 13.88 -47.03 -19.45
CA VAL B 1544 15.30 -47.26 -19.65
C VAL B 1544 15.49 -47.73 -21.07
N GLU B 1545 14.53 -48.50 -21.57
CA GLU B 1545 14.58 -49.07 -22.91
C GLU B 1545 14.19 -48.01 -23.94
N ASP B 1546 13.88 -48.45 -25.17
CA ASP B 1546 13.61 -47.54 -26.28
C ASP B 1546 12.53 -46.52 -25.92
N PRO B 1547 12.92 -45.29 -25.63
CA PRO B 1547 11.96 -44.31 -25.13
C PRO B 1547 11.14 -43.68 -26.25
N SER B 1548 10.60 -44.52 -27.13
CA SER B 1548 9.90 -44.01 -28.30
C SER B 1548 8.47 -44.52 -28.35
N THR B 1549 8.28 -45.79 -28.01
CA THR B 1549 6.93 -46.33 -27.99
C THR B 1549 6.09 -45.62 -26.94
N VAL B 1550 6.68 -45.32 -25.79
CA VAL B 1550 5.96 -44.62 -24.73
C VAL B 1550 5.61 -43.22 -25.19
N MET B 1551 6.53 -42.51 -25.81
CA MET B 1551 6.22 -41.17 -26.30
C MET B 1551 5.13 -41.22 -27.36
N ASN B 1552 5.19 -42.23 -28.21
CA ASN B 1552 4.15 -42.38 -29.24
C ASN B 1552 2.79 -42.61 -28.61
N MET B 1553 2.72 -43.47 -27.60
CA MET B 1553 1.44 -43.71 -26.94
C MET B 1553 0.98 -42.48 -26.18
N ILE B 1554 1.91 -41.75 -25.57
CA ILE B 1554 1.55 -40.52 -24.86
C ILE B 1554 0.91 -39.54 -25.82
N LEU B 1555 1.54 -39.31 -26.96
CA LEU B 1555 0.93 -38.47 -27.98
C LEU B 1555 -0.28 -39.13 -28.60
N GLU B 1556 -0.48 -40.42 -28.41
CA GLU B 1556 -1.60 -41.09 -29.03
C GLU B 1556 -2.92 -40.63 -28.45
N ALA B 1557 -2.90 -39.94 -27.31
CA ALA B 1557 -4.09 -39.29 -26.79
C ALA B 1557 -4.06 -37.78 -27.00
N GLN B 1558 -3.03 -37.26 -27.67
CA GLN B 1558 -2.81 -35.83 -27.83
C GLN B 1558 -2.75 -35.10 -26.48
N GLU B 1559 -2.59 -35.83 -25.39
CA GLU B 1559 -2.50 -35.24 -24.06
C GLU B 1559 -1.06 -34.80 -23.83
N TYR B 1560 -0.75 -33.61 -24.32
CA TYR B 1560 0.64 -33.18 -24.39
C TYR B 1560 1.26 -33.01 -23.02
N GLU B 1561 0.51 -32.45 -22.06
CA GLU B 1561 1.11 -32.06 -20.80
C GLU B 1561 1.72 -33.25 -20.07
N LEU B 1562 1.05 -34.41 -20.13
CA LEU B 1562 1.61 -35.61 -19.51
C LEU B 1562 2.90 -36.01 -20.18
N CYS B 1563 2.96 -35.94 -21.52
CA CYS B 1563 4.20 -36.23 -22.22
C CYS B 1563 5.30 -35.29 -21.80
N GLU B 1564 4.93 -34.04 -21.45
CA GLU B 1564 5.93 -33.10 -20.98
C GLU B 1564 6.74 -33.70 -19.84
N GLU B 1565 6.06 -34.29 -18.86
CA GLU B 1565 6.78 -34.98 -17.80
C GLU B 1565 7.40 -36.29 -18.30
N TRP B 1566 6.65 -37.06 -19.11
CA TRP B 1566 7.09 -38.40 -19.49
C TRP B 1566 8.39 -38.37 -20.24
N GLY B 1567 8.75 -37.19 -20.74
CA GLY B 1567 10.10 -36.92 -21.21
C GLY B 1567 10.92 -36.12 -20.22
N CYS B 1568 10.27 -35.30 -19.37
CA CYS B 1568 11.01 -34.51 -18.41
C CYS B 1568 11.86 -35.40 -17.52
N LEU B 1569 11.41 -36.62 -17.27
CA LEU B 1569 12.20 -37.63 -16.58
C LEU B 1569 13.04 -38.45 -17.54
N TYR B 1570 12.95 -38.18 -18.84
CA TYR B 1570 13.62 -39.03 -19.80
C TYR B 1570 13.97 -38.23 -21.06
N PRO B 1571 15.21 -37.76 -21.20
CA PRO B 1571 15.55 -36.91 -22.34
C PRO B 1571 15.26 -37.60 -23.66
N ILE B 1572 14.79 -36.82 -24.63
CA ILE B 1572 14.13 -37.33 -25.83
C ILE B 1572 14.88 -36.84 -27.06
N PRO B 1573 14.50 -37.26 -28.26
CA PRO B 1573 15.29 -36.94 -29.45
C PRO B 1573 15.28 -35.45 -29.76
N ARG B 1574 16.46 -34.93 -30.09
CA ARG B 1574 16.63 -33.54 -30.45
C ARG B 1574 15.98 -33.20 -31.79
N GLU B 1575 15.56 -34.20 -32.56
CA GLU B 1575 14.83 -33.94 -33.80
C GLU B 1575 13.34 -33.76 -33.55
N HIS B 1576 12.66 -34.82 -33.10
CA HIS B 1576 11.21 -34.83 -33.02
C HIS B 1576 10.67 -33.98 -31.87
N LEU B 1577 11.55 -33.47 -31.01
CA LEU B 1577 11.10 -32.67 -29.88
C LEU B 1577 10.36 -31.43 -30.36
N ILE B 1578 10.79 -30.84 -31.47
CA ILE B 1578 10.09 -29.67 -31.99
C ILE B 1578 8.70 -30.07 -32.49
N SER B 1579 8.60 -31.19 -33.19
CA SER B 1579 7.30 -31.64 -33.67
C SER B 1579 6.37 -31.91 -32.50
N LEU B 1580 6.93 -32.37 -31.39
CA LEU B 1580 6.12 -32.49 -30.18
C LEU B 1580 5.70 -31.12 -29.68
N HIS B 1581 6.65 -30.20 -29.55
CA HIS B 1581 6.39 -28.95 -28.85
C HIS B 1581 5.35 -28.10 -29.57
N GLN B 1582 5.43 -28.04 -30.89
CA GLN B 1582 4.56 -27.11 -31.62
C GLN B 1582 3.10 -27.54 -31.57
N LYS B 1583 2.85 -28.85 -31.63
CA LYS B 1583 1.48 -29.33 -31.76
C LYS B 1583 0.63 -28.91 -30.58
N HIS B 1584 1.21 -28.94 -29.38
CA HIS B 1584 0.48 -28.51 -28.20
C HIS B 1584 0.11 -27.04 -28.28
N LEU B 1585 1.03 -26.20 -28.74
CA LEU B 1585 0.72 -24.79 -28.91
C LEU B 1585 -0.41 -24.61 -29.91
N LEU B 1586 -0.38 -25.39 -30.98
CA LEU B 1586 -1.47 -25.33 -31.95
C LEU B 1586 -2.80 -25.65 -31.30
N HIS B 1587 -2.84 -26.78 -30.59
CA HIS B 1587 -4.09 -27.19 -29.96
C HIS B 1587 -4.56 -26.14 -28.96
N LEU B 1588 -3.63 -25.57 -28.20
CA LEU B 1588 -4.00 -24.56 -27.23
C LEU B 1588 -4.59 -23.34 -27.91
N LEU B 1589 -3.95 -22.87 -28.98
CA LEU B 1589 -4.49 -21.73 -29.70
C LEU B 1589 -5.85 -22.04 -30.30
N GLU B 1590 -6.13 -23.32 -30.57
CA GLU B 1590 -7.39 -23.69 -31.18
C GLU B 1590 -8.58 -23.21 -30.37
N ARG B 1591 -8.41 -23.06 -29.06
CA ARG B 1591 -9.49 -22.62 -28.19
C ARG B 1591 -9.29 -21.19 -27.68
N ARG B 1592 -8.30 -20.48 -28.21
CA ARG B 1592 -8.04 -19.08 -27.84
C ARG B 1592 -7.71 -18.94 -26.36
N ASP B 1593 -6.78 -19.76 -25.87
CA ASP B 1593 -6.31 -19.68 -24.48
C ASP B 1593 -4.96 -18.99 -24.47
N HIS B 1594 -5.01 -17.66 -24.35
CA HIS B 1594 -3.83 -16.84 -24.64
C HIS B 1594 -2.68 -17.13 -23.67
N ASP B 1595 -2.94 -17.08 -22.37
CA ASP B 1595 -1.86 -17.19 -21.41
C ASP B 1595 -1.15 -18.53 -21.50
N LYS B 1596 -1.92 -19.61 -21.68
CA LYS B 1596 -1.31 -20.93 -21.81
C LYS B 1596 -0.38 -20.99 -23.01
N ALA B 1597 -0.81 -20.41 -24.14
CA ALA B 1597 0.06 -20.35 -25.30
C ALA B 1597 1.30 -19.51 -25.02
N LEU B 1598 1.14 -18.40 -24.30
CA LEU B 1598 2.29 -17.57 -23.98
C LEU B 1598 3.32 -18.34 -23.18
N GLN B 1599 2.85 -19.09 -22.18
CA GLN B 1599 3.76 -19.90 -21.36
C GLN B 1599 4.41 -20.99 -22.20
N LEU B 1600 3.63 -21.68 -23.03
CA LEU B 1600 4.19 -22.71 -23.88
C LEU B 1600 5.24 -22.13 -24.80
N LEU B 1601 5.06 -20.90 -25.25
CA LEU B 1601 6.08 -20.25 -26.06
C LEU B 1601 7.32 -19.95 -25.23
N ARG B 1602 7.15 -19.35 -24.06
CA ARG B 1602 8.29 -18.95 -23.26
C ARG B 1602 9.10 -20.15 -22.79
N ARG B 1603 8.48 -21.32 -22.67
CA ARG B 1603 9.16 -22.52 -22.22
C ARG B 1603 10.03 -23.15 -23.30
N ILE B 1604 10.56 -22.36 -24.21
CA ILE B 1604 11.38 -22.91 -25.30
C ILE B 1604 12.67 -23.49 -24.72
N PRO B 1605 13.16 -24.61 -25.21
CA PRO B 1605 14.43 -25.15 -24.70
C PRO B 1605 15.63 -24.31 -25.09
N ASP B 1606 15.83 -24.11 -26.39
CA ASP B 1606 16.99 -23.38 -26.87
C ASP B 1606 16.55 -22.21 -27.74
N PRO B 1607 17.38 -21.16 -27.82
CA PRO B 1607 16.96 -20.00 -28.64
C PRO B 1607 16.71 -20.37 -30.09
N THR B 1608 17.48 -21.29 -30.64
CA THR B 1608 17.19 -21.77 -31.99
C THR B 1608 15.82 -22.42 -32.05
N MET B 1609 15.43 -23.10 -30.98
CA MET B 1609 14.17 -23.83 -30.99
C MET B 1609 12.99 -22.89 -31.13
N CYS B 1610 13.04 -21.74 -30.46
CA CYS B 1610 11.92 -20.80 -30.53
C CYS B 1610 11.69 -20.35 -31.97
N LEU B 1611 12.76 -19.93 -32.64
CA LEU B 1611 12.63 -19.51 -34.03
C LEU B 1611 12.19 -20.67 -34.90
N GLU B 1612 12.75 -21.86 -34.68
CA GLU B 1612 12.41 -22.98 -35.54
C GLU B 1612 10.94 -23.34 -35.42
N VAL B 1613 10.43 -23.36 -34.20
CA VAL B 1613 9.01 -23.66 -34.00
C VAL B 1613 8.16 -22.56 -34.61
N THR B 1614 8.53 -21.30 -34.37
CA THR B 1614 7.73 -20.21 -34.90
C THR B 1614 7.63 -20.30 -36.41
N GLU B 1615 8.74 -20.64 -37.07
CA GLU B 1615 8.72 -20.77 -38.53
C GLU B 1615 7.91 -21.98 -38.97
N GLN B 1616 8.18 -23.14 -38.36
CA GLN B 1616 7.54 -24.37 -38.81
C GLN B 1616 6.04 -24.34 -38.59
N SER B 1617 5.56 -23.51 -37.66
CA SER B 1617 4.15 -23.58 -37.31
C SER B 1617 3.25 -23.13 -38.45
N LEU B 1618 3.52 -21.97 -39.03
CA LEU B 1618 2.50 -21.27 -39.81
C LEU B 1618 2.00 -22.11 -40.98
N ASP B 1619 2.91 -22.86 -41.60
CA ASP B 1619 2.59 -23.54 -42.86
C ASP B 1619 1.64 -24.72 -42.68
N GLN B 1620 1.35 -25.15 -41.46
CA GLN B 1620 0.60 -26.39 -41.25
C GLN B 1620 -0.91 -26.13 -41.21
N HIS B 1621 -1.45 -25.69 -42.34
CA HIS B 1621 -2.89 -25.51 -42.53
C HIS B 1621 -3.49 -24.70 -41.39
N THR B 1622 -3.01 -23.45 -41.31
CA THR B 1622 -3.35 -22.58 -40.21
C THR B 1622 -4.86 -22.32 -40.15
N SER B 1623 -5.29 -21.73 -39.03
CA SER B 1623 -6.66 -21.30 -38.84
C SER B 1623 -6.71 -19.79 -38.74
N LEU B 1624 -7.93 -19.26 -38.86
CA LEU B 1624 -8.11 -17.82 -39.02
C LEU B 1624 -7.47 -17.06 -37.89
N ALA B 1625 -7.98 -17.25 -36.67
CA ALA B 1625 -7.35 -16.69 -35.50
C ALA B 1625 -5.97 -17.25 -35.27
N THR B 1626 -5.71 -18.51 -35.66
CA THR B 1626 -4.38 -19.07 -35.50
C THR B 1626 -3.36 -18.21 -36.24
N SER B 1627 -3.63 -17.91 -37.50
CA SER B 1627 -2.75 -17.00 -38.22
C SER B 1627 -2.77 -15.62 -37.58
N HIS B 1628 -3.97 -15.10 -37.31
CA HIS B 1628 -4.11 -13.73 -36.85
C HIS B 1628 -3.29 -13.49 -35.58
N PHE B 1629 -3.03 -14.53 -34.81
CA PHE B 1629 -2.20 -14.42 -33.63
C PHE B 1629 -0.74 -14.75 -33.95
N LEU B 1630 -0.50 -15.95 -34.48
CA LEU B 1630 0.86 -16.42 -34.66
C LEU B 1630 1.67 -15.47 -35.52
N ALA B 1631 1.02 -14.70 -36.39
CA ALA B 1631 1.75 -13.74 -37.19
C ALA B 1631 2.46 -12.72 -36.31
N ASN B 1632 1.69 -11.90 -35.60
CA ASN B 1632 2.30 -10.93 -34.70
C ASN B 1632 3.13 -11.64 -33.64
N TYR B 1633 2.83 -12.91 -33.36
CA TYR B 1633 3.65 -13.66 -32.41
C TYR B 1633 5.07 -13.81 -32.93
N LEU B 1634 5.22 -14.28 -34.16
CA LEU B 1634 6.53 -14.33 -34.78
C LEU B 1634 7.11 -12.93 -34.91
N THR B 1635 6.25 -11.93 -35.05
CA THR B 1635 6.72 -10.56 -35.12
C THR B 1635 7.36 -10.12 -33.80
N THR B 1636 6.83 -10.61 -32.69
CA THR B 1636 7.17 -10.09 -31.36
C THR B 1636 8.68 -9.96 -31.18
N HIS B 1637 9.39 -11.08 -31.20
CA HIS B 1637 10.85 -11.04 -31.18
C HIS B 1637 11.36 -11.98 -32.27
N PHE B 1638 11.35 -11.51 -33.50
CA PHE B 1638 12.19 -12.10 -34.52
C PHE B 1638 12.93 -11.07 -35.35
N TYR B 1639 12.28 -9.94 -35.67
CA TYR B 1639 12.78 -8.95 -36.60
C TYR B 1639 13.47 -9.62 -37.77
N GLY B 1640 14.76 -9.36 -37.93
CA GLY B 1640 15.56 -10.08 -38.90
C GLY B 1640 16.29 -11.23 -38.27
N GLN B 1641 15.72 -12.43 -38.36
CA GLN B 1641 16.40 -13.63 -37.92
C GLN B 1641 16.36 -14.65 -39.04
N LEU B 1642 15.31 -14.56 -39.87
CA LEU B 1642 15.23 -15.32 -41.11
C LEU B 1642 14.38 -14.50 -42.07
N THR B 1643 15.04 -13.69 -42.89
CA THR B 1643 14.32 -12.88 -43.87
C THR B 1643 13.69 -13.75 -44.95
N ALA B 1644 14.53 -14.56 -45.62
CA ALA B 1644 14.10 -15.48 -46.66
C ALA B 1644 13.07 -14.85 -47.58
N VAL B 1645 12.08 -15.63 -47.99
CA VAL B 1645 10.85 -15.08 -48.52
C VAL B 1645 9.90 -14.95 -47.35
N ARG B 1646 10.45 -15.06 -46.14
CA ARG B 1646 9.60 -15.10 -44.95
C ARG B 1646 8.93 -13.76 -44.68
N HIS B 1647 9.69 -12.66 -44.79
CA HIS B 1647 9.07 -11.36 -44.57
C HIS B 1647 7.98 -11.09 -45.59
N ARG B 1648 8.26 -11.43 -46.85
CA ARG B 1648 7.24 -11.27 -47.89
C ARG B 1648 6.03 -12.13 -47.61
N GLU B 1649 6.25 -13.37 -47.18
CA GLU B 1649 5.13 -14.24 -46.88
C GLU B 1649 4.30 -13.68 -45.74
N ILE B 1650 4.95 -13.12 -44.73
CA ILE B 1650 4.23 -12.50 -43.63
C ILE B 1650 3.38 -11.36 -44.14
N GLN B 1651 3.98 -10.52 -44.99
CA GLN B 1651 3.21 -9.45 -45.60
C GLN B 1651 2.01 -10.03 -46.36
N ALA B 1652 2.18 -11.21 -46.95
CA ALA B 1652 1.17 -11.75 -47.85
C ALA B 1652 -0.17 -11.93 -47.15
N LEU B 1653 -0.15 -12.05 -45.84
CA LEU B 1653 -1.37 -11.94 -45.08
C LEU B 1653 -1.49 -10.59 -44.38
N TYR B 1654 -0.37 -9.88 -44.20
CA TYR B 1654 -0.39 -8.63 -43.44
C TYR B 1654 -1.41 -7.65 -44.00
N VAL B 1655 -1.67 -7.72 -45.30
CA VAL B 1655 -2.77 -6.98 -45.87
C VAL B 1655 -3.91 -7.88 -46.30
N GLY B 1656 -3.65 -9.16 -46.56
CA GLY B 1656 -4.71 -10.05 -47.00
C GLY B 1656 -5.82 -10.17 -45.98
N SER B 1657 -5.47 -10.01 -44.70
CA SER B 1657 -6.50 -9.95 -43.69
C SER B 1657 -7.46 -8.80 -43.97
N LYS B 1658 -6.92 -7.60 -44.15
CA LYS B 1658 -7.78 -6.45 -44.44
C LYS B 1658 -8.55 -6.66 -45.72
N ILE B 1659 -7.93 -7.36 -46.67
CA ILE B 1659 -8.61 -7.67 -47.93
C ILE B 1659 -9.87 -8.48 -47.65
N LEU B 1660 -9.71 -9.66 -47.07
CA LEU B 1660 -10.87 -10.46 -46.71
C LEU B 1660 -11.77 -9.76 -45.71
N LEU B 1661 -11.33 -8.65 -45.15
CA LEU B 1661 -12.04 -7.94 -44.10
C LEU B 1661 -12.81 -6.74 -44.62
N THR B 1662 -13.40 -6.83 -45.81
CA THR B 1662 -14.28 -5.78 -46.29
C THR B 1662 -15.63 -6.30 -46.75
N LEU B 1663 -15.93 -7.58 -46.56
CA LEU B 1663 -17.12 -8.15 -47.16
C LEU B 1663 -18.27 -8.28 -46.17
N PRO B 1664 -19.44 -8.74 -46.61
CA PRO B 1664 -20.58 -8.93 -45.69
C PRO B 1664 -20.31 -10.02 -44.68
N GLU B 1665 -21.05 -9.96 -43.57
CA GLU B 1665 -20.82 -10.90 -42.48
C GLU B 1665 -20.97 -12.33 -42.96
N GLN B 1666 -22.11 -12.65 -43.57
CA GLN B 1666 -22.27 -13.99 -44.12
C GLN B 1666 -21.27 -14.25 -45.23
N HIS B 1667 -20.83 -13.20 -45.92
CA HIS B 1667 -19.84 -13.36 -46.95
C HIS B 1667 -18.47 -13.69 -46.39
N ARG B 1668 -18.23 -13.38 -45.12
CA ARG B 1668 -16.90 -13.63 -44.55
C ARG B 1668 -16.60 -15.12 -44.50
N ALA B 1669 -17.64 -15.97 -44.50
CA ALA B 1669 -17.45 -17.38 -44.19
C ALA B 1669 -16.55 -18.07 -45.20
N SER B 1670 -16.87 -17.95 -46.49
CA SER B 1670 -16.06 -18.62 -47.48
C SER B 1670 -14.78 -17.86 -47.79
N TYR B 1671 -14.61 -16.67 -47.23
CA TYR B 1671 -13.43 -15.86 -47.49
C TYR B 1671 -12.16 -16.48 -46.91
N SER B 1672 -12.27 -17.36 -45.92
CA SER B 1672 -11.09 -18.02 -45.37
C SER B 1672 -10.64 -19.18 -46.25
N HIS B 1673 -11.42 -19.53 -47.28
CA HIS B 1673 -11.01 -20.61 -48.17
C HIS B 1673 -9.66 -20.35 -48.79
N LEU B 1674 -9.34 -19.07 -49.03
CA LEU B 1674 -8.02 -18.71 -49.56
C LEU B 1674 -7.57 -17.35 -49.04
N SER B 1675 -7.88 -17.03 -47.79
CA SER B 1675 -7.66 -15.68 -47.28
C SER B 1675 -6.19 -15.29 -47.19
N SER B 1676 -5.26 -16.14 -47.64
CA SER B 1676 -3.84 -15.83 -47.57
C SER B 1676 -3.12 -16.03 -48.90
N ASN B 1677 -3.82 -15.93 -50.02
CA ASN B 1677 -3.20 -15.92 -51.35
C ASN B 1677 -3.75 -14.72 -52.10
N PRO B 1678 -3.40 -13.51 -51.65
CA PRO B 1678 -4.19 -12.33 -52.07
C PRO B 1678 -4.31 -12.19 -53.56
N LEU B 1679 -3.25 -12.49 -54.30
CA LEU B 1679 -3.35 -12.48 -55.76
C LEU B 1679 -4.49 -13.39 -56.19
N PHE B 1680 -4.48 -14.64 -55.73
CA PHE B 1680 -5.59 -15.52 -56.03
C PHE B 1680 -6.88 -14.99 -55.45
N MET B 1681 -6.80 -14.23 -54.36
CA MET B 1681 -8.02 -13.76 -53.72
C MET B 1681 -8.78 -12.78 -54.60
N LEU B 1682 -8.07 -11.84 -55.22
CA LEU B 1682 -8.75 -10.89 -56.08
C LEU B 1682 -9.45 -11.60 -57.21
N GLU B 1683 -8.77 -12.54 -57.85
CA GLU B 1683 -9.37 -13.28 -58.94
C GLU B 1683 -10.60 -14.03 -58.45
N GLN B 1684 -10.48 -14.70 -57.31
CA GLN B 1684 -11.63 -15.41 -56.77
C GLN B 1684 -12.79 -14.45 -56.56
N LEU B 1685 -12.49 -13.26 -56.04
CA LEU B 1685 -13.53 -12.25 -55.87
C LEU B 1685 -14.19 -11.96 -57.21
N LEU B 1686 -13.39 -11.92 -58.27
CA LEU B 1686 -13.96 -11.71 -59.59
C LEU B 1686 -14.84 -12.88 -59.99
N MET B 1687 -14.49 -14.08 -59.53
CA MET B 1687 -15.07 -15.28 -60.10
C MET B 1687 -16.56 -15.38 -59.84
N ASN B 1688 -16.99 -15.05 -58.67
CA ASN B 1688 -18.37 -15.37 -58.35
C ASN B 1688 -19.36 -14.45 -59.00
N MET B 1689 -19.01 -13.75 -60.07
CA MET B 1689 -19.85 -12.71 -60.67
C MET B 1689 -20.14 -11.60 -59.70
N LYS B 1690 -19.49 -11.58 -58.55
CA LYS B 1690 -19.79 -10.63 -57.50
C LYS B 1690 -18.99 -9.36 -57.74
N VAL B 1691 -19.37 -8.65 -58.80
CA VAL B 1691 -18.68 -7.43 -59.15
C VAL B 1691 -18.62 -6.49 -57.97
N ASP B 1692 -19.77 -5.94 -57.58
CA ASP B 1692 -19.87 -4.83 -56.63
C ASP B 1692 -18.91 -4.96 -55.46
N TRP B 1693 -18.69 -6.19 -55.00
CA TRP B 1693 -17.74 -6.41 -53.91
C TRP B 1693 -16.32 -6.07 -54.33
N ALA B 1694 -16.00 -6.18 -55.61
CA ALA B 1694 -14.63 -5.95 -56.05
C ALA B 1694 -14.21 -4.51 -55.77
N THR B 1695 -15.09 -3.55 -56.06
CA THR B 1695 -14.68 -2.15 -56.05
C THR B 1695 -13.98 -1.77 -54.76
N VAL B 1696 -14.51 -2.23 -53.64
CA VAL B 1696 -13.87 -1.97 -52.36
C VAL B 1696 -12.48 -2.58 -52.32
N ALA B 1697 -12.35 -3.82 -52.81
CA ALA B 1697 -11.06 -4.49 -52.79
C ALA B 1697 -10.05 -3.73 -53.64
N VAL B 1698 -10.49 -3.23 -54.78
CA VAL B 1698 -9.61 -2.47 -55.65
C VAL B 1698 -9.14 -1.20 -54.95
N GLN B 1699 -10.08 -0.48 -54.33
CA GLN B 1699 -9.72 0.73 -53.61
C GLN B 1699 -8.77 0.40 -52.47
N THR B 1700 -9.01 -0.71 -51.78
CA THR B 1700 -8.15 -1.10 -50.67
C THR B 1700 -6.75 -1.44 -51.16
N LEU B 1701 -6.64 -2.14 -52.28
CA LEU B 1701 -5.33 -2.49 -52.80
C LEU B 1701 -4.56 -1.23 -53.19
N GLN B 1702 -5.23 -0.31 -53.88
CA GLN B 1702 -4.57 0.91 -54.32
C GLN B 1702 -4.14 1.77 -53.13
N GLN B 1703 -5.00 1.88 -52.12
CA GLN B 1703 -4.63 2.64 -50.93
C GLN B 1703 -3.59 1.90 -50.10
N LEU B 1704 -3.50 0.58 -50.27
CA LEU B 1704 -2.67 -0.27 -49.44
C LEU B 1704 -1.46 -0.80 -50.19
N LEU B 1705 -1.26 -0.38 -51.44
CA LEU B 1705 -0.04 -0.78 -52.13
C LEU B 1705 1.19 -0.25 -51.41
N VAL B 1706 1.06 0.92 -50.77
CA VAL B 1706 2.08 1.64 -50.01
C VAL B 1706 3.35 0.82 -49.75
N GLY B 1707 4.16 0.65 -50.78
CA GLY B 1707 5.43 -0.05 -50.64
C GLY B 1707 5.28 -1.50 -50.29
N GLN B 1708 4.08 -2.06 -50.51
CA GLN B 1708 3.82 -3.44 -50.13
C GLN B 1708 4.58 -4.37 -51.07
N GLU B 1709 5.84 -4.64 -50.75
CA GLU B 1709 6.68 -5.44 -51.63
C GLU B 1709 6.22 -6.88 -51.61
N ILE B 1710 5.06 -7.15 -52.21
CA ILE B 1710 4.46 -8.48 -52.19
C ILE B 1710 4.34 -9.10 -53.56
N GLY B 1711 5.02 -8.55 -54.56
CA GLY B 1711 4.92 -9.11 -55.89
C GLY B 1711 3.61 -8.75 -56.57
N PHE B 1712 2.52 -8.80 -55.81
CA PHE B 1712 1.20 -8.46 -56.34
C PHE B 1712 1.15 -6.95 -56.65
N THR B 1713 2.05 -6.53 -57.53
CA THR B 1713 2.06 -5.16 -58.00
C THR B 1713 0.84 -4.92 -58.87
N MET B 1714 0.39 -3.66 -58.89
CA MET B 1714 -0.87 -3.34 -59.56
C MET B 1714 -0.86 -3.76 -61.02
N ASP B 1715 0.31 -3.87 -61.63
CA ASP B 1715 0.37 -4.36 -63.00
C ASP B 1715 -0.13 -5.79 -63.09
N GLU B 1716 0.26 -6.64 -62.12
CA GLU B 1716 -0.31 -7.97 -62.07
C GLU B 1716 -1.82 -7.90 -61.94
N VAL B 1717 -2.31 -6.92 -61.19
CA VAL B 1717 -3.74 -6.74 -61.07
C VAL B 1717 -4.36 -6.42 -62.42
N ASP B 1718 -3.69 -5.55 -63.18
CA ASP B 1718 -4.20 -5.20 -64.50
C ASP B 1718 -4.24 -6.42 -65.39
N SER B 1719 -3.22 -7.26 -65.31
CA SER B 1719 -3.24 -8.50 -66.08
C SER B 1719 -4.42 -9.36 -65.67
N LEU B 1720 -4.64 -9.48 -64.37
CA LEU B 1720 -5.76 -10.25 -63.88
C LEU B 1720 -7.06 -9.74 -64.46
N LEU B 1721 -7.26 -8.43 -64.38
CA LEU B 1721 -8.51 -7.85 -64.86
C LEU B 1721 -8.66 -8.03 -66.37
N SER B 1722 -7.59 -7.82 -67.12
CA SER B 1722 -7.68 -7.95 -68.56
C SER B 1722 -8.09 -9.37 -68.93
N ARG B 1723 -7.41 -10.35 -68.34
CA ARG B 1723 -7.75 -11.73 -68.63
C ARG B 1723 -9.20 -12.00 -68.26
N TYR B 1724 -9.61 -11.48 -67.10
CA TYR B 1724 -10.98 -11.68 -66.67
C TYR B 1724 -11.94 -11.17 -67.73
N ALA B 1725 -11.74 -9.94 -68.17
CA ALA B 1725 -12.69 -9.35 -69.13
C ALA B 1725 -12.71 -10.16 -70.41
N GLU B 1726 -11.54 -10.56 -70.90
CA GLU B 1726 -11.48 -11.35 -72.12
C GLU B 1726 -12.31 -12.61 -71.98
N LYS B 1727 -12.21 -13.26 -70.82
CA LYS B 1727 -13.09 -14.39 -70.57
C LYS B 1727 -14.54 -13.93 -70.44
N ALA B 1728 -14.75 -12.68 -70.03
CA ALA B 1728 -16.07 -12.26 -69.56
C ALA B 1728 -16.99 -11.92 -70.72
N LEU B 1729 -16.62 -10.89 -71.48
CA LEU B 1729 -17.46 -10.56 -72.63
C LEU B 1729 -17.37 -11.61 -73.72
N ASP B 1730 -16.48 -12.60 -73.54
CA ASP B 1730 -16.28 -13.64 -74.52
C ASP B 1730 -17.61 -14.24 -74.94
N PHE B 1731 -17.86 -14.22 -76.25
CA PHE B 1731 -19.14 -14.60 -76.82
C PHE B 1731 -19.04 -15.94 -77.52
N PRO B 1732 -19.78 -16.96 -77.11
CA PRO B 1732 -19.85 -18.17 -77.92
C PRO B 1732 -20.26 -17.82 -79.33
N TYR B 1733 -19.33 -18.01 -80.27
CA TYR B 1733 -19.56 -17.61 -81.64
C TYR B 1733 -19.07 -18.70 -82.59
N ALA B 1801 -21.32 -46.14 -70.76
CA ALA B 1801 -20.98 -46.88 -69.53
C ALA B 1801 -20.22 -45.98 -68.56
N THR B 1802 -19.46 -45.04 -69.11
CA THR B 1802 -18.66 -44.11 -68.34
C THR B 1802 -18.87 -42.71 -68.87
N PRO B 1803 -18.58 -41.69 -68.06
CA PRO B 1803 -18.68 -40.31 -68.55
C PRO B 1803 -17.75 -40.08 -69.72
N PRO B 1804 -18.22 -39.41 -70.76
CA PRO B 1804 -17.38 -39.22 -71.95
C PRO B 1804 -16.24 -38.25 -71.69
N ALA B 1805 -15.17 -38.41 -72.47
CA ALA B 1805 -14.03 -37.52 -72.38
C ALA B 1805 -14.26 -36.27 -73.23
N ARG B 1806 -13.26 -35.40 -73.26
CA ARG B 1806 -13.39 -34.15 -74.01
C ARG B 1806 -13.55 -34.42 -75.50
N HIS B 1807 -12.77 -35.36 -76.04
CA HIS B 1807 -12.93 -35.73 -77.43
C HIS B 1807 -14.25 -36.45 -77.68
N GLN B 1808 -14.71 -37.22 -76.70
CA GLN B 1808 -15.97 -37.95 -76.83
C GLN B 1808 -17.19 -37.04 -76.75
N TRP B 1809 -17.00 -35.77 -76.40
CA TRP B 1809 -18.12 -34.83 -76.41
C TRP B 1809 -18.62 -34.63 -77.82
N VAL B 1810 -19.94 -34.62 -77.98
CA VAL B 1810 -20.54 -34.48 -79.31
C VAL B 1810 -20.25 -33.09 -79.86
N PRO B 1811 -19.94 -32.96 -81.14
CA PRO B 1811 -19.68 -31.62 -81.70
C PRO B 1811 -20.93 -30.75 -81.67
N ASP B 1812 -20.71 -29.44 -81.53
CA ASP B 1812 -21.82 -28.50 -81.47
C ASP B 1812 -22.60 -28.49 -82.77
N GLU B 1813 -21.90 -28.56 -83.91
CA GLU B 1813 -22.54 -28.54 -85.22
C GLU B 1813 -22.91 -29.94 -85.71
N THR B 1814 -22.67 -30.97 -84.91
CA THR B 1814 -22.99 -32.33 -85.34
C THR B 1814 -24.49 -32.55 -85.42
N GLU B 1815 -25.22 -32.17 -84.37
CA GLU B 1815 -26.66 -32.41 -84.28
C GLU B 1815 -27.39 -31.07 -84.35
N SER B 1816 -28.02 -30.78 -85.49
CA SER B 1816 -28.73 -29.53 -85.64
C SER B 1816 -29.84 -29.40 -84.62
N ILE B 1817 -30.62 -30.46 -84.41
CA ILE B 1817 -31.53 -30.53 -83.30
C ILE B 1817 -30.73 -31.04 -82.11
N CYS B 1818 -31.29 -30.89 -80.92
CA CYS B 1818 -30.59 -31.31 -79.71
C CYS B 1818 -30.36 -32.81 -79.74
N MET B 1819 -29.22 -33.22 -79.17
CA MET B 1819 -28.89 -34.65 -79.13
C MET B 1819 -29.88 -35.43 -78.28
N VAL B 1820 -30.58 -34.75 -77.36
CA VAL B 1820 -31.60 -35.37 -76.52
C VAL B 1820 -32.99 -34.80 -76.82
N CYS B 1821 -33.17 -33.49 -76.62
CA CYS B 1821 -34.47 -32.88 -76.86
C CYS B 1821 -34.87 -32.98 -78.32
N CYS B 1822 -33.92 -32.73 -79.23
CA CYS B 1822 -34.12 -32.83 -80.68
C CYS B 1822 -35.24 -31.92 -81.18
N ARG B 1823 -35.52 -30.82 -80.47
CA ARG B 1823 -36.57 -29.90 -80.84
C ARG B 1823 -36.04 -28.50 -81.13
N GLU B 1824 -35.19 -27.96 -80.26
CA GLU B 1824 -34.66 -26.62 -80.43
C GLU B 1824 -33.30 -26.68 -81.13
N HIS B 1825 -33.17 -25.95 -82.23
CA HIS B 1825 -31.92 -25.91 -82.97
C HIS B 1825 -30.88 -25.09 -82.22
N PHE B 1826 -29.61 -25.38 -82.49
CA PHE B 1826 -28.52 -24.67 -81.84
C PHE B 1826 -28.50 -23.20 -82.28
N THR B 1827 -28.68 -22.29 -81.33
CA THR B 1827 -28.66 -20.87 -81.62
C THR B 1827 -28.08 -20.13 -80.43
N MET B 1828 -27.77 -18.85 -80.64
CA MET B 1828 -27.26 -18.04 -79.55
C MET B 1828 -28.27 -17.97 -78.40
N PHE B 1829 -29.51 -17.59 -78.72
CA PHE B 1829 -30.56 -17.67 -77.71
C PHE B 1829 -30.96 -19.12 -77.46
N ASN B 1830 -31.13 -19.89 -78.54
CA ASN B 1830 -31.48 -21.30 -78.42
C ASN B 1830 -30.18 -22.08 -78.32
N ARG B 1831 -29.54 -21.97 -77.17
CA ARG B 1831 -28.26 -22.62 -76.94
C ARG B 1831 -28.47 -24.00 -76.32
N ARG B 1832 -27.37 -24.71 -76.12
CA ARG B 1832 -27.38 -26.02 -75.51
C ARG B 1832 -26.13 -26.16 -74.65
N HIS B 1833 -25.90 -27.37 -74.15
CA HIS B 1833 -24.74 -27.67 -73.34
C HIS B 1833 -24.28 -29.10 -73.62
N HIS B 1834 -23.12 -29.44 -73.07
CA HIS B 1834 -22.56 -30.78 -73.19
C HIS B 1834 -22.89 -31.58 -71.94
N CYS B 1835 -23.53 -32.73 -72.12
CA CYS B 1835 -23.93 -33.54 -70.99
C CYS B 1835 -22.73 -34.22 -70.34
N ARG B 1836 -22.86 -34.54 -69.06
CA ARG B 1836 -21.79 -35.18 -68.32
C ARG B 1836 -21.85 -36.70 -68.33
N ARG B 1837 -22.90 -37.30 -68.91
CA ARG B 1837 -23.05 -38.75 -68.88
C ARG B 1837 -22.48 -39.42 -70.13
N CYS B 1838 -22.99 -39.06 -71.30
CA CYS B 1838 -22.52 -39.64 -72.55
C CYS B 1838 -21.76 -38.64 -73.42
N GLY B 1839 -21.67 -37.38 -73.00
CA GLY B 1839 -20.99 -36.36 -73.78
C GLY B 1839 -21.79 -35.82 -74.94
N ARG B 1840 -23.04 -36.22 -75.11
CA ARG B 1840 -23.85 -35.74 -76.20
C ARG B 1840 -24.24 -34.28 -75.98
N LEU B 1841 -24.68 -33.63 -77.05
CA LEU B 1841 -25.13 -32.25 -77.00
C LEU B 1841 -26.57 -32.23 -76.51
N VAL B 1842 -26.75 -32.56 -75.24
CA VAL B 1842 -28.07 -32.70 -74.63
C VAL B 1842 -28.56 -31.33 -74.20
N CYS B 1843 -29.83 -31.07 -74.47
CA CYS B 1843 -30.43 -29.81 -74.07
C CYS B 1843 -30.50 -29.72 -72.55
N SER B 1844 -30.08 -28.58 -72.01
CA SER B 1844 -30.23 -28.36 -70.57
C SER B 1844 -31.67 -28.51 -70.14
N SER B 1845 -32.60 -28.17 -71.03
CA SER B 1845 -34.01 -28.45 -70.76
C SER B 1845 -34.25 -29.95 -70.67
N CYS B 1846 -33.61 -30.73 -71.54
CA CYS B 1846 -33.73 -32.18 -71.49
C CYS B 1846 -32.78 -32.82 -70.50
N SER B 1847 -31.80 -32.09 -69.98
CA SER B 1847 -30.79 -32.61 -69.07
C SER B 1847 -30.62 -31.68 -67.89
N THR B 1848 -31.73 -31.26 -67.28
CA THR B 1848 -31.74 -30.31 -66.18
C THR B 1848 -31.29 -30.91 -64.86
N LYS B 1849 -30.66 -32.08 -64.86
CA LYS B 1849 -30.20 -32.72 -63.64
C LYS B 1849 -28.68 -32.63 -63.52
N LYS B 1850 -28.20 -32.64 -62.28
CA LYS B 1850 -26.77 -32.61 -61.98
C LYS B 1850 -26.45 -33.75 -61.02
N MET B 1851 -25.43 -34.53 -61.36
CA MET B 1851 -24.99 -35.64 -60.51
C MET B 1851 -23.69 -35.32 -59.80
N ALA B 1861 -26.12 -45.97 -73.47
CA ALA B 1861 -26.35 -45.13 -74.63
C ALA B 1861 -26.47 -43.66 -74.22
N ARG B 1862 -26.82 -42.81 -75.18
CA ARG B 1862 -26.98 -41.38 -74.92
C ARG B 1862 -28.21 -41.15 -74.07
N VAL B 1863 -28.02 -41.03 -72.77
CA VAL B 1863 -29.12 -40.88 -71.82
C VAL B 1863 -29.06 -39.48 -71.22
N CYS B 1864 -30.23 -38.99 -70.80
CA CYS B 1864 -30.33 -37.66 -70.22
C CYS B 1864 -29.62 -37.61 -68.86
N ASP B 1865 -29.34 -36.38 -68.40
CA ASP B 1865 -28.66 -36.20 -67.13
C ASP B 1865 -29.44 -36.83 -65.99
N GLN B 1866 -30.77 -36.60 -65.98
CA GLN B 1866 -31.61 -37.30 -65.01
C GLN B 1866 -31.76 -38.77 -65.38
N CYS B 1867 -31.85 -39.08 -66.68
CA CYS B 1867 -31.99 -40.45 -67.10
C CYS B 1867 -30.76 -41.27 -66.74
N TYR B 1868 -29.57 -40.70 -66.94
CA TYR B 1868 -28.34 -41.38 -66.56
C TYR B 1868 -27.85 -40.87 -65.22
N VAL B 1908 -22.18 -22.79 -57.58
CA VAL B 1908 -21.10 -23.37 -58.37
C VAL B 1908 -19.95 -22.38 -58.51
N GLU B 1909 -19.96 -21.35 -57.67
CA GLU B 1909 -18.91 -20.34 -57.71
C GLU B 1909 -17.57 -20.97 -57.36
N TRP B 1910 -16.52 -20.17 -57.49
CA TRP B 1910 -15.18 -20.69 -57.26
C TRP B 1910 -15.01 -21.16 -55.83
N ILE B 1911 -14.25 -22.24 -55.67
CA ILE B 1911 -13.81 -22.70 -54.36
C ILE B 1911 -12.29 -22.77 -54.45
N LEU B 1912 -11.65 -21.65 -54.15
CA LEU B 1912 -10.20 -21.56 -54.30
C LEU B 1912 -9.49 -22.25 -53.16
N ASP B 1913 -8.22 -22.57 -53.37
CA ASP B 1913 -7.38 -23.21 -52.38
C ASP B 1913 -5.98 -22.62 -52.43
N LEU B 1914 -5.11 -23.11 -51.56
CA LEU B 1914 -3.72 -22.70 -51.62
C LEU B 1914 -2.98 -23.35 -52.79
N LYS B 1915 -3.51 -24.45 -53.31
CA LYS B 1915 -2.80 -25.23 -54.32
C LYS B 1915 -3.12 -24.72 -55.72
N GLU B 1916 -2.17 -24.95 -56.63
CA GLU B 1916 -2.27 -24.44 -57.99
C GLU B 1916 -2.83 -25.44 -59.00
N GLU B 1917 -2.88 -26.73 -58.65
CA GLU B 1917 -3.35 -27.73 -59.61
C GLU B 1917 -4.84 -27.56 -59.88
N GLU B 1918 -5.67 -27.70 -58.84
CA GLU B 1918 -7.08 -27.44 -59.00
C GLU B 1918 -7.33 -25.99 -59.38
N ASN B 1919 -6.43 -25.09 -58.99
CA ASN B 1919 -6.55 -23.69 -59.43
C ASN B 1919 -6.52 -23.60 -60.94
N GLU B 1920 -5.57 -24.29 -61.57
CA GLU B 1920 -5.51 -24.32 -63.02
C GLU B 1920 -6.73 -25.04 -63.59
N LEU B 1921 -7.16 -26.13 -62.95
CA LEU B 1921 -8.34 -26.84 -63.43
C LEU B 1921 -9.55 -25.91 -63.51
N VAL B 1922 -9.78 -25.15 -62.44
CA VAL B 1922 -10.92 -24.25 -62.38
C VAL B 1922 -10.75 -23.10 -63.35
N ARG B 1923 -9.55 -22.50 -63.40
CA ARG B 1923 -9.31 -21.41 -64.33
C ARG B 1923 -9.54 -21.87 -65.77
N SER B 1924 -9.34 -23.16 -66.05
CA SER B 1924 -9.67 -23.71 -67.35
C SER B 1924 -11.09 -24.23 -67.42
N GLU B 1925 -11.85 -24.16 -66.32
CA GLU B 1925 -13.20 -24.69 -66.29
C GLU B 1925 -14.29 -23.65 -66.06
N PHE B 1926 -14.05 -22.62 -65.24
CA PHE B 1926 -15.15 -21.79 -64.71
C PHE B 1926 -15.75 -20.92 -65.81
N TYR B 1927 -16.39 -21.59 -66.77
CA TYR B 1927 -17.03 -20.91 -67.88
C TYR B 1927 -18.24 -20.17 -67.35
N TYR B 1928 -18.16 -18.84 -67.32
CA TYR B 1928 -19.27 -18.04 -66.82
C TYR B 1928 -20.49 -18.33 -67.68
N GLU B 1929 -21.37 -19.20 -67.19
CA GLU B 1929 -22.47 -19.71 -68.02
C GLU B 1929 -23.36 -18.60 -68.55
N GLN B 1930 -23.42 -17.48 -67.84
CA GLN B 1930 -24.17 -16.34 -68.35
C GLN B 1930 -23.51 -15.88 -69.65
N ALA B 1931 -24.24 -16.03 -70.76
CA ALA B 1931 -23.83 -15.64 -72.12
C ALA B 1931 -23.44 -14.16 -72.13
N PRO B 1932 -22.86 -13.67 -73.21
CA PRO B 1932 -22.05 -12.46 -73.14
C PRO B 1932 -22.86 -11.17 -73.11
N SER B 1933 -23.08 -10.66 -71.93
CA SER B 1933 -23.92 -9.50 -71.70
C SER B 1933 -23.00 -8.40 -71.26
N ALA B 1934 -22.85 -7.44 -72.15
CA ALA B 1934 -21.87 -6.38 -71.99
C ALA B 1934 -21.79 -5.89 -70.54
N SER B 1935 -22.93 -5.79 -69.86
CA SER B 1935 -22.97 -5.27 -68.49
C SER B 1935 -21.82 -5.79 -67.65
N LEU B 1936 -21.65 -7.10 -67.61
CA LEU B 1936 -20.58 -7.66 -66.81
C LEU B 1936 -19.23 -7.17 -67.30
N CYS B 1937 -19.08 -7.07 -68.63
CA CYS B 1937 -17.81 -6.64 -69.18
C CYS B 1937 -17.50 -5.22 -68.79
N ILE B 1938 -18.47 -4.33 -68.94
CA ILE B 1938 -18.27 -2.94 -68.59
C ILE B 1938 -17.92 -2.81 -67.12
N ALA B 1939 -18.65 -3.53 -66.27
CA ALA B 1939 -18.38 -3.45 -64.85
C ALA B 1939 -16.96 -3.91 -64.55
N ILE B 1940 -16.57 -5.05 -65.11
CA ILE B 1940 -15.24 -5.57 -64.83
C ILE B 1940 -14.19 -4.57 -65.30
N LEU B 1941 -14.35 -4.08 -66.53
CA LEU B 1941 -13.33 -3.21 -67.12
C LEU B 1941 -13.21 -1.92 -66.33
N ASN B 1942 -14.32 -1.39 -65.82
CA ASN B 1942 -14.25 -0.12 -65.11
C ASN B 1942 -13.37 -0.19 -63.87
N LEU B 1943 -12.78 -1.34 -63.59
CA LEU B 1943 -11.95 -1.50 -62.40
C LEU B 1943 -10.49 -1.15 -62.62
N HIS B 1944 -9.84 -1.69 -63.65
CA HIS B 1944 -8.42 -1.45 -63.84
C HIS B 1944 -8.16 -0.01 -64.27
N ARG B 1945 -6.87 0.33 -64.35
CA ARG B 1945 -6.48 1.73 -64.47
C ARG B 1945 -6.05 2.14 -65.87
N ASP B 1946 -5.80 1.19 -66.77
CA ASP B 1946 -5.28 1.50 -68.10
C ASP B 1946 -6.43 1.93 -69.00
N SER B 1947 -6.92 3.15 -68.74
CA SER B 1947 -8.17 3.59 -69.35
C SER B 1947 -8.09 3.60 -70.88
N ILE B 1948 -7.07 4.25 -71.42
CA ILE B 1948 -6.92 4.26 -72.88
C ILE B 1948 -6.70 2.85 -73.39
N ALA B 1949 -5.82 2.11 -72.72
CA ALA B 1949 -5.64 0.72 -73.07
C ALA B 1949 -6.94 -0.06 -72.88
N CYS B 1950 -7.72 0.31 -71.86
CA CYS B 1950 -9.01 -0.34 -71.69
C CYS B 1950 -9.88 -0.14 -72.92
N GLY B 1951 -9.95 1.09 -73.40
CA GLY B 1951 -10.76 1.36 -74.56
C GLY B 1951 -10.25 0.65 -75.80
N HIS B 1952 -8.94 0.56 -75.94
CA HIS B 1952 -8.39 -0.19 -77.05
C HIS B 1952 -8.84 -1.64 -76.97
N GLN B 1953 -8.80 -2.22 -75.77
CA GLN B 1953 -9.28 -3.57 -75.60
C GLN B 1953 -10.74 -3.69 -75.97
N LEU B 1954 -11.52 -2.67 -75.60
CA LEU B 1954 -12.94 -2.70 -75.93
C LEU B 1954 -13.14 -2.71 -77.43
N ILE B 1955 -12.46 -1.82 -78.13
CA ILE B 1955 -12.62 -1.73 -79.58
C ILE B 1955 -12.19 -3.03 -80.23
N GLU B 1956 -11.09 -3.59 -79.75
CA GLU B 1956 -10.59 -4.84 -80.31
C GLU B 1956 -11.60 -5.97 -80.13
N HIS B 1957 -12.18 -6.07 -78.94
CA HIS B 1957 -13.20 -7.10 -78.72
C HIS B 1957 -14.41 -6.83 -79.61
N CYS B 1958 -14.74 -5.57 -79.84
CA CYS B 1958 -15.84 -5.27 -80.74
C CYS B 1958 -15.56 -5.82 -82.12
N CYS B 1959 -14.38 -5.49 -82.65
CA CYS B 1959 -14.01 -5.99 -83.96
C CYS B 1959 -14.00 -7.51 -83.97
N ARG B 1960 -13.60 -8.13 -82.87
CA ARG B 1960 -13.66 -9.58 -82.79
C ARG B 1960 -15.09 -10.07 -82.95
N LEU B 1961 -16.02 -9.39 -82.30
CA LEU B 1961 -17.40 -9.81 -82.41
C LEU B 1961 -17.93 -9.63 -83.83
N SER B 1962 -17.48 -8.58 -84.51
CA SER B 1962 -18.16 -8.11 -85.72
C SER B 1962 -18.40 -9.24 -86.72
N LYS B 1963 -17.36 -9.98 -87.05
CA LYS B 1963 -17.44 -10.94 -88.14
C LYS B 1963 -18.45 -12.05 -87.90
N GLY B 1964 -18.87 -12.28 -86.65
CA GLY B 1964 -19.76 -13.39 -86.38
C GLY B 1964 -21.15 -13.22 -86.96
N LEU B 1965 -21.53 -11.99 -87.30
CA LEU B 1965 -22.92 -11.70 -87.64
C LEU B 1965 -23.41 -12.55 -88.80
N THR B 1966 -22.60 -12.64 -89.87
CA THR B 1966 -23.06 -13.34 -91.07
C THR B 1966 -23.39 -14.79 -90.80
N ASN B 1967 -22.88 -15.35 -89.71
CA ASN B 1967 -23.26 -16.69 -89.32
C ASN B 1967 -24.76 -16.74 -89.05
N PRO B 1968 -25.41 -17.88 -89.31
CA PRO B 1968 -26.86 -17.99 -89.16
C PRO B 1968 -27.34 -18.57 -87.84
N GLU B 1969 -26.50 -18.70 -86.83
CA GLU B 1969 -26.89 -19.28 -85.54
C GLU B 1969 -26.97 -18.25 -84.43
N VAL B 1970 -27.25 -16.99 -84.74
CA VAL B 1970 -27.31 -15.93 -83.75
C VAL B 1970 -28.54 -15.06 -83.98
N ASP B 1971 -28.94 -14.35 -82.93
CA ASP B 1971 -30.07 -13.42 -82.98
C ASP B 1971 -29.56 -12.05 -83.41
N ALA B 1972 -29.73 -11.73 -84.69
CA ALA B 1972 -29.06 -10.57 -85.27
C ALA B 1972 -29.48 -9.28 -84.59
N GLY B 1973 -30.76 -9.13 -84.31
CA GLY B 1973 -31.26 -7.92 -83.70
C GLY B 1973 -30.57 -7.61 -82.40
N LEU B 1974 -30.74 -8.50 -81.41
CA LEU B 1974 -30.04 -8.34 -80.16
C LEU B 1974 -28.53 -8.36 -80.35
N LEU B 1975 -28.05 -9.07 -81.36
CA LEU B 1975 -26.61 -9.10 -81.62
C LEU B 1975 -26.08 -7.69 -81.85
N THR B 1976 -26.56 -7.04 -82.91
CA THR B 1976 -26.14 -5.68 -83.19
C THR B 1976 -26.52 -4.75 -82.05
N ASP B 1977 -27.58 -5.06 -81.31
CA ASP B 1977 -27.92 -4.24 -80.16
C ASP B 1977 -26.78 -4.28 -79.14
N ILE B 1978 -26.33 -5.48 -78.79
CA ILE B 1978 -25.24 -5.62 -77.84
C ILE B 1978 -23.99 -5.01 -78.40
N MET B 1979 -23.81 -5.11 -79.72
CA MET B 1979 -22.67 -4.47 -80.37
C MET B 1979 -22.72 -2.97 -80.15
N LYS B 1980 -23.89 -2.37 -80.37
CA LYS B 1980 -24.02 -0.95 -80.15
C LYS B 1980 -23.76 -0.60 -78.71
N GLN B 1981 -24.29 -1.41 -77.79
CA GLN B 1981 -24.09 -1.13 -76.37
C GLN B 1981 -22.62 -1.20 -76.01
N LEU B 1982 -21.93 -2.22 -76.51
CA LEU B 1982 -20.51 -2.35 -76.24
C LEU B 1982 -19.76 -1.16 -76.79
N LEU B 1983 -20.10 -0.74 -78.00
CA LEU B 1983 -19.48 0.44 -78.56
C LEU B 1983 -19.75 1.64 -77.66
N PHE B 1984 -20.95 1.71 -77.11
CA PHE B 1984 -21.29 2.81 -76.22
C PHE B 1984 -20.39 2.79 -75.00
N SER B 1985 -20.16 1.61 -74.45
CA SER B 1985 -19.25 1.49 -73.33
C SER B 1985 -17.84 1.90 -73.74
N ALA B 1986 -17.47 1.59 -74.98
CA ALA B 1986 -16.16 1.99 -75.47
C ALA B 1986 -16.06 3.51 -75.49
N LYS B 1987 -17.12 4.17 -75.93
CA LYS B 1987 -17.15 5.62 -75.84
C LYS B 1987 -17.10 6.07 -74.39
N MET B 1988 -17.74 5.32 -73.52
CA MET B 1988 -17.76 5.69 -72.10
C MET B 1988 -16.35 5.68 -71.52
N MET B 1989 -15.58 4.66 -71.84
CA MET B 1989 -14.19 4.60 -71.41
C MET B 1989 -13.32 5.59 -72.19
N PHE B 1990 -13.73 5.97 -73.41
CA PHE B 1990 -12.96 6.90 -74.21
C PHE B 1990 -13.10 8.33 -73.71
N VAL B 1991 -14.25 8.66 -73.12
CA VAL B 1991 -14.50 10.05 -72.71
C VAL B 1991 -13.47 10.49 -71.69
N LYS B 1992 -13.18 9.64 -70.71
CA LYS B 1992 -12.21 10.00 -69.68
C LYS B 1992 -10.81 10.11 -70.26
N ALA B 1993 -10.55 9.48 -71.40
CA ALA B 1993 -9.19 9.41 -71.93
C ALA B 1993 -8.65 10.80 -72.28
N GLY B 1994 -9.47 11.63 -72.92
CA GLY B 1994 -9.02 12.95 -73.33
C GLY B 1994 -8.36 13.00 -74.68
N GLN B 1995 -8.31 11.89 -75.42
CA GLN B 1995 -7.69 11.86 -76.75
C GLN B 1995 -8.76 12.17 -77.78
N SER B 1996 -8.64 13.34 -78.41
CA SER B 1996 -9.63 13.75 -79.41
C SER B 1996 -9.62 12.83 -80.62
N GLN B 1997 -8.42 12.45 -81.07
CA GLN B 1997 -8.33 11.55 -82.23
C GLN B 1997 -8.94 10.19 -81.91
N ASP B 1998 -8.73 9.70 -80.69
CA ASP B 1998 -9.38 8.46 -80.30
C ASP B 1998 -10.89 8.61 -80.34
N LEU B 1999 -11.40 9.75 -79.90
CA LEU B 1999 -12.84 9.99 -79.97
C LEU B 1999 -13.33 10.03 -81.40
N ALA B 2000 -12.56 10.63 -82.31
CA ALA B 2000 -12.95 10.64 -83.71
C ALA B 2000 -12.99 9.23 -84.28
N LEU B 2001 -11.98 8.43 -83.95
CA LEU B 2001 -11.97 7.04 -84.39
C LEU B 2001 -13.18 6.29 -83.85
N CYS B 2002 -13.50 6.52 -82.57
CA CYS B 2002 -14.65 5.86 -81.99
C CYS B 2002 -15.94 6.28 -82.66
N ASP B 2003 -16.07 7.57 -82.97
CA ASP B 2003 -17.27 8.04 -83.65
C ASP B 2003 -17.39 7.38 -85.02
N SER B 2004 -16.28 7.29 -85.74
CA SER B 2004 -16.31 6.61 -87.03
C SER B 2004 -16.71 5.16 -86.87
N TYR B 2005 -16.18 4.49 -85.84
CA TYR B 2005 -16.55 3.10 -85.59
C TYR B 2005 -18.03 3.01 -85.27
N ILE B 2006 -18.56 4.00 -84.57
CA ILE B 2006 -19.98 4.05 -84.31
C ILE B 2006 -20.73 4.14 -85.63
N SER B 2007 -20.23 4.98 -86.53
CA SER B 2007 -20.83 5.07 -87.85
C SER B 2007 -20.84 3.72 -88.53
N LYS B 2008 -19.72 3.00 -88.41
CA LYS B 2008 -19.62 1.69 -89.03
C LYS B 2008 -20.63 0.72 -88.43
N VAL B 2009 -20.77 0.73 -87.12
CA VAL B 2009 -21.73 -0.17 -86.48
C VAL B 2009 -23.13 0.17 -86.95
N ASP B 2010 -23.44 1.46 -87.03
CA ASP B 2010 -24.74 1.87 -87.52
C ASP B 2010 -24.97 1.36 -88.92
N VAL B 2011 -23.95 1.46 -89.78
CA VAL B 2011 -24.06 0.97 -91.14
C VAL B 2011 -24.24 -0.54 -91.13
N LEU B 2012 -23.59 -1.22 -90.20
CA LEU B 2012 -23.80 -2.65 -90.08
C LEU B 2012 -25.25 -2.95 -89.80
N ASN B 2013 -25.84 -2.21 -88.87
CA ASN B 2013 -27.26 -2.36 -88.60
C ASN B 2013 -28.09 -2.05 -89.83
N ILE B 2014 -27.70 -0.99 -90.54
CA ILE B 2014 -28.46 -0.56 -91.71
C ILE B 2014 -28.48 -1.67 -92.74
N LEU B 2015 -27.31 -2.22 -93.05
CA LEU B 2015 -27.25 -3.35 -93.95
C LEU B 2015 -28.08 -4.51 -93.40
N VAL B 2016 -27.99 -4.75 -92.10
CA VAL B 2016 -28.71 -5.83 -91.47
C VAL B 2016 -30.21 -5.67 -91.69
N ALA B 2017 -30.65 -4.43 -91.92
CA ALA B 2017 -32.04 -4.24 -92.27
C ALA B 2017 -32.38 -4.81 -93.64
N ALA B 2018 -31.37 -5.22 -94.42
CA ALA B 2018 -31.60 -5.76 -95.75
C ALA B 2018 -31.48 -7.26 -95.86
N ALA B 2019 -30.55 -7.88 -95.12
CA ALA B 2019 -30.30 -9.32 -95.17
C ALA B 2019 -29.91 -9.77 -96.58
N TYR B 2020 -28.78 -9.24 -97.03
CA TYR B 2020 -28.30 -9.49 -98.37
C TYR B 2020 -27.63 -10.87 -98.48
N ARG B 2021 -27.28 -11.23 -99.70
CA ARG B 2021 -26.63 -12.53 -99.95
C ARG B 2021 -25.29 -12.61 -99.22
N HIS B 2022 -24.51 -11.54 -99.24
CA HIS B 2022 -23.25 -11.47 -98.53
C HIS B 2022 -23.14 -10.12 -97.82
N VAL B 2023 -22.34 -10.10 -96.76
CA VAL B 2023 -22.16 -8.89 -95.96
C VAL B 2023 -20.69 -8.68 -95.66
N PRO B 2024 -20.25 -7.46 -95.37
CA PRO B 2024 -18.83 -7.21 -95.19
C PRO B 2024 -18.37 -7.31 -93.74
N SER B 2025 -17.09 -7.57 -93.58
CA SER B 2025 -16.50 -7.52 -92.25
C SER B 2025 -16.36 -6.07 -91.80
N LEU B 2026 -16.25 -5.90 -90.48
CA LEU B 2026 -16.03 -4.56 -89.96
C LEU B 2026 -14.72 -3.99 -90.48
N ASP B 2027 -13.67 -4.81 -90.49
CA ASP B 2027 -12.44 -4.40 -91.15
C ASP B 2027 -12.70 -4.14 -92.62
N GLN B 2028 -13.51 -5.01 -93.25
CA GLN B 2028 -13.97 -4.73 -94.60
C GLN B 2028 -14.82 -3.48 -94.65
N ILE B 2029 -15.44 -3.09 -93.54
CA ILE B 2029 -16.10 -1.80 -93.45
C ILE B 2029 -15.16 -0.72 -92.94
N LEU B 2030 -14.13 -1.08 -92.19
CA LEU B 2030 -13.19 -0.09 -91.69
C LEU B 2030 -12.43 0.60 -92.81
N GLN B 2031 -12.76 0.30 -94.07
CA GLN B 2031 -12.12 0.96 -95.19
C GLN B 2031 -13.17 1.65 -96.05
N PRO B 2032 -12.88 2.85 -96.55
CA PRO B 2032 -13.87 3.58 -97.37
C PRO B 2032 -14.22 2.88 -98.67
N ALA B 2033 -13.21 2.51 -99.45
CA ALA B 2033 -13.39 1.99 -100.81
C ALA B 2033 -14.54 1.01 -100.88
N ALA B 2034 -14.67 0.17 -99.86
CA ALA B 2034 -15.77 -0.76 -99.78
C ALA B 2034 -17.13 -0.08 -99.78
N VAL B 2035 -17.19 1.21 -99.42
CA VAL B 2035 -18.46 1.92 -99.50
C VAL B 2035 -18.92 1.99 -100.95
N THR B 2036 -18.10 2.57 -101.82
CA THR B 2036 -18.47 2.59 -103.24
C THR B 2036 -18.53 1.17 -103.79
N ARG B 2037 -17.77 0.24 -103.20
CA ARG B 2037 -17.84 -1.14 -103.63
C ARG B 2037 -19.25 -1.67 -103.44
N LEU B 2038 -19.83 -1.43 -102.26
CA LEU B 2038 -21.23 -1.78 -102.06
C LEU B 2038 -22.14 -0.93 -102.92
N ARG B 2039 -21.75 0.31 -103.19
CA ARG B 2039 -22.58 1.18 -104.03
C ARG B 2039 -22.79 0.54 -105.39
N ASN B 2040 -21.74 -0.05 -105.94
CA ASN B 2040 -21.87 -0.78 -107.20
C ASN B 2040 -22.50 -2.14 -107.01
N GLN B 2041 -22.16 -2.83 -105.91
CA GLN B 2041 -22.62 -4.19 -105.71
C GLN B 2041 -24.14 -4.25 -105.59
N LEU B 2042 -24.70 -3.44 -104.71
CA LEU B 2042 -26.15 -3.39 -104.56
C LEU B 2042 -26.82 -2.96 -105.86
N LEU B 2043 -26.16 -2.10 -106.63
CA LEU B 2043 -26.66 -1.77 -107.96
C LEU B 2043 -26.74 -3.02 -108.81
N GLU B 2044 -25.73 -3.89 -108.71
CA GLU B 2044 -25.83 -5.20 -109.34
C GLU B 2044 -26.85 -6.08 -108.63
N ALA B 2045 -27.24 -5.75 -107.40
CA ALA B 2045 -28.20 -6.52 -106.65
C ALA B 2045 -29.63 -6.03 -106.85
N GLU B 2046 -29.83 -5.03 -107.70
CA GLU B 2046 -31.15 -4.55 -108.09
C GLU B 2046 -31.99 -4.07 -106.91
N TYR B 2047 -31.35 -3.77 -105.78
CA TYR B 2047 -32.05 -3.21 -104.63
C TYR B 2047 -32.07 -1.69 -104.71
N TYR B 2048 -32.74 -1.19 -105.76
CA TYR B 2048 -32.69 0.24 -106.06
C TYR B 2048 -33.20 1.06 -104.88
N GLN B 2049 -34.40 0.74 -104.38
CA GLN B 2049 -34.91 1.49 -103.24
C GLN B 2049 -34.07 1.23 -102.00
N LEU B 2050 -33.86 -0.03 -101.66
CA LEU B 2050 -33.19 -0.37 -100.40
C LEU B 2050 -31.73 0.04 -100.45
N GLY B 2051 -31.03 -0.35 -101.49
CA GLY B 2051 -29.65 0.06 -101.62
C GLY B 2051 -29.52 1.57 -101.70
N VAL B 2052 -30.47 2.20 -102.39
CA VAL B 2052 -30.44 3.66 -102.50
C VAL B 2052 -30.54 4.28 -101.12
N GLU B 2053 -31.51 3.82 -100.34
CA GLU B 2053 -31.67 4.37 -99.00
C GLU B 2053 -30.44 4.11 -98.16
N VAL B 2054 -29.89 2.91 -98.26
CA VAL B 2054 -28.71 2.58 -97.47
C VAL B 2054 -27.58 3.53 -97.80
N SER B 2055 -27.29 3.68 -99.09
CA SER B 2055 -26.19 4.52 -99.51
C SER B 2055 -26.42 5.96 -99.10
N THR B 2056 -27.67 6.42 -99.20
CA THR B 2056 -27.99 7.79 -98.83
C THR B 2056 -27.73 8.00 -97.35
N LYS B 2057 -28.16 7.05 -96.51
CA LYS B 2057 -27.83 7.12 -95.10
C LYS B 2057 -26.32 7.12 -94.91
N THR B 2058 -25.61 6.38 -95.76
CA THR B 2058 -24.17 6.26 -95.65
C THR B 2058 -23.46 7.54 -96.02
N GLY B 2059 -24.16 8.51 -96.58
CA GLY B 2059 -23.46 9.58 -97.26
C GLY B 2059 -22.92 9.16 -98.60
N LEU B 2060 -23.46 8.10 -99.18
CA LEU B 2060 -23.08 7.64 -100.49
C LEU B 2060 -24.18 8.01 -101.48
N ASP B 2061 -23.97 9.07 -102.24
CA ASP B 2061 -24.99 9.55 -103.17
C ASP B 2061 -25.23 8.52 -104.27
N THR B 2062 -26.47 8.49 -104.77
CA THR B 2062 -26.89 7.47 -105.72
C THR B 2062 -27.78 8.03 -106.82
N THR B 2063 -27.57 9.28 -107.23
CA THR B 2063 -28.33 9.81 -108.35
C THR B 2063 -28.08 8.99 -109.61
N GLY B 2064 -26.83 8.55 -109.80
CA GLY B 2064 -26.55 7.62 -110.87
C GLY B 2064 -27.37 6.35 -110.75
N ALA B 2065 -27.56 5.87 -109.52
CA ALA B 2065 -28.42 4.70 -109.33
C ALA B 2065 -29.87 5.03 -109.68
N TRP B 2066 -30.30 6.27 -109.42
CA TRP B 2066 -31.64 6.67 -109.85
C TRP B 2066 -31.77 6.58 -111.36
N HIS B 2067 -30.77 7.10 -112.07
CA HIS B 2067 -30.80 7.00 -113.53
C HIS B 2067 -30.73 5.55 -113.99
N ALA B 2068 -29.98 4.72 -113.26
CA ALA B 2068 -29.90 3.31 -113.58
C ALA B 2068 -31.25 2.65 -113.43
N TRP B 2069 -31.96 2.95 -112.35
CA TRP B 2069 -33.31 2.45 -112.20
C TRP B 2069 -34.20 2.97 -113.32
N GLY B 2070 -33.97 4.22 -113.73
CA GLY B 2070 -34.74 4.77 -114.84
C GLY B 2070 -34.56 3.95 -116.11
N MET B 2071 -33.31 3.62 -116.43
CA MET B 2071 -33.04 2.80 -117.61
C MET B 2071 -33.58 1.38 -117.43
N ALA B 2072 -33.56 0.86 -116.20
CA ALA B 2072 -34.03 -0.51 -115.96
C ALA B 2072 -35.53 -0.61 -116.19
N CYS B 2073 -36.30 0.31 -115.61
CA CYS B 2073 -37.73 0.35 -115.92
C CYS B 2073 -37.98 0.73 -117.37
N LEU B 2074 -37.05 1.45 -118.00
CA LEU B 2074 -37.16 1.71 -119.43
C LEU B 2074 -37.10 0.42 -120.22
N LYS B 2075 -36.24 -0.51 -119.79
CA LYS B 2075 -36.24 -1.83 -120.41
C LYS B 2075 -37.53 -2.59 -120.13
N ALA B 2076 -38.35 -2.14 -119.18
CA ALA B 2076 -39.62 -2.78 -118.89
C ALA B 2076 -40.82 -1.91 -119.24
N GLY B 2077 -40.86 -0.67 -118.74
CA GLY B 2077 -41.98 0.19 -119.03
C GLY B 2077 -42.73 0.71 -117.81
N ASN B 2078 -42.08 0.73 -116.65
CA ASN B 2078 -42.69 1.37 -115.48
C ASN B 2078 -42.50 2.88 -115.55
N LEU B 2079 -42.87 3.44 -116.70
CA LEU B 2079 -42.42 4.79 -117.07
C LEU B 2079 -43.00 5.85 -116.14
N THR B 2080 -44.25 5.69 -115.73
CA THR B 2080 -44.83 6.66 -114.81
C THR B 2080 -44.13 6.62 -113.46
N ALA B 2081 -43.99 5.42 -112.89
CA ALA B 2081 -43.29 5.29 -111.62
C ALA B 2081 -41.83 5.68 -111.76
N ALA B 2082 -41.20 5.31 -112.87
CA ALA B 2082 -39.82 5.70 -113.10
C ALA B 2082 -39.69 7.21 -113.15
N ARG B 2083 -40.59 7.87 -113.87
CA ARG B 2083 -40.57 9.32 -113.95
C ARG B 2083 -40.80 9.94 -112.58
N GLU B 2084 -41.72 9.36 -111.80
CA GLU B 2084 -41.98 9.87 -110.48
C GLU B 2084 -40.76 9.77 -109.58
N LYS B 2085 -40.05 8.65 -109.65
CA LYS B 2085 -38.84 8.51 -108.84
C LYS B 2085 -37.71 9.40 -109.36
N PHE B 2086 -37.64 9.61 -110.68
CA PHE B 2086 -36.52 10.35 -111.25
C PHE B 2086 -36.68 11.85 -111.04
N SER B 2087 -37.93 12.33 -110.97
CA SER B 2087 -38.15 13.74 -110.68
C SER B 2087 -37.61 14.11 -109.31
N ARG B 2088 -37.62 13.17 -108.37
CA ARG B 2088 -37.01 13.42 -107.07
C ARG B 2088 -35.49 13.57 -107.18
N CYS B 2089 -34.89 13.04 -108.24
CA CYS B 2089 -33.45 13.13 -108.45
C CYS B 2089 -33.13 13.86 -109.74
N LEU B 2090 -34.05 14.70 -110.21
CA LEU B 2090 -33.83 15.43 -111.44
C LEU B 2090 -32.68 16.42 -111.28
N LYS B 2091 -31.76 16.41 -112.23
CA LYS B 2091 -30.59 17.30 -112.24
C LYS B 2091 -30.46 17.96 -113.61
N PRO B 2092 -31.42 18.81 -113.98
CA PRO B 2092 -31.40 19.42 -115.30
C PRO B 2092 -30.37 20.53 -115.38
N PRO B 2093 -30.09 21.02 -116.58
CA PRO B 2093 -29.30 22.26 -116.71
C PRO B 2093 -30.20 23.48 -116.60
N PHE B 2094 -29.95 24.32 -115.60
CA PHE B 2094 -30.78 25.51 -115.39
C PHE B 2094 -30.66 26.47 -116.57
N ASP B 2095 -29.46 26.58 -117.14
CA ASP B 2095 -29.24 27.48 -118.27
C ASP B 2095 -30.12 27.06 -119.44
N LEU B 2096 -31.07 27.93 -119.80
CA LEU B 2096 -31.99 27.63 -120.88
C LEU B 2096 -31.29 27.54 -122.24
N ASN B 2097 -30.06 28.04 -122.34
CA ASN B 2097 -29.28 27.99 -123.56
C ASN B 2097 -28.39 26.76 -123.63
N GLN B 2098 -28.76 25.66 -122.98
CA GLN B 2098 -27.93 24.46 -122.93
C GLN B 2098 -27.91 23.80 -124.30
N LEU B 2099 -26.88 24.12 -125.07
CA LEU B 2099 -26.61 23.44 -126.34
C LEU B 2099 -25.64 22.29 -126.14
N ASN B 2100 -25.97 21.41 -125.21
CA ASN B 2100 -25.12 20.27 -124.85
C ASN B 2100 -25.98 19.25 -124.14
N HIS B 2101 -25.33 18.24 -123.55
CA HIS B 2101 -26.07 17.21 -122.83
C HIS B 2101 -26.84 17.74 -121.63
N GLY B 2102 -26.45 18.90 -121.09
CA GLY B 2102 -27.13 19.44 -119.93
C GLY B 2102 -27.08 18.43 -118.80
N SER B 2103 -28.20 17.75 -118.59
CA SER B 2103 -28.19 16.51 -117.83
C SER B 2103 -27.77 15.40 -118.80
N ARG B 2104 -26.51 14.99 -118.74
CA ARG B 2104 -26.05 13.91 -119.61
C ARG B 2104 -26.83 12.64 -119.37
N LEU B 2105 -27.39 12.47 -118.16
CA LEU B 2105 -28.35 11.39 -117.95
C LEU B 2105 -29.49 11.49 -118.94
N VAL B 2106 -30.00 12.71 -119.16
CA VAL B 2106 -31.01 12.90 -120.20
C VAL B 2106 -30.42 12.58 -121.56
N GLN B 2107 -29.14 12.91 -121.76
CA GLN B 2107 -28.51 12.69 -123.06
C GLN B 2107 -28.53 11.21 -123.43
N ASP B 2108 -28.24 10.34 -122.46
CA ASP B 2108 -28.30 8.90 -122.73
C ASP B 2108 -29.73 8.39 -122.78
N VAL B 2109 -30.59 8.90 -121.89
CA VAL B 2109 -31.94 8.37 -121.75
C VAL B 2109 -32.76 8.65 -123.00
N VAL B 2110 -32.53 9.80 -123.65
CA VAL B 2110 -33.29 10.13 -124.84
C VAL B 2110 -33.08 9.06 -125.91
N GLU B 2111 -31.84 8.65 -126.11
CA GLU B 2111 -31.56 7.58 -127.07
C GLU B 2111 -32.13 6.25 -126.58
N TYR B 2112 -31.89 5.92 -125.31
CA TYR B 2112 -32.35 4.64 -124.78
C TYR B 2112 -33.86 4.49 -124.87
N LEU B 2113 -34.58 5.62 -124.97
CA LEU B 2113 -36.03 5.59 -125.14
C LEU B 2113 -36.42 5.62 -126.61
N GLU B 2114 -35.97 6.63 -127.36
CA GLU B 2114 -36.40 6.84 -128.73
C GLU B 2114 -35.89 5.77 -129.69
N SER B 2115 -34.96 4.92 -129.27
CA SER B 2115 -34.49 3.87 -130.17
C SER B 2115 -35.57 2.83 -130.45
N THR B 2116 -36.64 2.79 -129.66
CA THR B 2116 -37.64 1.73 -129.69
C THR B 2116 -39.05 2.32 -129.73
N VAL B 2117 -39.29 3.25 -130.67
CA VAL B 2117 -40.56 3.95 -130.71
C VAL B 2117 -41.71 2.99 -130.99
N ARG B 2118 -42.84 3.24 -130.32
CA ARG B 2118 -44.07 2.51 -130.60
C ARG B 2118 -45.00 3.38 -131.43
N PRO B 2119 -44.92 3.31 -132.76
CA PRO B 2119 -45.74 4.19 -133.59
C PRO B 2119 -47.17 3.71 -133.70
N PHE B 2120 -47.92 4.28 -134.64
CA PHE B 2120 -49.33 3.94 -134.75
C PHE B 2120 -49.55 2.64 -135.49
N VAL B 2121 -48.93 1.55 -135.03
CA VAL B 2121 -49.29 0.23 -135.50
C VAL B 2121 -50.71 -0.10 -135.02
N SER B 2122 -51.35 -1.04 -135.69
CA SER B 2122 -52.69 -1.44 -135.25
C SER B 2122 -52.66 -2.22 -133.93
N LEU B 2123 -51.50 -2.64 -133.46
CA LEU B 2123 -51.42 -3.45 -132.24
C LEU B 2123 -51.24 -2.54 -131.03
N GLN B 2124 -52.16 -2.66 -130.07
CA GLN B 2124 -52.08 -1.88 -128.85
C GLN B 2124 -51.13 -2.54 -127.85
N ASP B 2125 -50.83 -1.82 -126.78
CA ASP B 2125 -49.98 -2.36 -125.73
C ASP B 2125 -50.72 -3.31 -124.79
N ASP B 2126 -51.87 -3.84 -125.21
CA ASP B 2126 -52.65 -4.79 -124.43
C ASP B 2126 -53.00 -6.07 -125.20
N ASP B 2127 -52.28 -6.36 -126.29
CA ASP B 2127 -52.54 -7.55 -127.09
C ASP B 2127 -51.66 -8.69 -126.57
N TYR B 2128 -52.30 -9.71 -125.99
CA TYR B 2128 -51.56 -10.78 -125.32
C TYR B 2128 -51.73 -12.14 -125.98
N PHE B 2129 -52.97 -12.59 -126.17
CA PHE B 2129 -53.24 -13.96 -126.60
C PHE B 2129 -52.97 -14.19 -128.08
N ALA B 2130 -52.30 -13.26 -128.76
CA ALA B 2130 -51.96 -13.41 -130.17
C ALA B 2130 -51.17 -14.70 -130.36
N THR B 2131 -51.77 -15.68 -131.04
CA THR B 2131 -51.15 -16.99 -131.17
C THR B 2131 -49.85 -16.89 -131.99
N LEU B 2132 -49.13 -18.00 -132.02
CA LEU B 2132 -47.86 -18.05 -132.77
C LEU B 2132 -48.08 -17.67 -134.23
N ARG B 2133 -49.25 -17.96 -134.77
CA ARG B 2133 -49.59 -17.47 -136.10
C ARG B 2133 -49.72 -15.95 -136.10
N GLU B 2134 -50.36 -15.38 -135.08
CA GLU B 2134 -50.48 -13.93 -135.00
C GLU B 2134 -49.11 -13.30 -134.81
N LEU B 2135 -48.24 -13.96 -134.04
CA LEU B 2135 -46.88 -13.45 -133.88
C LEU B 2135 -46.10 -13.53 -135.19
N GLU B 2136 -46.27 -14.61 -135.96
CA GLU B 2136 -45.57 -14.71 -137.24
C GLU B 2136 -46.09 -13.68 -138.23
N ALA B 2137 -47.40 -13.43 -138.23
CA ALA B 2137 -47.94 -12.37 -139.06
C ALA B 2137 -47.43 -11.00 -138.60
N THR B 2138 -47.24 -10.84 -137.30
CA THR B 2138 -46.61 -9.63 -136.79
C THR B 2138 -45.16 -9.52 -137.28
N LEU B 2139 -44.45 -10.64 -137.32
CA LEU B 2139 -43.11 -10.63 -137.88
C LEU B 2139 -43.13 -10.21 -139.34
N ARG B 2140 -44.13 -10.69 -140.07
CA ARG B 2140 -44.28 -10.30 -141.47
C ARG B 2140 -44.61 -8.82 -141.62
N THR B 2141 -45.42 -8.27 -140.70
CA THR B 2141 -45.94 -6.91 -140.83
C THR B 2141 -45.27 -5.90 -139.91
N GLN B 2142 -44.12 -6.24 -139.32
CA GLN B 2142 -43.47 -5.35 -138.35
C GLN B 2142 -43.15 -3.99 -138.95
N SER B 2143 -42.71 -3.95 -140.20
CA SER B 2143 -42.28 -2.68 -140.80
C SER B 2143 -43.44 -1.71 -140.96
N LEU B 2144 -44.67 -2.15 -140.78
CA LEU B 2144 -45.83 -1.27 -140.92
C LEU B 2144 -46.12 -0.46 -139.65
N SER B 2145 -45.38 -0.70 -138.57
CA SER B 2145 -45.63 0.04 -137.34
C SER B 2145 -45.20 1.50 -137.47
N LEU B 2146 -43.94 1.73 -137.86
CA LEU B 2146 -43.36 3.07 -137.85
C LEU B 2146 -43.18 3.67 -139.24
N ALA B 2147 -43.13 2.86 -140.29
CA ALA B 2147 -43.10 3.42 -141.63
C ALA B 2147 -44.38 4.19 -141.91
N VAL B 2148 -45.52 3.67 -141.45
CA VAL B 2148 -46.78 4.39 -141.53
C VAL B 2148 -46.82 5.58 -140.57
N ILE B 2149 -45.93 5.63 -139.59
CA ILE B 2149 -45.86 6.81 -138.72
C ILE B 2149 -45.32 7.98 -139.53
N PRO B 2150 -46.04 9.09 -139.61
CA PRO B 2150 -45.67 10.18 -140.53
C PRO B 2150 -44.55 11.04 -139.95
N GLU B 2151 -44.23 12.10 -140.69
CA GLU B 2151 -43.16 13.01 -140.28
C GLU B 2151 -43.50 13.71 -138.96
N GLY B 2152 -44.66 14.33 -138.89
CA GLY B 2152 -45.09 14.93 -137.65
C GLY B 2152 -45.53 13.95 -136.58
N LYS B 2153 -45.97 12.76 -137.00
CA LYS B 2153 -46.30 11.72 -136.03
C LYS B 2153 -45.08 11.29 -135.23
N ILE B 2154 -43.89 11.49 -135.78
CA ILE B 2154 -42.67 11.27 -135.00
C ILE B 2154 -42.67 12.19 -133.79
N MET B 2155 -43.14 13.43 -133.97
CA MET B 2155 -43.33 14.34 -132.84
C MET B 2155 -44.64 14.07 -132.11
N ASN B 2156 -45.65 13.60 -132.83
CA ASN B 2156 -47.00 13.49 -132.26
C ASN B 2156 -47.18 12.26 -131.40
N ASN B 2157 -46.24 11.31 -131.42
CA ASN B 2157 -46.44 10.05 -130.73
C ASN B 2157 -46.63 10.28 -129.23
N THR B 2158 -47.56 9.52 -128.64
CA THR B 2158 -47.61 9.45 -127.19
C THR B 2158 -46.28 8.99 -126.63
N TYR B 2159 -45.57 8.13 -127.37
CA TYR B 2159 -44.17 7.88 -127.07
C TYR B 2159 -43.34 9.14 -127.21
N TYR B 2160 -43.53 9.87 -128.30
CA TYR B 2160 -42.88 11.17 -128.43
C TYR B 2160 -43.36 12.12 -127.35
N GLN B 2161 -44.62 11.99 -126.93
CA GLN B 2161 -45.12 12.79 -125.81
C GLN B 2161 -44.31 12.51 -124.56
N GLU B 2162 -44.07 11.24 -124.26
CA GLU B 2162 -43.29 10.89 -123.09
C GLU B 2162 -41.85 11.37 -123.21
N CYS B 2163 -41.25 11.21 -124.39
CA CYS B 2163 -39.86 11.63 -124.58
C CYS B 2163 -39.73 13.13 -124.41
N LEU B 2164 -40.64 13.89 -125.00
CA LEU B 2164 -40.64 15.33 -124.85
C LEU B 2164 -40.96 15.74 -123.42
N PHE B 2165 -41.79 14.96 -122.72
CA PHE B 2165 -42.06 15.25 -121.33
C PHE B 2165 -40.81 15.09 -120.48
N TYR B 2166 -40.08 14.02 -120.71
CA TYR B 2166 -38.80 13.84 -120.03
C TYR B 2166 -37.85 14.97 -120.39
N LEU B 2167 -37.84 15.36 -121.66
CA LEU B 2167 -37.02 16.49 -122.07
C LEU B 2167 -37.39 17.73 -121.26
N HIS B 2168 -38.68 18.07 -121.23
CA HIS B 2168 -39.13 19.22 -120.46
C HIS B 2168 -38.77 19.06 -118.99
N ASN B 2169 -38.70 17.82 -118.52
CA ASN B 2169 -38.25 17.57 -117.16
C ASN B 2169 -36.78 18.00 -117.00
N TYR B 2170 -35.91 17.51 -117.88
CA TYR B 2170 -34.48 17.77 -117.68
C TYR B 2170 -33.71 18.00 -118.98
N SER B 2171 -34.33 18.60 -120.00
CA SER B 2171 -33.63 18.87 -121.25
C SER B 2171 -34.17 20.14 -121.89
N THR B 2172 -33.57 20.52 -123.03
CA THR B 2172 -33.86 21.77 -123.73
C THR B 2172 -34.13 21.51 -125.21
N ASN B 2173 -34.39 22.60 -125.93
CA ASN B 2173 -34.74 22.51 -127.35
C ASN B 2173 -33.53 22.26 -128.24
N LEU B 2174 -32.34 22.64 -127.77
CA LEU B 2174 -31.14 22.48 -128.58
C LEU B 2174 -30.98 21.05 -129.07
N ALA B 2175 -31.41 20.10 -128.24
CA ALA B 2175 -31.48 18.71 -128.66
C ALA B 2175 -32.88 18.28 -129.06
N ILE B 2176 -33.92 19.04 -128.68
CA ILE B 2176 -35.27 18.69 -129.12
C ILE B 2176 -35.37 18.79 -130.63
N ILE B 2177 -34.55 19.66 -131.24
CA ILE B 2177 -34.51 19.75 -132.68
C ILE B 2177 -33.95 18.46 -133.28
N SER B 2178 -32.80 17.99 -132.75
CA SER B 2178 -32.16 16.82 -133.32
C SER B 2178 -32.97 15.56 -133.09
N PHE B 2179 -33.62 15.46 -131.93
CA PHE B 2179 -34.42 14.27 -131.64
C PHE B 2179 -35.54 14.11 -132.65
N TYR B 2180 -36.23 15.20 -132.96
CA TYR B 2180 -37.21 15.15 -134.03
C TYR B 2180 -36.56 15.07 -135.40
N VAL B 2181 -35.29 15.48 -135.52
CA VAL B 2181 -34.61 15.46 -136.80
C VAL B 2181 -34.33 14.03 -137.24
N ARG B 2182 -33.76 13.23 -136.34
CA ARG B 2182 -33.47 11.84 -136.70
C ARG B 2182 -34.75 11.03 -136.93
N HIS B 2183 -35.88 11.48 -136.39
CA HIS B 2183 -37.17 10.85 -136.65
C HIS B 2183 -37.96 11.60 -137.71
N SER B 2184 -37.41 12.67 -138.26
CA SER B 2184 -38.03 13.43 -139.36
C SER B 2184 -39.31 14.14 -138.93
N CYS B 2185 -39.26 14.84 -137.79
CA CYS B 2185 -40.34 15.70 -137.34
C CYS B 2185 -39.85 17.14 -137.45
N LEU B 2186 -40.50 17.91 -138.33
CA LEU B 2186 -40.00 19.23 -138.71
C LEU B 2186 -40.94 20.39 -138.37
N ARG B 2187 -42.23 20.27 -138.70
CA ARG B 2187 -43.12 21.42 -138.59
C ARG B 2187 -43.32 21.84 -137.13
N GLU B 2188 -43.68 20.88 -136.27
CA GLU B 2188 -43.79 21.20 -134.85
C GLU B 2188 -42.45 21.58 -134.26
N ALA B 2189 -41.37 21.05 -134.84
CA ALA B 2189 -40.04 21.47 -134.41
C ALA B 2189 -39.82 22.95 -134.65
N LEU B 2190 -40.20 23.44 -135.83
CA LEU B 2190 -40.09 24.87 -136.11
C LEU B 2190 -41.05 25.68 -135.24
N LEU B 2191 -42.26 25.14 -135.03
CA LEU B 2191 -43.23 25.82 -134.18
C LEU B 2191 -42.68 26.03 -132.79
N HIS B 2192 -42.10 24.98 -132.20
CA HIS B 2192 -41.48 25.12 -130.89
C HIS B 2192 -40.24 25.99 -130.96
N LEU B 2193 -39.46 25.87 -132.05
CA LEU B 2193 -38.24 26.64 -132.19
C LEU B 2193 -38.52 28.12 -132.14
N LEU B 2194 -39.60 28.54 -132.80
CA LEU B 2194 -40.07 29.91 -132.63
C LEU B 2194 -40.60 30.11 -131.21
N ASN B 2195 -41.42 29.17 -130.74
CA ASN B 2195 -41.99 29.30 -129.40
C ASN B 2195 -40.91 29.33 -128.34
N LYS B 2196 -39.90 28.48 -128.48
CA LYS B 2196 -38.74 28.52 -127.61
C LYS B 2196 -37.73 29.57 -128.06
N GLU B 2197 -38.03 30.30 -129.13
CA GLU B 2197 -37.15 31.33 -129.67
C GLU B 2197 -35.78 30.74 -130.02
N SER B 2198 -35.79 29.87 -131.04
CA SER B 2198 -34.55 29.29 -131.53
C SER B 2198 -33.62 30.42 -131.93
N PRO B 2199 -32.39 30.46 -131.40
CA PRO B 2199 -31.54 31.62 -131.66
C PRO B 2199 -31.23 31.74 -133.14
N PRO B 2200 -31.07 32.96 -133.64
CA PRO B 2200 -30.58 33.10 -135.01
C PRO B 2200 -29.26 32.39 -135.21
N GLU B 2201 -28.44 32.34 -134.17
CA GLU B 2201 -27.28 31.46 -134.19
C GLU B 2201 -27.68 30.00 -134.14
N VAL B 2202 -28.77 29.67 -133.43
CA VAL B 2202 -29.24 28.29 -133.44
C VAL B 2202 -29.77 27.92 -134.81
N PHE B 2203 -30.68 28.74 -135.34
CA PHE B 2203 -31.13 28.56 -136.71
C PHE B 2203 -30.02 28.87 -137.71
N ILE B 2204 -28.84 29.25 -137.23
CA ILE B 2204 -27.67 29.38 -138.09
C ILE B 2204 -26.93 28.06 -138.18
N GLU B 2205 -26.43 27.59 -137.04
CA GLU B 2205 -25.65 26.37 -137.01
C GLU B 2205 -26.52 25.18 -137.36
N GLY B 2206 -27.53 24.91 -136.53
CA GLY B 2206 -28.34 23.73 -136.72
C GLY B 2206 -29.08 23.69 -138.03
N ILE B 2207 -29.07 24.78 -138.79
CA ILE B 2207 -29.66 24.79 -140.13
C ILE B 2207 -28.56 24.67 -141.17
N PHE B 2208 -27.68 25.66 -141.26
CA PHE B 2208 -26.71 25.71 -142.34
C PHE B 2208 -25.74 24.54 -142.28
N GLN B 2209 -25.17 24.24 -141.10
CA GLN B 2209 -24.32 23.07 -140.99
C GLN B 2209 -25.10 21.81 -141.31
N PRO B 2210 -26.30 21.59 -140.76
CA PRO B 2210 -27.15 20.52 -141.30
C PRO B 2210 -27.46 20.73 -142.77
N SER B 2211 -27.66 21.97 -143.22
CA SER B 2211 -27.86 22.21 -144.64
C SER B 2211 -26.62 21.86 -145.44
N TYR B 2212 -25.45 22.24 -144.94
CA TYR B 2212 -24.20 21.78 -145.55
C TYR B 2212 -24.12 20.26 -145.51
N LYS B 2213 -24.90 19.64 -144.64
CA LYS B 2213 -25.01 18.19 -144.56
C LYS B 2213 -26.31 17.65 -145.17
N SER B 2214 -27.32 18.49 -145.43
CA SER B 2214 -28.56 18.00 -146.02
C SER B 2214 -28.90 18.67 -147.35
N GLY B 2215 -29.27 19.96 -147.35
CA GLY B 2215 -29.65 20.61 -148.59
C GLY B 2215 -30.98 20.19 -149.20
N LYS B 2216 -31.90 19.64 -148.41
CA LYS B 2216 -33.28 19.48 -148.84
C LYS B 2216 -34.11 20.72 -148.52
N LEU B 2217 -33.47 21.89 -148.56
CA LEU B 2217 -33.98 23.15 -148.03
C LEU B 2217 -35.14 23.71 -148.84
N HIS B 2218 -35.62 22.99 -149.85
CA HIS B 2218 -36.86 23.40 -150.50
C HIS B 2218 -37.95 23.62 -149.47
N THR B 2219 -38.05 22.70 -148.50
CA THR B 2219 -38.97 22.89 -147.40
C THR B 2219 -38.44 23.92 -146.40
N LEU B 2220 -37.12 24.09 -146.31
CA LEU B 2220 -36.55 24.88 -145.23
C LEU B 2220 -36.75 26.38 -145.44
N GLU B 2221 -36.40 26.90 -146.62
CA GLU B 2221 -36.67 28.32 -146.88
C GLU B 2221 -38.15 28.60 -146.84
N ASN B 2222 -38.96 27.63 -147.27
CA ASN B 2222 -40.41 27.78 -147.20
C ASN B 2222 -40.88 27.91 -145.76
N LEU B 2223 -40.35 27.08 -144.86
CA LEU B 2223 -40.74 27.19 -143.45
C LEU B 2223 -40.22 28.48 -142.84
N LEU B 2224 -39.02 28.88 -143.24
CA LEU B 2224 -38.47 30.15 -142.78
C LEU B 2224 -39.40 31.29 -143.16
N GLU B 2225 -39.92 31.28 -144.38
CA GLU B 2225 -40.94 32.24 -144.77
C GLU B 2225 -42.25 31.99 -144.03
N SER B 2226 -42.51 30.73 -143.67
CA SER B 2226 -43.75 30.42 -142.95
C SER B 2226 -43.77 31.06 -141.57
N ILE B 2227 -42.60 31.28 -141.00
CA ILE B 2227 -42.54 32.04 -139.75
C ILE B 2227 -43.08 33.46 -139.96
N ASP B 2228 -42.64 34.11 -141.04
CA ASP B 2228 -43.15 35.43 -141.40
C ASP B 2228 -42.87 35.66 -142.87
N PRO B 2229 -43.89 35.50 -143.72
CA PRO B 2229 -43.69 35.78 -145.15
C PRO B 2229 -43.29 37.22 -145.43
N THR B 2230 -43.79 38.16 -144.63
CA THR B 2230 -43.50 39.58 -144.81
C THR B 2230 -42.18 39.98 -144.19
N LEU B 2231 -41.31 39.02 -143.86
CA LEU B 2231 -40.04 39.29 -143.21
C LEU B 2231 -40.25 40.12 -141.95
N GLU B 2232 -41.31 39.82 -141.21
CA GLU B 2232 -41.67 40.57 -140.01
C GLU B 2232 -41.21 39.86 -138.74
N SER B 2233 -41.61 38.61 -138.55
CA SER B 2233 -41.28 37.85 -137.36
C SER B 2233 -40.20 36.81 -137.61
N TRP B 2234 -39.54 36.85 -138.76
CA TRP B 2234 -38.58 35.83 -139.19
C TRP B 2234 -37.28 36.48 -139.66
N GLY B 2235 -36.75 37.39 -138.86
CA GLY B 2235 -35.63 38.22 -139.28
C GLY B 2235 -34.26 37.59 -139.47
N LYS B 2236 -33.61 37.14 -138.39
CA LYS B 2236 -32.20 36.78 -138.46
C LYS B 2236 -31.91 35.28 -138.39
N TYR B 2237 -32.94 34.43 -138.32
CA TYR B 2237 -32.72 33.00 -138.09
C TYR B 2237 -31.90 32.37 -139.21
N LEU B 2238 -32.24 32.65 -140.46
CA LEU B 2238 -31.41 32.21 -141.57
C LEU B 2238 -30.36 33.24 -141.94
N ILE B 2239 -30.49 34.47 -141.44
CA ILE B 2239 -29.46 35.48 -141.70
C ILE B 2239 -28.14 35.07 -141.06
N ALA B 2240 -28.19 34.54 -139.84
CA ALA B 2240 -26.96 34.08 -139.22
C ALA B 2240 -26.43 32.81 -139.87
N ALA B 2241 -27.33 31.97 -140.40
CA ALA B 2241 -26.88 30.85 -141.22
C ALA B 2241 -26.14 31.33 -142.45
N CYS B 2242 -26.65 32.38 -143.09
CA CYS B 2242 -25.95 33.01 -144.19
C CYS B 2242 -24.63 33.60 -143.74
N GLN B 2243 -24.56 34.07 -142.50
CA GLN B 2243 -23.26 34.46 -141.95
C GLN B 2243 -22.32 33.27 -141.95
N HIS B 2244 -22.79 32.13 -141.44
CA HIS B 2244 -21.98 30.92 -141.39
C HIS B 2244 -21.55 30.48 -142.79
N LEU B 2245 -22.35 30.79 -143.81
CA LEU B 2245 -22.05 30.33 -145.16
C LEU B 2245 -21.18 31.33 -145.94
N GLN B 2246 -21.67 32.55 -146.12
CA GLN B 2246 -20.95 33.55 -146.90
C GLN B 2246 -19.71 34.05 -146.17
N LYS B 2247 -19.77 34.16 -144.84
CA LYS B 2247 -18.55 34.38 -144.09
C LYS B 2247 -17.54 33.28 -144.41
N LYS B 2248 -18.03 32.07 -144.64
CA LYS B 2248 -17.23 30.98 -145.17
C LYS B 2248 -17.19 30.98 -146.70
N ASN B 2249 -17.57 32.09 -147.33
CA ASN B 2249 -17.55 32.25 -148.78
C ASN B 2249 -18.50 31.31 -149.50
N TYR B 2250 -19.51 30.77 -148.81
CA TYR B 2250 -20.53 29.96 -149.45
C TYR B 2250 -21.71 30.87 -149.79
N TYR B 2251 -21.91 31.15 -151.08
CA TYR B 2251 -22.89 32.13 -151.53
C TYR B 2251 -23.72 31.68 -152.73
N HIS B 2252 -23.30 30.64 -153.46
CA HIS B 2252 -23.93 30.33 -154.74
C HIS B 2252 -25.40 29.99 -154.58
N ILE B 2253 -25.76 29.18 -153.58
CA ILE B 2253 -27.17 28.92 -153.29
C ILE B 2253 -27.70 29.93 -152.30
N LEU B 2254 -26.81 30.64 -151.59
CA LEU B 2254 -27.25 31.77 -150.79
C LEU B 2254 -27.91 32.82 -151.66
N TYR B 2255 -27.63 32.82 -152.96
CA TYR B 2255 -28.40 33.64 -153.88
C TYR B 2255 -29.88 33.31 -153.79
N GLU B 2256 -30.24 32.03 -153.92
CA GLU B 2256 -31.63 31.63 -153.81
C GLU B 2256 -32.17 31.88 -152.40
N LEU B 2257 -31.35 31.63 -151.39
CA LEU B 2257 -31.80 31.85 -150.01
C LEU B 2257 -32.14 33.32 -149.76
N GLN B 2258 -31.23 34.22 -150.08
CA GLN B 2258 -31.48 35.64 -149.92
C GLN B 2258 -32.56 36.12 -150.86
N GLN B 2259 -32.80 35.42 -151.97
CA GLN B 2259 -33.99 35.67 -152.76
C GLN B 2259 -35.23 35.37 -151.93
N PHE B 2260 -35.21 34.23 -151.23
CA PHE B 2260 -36.29 33.95 -150.27
C PHE B 2260 -36.38 35.04 -149.22
N MET B 2261 -35.26 35.71 -148.94
CA MET B 2261 -35.26 36.84 -148.02
C MET B 2261 -35.99 38.04 -148.63
N ASP B 2263 -32.88 40.60 -146.10
CA ASP B 2263 -31.49 41.03 -146.11
C ASP B 2263 -30.68 40.23 -147.12
N GLN B 2264 -30.87 40.53 -148.40
CA GLN B 2264 -30.14 39.85 -149.47
C GLN B 2264 -28.75 40.44 -149.70
N VAL B 2265 -28.13 41.01 -148.67
CA VAL B 2265 -26.83 41.66 -148.84
C VAL B 2265 -25.80 40.67 -149.37
N ARG B 2266 -25.84 39.43 -148.88
CA ARG B 2266 -24.93 38.42 -149.40
C ARG B 2266 -25.20 38.15 -150.87
N ALA B 2267 -26.47 38.09 -151.27
CA ALA B 2267 -26.79 37.85 -152.67
C ALA B 2267 -26.25 38.99 -153.53
N ALA B 2268 -26.40 40.23 -153.07
CA ALA B 2268 -25.88 41.37 -153.83
C ALA B 2268 -24.36 41.30 -153.95
N MET B 2269 -23.67 40.94 -152.88
CA MET B 2269 -22.21 40.98 -152.89
C MET B 2269 -21.57 39.73 -153.48
N THR B 2270 -22.35 38.66 -153.71
CA THR B 2270 -21.75 37.38 -154.07
C THR B 2270 -21.00 37.43 -155.40
N CYS B 2271 -21.59 38.09 -156.40
CA CYS B 2271 -21.09 37.95 -157.77
C CYS B 2271 -19.68 38.48 -157.94
N ILE B 2272 -19.33 39.56 -157.22
CA ILE B 2272 -18.01 40.18 -157.39
C ILE B 2272 -16.91 39.20 -157.03
N ARG B 2273 -17.06 38.50 -155.91
CA ARG B 2273 -16.07 37.51 -155.51
C ARG B 2273 -16.20 36.22 -156.31
N PHE B 2274 -17.42 35.86 -156.74
CA PHE B 2274 -17.61 34.61 -157.46
C PHE B 2274 -17.01 34.66 -158.86
N PHE B 2275 -17.02 35.84 -159.50
CA PHE B 2275 -16.48 35.94 -160.85
C PHE B 2275 -14.99 35.61 -160.89
N SER B 2276 -14.26 36.01 -159.85
CA SER B 2276 -12.82 35.76 -159.77
C SER B 2276 -12.50 34.41 -159.13
N HIS B 2277 -13.50 33.58 -158.89
CA HIS B 2277 -13.27 32.27 -158.27
C HIS B 2277 -12.51 31.37 -159.24
N LYS B 2278 -11.23 31.14 -158.95
CA LYS B 2278 -10.37 30.24 -159.72
C LYS B 2278 -10.24 30.70 -161.18
N ALA B 2279 -9.61 31.86 -161.37
CA ALA B 2279 -9.37 32.39 -162.71
C ALA B 2279 -8.01 31.97 -163.21
N LYS B 2280 -7.96 31.48 -164.45
CA LYS B 2280 -6.72 31.05 -165.08
C LYS B 2280 -6.51 31.59 -166.49
N SER B 2281 -7.58 31.94 -167.20
CA SER B 2281 -7.47 32.43 -168.57
C SER B 2281 -8.77 33.13 -168.94
N TYR B 2282 -8.83 33.60 -170.19
CA TYR B 2282 -9.99 34.35 -170.66
C TYR B 2282 -10.78 33.64 -171.76
N THR B 2283 -10.28 32.51 -172.29
CA THR B 2283 -11.02 31.81 -173.34
C THR B 2283 -12.33 31.25 -172.81
N GLU B 2284 -12.29 30.67 -171.61
CA GLU B 2284 -13.50 30.17 -170.97
C GLU B 2284 -14.19 31.23 -170.11
N LEU B 2285 -13.71 32.47 -170.13
CA LEU B 2285 -14.36 33.52 -169.35
C LEU B 2285 -15.80 33.72 -169.79
N GLY B 2286 -16.02 33.83 -171.11
CA GLY B 2286 -17.35 34.06 -171.68
C GLY B 2286 -18.41 33.10 -171.20
N GLU B 2287 -18.03 32.04 -170.47
CA GLU B 2287 -19.01 31.15 -169.88
C GLU B 2287 -19.55 31.70 -168.57
N LYS B 2288 -18.67 31.90 -167.59
CA LYS B 2288 -19.10 32.23 -166.23
C LYS B 2288 -18.86 33.70 -165.93
N LEU B 2289 -18.65 34.51 -166.97
CA LEU B 2289 -18.50 35.94 -166.80
C LEU B 2289 -19.83 36.69 -166.77
N SER B 2290 -20.94 35.97 -166.57
CA SER B 2290 -22.25 36.59 -166.44
C SER B 2290 -22.41 37.40 -165.16
N TRP B 2291 -21.45 37.29 -164.24
CA TRP B 2291 -21.54 38.03 -162.99
C TRP B 2291 -21.53 39.53 -163.21
N LEU B 2292 -20.85 39.99 -164.27
CA LEU B 2292 -20.84 41.42 -164.56
C LEU B 2292 -22.23 41.93 -164.93
N LEU B 2293 -22.92 41.22 -165.83
CA LEU B 2293 -24.29 41.59 -166.18
C LEU B 2293 -25.21 41.49 -164.97
N LYS B 2294 -25.03 40.43 -164.16
CA LYS B 2294 -25.86 40.28 -162.97
C LYS B 2294 -25.66 41.44 -162.00
N ALA B 2295 -24.40 41.86 -161.78
CA ALA B 2295 -24.12 42.96 -160.88
C ALA B 2295 -24.66 44.27 -161.42
N LYS B 2296 -24.53 44.50 -162.72
CA LYS B 2296 -25.11 45.70 -163.30
C LYS B 2296 -26.63 45.72 -163.11
N ASP B 2297 -27.30 44.59 -163.36
CA ASP B 2297 -28.75 44.54 -163.21
C ASP B 2297 -29.16 44.72 -161.75
N HIS B 2298 -28.47 44.07 -160.83
CA HIS B 2298 -28.83 44.19 -159.42
C HIS B 2298 -28.58 45.60 -158.89
N LEU B 2299 -27.45 46.20 -159.28
CA LEU B 2299 -27.17 47.58 -158.86
C LEU B 2299 -28.21 48.53 -159.42
N LYS B 2300 -28.62 48.34 -160.68
CA LYS B 2300 -29.64 49.18 -161.27
C LYS B 2300 -30.97 49.04 -160.53
N ILE B 2301 -31.35 47.80 -160.19
CA ILE B 2301 -32.58 47.58 -159.44
C ILE B 2301 -32.50 48.24 -158.07
N TYR B 2302 -31.34 48.15 -157.41
CA TYR B 2302 -31.18 48.76 -156.09
C TYR B 2302 -31.28 50.28 -156.17
N LEU B 2303 -30.65 50.89 -157.17
CA LEU B 2303 -30.74 52.34 -157.33
C LEU B 2303 -32.17 52.78 -157.64
N GLN B 2304 -32.88 52.02 -158.47
CA GLN B 2304 -34.27 52.33 -158.75
C GLN B 2304 -35.12 52.22 -157.48
N GLU B 2305 -34.91 51.15 -156.70
CA GLU B 2305 -35.69 50.96 -155.48
C GLU B 2305 -35.42 52.07 -154.48
N THR B 2306 -34.15 52.50 -154.37
CA THR B 2306 -33.85 53.67 -153.54
C THR B 2306 -34.54 54.91 -154.07
N SER B 2307 -34.55 55.09 -155.40
CA SER B 2307 -35.40 56.11 -156.00
C SER B 2307 -36.87 55.81 -155.72
N ARG B 2308 -37.26 54.54 -155.82
CA ARG B 2308 -38.59 54.12 -155.41
C ARG B 2308 -38.79 54.22 -153.90
N SER B 2309 -37.72 54.37 -153.14
CA SER B 2309 -37.84 54.59 -151.69
C SER B 2309 -38.00 56.06 -151.36
N SER B 2310 -38.97 56.69 -152.02
CA SER B 2310 -39.31 58.08 -151.74
C SER B 2310 -40.46 58.21 -150.75
N GLY B 2311 -41.10 57.11 -150.37
CA GLY B 2311 -42.18 57.13 -149.42
C GLY B 2311 -41.68 57.10 -147.99
N ARG B 2312 -42.53 56.55 -147.12
CA ARG B 2312 -42.26 56.48 -145.69
C ARG B 2312 -41.68 55.13 -145.27
N LYS B 2313 -40.90 54.49 -146.12
CA LYS B 2313 -40.29 53.21 -145.77
C LYS B 2313 -39.13 53.42 -144.78
N LYS B 2314 -38.93 52.42 -143.92
CA LYS B 2314 -37.92 52.53 -142.87
C LYS B 2314 -36.66 51.73 -143.21
N THR B 2315 -35.57 52.07 -142.51
CA THR B 2315 -34.29 51.36 -142.63
C THR B 2315 -34.26 50.27 -141.56
N THR B 2316 -35.22 49.36 -141.64
CA THR B 2316 -35.32 48.27 -140.68
C THR B 2316 -34.12 47.34 -140.80
N PHE B 2317 -33.84 46.62 -139.72
CA PHE B 2317 -32.61 45.85 -139.60
C PHE B 2317 -32.41 44.85 -140.73
N PHE B 2318 -33.46 44.49 -141.48
CA PHE B 2318 -33.24 43.74 -142.71
C PHE B 2318 -32.31 44.50 -143.65
N ARG B 2319 -32.16 45.80 -143.42
CA ARG B 2319 -31.15 46.62 -144.05
C ARG B 2319 -30.84 47.78 -143.11
N LYS B 2320 -30.33 48.86 -143.66
CA LYS B 2320 -30.13 50.12 -142.97
C LYS B 2320 -30.41 51.27 -143.93
N LYS B 2321 -29.84 52.43 -143.63
CA LYS B 2321 -29.91 53.57 -144.54
C LYS B 2321 -28.48 54.00 -144.83
N MET B 2322 -28.14 54.05 -146.12
CA MET B 2322 -26.92 54.68 -146.59
C MET B 2322 -27.16 55.07 -148.04
N THR B 2323 -26.11 55.53 -148.71
CA THR B 2323 -26.26 55.92 -150.10
C THR B 2323 -26.47 54.70 -150.99
N ALA B 2324 -27.29 54.88 -152.03
CA ALA B 2324 -27.41 53.92 -153.12
C ALA B 2324 -26.63 54.34 -154.35
N ALA B 2325 -25.89 55.44 -154.27
CA ALA B 2325 -24.84 55.70 -155.24
C ALA B 2325 -23.82 54.58 -155.25
N ASP B 2326 -23.75 53.80 -154.16
CA ASP B 2326 -23.02 52.54 -154.21
C ASP B 2326 -23.55 51.64 -155.31
N VAL B 2327 -24.87 51.55 -155.45
CA VAL B 2327 -25.44 50.81 -156.57
C VAL B 2327 -25.14 51.52 -157.89
N SER B 2328 -25.33 52.84 -157.91
CA SER B 2328 -25.14 53.60 -159.14
C SER B 2328 -23.70 53.58 -159.63
N ARG B 2329 -22.75 53.16 -158.79
CA ARG B 2329 -21.36 52.95 -159.20
C ARG B 2329 -20.95 51.48 -159.26
N HIS B 2330 -21.67 50.60 -158.57
CA HIS B 2330 -21.37 49.18 -158.72
C HIS B 2330 -21.83 48.67 -160.07
N MET B 2331 -22.94 49.21 -160.58
CA MET B 2331 -23.31 48.92 -161.96
C MET B 2331 -22.19 49.33 -162.91
N ASN B 2332 -21.52 50.44 -162.60
CA ASN B 2332 -20.36 50.85 -163.38
C ASN B 2332 -19.22 49.85 -163.23
N THR B 2333 -18.94 49.41 -161.99
CA THR B 2333 -17.93 48.39 -161.79
C THR B 2333 -18.24 47.16 -162.63
N LEU B 2334 -19.52 46.90 -162.86
CA LEU B 2334 -19.96 45.77 -163.66
C LEU B 2334 -19.79 46.02 -165.16
N GLN B 2335 -20.03 47.24 -165.62
CA GLN B 2335 -20.18 47.52 -167.04
C GLN B 2335 -19.03 48.29 -167.67
N LEU B 2336 -18.57 49.36 -167.03
CA LEU B 2336 -17.66 50.31 -167.68
C LEU B 2336 -16.31 49.67 -168.00
N GLN B 2337 -15.95 48.60 -167.31
CA GLN B 2337 -14.67 47.94 -167.56
C GLN B 2337 -14.59 47.31 -168.95
N MET B 2338 -15.73 47.19 -169.65
CA MET B 2338 -15.77 46.47 -170.91
C MET B 2338 -14.79 47.03 -171.93
N GLU B 2339 -14.44 48.31 -171.82
CA GLU B 2339 -13.50 48.91 -172.76
C GLU B 2339 -12.16 48.20 -172.74
N VAL B 2340 -11.46 48.29 -171.61
CA VAL B 2340 -10.19 47.59 -171.46
C VAL B 2340 -10.38 46.10 -171.55
N THR B 2341 -11.51 45.59 -171.05
CA THR B 2341 -11.77 44.16 -171.13
C THR B 2341 -11.73 43.68 -172.57
N ARG B 2342 -12.36 44.42 -173.48
CA ARG B 2342 -12.33 44.05 -174.89
C ARG B 2342 -10.94 44.29 -175.49
N PHE B 2343 -10.33 45.44 -175.20
CA PHE B 2343 -9.02 45.74 -175.77
C PHE B 2343 -7.98 44.71 -175.36
N LEU B 2344 -8.21 43.98 -174.27
CA LEU B 2344 -7.33 42.90 -173.89
C LEU B 2344 -7.80 41.54 -174.41
N HIS B 2345 -9.10 41.25 -174.32
CA HIS B 2345 -9.60 39.92 -174.64
C HIS B 2345 -9.58 39.65 -176.14
N ARG B 2346 -10.03 40.62 -176.94
CA ARG B 2346 -10.02 40.42 -178.39
C ARG B 2346 -8.61 40.21 -178.92
N CYS B 2347 -7.62 40.84 -178.28
CA CYS B 2347 -6.24 40.61 -178.66
C CYS B 2347 -5.74 39.25 -178.18
N GLU B 2348 -6.08 38.87 -176.93
CA GLU B 2348 -5.59 37.62 -176.38
C GLU B 2348 -6.22 36.41 -177.06
N SER B 2349 -7.39 36.58 -177.68
CA SER B 2349 -8.01 35.47 -178.38
C SER B 2349 -7.16 34.99 -179.54
N ALA B 2350 -6.55 35.91 -180.28
CA ALA B 2350 -5.69 35.57 -181.40
C ALA B 2350 -4.23 35.36 -180.98
N GLY B 2351 -3.94 35.44 -179.68
CA GLY B 2351 -2.58 35.26 -179.21
C GLY B 2351 -1.70 36.49 -179.28
N THR B 2352 -2.28 37.66 -179.53
CA THR B 2352 -1.51 38.90 -179.63
C THR B 2352 -1.41 39.65 -178.31
N SER B 2353 -1.98 39.12 -177.23
CA SER B 2353 -1.94 39.76 -175.91
C SER B 2353 -1.52 38.70 -174.89
N GLN B 2354 -0.22 38.59 -174.65
CA GLN B 2354 0.31 37.66 -173.66
C GLN B 2354 0.89 38.36 -172.44
N ILE B 2355 1.23 39.64 -172.54
CA ILE B 2355 1.83 40.38 -171.42
C ILE B 2355 0.68 40.97 -170.62
N THR B 2356 0.10 40.14 -169.76
CA THR B 2356 -0.96 40.55 -168.85
C THR B 2356 -0.48 40.34 -167.43
N THR B 2357 -0.72 41.31 -166.56
CA THR B 2357 -0.29 41.21 -165.18
C THR B 2357 -0.88 39.95 -164.55
N LEU B 2358 -0.05 39.22 -163.80
CA LEU B 2358 -0.44 37.93 -163.25
C LEU B 2358 -1.74 37.96 -162.47
N PRO B 2359 -1.99 38.92 -161.58
CA PRO B 2359 -3.34 39.06 -161.02
C PRO B 2359 -4.27 39.88 -161.89
N LEU B 2360 -3.74 40.56 -162.90
CA LEU B 2360 -4.51 41.44 -163.78
C LEU B 2360 -5.38 42.35 -162.92
N PRO B 2361 -4.78 43.33 -162.24
CA PRO B 2361 -5.57 44.16 -161.32
C PRO B 2361 -6.65 44.94 -162.03
N THR B 2362 -7.91 44.54 -161.81
CA THR B 2362 -9.04 45.16 -162.48
C THR B 2362 -9.37 46.48 -161.79
N LEU B 2363 -10.54 47.05 -162.14
CA LEU B 2363 -10.93 48.35 -161.59
C LEU B 2363 -11.13 48.31 -160.08
N PHE B 2364 -11.25 47.11 -159.50
CA PHE B 2364 -11.39 46.97 -158.06
C PHE B 2364 -10.04 47.00 -157.33
N GLY B 2365 -8.93 47.12 -158.05
CA GLY B 2365 -7.63 47.22 -157.44
C GLY B 2365 -7.36 48.62 -156.91
N ASN B 2366 -6.16 48.79 -156.38
CA ASN B 2366 -5.74 50.08 -155.84
C ASN B 2366 -5.55 51.09 -156.97
N ASN B 2367 -5.12 52.30 -156.60
CA ASN B 2367 -5.00 53.38 -157.58
C ASN B 2367 -4.13 52.97 -158.76
N HIS B 2368 -2.92 52.49 -158.48
CA HIS B 2368 -2.07 51.96 -159.55
C HIS B 2368 -2.64 50.65 -160.09
N MET B 2369 -3.21 49.82 -159.21
CA MET B 2369 -3.74 48.54 -159.66
C MET B 2369 -4.90 48.74 -160.62
N LYS B 2370 -5.84 49.62 -160.27
CA LYS B 2370 -6.92 49.93 -161.19
C LYS B 2370 -6.40 50.65 -162.43
N MET B 2371 -5.36 51.48 -162.28
CA MET B 2371 -4.80 52.17 -163.44
C MET B 2371 -4.11 51.21 -164.39
N ASP B 2372 -3.71 50.03 -163.90
CA ASP B 2372 -2.98 49.08 -164.72
C ASP B 2372 -3.81 48.57 -165.91
N VAL B 2373 -5.13 48.75 -165.87
CA VAL B 2373 -5.97 48.31 -166.97
C VAL B 2373 -5.74 49.15 -168.22
N ALA B 2374 -5.41 50.44 -168.05
CA ALA B 2374 -5.25 51.33 -169.20
C ALA B 2374 -4.09 50.90 -170.09
N CYS B 2375 -2.98 50.49 -169.48
CA CYS B 2375 -1.83 50.05 -170.27
C CYS B 2375 -2.18 48.83 -171.11
N LYS B 2376 -2.84 47.84 -170.52
CA LYS B 2376 -3.25 46.67 -171.26
C LYS B 2376 -4.26 47.01 -172.34
N VAL B 2377 -5.17 47.95 -172.06
CA VAL B 2377 -6.14 48.37 -173.05
C VAL B 2377 -5.44 48.97 -174.26
N MET B 2378 -4.52 49.90 -174.00
CA MET B 2378 -3.80 50.56 -175.09
C MET B 2378 -2.98 49.55 -175.89
N LEU B 2379 -2.28 48.65 -175.19
CA LEU B 2379 -1.33 47.76 -175.86
C LEU B 2379 -1.97 46.46 -176.36
N GLY B 2380 -3.27 46.26 -176.14
CA GLY B 2380 -3.88 45.02 -176.58
C GLY B 2380 -3.88 44.88 -178.09
N GLY B 2381 -4.42 45.87 -178.79
CA GLY B 2381 -4.55 45.81 -180.22
C GLY B 2381 -3.21 45.80 -180.92
N LYS B 2382 -3.28 45.74 -182.26
CA LYS B 2382 -2.09 45.72 -183.08
C LYS B 2382 -1.28 47.02 -182.98
N ASN B 2383 -1.87 48.09 -182.44
CA ASN B 2383 -1.17 49.36 -182.33
C ASN B 2383 -1.83 50.18 -181.24
N VAL B 2384 -1.20 51.32 -180.94
CA VAL B 2384 -1.78 52.27 -179.99
C VAL B 2384 -3.11 52.79 -180.51
N GLU B 2385 -3.20 52.97 -181.83
CA GLU B 2385 -4.43 53.46 -182.44
C GLU B 2385 -5.60 52.49 -182.27
N ASP B 2386 -5.34 51.26 -181.86
CA ASP B 2386 -6.40 50.28 -181.62
C ASP B 2386 -6.89 50.31 -180.18
N GLY B 2387 -5.98 50.29 -179.21
CA GLY B 2387 -6.36 50.21 -177.82
C GLY B 2387 -6.35 51.50 -177.04
N PHE B 2388 -6.03 52.64 -177.67
CA PHE B 2388 -5.91 53.90 -176.95
C PHE B 2388 -7.27 54.37 -176.41
N GLY B 2389 -8.35 54.14 -177.16
CA GLY B 2389 -9.66 54.52 -176.67
C GLY B 2389 -10.04 53.79 -175.39
N ILE B 2390 -9.82 52.47 -175.37
CA ILE B 2390 -10.09 51.69 -174.16
C ILE B 2390 -9.15 52.10 -173.03
N ALA B 2391 -7.90 52.44 -173.37
CA ALA B 2391 -6.98 52.95 -172.34
C ALA B 2391 -7.53 54.21 -171.71
N PHE B 2392 -8.03 55.14 -172.54
CA PHE B 2392 -8.59 56.38 -172.03
C PHE B 2392 -9.86 56.12 -171.20
N ARG B 2393 -10.69 55.18 -171.67
CA ARG B 2393 -11.91 54.85 -170.93
C ARG B 2393 -11.58 54.28 -169.54
N VAL B 2394 -10.58 53.40 -169.48
CA VAL B 2394 -10.16 52.86 -168.19
C VAL B 2394 -9.58 53.96 -167.31
N LEU B 2395 -8.75 54.83 -167.90
CA LEU B 2395 -8.08 55.86 -167.11
C LEU B 2395 -9.10 56.85 -166.52
N GLN B 2396 -9.99 57.38 -167.36
CA GLN B 2396 -11.03 58.28 -166.85
C GLN B 2396 -11.93 57.54 -165.86
N ASP B 2397 -12.27 56.29 -166.16
CA ASP B 2397 -12.96 55.48 -165.18
C ASP B 2397 -12.12 55.36 -163.91
N PHE B 2398 -10.83 55.11 -164.05
CA PHE B 2398 -9.97 55.01 -162.88
C PHE B 2398 -9.67 56.35 -162.26
N GLN B 2399 -9.72 57.43 -163.04
CA GLN B 2399 -9.33 58.77 -162.57
C GLN B 2399 -7.90 58.75 -162.02
N LEU B 2400 -7.04 57.97 -162.66
CA LEU B 2400 -5.66 57.78 -162.24
C LEU B 2400 -4.72 58.31 -163.32
N ASP B 2401 -3.42 58.08 -163.12
CA ASP B 2401 -2.39 58.60 -164.03
C ASP B 2401 -2.16 57.58 -165.14
N ALA B 2402 -2.81 57.79 -166.28
CA ALA B 2402 -2.54 56.99 -167.46
C ALA B 2402 -1.17 57.29 -168.05
N ALA B 2403 -0.49 58.34 -167.58
CA ALA B 2403 0.86 58.62 -168.05
C ALA B 2403 1.83 57.53 -167.60
N MET B 2404 1.80 57.17 -166.32
CA MET B 2404 2.68 56.13 -165.81
C MET B 2404 2.34 54.77 -166.43
N THR B 2405 1.05 54.48 -166.58
CA THR B 2405 0.64 53.22 -167.19
C THR B 2405 1.06 53.14 -168.65
N TYR B 2406 0.89 54.23 -169.40
CA TYR B 2406 1.31 54.27 -170.79
C TYR B 2406 2.82 54.14 -170.91
N CYS B 2407 3.56 54.76 -169.98
CA CYS B 2407 5.01 54.63 -169.98
C CYS B 2407 5.43 53.19 -169.70
N ARG B 2408 4.77 52.52 -168.76
CA ARG B 2408 5.08 51.12 -168.46
C ARG B 2408 4.77 50.23 -169.65
N ALA B 2409 3.63 50.46 -170.31
CA ALA B 2409 3.28 49.69 -171.49
C ALA B 2409 4.29 49.90 -172.62
N ALA B 2410 4.71 51.16 -172.82
CA ALA B 2410 5.69 51.45 -173.87
C ALA B 2410 7.05 50.86 -173.52
N ARG B 2411 7.41 50.82 -172.24
CA ARG B 2411 8.67 50.19 -171.85
C ARG B 2411 8.64 48.69 -172.10
N GLN B 2412 7.53 48.03 -171.74
CA GLN B 2412 7.42 46.60 -172.02
C GLN B 2412 7.36 46.31 -173.51
N LEU B 2413 6.80 47.24 -174.30
CA LEU B 2413 6.76 47.07 -175.74
C LEU B 2413 8.14 47.31 -176.37
N VAL B 2414 8.92 48.21 -175.79
CA VAL B 2414 10.31 48.38 -176.22
C VAL B 2414 11.09 47.11 -175.91
N GLU B 2415 10.87 46.55 -174.72
CA GLU B 2415 11.37 45.22 -174.44
C GLU B 2415 10.80 44.20 -175.40
N LYS B 2416 9.61 44.47 -175.94
CA LYS B 2416 9.04 43.69 -177.03
C LYS B 2416 9.53 44.18 -178.39
N GLU B 2417 10.37 45.21 -178.42
CA GLU B 2417 10.94 45.75 -179.66
C GLU B 2417 9.86 46.29 -180.59
N LYS B 2418 9.01 47.17 -180.06
CA LYS B 2418 7.98 47.84 -180.85
C LYS B 2418 8.48 49.23 -181.22
N TYR B 2419 9.42 49.27 -182.17
CA TYR B 2419 10.01 50.54 -182.58
C TYR B 2419 8.98 51.41 -183.31
N SER B 2420 8.18 50.81 -184.18
CA SER B 2420 7.17 51.58 -184.92
C SER B 2420 6.09 52.11 -183.99
N GLU B 2421 5.79 51.38 -182.91
CA GLU B 2421 4.75 51.79 -181.99
C GLU B 2421 5.16 52.96 -181.11
N ILE B 2422 6.44 53.36 -181.14
CA ILE B 2422 6.90 54.44 -180.29
C ILE B 2422 6.24 55.76 -180.67
N GLN B 2423 6.14 56.04 -181.97
CA GLN B 2423 5.50 57.26 -182.42
C GLN B 2423 4.02 57.28 -182.03
N GLN B 2424 3.33 56.16 -182.19
CA GLN B 2424 1.93 56.07 -181.79
C GLN B 2424 1.77 56.25 -180.29
N LEU B 2425 2.69 55.69 -179.50
CA LEU B 2425 2.63 55.86 -178.06
C LEU B 2425 2.84 57.30 -177.65
N LEU B 2426 3.78 58.00 -178.29
CA LEU B 2426 3.97 59.42 -178.01
C LEU B 2426 2.72 60.22 -178.39
N LYS B 2427 2.14 59.91 -179.55
CA LYS B 2427 0.93 60.60 -179.98
C LYS B 2427 -0.22 60.35 -179.00
N CYS B 2428 -0.30 59.15 -178.45
CA CYS B 2428 -1.37 58.86 -177.48
C CYS B 2428 -1.09 59.52 -176.14
N VAL B 2429 0.18 59.60 -175.75
CA VAL B 2429 0.54 60.26 -174.50
C VAL B 2429 0.21 61.73 -174.56
N SER B 2430 0.45 62.36 -175.70
CA SER B 2430 0.26 63.80 -175.85
C SER B 2430 -0.94 64.18 -176.72
N GLU B 2431 -1.88 63.26 -176.96
CA GLU B 2431 -3.04 63.54 -177.81
C GLU B 2431 -4.38 63.48 -177.07
N SER B 2432 -4.67 62.37 -176.39
CA SER B 2432 -5.93 62.27 -175.66
C SER B 2432 -6.00 63.25 -174.51
N GLY B 2433 -4.85 63.75 -174.03
CA GLY B 2433 -4.81 64.73 -172.98
C GLY B 2433 -4.24 64.26 -171.65
N MET B 2434 -3.22 63.41 -171.65
CA MET B 2434 -2.67 62.86 -170.41
C MET B 2434 -1.22 63.26 -170.17
N ALA B 2435 -0.29 62.84 -171.03
CA ALA B 2435 1.11 63.19 -170.85
C ALA B 2435 1.42 64.45 -171.63
N ALA B 2436 1.99 65.44 -170.95
CA ALA B 2436 2.08 66.80 -171.49
C ALA B 2436 2.94 66.82 -172.75
N LYS B 2437 2.88 67.94 -173.47
CA LYS B 2437 3.68 68.11 -174.68
C LYS B 2437 5.17 68.06 -174.36
N SER B 2438 5.57 68.53 -173.18
CA SER B 2438 6.95 68.44 -172.74
C SER B 2438 7.25 67.13 -172.02
N ASP B 2439 6.25 66.27 -171.84
CA ASP B 2439 6.48 65.00 -171.16
C ASP B 2439 7.23 63.99 -172.03
N GLY B 2440 7.47 64.32 -173.30
CA GLY B 2440 8.16 63.39 -174.18
C GLY B 2440 9.62 63.19 -173.82
N ASP B 2441 10.14 63.99 -172.90
CA ASP B 2441 11.53 63.83 -172.48
C ASP B 2441 11.67 62.70 -171.46
N THR B 2442 11.08 62.88 -170.27
CA THR B 2442 11.27 61.92 -169.18
C THR B 2442 10.44 60.66 -169.32
N ILE B 2443 9.22 60.78 -169.83
CA ILE B 2443 8.35 59.60 -169.96
C ILE B 2443 8.85 58.69 -171.08
N LEU B 2444 9.16 59.26 -172.24
CA LEU B 2444 9.74 58.45 -173.30
C LEU B 2444 11.05 57.83 -172.82
N LEU B 2445 11.82 58.59 -172.04
CA LEU B 2445 12.93 57.99 -171.31
C LEU B 2445 12.41 56.96 -170.31
N ASN B 2446 11.34 57.29 -169.60
CA ASN B 2446 10.69 56.27 -168.79
C ASN B 2446 10.09 55.18 -169.65
N CYS B 2447 9.91 55.42 -170.95
CA CYS B 2447 9.45 54.41 -171.89
C CYS B 2447 10.60 53.82 -172.71
N LEU B 2448 11.16 54.60 -173.62
CA LEU B 2448 12.15 54.09 -174.55
C LEU B 2448 13.50 54.73 -174.28
#